data_6TC0
#
_entry.id   6TC0
#
_cell.length_a   107.400
_cell.length_b   140.700
_cell.length_c   327.330
_cell.angle_alpha   90.000
_cell.angle_beta   90.000
_cell.angle_gamma   90.000
#
_symmetry.space_group_name_H-M   'P 21 21 21'
#
loop_
_entity.id
_entity.type
_entity.pdbx_description
1 polymer 'Probable cytosolic iron-sulfur protein assembly protein Ciao1'
2 polymer 'MIP18 family protein galla-2'
3 polymer 'MMS19 nucleotide excision repair protein homolog'
#
loop_
_entity_poly.entity_id
_entity_poly.type
_entity_poly.pdbx_seq_one_letter_code
_entity_poly.pdbx_strand_id
1 'polypeptide(L)'
;GGGRGRLILEHTLQGHKGRIWGVAWHPKGNVFASCGEDKAIRIWSLTGNTWSTKTILSDGHKRTIREIRWSPCGQYLASA
SFDATTAIWSKSSGEFECNATLEGHENEVKSVSWSRSGGLLATCSRDKSVWIWEVAGDDEFECAAVLNPHTQDVKRVVWH
PTKDILASASYDNTIKMFAEEPIDNDWDCTATLTSHTSTVWGIDFDADGERLVSCSDDTTIKIWRAYHPGNTAGVATPDQ
QTVWKCVCTVSGQHSRAIYDVSWCKLTGLIATACGDDGIRIFKESSDSKPDEPTFEQITAEEGAHDQDVNSVQWNPVVAG
QLISCSDDGTIKIWKVTE
;
A,D
2 'polypeptide(L)'
;GGGRPTEIENINPNVYDRIKERVLTANEEDENVPDPFDKREIFDLIRNINDPEHPLTLEELHVVQEDLIRINDSQNSVHI
SFTPTIPHCSMATLIGLSIRVKLLRSLPPRFKVTVEITPGTHASELAVNKQLADKERVAAALENNHLAEVINQCIAAKG
;
B,E
3 'polypeptide(L)'
;GGGRMAAATGLEEAVAPMGALCGLVQDFVMGQQEGPADQVAADVKSGGYTVLQVVEALGSSLENAEPRTRARGAQLLSQV
LLQCHSLLSEKEVVHLILFYENRLKDHHLVVPSVLQGLRALSMSVALPPGLAVSVLKAIFQEVHVQSLLQVDRHTVFSII
TNFMRSREEELKGLGADFTFGFIQVMDGEKDPRNLLLAFRIVHDLISKDYSLGPFVEELFEVTSCYFPIDFTPPPNDPYG
IQREDLILSLRAVLASTPRFAEFLLPLLIEKVDSEILSAKLDSLQTLNACCAVYGQKELKDFLPSLWASIRREVFQTASE
RVEAEGLAALHSLTACLSCSVLRADAEDLLGSFLSNILQDCRHHLCEPDMKLVWPSAKLLQAAAGASARACEHLTSNVLP
LLLEQFHKHSQSNQRRTILEMILGFLKLQQKWSYEDRDERPLSSFKDQLCSLVFMALTDPSTQLQLVGIRTLTVLGAQPG
LLSAEDLELAVGHLYRLTFLEEDSQSCRVAALEASGTLATLYPGAFSRHLLPKLAEELHKGESDVARADGPTKCSRHFRC
LQALSAVSTHPSIVKETLPLLLQHLCQANKGNMVTESSEVVAVCQSLQQVAEKCQQDPESYWYFHKTAVPCLFALAVQAS
MPEKESSVLRKVLLEDEVLAALASVIGTATTHLSPELAAQSVTCIVPLFLDGNTSFLPENSFPDQFQPFQDGSSGQRRLV
ALLTAFVCSLPRNVEIPQLNRLMRELLKQSCGHSCPFSSTAATKCFAGLLNKQPPGQQLEEFLQLAVGTVEAGLASESSR
DQAFTLLLWVTKALVLRYHPLSACLTTRLMGLLSDPELGCAAADGFSLLMSDCTDVLTRAGHADVRIMFRQRFFTDNVPA
LVQGFHAAPQDVKPNYLKGLSHVLNRLPKPVLLPELPTLLSLLLEALSCPDSVVQLSTLSCLQPLLLEAPQIMSLHVDTL
VTKFLNLSSSYSMAVRIAALQCMHALTRLPTSVLLPYKSQVIRALAKPLDDKKRLVRKEAVSARGEWFLLGSPGS
;
C,F
#
# COMPACT_ATOMS: atom_id res chain seq x y z
N GLY A 3 -38.81 -54.13 14.09
CA GLY A 3 -38.28 -55.36 14.65
C GLY A 3 -38.96 -55.77 15.95
N ARG A 4 -38.94 -57.07 16.25
CA ARG A 4 -39.60 -57.59 17.45
C ARG A 4 -38.86 -57.18 18.72
N GLY A 5 -37.54 -57.14 18.65
CA GLY A 5 -36.73 -56.71 19.77
C GLY A 5 -36.80 -55.21 20.00
N ARG A 6 -36.42 -54.81 21.22
CA ARG A 6 -36.44 -53.40 21.61
C ARG A 6 -35.16 -53.08 22.36
N LEU A 7 -34.69 -51.85 22.18
CA LEU A 7 -33.50 -51.32 22.84
C LEU A 7 -33.92 -50.17 23.75
N ILE A 8 -33.64 -50.31 25.05
CA ILE A 8 -34.14 -49.38 26.06
C ILE A 8 -32.94 -48.68 26.68
N LEU A 9 -33.04 -47.35 26.77
CA LEU A 9 -31.99 -46.54 27.37
C LEU A 9 -32.21 -46.53 28.88
N GLU A 10 -31.19 -46.97 29.63
CA GLU A 10 -31.24 -47.05 31.08
C GLU A 10 -30.56 -45.84 31.73
N HIS A 11 -29.38 -45.46 31.25
CA HIS A 11 -28.65 -44.37 31.88
C HIS A 11 -27.95 -43.55 30.81
N THR A 12 -27.71 -42.28 31.14
CA THR A 12 -26.96 -41.37 30.29
C THR A 12 -25.97 -40.62 31.16
N LEU A 13 -24.69 -40.70 30.82
CA LEU A 13 -23.62 -40.13 31.62
C LEU A 13 -22.83 -39.14 30.77
N GLN A 14 -22.48 -38.01 31.38
CA GLN A 14 -21.86 -36.89 30.69
C GLN A 14 -20.63 -36.41 31.45
N GLY A 15 -19.77 -37.35 31.83
CA GLY A 15 -18.64 -37.00 32.68
C GLY A 15 -17.53 -36.24 31.95
N HIS A 16 -17.17 -36.68 30.75
CA HIS A 16 -16.05 -36.08 30.03
C HIS A 16 -16.47 -34.76 29.40
N LYS A 17 -15.44 -33.99 29.02
CA LYS A 17 -15.63 -32.74 28.27
C LYS A 17 -15.06 -32.95 26.86
N GLY A 18 -15.93 -32.98 25.87
CA GLY A 18 -15.54 -33.26 24.52
C GLY A 18 -16.00 -34.63 24.07
N ARG A 19 -15.39 -35.11 23.00
CA ARG A 19 -15.73 -36.42 22.46
C ARG A 19 -15.21 -37.53 23.35
N ILE A 20 -15.94 -38.64 23.39
CA ILE A 20 -15.60 -39.80 24.20
C ILE A 20 -15.31 -40.95 23.24
N TRP A 21 -14.13 -41.52 23.32
CA TRP A 21 -13.68 -42.47 22.31
C TRP A 21 -14.01 -43.92 22.67
N GLY A 22 -13.75 -44.32 23.90
CA GLY A 22 -13.84 -45.71 24.29
C GLY A 22 -14.47 -45.89 25.65
N VAL A 23 -15.13 -47.04 25.80
CA VAL A 23 -15.69 -47.47 27.07
C VAL A 23 -15.37 -48.95 27.21
N ALA A 24 -15.20 -49.41 28.45
CA ALA A 24 -14.85 -50.80 28.67
C ALA A 24 -15.39 -51.28 29.99
N TRP A 25 -16.00 -52.46 29.97
CA TRP A 25 -16.56 -53.10 31.15
C TRP A 25 -15.47 -53.77 31.98
N HIS A 26 -15.57 -53.63 33.31
CA HIS A 26 -14.74 -54.41 34.20
C HIS A 26 -15.18 -55.87 34.10
N PRO A 27 -14.25 -56.82 34.26
CA PRO A 27 -14.64 -58.24 34.17
C PRO A 27 -15.73 -58.64 35.17
N LYS A 28 -15.95 -57.84 36.22
CA LYS A 28 -17.05 -58.08 37.15
C LYS A 28 -18.36 -57.45 36.70
N GLY A 29 -18.34 -56.59 35.68
CA GLY A 29 -19.56 -56.03 35.11
C GLY A 29 -20.27 -54.97 35.94
N ASN A 30 -19.73 -54.62 37.12
CA ASN A 30 -20.29 -53.61 37.99
C ASN A 30 -19.56 -52.28 37.91
N VAL A 31 -18.49 -52.21 37.13
CA VAL A 31 -17.67 -51.02 37.00
C VAL A 31 -17.31 -50.92 35.52
N PHE A 32 -17.19 -49.69 35.03
CA PHE A 32 -16.68 -49.49 33.68
C PHE A 32 -15.77 -48.28 33.66
N ALA A 33 -14.96 -48.17 32.60
CA ALA A 33 -14.09 -47.02 32.44
C ALA A 33 -14.34 -46.35 31.11
N SER A 34 -13.93 -45.08 31.01
CA SER A 34 -14.15 -44.33 29.78
C SER A 34 -13.00 -43.36 29.55
N CYS A 35 -12.62 -43.20 28.30
CA CYS A 35 -11.56 -42.29 27.90
C CYS A 35 -12.05 -41.38 26.78
N GLY A 36 -11.36 -40.28 26.59
CA GLY A 36 -11.80 -39.36 25.58
C GLY A 36 -10.75 -38.34 25.22
N GLU A 37 -11.23 -37.26 24.58
CA GLU A 37 -10.37 -36.20 24.08
C GLU A 37 -9.75 -35.39 25.21
N ASP A 38 -10.40 -35.35 26.37
CA ASP A 38 -9.96 -34.56 27.52
C ASP A 38 -8.66 -35.16 28.19
N LYS A 39 -8.04 -36.19 27.63
CA LYS A 39 -6.81 -36.78 28.15
C LYS A 39 -6.99 -37.35 29.54
N ALA A 40 -8.20 -37.80 29.87
CA ALA A 40 -8.46 -38.32 31.21
C ALA A 40 -9.25 -39.61 31.12
N ILE A 41 -9.02 -40.48 32.09
CA ILE A 41 -9.74 -41.74 32.22
C ILE A 41 -10.66 -41.63 33.42
N ARG A 42 -11.92 -42.02 33.27
CA ARG A 42 -12.85 -41.98 34.38
C ARG A 42 -13.33 -43.39 34.70
N ILE A 43 -13.18 -43.79 35.96
CA ILE A 43 -13.65 -45.09 36.41
C ILE A 43 -15.01 -44.88 37.06
N TRP A 44 -16.02 -45.60 36.57
CA TRP A 44 -17.41 -45.42 36.99
C TRP A 44 -17.83 -46.68 37.73
N SER A 45 -18.27 -46.51 38.98
CA SER A 45 -18.80 -47.59 39.80
C SER A 45 -20.29 -47.40 40.03
N LEU A 46 -20.99 -48.52 40.19
CA LEU A 46 -22.43 -48.53 40.36
C LEU A 46 -22.70 -48.72 41.84
N THR A 47 -23.34 -47.72 42.44
CA THR A 47 -23.73 -47.75 43.83
C THR A 47 -25.25 -47.59 43.83
N GLY A 48 -25.99 -48.63 44.24
CA GLY A 48 -27.45 -48.58 44.21
C GLY A 48 -27.97 -48.62 42.77
N ASN A 49 -28.81 -47.64 42.43
CA ASN A 49 -29.34 -47.51 41.07
C ASN A 49 -28.63 -46.38 40.31
N THR A 50 -27.67 -45.71 40.91
CA THR A 50 -27.03 -44.55 40.29
C THR A 50 -25.58 -44.87 39.93
N TRP A 51 -25.17 -44.44 38.74
CA TRP A 51 -23.78 -44.53 38.31
C TRP A 51 -23.06 -43.22 38.63
N SER A 52 -21.83 -43.34 39.10
CA SER A 52 -21.07 -42.19 39.51
C SER A 52 -19.61 -42.45 39.22
N THR A 53 -18.83 -41.36 39.06
CA THR A 53 -17.39 -41.47 38.83
C THR A 53 -16.71 -41.63 40.20
N LYS A 54 -15.98 -42.73 40.39
CA LYS A 54 -15.31 -42.94 41.68
C LYS A 54 -13.88 -42.41 41.68
N THR A 55 -13.20 -42.46 40.54
CA THR A 55 -11.85 -41.95 40.44
C THR A 55 -11.70 -41.32 39.07
N ILE A 56 -10.86 -40.29 39.02
CA ILE A 56 -10.54 -39.59 37.79
C ILE A 56 -9.03 -39.66 37.65
N LEU A 57 -8.57 -40.16 36.50
CA LEU A 57 -7.16 -40.31 36.19
C LEU A 57 -6.76 -39.23 35.19
N SER A 58 -5.82 -38.37 35.59
CA SER A 58 -5.32 -37.29 34.77
C SER A 58 -3.81 -37.38 34.77
N ASP A 59 -3.20 -36.56 33.91
CA ASP A 59 -1.76 -36.50 33.66
C ASP A 59 -1.16 -37.84 33.20
N GLY A 60 -1.98 -38.87 32.97
CA GLY A 60 -1.43 -40.12 32.46
C GLY A 60 -1.01 -40.05 31.01
N HIS A 61 -1.71 -39.24 30.21
CA HIS A 61 -1.39 -39.07 28.79
C HIS A 61 -1.41 -37.59 28.43
N LYS A 62 -0.48 -37.18 27.56
CA LYS A 62 -0.45 -35.80 27.10
C LYS A 62 -1.43 -35.54 25.96
N ARG A 63 -1.77 -36.56 25.17
CA ARG A 63 -2.67 -36.45 24.01
C ARG A 63 -3.92 -37.29 24.23
N THR A 64 -4.76 -37.37 23.20
CA THR A 64 -6.03 -38.05 23.33
C THR A 64 -5.84 -39.52 23.60
N ILE A 65 -6.66 -40.05 24.52
CA ILE A 65 -6.67 -41.46 24.84
C ILE A 65 -7.75 -42.11 23.99
N ARG A 66 -7.34 -43.03 23.11
CA ARG A 66 -8.24 -43.62 22.13
C ARG A 66 -9.02 -44.81 22.68
N GLU A 67 -8.36 -45.68 23.47
CA GLU A 67 -9.00 -46.88 23.97
C GLU A 67 -8.39 -47.27 25.31
N ILE A 68 -9.21 -47.90 26.15
CA ILE A 68 -8.77 -48.47 27.42
C ILE A 68 -9.32 -49.88 27.51
N ARG A 69 -8.57 -50.80 28.11
CA ARG A 69 -9.04 -52.18 28.14
C ARG A 69 -8.68 -52.81 29.48
N TRP A 70 -9.62 -53.51 30.09
CA TRP A 70 -9.34 -54.15 31.37
C TRP A 70 -8.61 -55.48 31.14
N SER A 71 -7.73 -55.82 32.09
CA SER A 71 -7.06 -57.11 32.15
C SER A 71 -8.10 -58.16 32.53
N PRO A 72 -7.89 -59.44 32.20
CA PRO A 72 -8.89 -60.41 32.68
C PRO A 72 -8.99 -60.38 34.19
N CYS A 73 -7.89 -60.22 34.90
CA CYS A 73 -7.97 -59.91 36.32
C CYS A 73 -8.49 -58.47 36.46
N GLY A 74 -9.27 -58.20 37.51
CA GLY A 74 -9.82 -56.87 37.74
C GLY A 74 -8.81 -55.85 38.23
N GLN A 75 -7.56 -56.29 38.25
CA GLN A 75 -6.43 -55.52 38.78
C GLN A 75 -5.92 -54.43 37.86
N TYR A 76 -5.67 -54.69 36.57
CA TYR A 76 -4.93 -53.69 35.82
C TYR A 76 -5.71 -53.18 34.61
N LEU A 77 -5.39 -51.93 34.21
CA LEU A 77 -6.09 -51.22 33.15
C LEU A 77 -5.05 -50.73 32.16
N ALA A 78 -5.35 -50.75 30.86
CA ALA A 78 -4.37 -50.29 29.89
C ALA A 78 -4.98 -49.19 29.04
N SER A 79 -4.18 -48.20 28.66
CA SER A 79 -4.72 -47.06 27.93
C SER A 79 -3.78 -46.84 26.75
N ALA A 80 -4.35 -46.76 25.55
CA ALA A 80 -3.63 -46.41 24.34
C ALA A 80 -3.86 -44.96 23.99
N SER A 81 -2.79 -44.20 23.78
CA SER A 81 -3.04 -42.78 23.55
C SER A 81 -2.33 -42.32 22.28
N PHE A 82 -2.61 -41.08 21.89
CA PHE A 82 -2.00 -40.52 20.69
C PHE A 82 -0.58 -40.04 20.94
N ASP A 83 -0.12 -40.03 22.19
CA ASP A 83 1.24 -39.66 22.52
C ASP A 83 2.24 -40.79 22.34
N ALA A 84 1.91 -41.75 21.46
CA ALA A 84 2.76 -42.88 21.13
C ALA A 84 3.07 -43.76 22.34
N THR A 85 2.24 -43.72 23.39
CA THR A 85 2.46 -44.51 24.59
C THR A 85 1.21 -45.29 24.98
N THR A 86 1.45 -46.33 25.79
CA THR A 86 0.39 -47.17 26.36
C THR A 86 0.59 -47.30 27.86
N ALA A 87 -0.23 -46.62 28.65
CA ALA A 87 -0.02 -46.62 30.09
C ALA A 87 -0.71 -47.81 30.75
N ILE A 88 -0.13 -48.31 31.85
CA ILE A 88 -0.69 -49.42 32.61
C ILE A 88 -1.01 -48.92 34.01
N TRP A 89 -2.27 -49.05 34.43
CA TRP A 89 -2.71 -48.59 35.73
C TRP A 89 -2.99 -49.80 36.62
N SER A 90 -2.62 -49.66 37.89
CA SER A 90 -2.66 -50.68 38.94
C SER A 90 -2.95 -50.00 40.27
N LYS A 91 -3.76 -50.64 41.11
CA LYS A 91 -4.10 -50.09 42.43
C LYS A 91 -3.27 -50.78 43.53
N SER A 92 -1.98 -50.40 43.55
CA SER A 92 -1.02 -50.82 44.54
C SER A 92 -1.05 -49.97 45.81
N SER A 93 -1.43 -48.69 45.70
CA SER A 93 -1.45 -47.80 46.86
C SER A 93 -2.84 -47.61 47.44
N GLY A 94 -3.81 -48.45 47.05
CA GLY A 94 -5.22 -48.21 47.38
C GLY A 94 -5.89 -47.20 46.46
N GLU A 95 -5.17 -46.67 45.48
CA GLU A 95 -5.63 -45.74 44.47
C GLU A 95 -4.95 -46.07 43.14
N PHE A 96 -5.64 -45.78 42.03
CA PHE A 96 -5.12 -46.17 40.74
C PHE A 96 -4.00 -45.21 40.38
N GLU A 97 -2.84 -45.78 40.05
CA GLU A 97 -1.69 -45.02 39.61
C GLU A 97 -1.06 -45.70 38.40
N CYS A 98 -0.31 -44.91 37.64
CA CYS A 98 0.33 -45.41 36.43
C CYS A 98 1.70 -45.95 36.82
N ASN A 99 1.83 -47.28 36.86
CA ASN A 99 3.09 -47.90 37.26
C ASN A 99 4.04 -48.02 36.06
N ALA A 100 3.55 -48.45 34.91
CA ALA A 100 4.41 -48.70 33.76
C ALA A 100 3.88 -47.95 32.54
N THR A 101 4.79 -47.68 31.59
CA THR A 101 4.47 -47.02 30.33
C THR A 101 5.19 -47.78 29.23
N LEU A 102 4.42 -48.16 28.20
CA LEU A 102 4.93 -48.92 27.05
C LEU A 102 5.16 -47.96 25.90
N GLU A 103 6.42 -47.72 25.61
CA GLU A 103 6.84 -46.87 24.50
C GLU A 103 7.46 -47.74 23.41
N GLY A 104 7.59 -47.15 22.22
CA GLY A 104 8.19 -47.83 21.11
C GLY A 104 7.54 -47.47 19.80
N HIS A 105 6.23 -47.24 19.85
CA HIS A 105 5.52 -46.88 18.63
C HIS A 105 5.99 -45.52 18.13
N GLU A 106 6.11 -45.36 16.81
CA GLU A 106 6.57 -44.06 16.35
C GLU A 106 5.43 -43.03 16.37
N ASN A 107 4.19 -43.46 16.10
CA ASN A 107 3.08 -42.51 16.02
C ASN A 107 2.00 -42.82 17.05
N GLU A 108 0.79 -42.33 16.82
CA GLU A 108 -0.29 -42.51 17.79
C GLU A 108 -0.70 -43.97 17.94
N VAL A 109 -0.84 -44.40 19.19
CA VAL A 109 -1.32 -45.75 19.49
C VAL A 109 -2.85 -45.77 19.38
N LYS A 110 -3.37 -46.69 18.57
CA LYS A 110 -4.80 -46.75 18.29
C LYS A 110 -5.55 -47.74 19.17
N SER A 111 -4.90 -48.82 19.61
CA SER A 111 -5.65 -49.86 20.31
C SER A 111 -4.77 -50.66 21.26
N VAL A 112 -5.40 -51.21 22.30
CA VAL A 112 -4.79 -52.17 23.21
C VAL A 112 -5.68 -53.40 23.30
N SER A 113 -5.12 -54.47 23.84
CA SER A 113 -5.89 -55.67 24.10
C SER A 113 -5.11 -56.58 25.03
N TRP A 114 -5.85 -57.30 25.87
CA TRP A 114 -5.29 -58.29 26.77
C TRP A 114 -5.63 -59.68 26.26
N SER A 115 -4.70 -60.62 26.45
CA SER A 115 -4.98 -61.99 26.07
C SER A 115 -5.91 -62.60 27.12
N ARG A 116 -6.45 -63.79 26.82
CA ARG A 116 -7.31 -64.47 27.80
C ARG A 116 -6.56 -64.76 29.10
N SER A 117 -5.33 -65.24 29.00
CA SER A 117 -4.55 -65.56 30.19
C SER A 117 -4.26 -64.31 31.00
N GLY A 118 -4.12 -63.18 30.34
CA GLY A 118 -3.79 -61.95 31.02
C GLY A 118 -2.31 -61.64 31.05
N GLY A 119 -1.47 -62.54 30.53
CA GLY A 119 -0.04 -62.31 30.46
C GLY A 119 0.51 -61.75 29.17
N LEU A 120 -0.32 -61.51 28.16
CA LEU A 120 0.12 -60.97 26.88
C LEU A 120 -0.68 -59.71 26.59
N LEU A 121 0.00 -58.66 26.13
CA LEU A 121 -0.65 -57.39 25.85
C LEU A 121 -0.27 -56.98 24.44
N ALA A 122 -1.24 -56.53 23.65
CA ALA A 122 -1.00 -56.18 22.25
C ALA A 122 -1.43 -54.75 21.98
N THR A 123 -0.60 -54.02 21.24
CA THR A 123 -0.90 -52.66 20.86
C THR A 123 -0.69 -52.51 19.35
N CYS A 124 -1.35 -51.51 18.76
CA CYS A 124 -1.17 -51.18 17.36
C CYS A 124 -1.24 -49.67 17.21
N SER A 125 -0.59 -49.13 16.18
CA SER A 125 -0.43 -47.69 16.04
C SER A 125 -0.62 -47.28 14.58
N ARG A 126 -0.50 -45.97 14.34
CA ARG A 126 -0.53 -45.43 12.98
C ARG A 126 0.74 -45.74 12.19
N ASP A 127 1.80 -46.20 12.86
CA ASP A 127 3.05 -46.61 12.21
C ASP A 127 2.97 -47.97 11.54
N LYS A 128 1.75 -48.45 11.29
CA LYS A 128 1.49 -49.70 10.57
C LYS A 128 2.01 -50.92 11.32
N SER A 129 2.29 -50.80 12.61
CA SER A 129 2.91 -51.87 13.36
C SER A 129 2.00 -52.40 14.45
N VAL A 130 2.28 -53.64 14.85
CA VAL A 130 1.57 -54.34 15.92
C VAL A 130 2.59 -54.92 16.89
N TRP A 131 2.59 -54.46 18.13
CA TRP A 131 3.54 -54.93 19.10
C TRP A 131 2.85 -55.92 20.02
N ILE A 132 3.61 -56.91 20.48
CA ILE A 132 3.12 -57.88 21.46
C ILE A 132 4.11 -57.90 22.61
N TRP A 133 3.57 -57.76 23.82
CA TRP A 133 4.32 -57.68 25.06
C TRP A 133 3.97 -58.86 25.95
N GLU A 134 4.95 -59.23 26.77
CA GLU A 134 4.91 -60.26 27.79
C GLU A 134 4.96 -59.63 29.18
N VAL A 135 4.21 -60.17 30.14
CA VAL A 135 4.14 -59.57 31.47
C VAL A 135 4.80 -60.55 32.44
N ALA A 136 6.10 -60.27 32.74
CA ALA A 136 6.90 -60.94 33.76
C ALA A 136 6.67 -60.16 35.06
N GLY A 137 6.03 -60.77 36.03
CA GLY A 137 5.81 -60.14 37.33
C GLY A 137 4.90 -58.94 37.16
N ASP A 138 4.66 -58.24 38.27
CA ASP A 138 3.86 -57.03 38.26
C ASP A 138 4.67 -55.83 37.77
N ASP A 139 3.97 -54.85 37.14
CA ASP A 139 4.61 -53.59 36.73
C ASP A 139 5.69 -53.70 35.67
N GLU A 140 5.98 -54.90 35.19
CA GLU A 140 7.08 -55.14 34.27
C GLU A 140 6.46 -55.84 33.06
N PHE A 141 6.86 -55.34 31.89
CA PHE A 141 6.44 -55.81 30.57
C PHE A 141 7.64 -55.90 29.63
N GLU A 142 7.65 -56.96 28.82
CA GLU A 142 8.75 -57.27 27.93
C GLU A 142 8.15 -57.54 26.56
N CYS A 143 8.71 -56.85 25.57
CA CYS A 143 8.25 -56.97 24.20
C CYS A 143 8.63 -58.30 23.58
N ALA A 144 7.62 -59.02 23.10
CA ALA A 144 7.79 -60.33 22.53
C ALA A 144 7.99 -60.23 21.02
N ALA A 145 7.30 -59.30 20.38
CA ALA A 145 7.44 -59.21 18.93
C ALA A 145 6.96 -57.85 18.42
N VAL A 146 7.62 -57.40 17.35
CA VAL A 146 7.23 -56.20 16.62
C VAL A 146 6.93 -56.63 15.20
N LEU A 147 5.68 -56.43 14.76
CA LEU A 147 5.18 -56.92 13.48
C LEU A 147 4.80 -55.75 12.59
N ASN A 148 5.21 -55.80 11.32
CA ASN A 148 4.85 -54.77 10.34
C ASN A 148 4.22 -55.37 9.08
N PRO A 149 3.19 -56.24 9.22
CA PRO A 149 2.58 -56.82 8.02
C PRO A 149 1.62 -55.88 7.32
N HIS A 150 0.94 -55.03 8.09
CA HIS A 150 -0.07 -54.13 7.54
C HIS A 150 0.60 -53.00 6.77
N THR A 151 0.02 -52.66 5.62
CA THR A 151 0.58 -51.59 4.81
C THR A 151 0.09 -50.20 5.21
N GLN A 152 -0.97 -50.11 6.02
CA GLN A 152 -1.52 -48.82 6.40
C GLN A 152 -1.75 -48.73 7.90
N ASP A 153 -2.48 -47.69 8.32
CA ASP A 153 -2.77 -47.45 9.73
C ASP A 153 -3.57 -48.61 10.31
N VAL A 154 -3.09 -49.14 11.43
CA VAL A 154 -3.76 -50.24 12.13
C VAL A 154 -4.72 -49.67 13.17
N LYS A 155 -6.00 -50.03 13.05
CA LYS A 155 -7.08 -49.43 13.81
C LYS A 155 -7.36 -50.14 15.14
N ARG A 156 -7.30 -51.48 15.16
CA ARG A 156 -7.73 -52.22 16.34
C ARG A 156 -6.96 -53.53 16.45
N VAL A 157 -6.76 -54.00 17.70
CA VAL A 157 -6.20 -55.32 18.00
C VAL A 157 -7.08 -56.02 19.02
N VAL A 158 -7.41 -57.29 18.77
CA VAL A 158 -8.29 -58.07 19.63
C VAL A 158 -7.71 -59.48 19.75
N TRP A 159 -7.66 -59.99 20.98
CA TRP A 159 -7.14 -61.33 21.24
C TRP A 159 -8.25 -62.35 21.16
N HIS A 160 -7.86 -63.58 20.91
CA HIS A 160 -8.80 -64.70 20.81
C HIS A 160 -9.33 -65.11 22.18
N PRO A 161 -10.60 -65.49 22.27
CA PRO A 161 -11.17 -65.81 23.58
C PRO A 161 -10.60 -67.09 24.15
N THR A 162 -10.46 -68.16 23.35
CA THR A 162 -10.02 -69.45 23.87
C THR A 162 -8.50 -69.66 23.78
N LYS A 163 -7.87 -69.15 22.74
CA LYS A 163 -6.46 -69.35 22.49
C LYS A 163 -5.72 -68.01 22.51
N ASP A 164 -4.41 -68.06 22.37
CA ASP A 164 -3.61 -66.84 22.33
C ASP A 164 -3.34 -66.50 20.87
N ILE A 165 -4.40 -66.08 20.20
CA ILE A 165 -4.36 -65.63 18.80
C ILE A 165 -4.72 -64.15 18.78
N LEU A 166 -3.96 -63.38 18.01
CA LEU A 166 -4.17 -61.95 17.91
C LEU A 166 -4.77 -61.60 16.57
N ALA A 167 -5.77 -60.72 16.57
CA ALA A 167 -6.38 -60.23 15.35
C ALA A 167 -6.21 -58.72 15.25
N SER A 168 -5.91 -58.24 14.04
CA SER A 168 -5.69 -56.81 13.83
C SER A 168 -6.49 -56.37 12.61
N ALA A 169 -7.17 -55.22 12.73
CA ALA A 169 -7.91 -54.57 11.67
C ALA A 169 -7.18 -53.30 11.28
N SER A 170 -7.15 -52.98 9.99
CA SER A 170 -6.30 -51.90 9.52
C SER A 170 -7.00 -51.00 8.52
N TYR A 171 -6.41 -49.82 8.36
CA TYR A 171 -6.81 -48.87 7.33
C TYR A 171 -6.57 -49.43 5.93
N ASP A 172 -5.78 -50.51 5.81
CA ASP A 172 -5.51 -51.13 4.51
C ASP A 172 -6.60 -52.12 4.11
N ASN A 173 -7.78 -52.02 4.72
CA ASN A 173 -8.97 -52.79 4.38
C ASN A 173 -8.83 -54.27 4.68
N THR A 174 -7.84 -54.69 5.48
CA THR A 174 -7.63 -56.11 5.71
C THR A 174 -7.60 -56.43 7.20
N ILE A 175 -7.81 -57.71 7.50
CA ILE A 175 -7.66 -58.20 8.87
C ILE A 175 -6.57 -59.26 8.85
N LYS A 176 -5.78 -59.32 9.93
CA LYS A 176 -4.66 -60.25 9.97
C LYS A 176 -4.68 -61.02 11.28
N MET A 177 -4.48 -62.33 11.18
CA MET A 177 -4.35 -63.19 12.34
C MET A 177 -2.88 -63.46 12.66
N PHE A 178 -2.61 -63.59 13.96
CA PHE A 178 -1.27 -63.79 14.51
C PHE A 178 -1.33 -64.93 15.51
N ALA A 179 -0.40 -65.87 15.32
CA ALA A 179 -0.22 -67.05 16.12
C ALA A 179 1.28 -67.22 16.35
N GLU A 180 1.61 -67.87 17.47
CA GLU A 180 2.99 -68.07 17.87
C GLU A 180 3.41 -69.42 17.28
N GLU A 181 4.63 -69.44 16.71
CA GLU A 181 5.18 -70.62 16.07
C GLU A 181 5.72 -71.58 17.12
N PRO A 182 5.39 -72.86 16.96
CA PRO A 182 5.74 -73.84 17.99
C PRO A 182 7.21 -74.16 18.20
N ILE A 183 8.04 -74.30 17.16
CA ILE A 183 9.41 -74.71 17.48
C ILE A 183 10.27 -73.60 18.07
N ASP A 184 10.16 -72.39 17.55
CA ASP A 184 10.97 -71.23 17.93
C ASP A 184 10.33 -70.34 18.98
N ASN A 185 8.99 -70.38 19.12
CA ASN A 185 8.25 -69.54 20.05
C ASN A 185 8.37 -68.08 19.63
N ASP A 186 8.18 -67.82 18.33
CA ASP A 186 8.28 -66.49 17.78
C ASP A 186 6.95 -66.23 17.05
N TRP A 187 6.50 -64.99 17.11
CA TRP A 187 5.25 -64.59 16.50
C TRP A 187 5.34 -64.39 14.99
N ASP A 188 4.24 -64.71 14.32
CA ASP A 188 4.17 -64.60 12.87
C ASP A 188 2.70 -64.45 12.49
N CYS A 189 2.48 -64.00 11.26
CA CYS A 189 1.13 -63.76 10.76
C CYS A 189 0.54 -65.06 10.21
N THR A 190 -0.68 -65.39 10.64
CA THR A 190 -1.32 -66.65 10.27
C THR A 190 -2.04 -66.54 8.92
N ALA A 191 -2.93 -65.56 8.80
CA ALA A 191 -3.69 -65.42 7.58
C ALA A 191 -4.16 -63.97 7.42
N THR A 192 -4.59 -63.66 6.20
CA THR A 192 -5.06 -62.33 5.83
C THR A 192 -6.45 -62.42 5.23
N LEU A 193 -7.36 -61.61 5.74
CA LEU A 193 -8.77 -61.60 5.38
C LEU A 193 -9.03 -60.35 4.54
N THR A 194 -9.41 -60.57 3.25
CA THR A 194 -9.56 -59.50 2.24
C THR A 194 -10.93 -59.59 1.59
N SER A 195 -11.94 -58.97 2.22
CA SER A 195 -13.24 -58.77 1.60
C SER A 195 -13.79 -57.35 1.74
N HIS A 196 -13.28 -56.56 2.71
CA HIS A 196 -13.75 -55.20 2.89
C HIS A 196 -13.11 -54.30 1.85
N THR A 197 -13.86 -53.33 1.36
CA THR A 197 -13.38 -52.38 0.37
C THR A 197 -12.87 -51.09 0.96
N SER A 198 -12.86 -50.95 2.30
CA SER A 198 -12.41 -49.73 2.94
C SER A 198 -11.92 -50.06 4.34
N THR A 199 -11.61 -49.02 5.11
CA THR A 199 -10.99 -49.19 6.41
C THR A 199 -11.80 -50.11 7.32
N VAL A 200 -11.13 -51.11 7.89
CA VAL A 200 -11.74 -51.99 8.88
C VAL A 200 -11.50 -51.37 10.25
N TRP A 201 -12.58 -50.97 10.93
CA TRP A 201 -12.46 -50.25 12.18
C TRP A 201 -12.42 -51.19 13.38
N GLY A 202 -13.37 -52.13 13.45
CA GLY A 202 -13.53 -52.96 14.62
C GLY A 202 -13.63 -54.42 14.27
N ILE A 203 -13.28 -55.26 15.25
CA ILE A 203 -13.30 -56.71 15.13
C ILE A 203 -13.65 -57.29 16.50
N ASP A 204 -14.34 -58.43 16.50
CA ASP A 204 -14.70 -59.11 17.72
C ASP A 204 -14.94 -60.58 17.39
N PHE A 205 -14.48 -61.45 18.28
CA PHE A 205 -14.57 -62.90 18.13
C PHE A 205 -15.90 -63.42 18.62
N ASP A 206 -16.24 -64.62 18.17
CA ASP A 206 -17.42 -65.27 18.70
C ASP A 206 -17.15 -65.84 20.07
N ALA A 207 -18.16 -66.51 20.64
CA ALA A 207 -18.03 -67.01 22.01
C ALA A 207 -16.92 -68.02 22.06
N ASP A 208 -17.01 -69.02 21.18
CA ASP A 208 -16.04 -70.11 21.09
C ASP A 208 -14.73 -69.63 20.47
N GLY A 209 -14.82 -68.66 19.58
CA GLY A 209 -13.65 -68.13 18.92
C GLY A 209 -13.45 -68.65 17.51
N GLU A 210 -14.38 -69.43 16.97
CA GLU A 210 -14.23 -69.89 15.59
C GLU A 210 -14.82 -68.93 14.57
N ARG A 211 -15.41 -67.82 15.02
CA ARG A 211 -15.99 -66.81 14.12
C ARG A 211 -15.54 -65.42 14.55
N LEU A 212 -15.86 -64.44 13.73
CA LEU A 212 -15.36 -63.09 13.94
C LEU A 212 -16.26 -62.11 13.22
N VAL A 213 -16.66 -61.04 13.91
CA VAL A 213 -17.32 -59.92 13.24
C VAL A 213 -16.26 -58.91 12.84
N SER A 214 -16.56 -58.16 11.79
CA SER A 214 -15.73 -57.01 11.44
C SER A 214 -16.60 -55.94 10.83
N CYS A 215 -16.47 -54.72 11.35
CA CYS A 215 -17.14 -53.55 10.81
C CYS A 215 -16.14 -52.64 10.11
N SER A 216 -16.61 -51.96 9.08
CA SER A 216 -15.73 -51.20 8.22
C SER A 216 -16.33 -49.88 7.79
N ASP A 217 -15.49 -49.09 7.12
CA ASP A 217 -15.88 -47.82 6.53
C ASP A 217 -16.80 -48.02 5.33
N ASP A 218 -16.82 -49.21 4.74
CA ASP A 218 -17.71 -49.46 3.62
C ASP A 218 -19.18 -49.71 4.05
N THR A 219 -19.54 -49.31 5.27
CA THR A 219 -20.91 -49.40 5.78
C THR A 219 -21.45 -50.82 5.83
N THR A 220 -20.58 -51.83 5.95
CA THR A 220 -20.99 -53.23 6.01
C THR A 220 -20.32 -53.94 7.18
N ILE A 221 -20.96 -54.98 7.68
CA ILE A 221 -20.29 -55.85 8.63
C ILE A 221 -20.17 -57.25 8.04
N LYS A 222 -19.09 -57.95 8.40
CA LYS A 222 -18.84 -59.26 7.81
C LYS A 222 -18.58 -60.29 8.90
N ILE A 223 -19.04 -61.50 8.64
CA ILE A 223 -18.85 -62.64 9.52
C ILE A 223 -17.80 -63.53 8.89
N TRP A 224 -16.75 -63.81 9.66
CA TRP A 224 -15.64 -64.63 9.21
C TRP A 224 -15.64 -65.93 9.97
N ARG A 225 -15.47 -67.04 9.24
CA ARG A 225 -15.43 -68.37 9.81
C ARG A 225 -14.07 -69.00 9.65
N ALA A 226 -13.60 -69.62 10.73
CA ALA A 226 -12.30 -70.28 10.75
C ALA A 226 -12.49 -71.70 10.24
N TYR A 227 -11.74 -72.05 9.20
CA TYR A 227 -11.75 -73.36 8.55
C TYR A 227 -10.40 -74.01 8.86
N HIS A 228 -10.43 -75.14 9.59
CA HIS A 228 -9.17 -75.84 9.83
C HIS A 228 -8.83 -76.76 8.67
N PRO A 229 -7.57 -77.22 8.58
CA PRO A 229 -7.23 -78.10 7.46
C PRO A 229 -8.01 -79.39 7.53
N GLY A 230 -8.39 -79.90 6.38
CA GLY A 230 -9.19 -81.11 6.39
C GLY A 230 -10.64 -80.84 6.77
N ASN A 231 -11.14 -79.63 6.57
CA ASN A 231 -12.51 -79.26 6.97
C ASN A 231 -13.56 -79.99 6.15
N THR A 232 -14.73 -80.16 6.79
CA THR A 232 -15.83 -80.84 6.13
C THR A 232 -16.32 -80.09 4.89
N ALA A 233 -16.31 -78.76 4.92
CA ALA A 233 -16.77 -77.94 3.81
C ALA A 233 -15.86 -78.15 2.60
N GLY A 234 -16.25 -77.55 1.46
CA GLY A 234 -15.42 -77.73 0.28
C GLY A 234 -14.25 -76.77 0.19
N VAL A 235 -14.00 -76.00 1.26
CA VAL A 235 -12.92 -75.03 1.34
C VAL A 235 -11.61 -75.74 1.64
N ALA A 236 -10.58 -75.45 0.86
CA ALA A 236 -9.29 -76.13 1.00
C ALA A 236 -8.23 -75.15 1.49
N THR A 237 -7.37 -75.60 2.41
CA THR A 237 -6.30 -74.72 2.86
C THR A 237 -4.97 -75.12 2.22
N PRO A 238 -4.40 -74.31 1.31
CA PRO A 238 -3.08 -74.68 0.76
C PRO A 238 -1.95 -74.72 1.78
N ASP A 239 -1.90 -73.76 2.71
CA ASP A 239 -0.98 -73.79 3.82
C ASP A 239 -1.49 -74.64 4.98
N GLN A 240 -0.57 -74.90 5.91
CA GLN A 240 -0.89 -75.70 7.08
C GLN A 240 -1.83 -74.94 8.02
N GLN A 241 -1.73 -73.60 8.04
CA GLN A 241 -2.51 -72.79 8.97
C GLN A 241 -3.98 -72.77 8.59
N THR A 242 -4.78 -72.35 9.56
CA THR A 242 -6.20 -72.29 9.30
C THR A 242 -6.45 -71.09 8.40
N VAL A 243 -7.56 -71.11 7.69
CA VAL A 243 -7.92 -70.01 6.81
C VAL A 243 -9.27 -69.50 7.23
N TRP A 244 -9.45 -68.18 7.11
CA TRP A 244 -10.73 -67.55 7.40
C TRP A 244 -11.40 -67.12 6.10
N LYS A 245 -12.73 -67.24 6.08
CA LYS A 245 -13.54 -66.94 4.90
C LYS A 245 -14.73 -66.06 5.27
N CYS A 246 -15.04 -65.11 4.40
CA CYS A 246 -16.19 -64.23 4.60
C CYS A 246 -17.43 -65.04 4.25
N VAL A 247 -18.13 -65.50 5.28
CA VAL A 247 -19.31 -66.33 5.04
C VAL A 247 -20.61 -65.54 5.06
N CYS A 248 -20.57 -64.26 5.40
CA CYS A 248 -21.79 -63.46 5.47
C CYS A 248 -21.39 -62.00 5.38
N THR A 249 -22.18 -61.22 4.64
CA THR A 249 -21.95 -59.79 4.53
C THR A 249 -23.28 -59.05 4.66
N VAL A 250 -23.39 -58.25 5.72
CA VAL A 250 -24.58 -57.44 5.97
C VAL A 250 -24.31 -56.08 5.35
N SER A 251 -25.16 -55.72 4.38
CA SER A 251 -25.05 -54.49 3.60
C SER A 251 -26.38 -53.76 3.56
N GLY A 252 -26.30 -52.45 3.31
CA GLY A 252 -27.46 -51.60 3.27
C GLY A 252 -28.05 -51.27 4.61
N GLN A 253 -27.49 -51.83 5.70
CA GLN A 253 -28.00 -51.57 7.03
C GLN A 253 -27.48 -50.28 7.66
N HIS A 254 -26.31 -49.81 7.22
CA HIS A 254 -25.66 -48.65 7.82
C HIS A 254 -25.48 -47.56 6.77
N SER A 255 -25.73 -46.31 7.18
CA SER A 255 -25.59 -45.15 6.29
C SER A 255 -24.13 -44.71 6.16
N ARG A 256 -23.36 -44.80 7.23
CA ARG A 256 -21.99 -44.30 7.23
C ARG A 256 -21.02 -45.32 7.81
N ALA A 257 -19.79 -44.91 8.07
CA ALA A 257 -18.79 -45.85 8.56
C ALA A 257 -19.20 -46.41 9.91
N ILE A 258 -18.90 -47.70 10.10
CA ILE A 258 -19.17 -48.39 11.37
C ILE A 258 -17.85 -48.47 12.11
N TYR A 259 -17.78 -47.80 13.27
CA TYR A 259 -16.52 -47.63 13.97
C TYR A 259 -16.23 -48.74 14.99
N ASP A 260 -17.25 -49.48 15.42
CA ASP A 260 -17.02 -50.52 16.42
C ASP A 260 -18.15 -51.54 16.33
N VAL A 261 -17.82 -52.77 16.74
CA VAL A 261 -18.79 -53.87 16.78
C VAL A 261 -18.45 -54.76 17.96
N SER A 262 -19.49 -55.25 18.64
CA SER A 262 -19.32 -56.08 19.82
C SER A 262 -20.20 -57.31 19.71
N TRP A 263 -19.62 -58.48 19.95
CA TRP A 263 -20.33 -59.75 19.92
C TRP A 263 -20.42 -60.30 21.34
N CYS A 264 -21.64 -60.37 21.86
CA CYS A 264 -21.84 -60.81 23.23
C CYS A 264 -21.52 -62.29 23.34
N LYS A 265 -20.79 -62.64 24.39
CA LYS A 265 -20.46 -64.03 24.64
C LYS A 265 -21.53 -64.73 25.47
N LEU A 266 -22.54 -64.01 25.94
CA LEU A 266 -23.65 -64.62 26.68
C LEU A 266 -24.87 -64.87 25.81
N THR A 267 -25.24 -63.92 24.96
CA THR A 267 -26.43 -64.02 24.15
C THR A 267 -26.14 -64.30 22.69
N GLY A 268 -24.93 -64.01 22.21
CA GLY A 268 -24.62 -64.09 20.80
C GLY A 268 -25.10 -62.93 19.96
N LEU A 269 -25.61 -61.86 20.58
CA LEU A 269 -26.08 -60.70 19.85
C LEU A 269 -24.89 -59.87 19.39
N ILE A 270 -25.08 -59.13 18.30
CA ILE A 270 -24.04 -58.31 17.70
C ILE A 270 -24.52 -56.87 17.70
N ALA A 271 -23.71 -55.96 18.23
CA ALA A 271 -24.09 -54.56 18.22
C ALA A 271 -23.10 -53.76 17.39
N THR A 272 -23.62 -52.76 16.69
CA THR A 272 -22.80 -51.91 15.83
C THR A 272 -22.97 -50.44 16.24
N ALA A 273 -21.84 -49.74 16.22
CA ALA A 273 -21.72 -48.30 16.47
C ALA A 273 -21.37 -47.61 15.16
N CYS A 274 -22.31 -46.89 14.60
CA CYS A 274 -22.18 -46.30 13.28
C CYS A 274 -22.00 -44.80 13.35
N GLY A 275 -21.49 -44.25 12.25
CA GLY A 275 -21.34 -42.82 12.10
C GLY A 275 -22.64 -42.07 11.86
N ASP A 276 -23.72 -42.77 11.57
CA ASP A 276 -25.05 -42.17 11.47
C ASP A 276 -25.76 -42.09 12.82
N ASP A 277 -24.99 -42.10 13.91
CA ASP A 277 -25.50 -41.92 15.27
C ASP A 277 -26.42 -43.04 15.72
N GLY A 278 -26.34 -44.21 15.09
CA GLY A 278 -27.28 -45.28 15.33
C GLY A 278 -26.61 -46.53 15.85
N ILE A 279 -27.27 -47.16 16.83
CA ILE A 279 -26.83 -48.45 17.36
C ILE A 279 -27.76 -49.52 16.82
N ARG A 280 -27.18 -50.56 16.24
CA ARG A 280 -28.00 -51.62 15.66
C ARG A 280 -27.65 -52.98 16.27
N ILE A 281 -28.69 -53.79 16.51
CA ILE A 281 -28.56 -55.10 17.13
C ILE A 281 -28.90 -56.16 16.08
N PHE A 282 -28.00 -57.14 15.93
CA PHE A 282 -28.14 -58.25 15.00
C PHE A 282 -28.12 -59.59 15.73
N LYS A 283 -28.97 -60.50 15.28
CA LYS A 283 -29.02 -61.85 15.83
C LYS A 283 -28.98 -62.88 14.71
N GLU A 284 -28.22 -63.95 14.92
CA GLU A 284 -28.15 -65.02 13.94
C GLU A 284 -29.49 -65.75 13.87
N SER A 285 -29.90 -66.11 12.65
CA SER A 285 -31.16 -66.81 12.46
C SER A 285 -31.09 -68.22 13.05
N SER A 286 -32.26 -68.76 13.39
CA SER A 286 -32.33 -70.07 14.05
C SER A 286 -31.92 -71.17 13.07
N ASP A 287 -32.27 -71.01 11.80
CA ASP A 287 -31.97 -71.99 10.76
C ASP A 287 -30.77 -71.63 9.90
N SER A 288 -29.94 -70.67 10.33
CA SER A 288 -28.79 -70.25 9.53
C SER A 288 -27.77 -71.37 9.40
N LYS A 289 -27.24 -71.55 8.19
CA LYS A 289 -26.28 -72.61 7.93
C LYS A 289 -24.89 -72.17 8.37
N PRO A 290 -24.04 -73.11 8.83
CA PRO A 290 -22.70 -72.72 9.28
C PRO A 290 -21.77 -72.29 8.16
N ASP A 291 -22.16 -72.52 6.90
CA ASP A 291 -21.36 -72.04 5.77
C ASP A 291 -21.95 -70.81 5.09
N GLU A 292 -23.24 -70.55 5.28
CA GLU A 292 -23.90 -69.32 4.81
C GLU A 292 -24.81 -68.80 5.92
N PRO A 293 -24.23 -68.23 6.99
CA PRO A 293 -25.08 -67.74 8.07
C PRO A 293 -25.87 -66.53 7.63
N THR A 294 -27.07 -66.38 8.20
CA THR A 294 -27.93 -65.24 7.94
C THR A 294 -28.17 -64.51 9.26
N PHE A 295 -27.86 -63.21 9.29
CA PHE A 295 -28.04 -62.38 10.48
C PHE A 295 -29.07 -61.31 10.20
N GLU A 296 -30.02 -61.18 11.12
CA GLU A 296 -31.11 -60.25 10.95
C GLU A 296 -31.09 -59.22 12.06
N GLN A 297 -31.42 -57.98 11.70
CA GLN A 297 -31.48 -56.88 12.65
C GLN A 297 -32.79 -56.94 13.43
N ILE A 298 -32.69 -57.21 14.73
CA ILE A 298 -33.87 -57.38 15.57
C ILE A 298 -34.36 -56.04 16.13
N THR A 299 -33.46 -55.11 16.41
CA THR A 299 -33.83 -53.80 16.94
C THR A 299 -32.72 -52.81 16.66
N ALA A 300 -33.07 -51.52 16.74
CA ALA A 300 -32.09 -50.49 16.51
C ALA A 300 -32.61 -49.18 17.06
N GLU A 301 -31.67 -48.28 17.41
CA GLU A 301 -32.00 -46.94 17.86
C GLU A 301 -31.20 -46.00 16.97
N GLU A 302 -31.83 -45.51 15.90
CA GLU A 302 -31.14 -44.65 14.93
C GLU A 302 -30.68 -43.33 15.55
N GLY A 303 -31.40 -42.81 16.54
CA GLY A 303 -30.99 -41.59 17.20
C GLY A 303 -30.37 -41.87 18.56
N ALA A 304 -29.56 -42.93 18.65
CA ALA A 304 -28.97 -43.33 19.92
C ALA A 304 -28.11 -42.22 20.50
N HIS A 305 -27.42 -41.46 19.66
CA HIS A 305 -26.65 -40.33 20.12
C HIS A 305 -26.90 -39.17 19.17
N ASP A 306 -26.46 -37.98 19.59
CA ASP A 306 -26.57 -36.79 18.75
C ASP A 306 -25.44 -36.67 17.75
N GLN A 307 -24.36 -37.43 17.93
CA GLN A 307 -23.25 -37.44 17.01
C GLN A 307 -22.81 -38.88 16.81
N ASP A 308 -21.64 -39.07 16.21
CA ASP A 308 -21.17 -40.39 15.83
C ASP A 308 -21.00 -41.28 17.07
N VAL A 309 -21.46 -42.53 16.98
CA VAL A 309 -21.24 -43.52 18.03
C VAL A 309 -19.87 -44.15 17.82
N ASN A 310 -19.00 -44.04 18.82
CA ASN A 310 -17.60 -44.45 18.67
C ASN A 310 -17.36 -45.90 19.09
N SER A 311 -18.02 -46.34 20.16
CA SER A 311 -17.77 -47.66 20.71
C SER A 311 -19.05 -48.18 21.35
N VAL A 312 -19.22 -49.50 21.26
CA VAL A 312 -20.29 -50.25 21.90
C VAL A 312 -19.68 -51.51 22.48
N GLN A 313 -20.07 -51.85 23.70
CA GLN A 313 -19.51 -52.99 24.41
C GLN A 313 -20.59 -53.70 25.21
N TRP A 314 -20.72 -55.01 25.00
CA TRP A 314 -21.62 -55.81 25.80
C TRP A 314 -21.04 -56.01 27.20
N ASN A 315 -21.92 -56.30 28.12
CA ASN A 315 -21.52 -56.57 29.50
C ASN A 315 -21.22 -58.04 29.65
N PRO A 316 -20.05 -58.40 30.17
CA PRO A 316 -19.71 -59.83 30.31
C PRO A 316 -20.52 -60.56 31.38
N VAL A 317 -20.99 -59.87 32.41
CA VAL A 317 -21.74 -60.53 33.48
C VAL A 317 -23.25 -60.46 33.26
N VAL A 318 -23.75 -59.27 32.91
CA VAL A 318 -25.18 -59.02 32.73
C VAL A 318 -25.52 -59.18 31.25
N ALA A 319 -26.33 -60.19 30.94
CA ALA A 319 -26.70 -60.48 29.57
C ALA A 319 -27.73 -59.47 29.05
N GLY A 320 -27.42 -58.87 27.91
CA GLY A 320 -28.32 -57.91 27.30
C GLY A 320 -28.07 -56.46 27.68
N GLN A 321 -27.05 -56.18 28.48
CA GLN A 321 -26.71 -54.81 28.87
C GLN A 321 -25.58 -54.32 27.98
N LEU A 322 -25.81 -53.22 27.28
CA LEU A 322 -24.85 -52.67 26.34
C LEU A 322 -24.42 -51.28 26.77
N ILE A 323 -23.17 -50.92 26.52
CA ILE A 323 -22.74 -49.56 26.85
C ILE A 323 -22.17 -48.94 25.58
N SER A 324 -22.25 -47.61 25.48
CA SER A 324 -21.78 -46.95 24.28
C SER A 324 -21.38 -45.52 24.60
N CYS A 325 -20.48 -45.00 23.77
CA CYS A 325 -20.07 -43.61 23.89
C CYS A 325 -20.09 -42.95 22.52
N SER A 326 -20.00 -41.62 22.50
CA SER A 326 -20.18 -40.90 21.25
C SER A 326 -19.42 -39.57 21.26
N ASP A 327 -19.36 -38.94 20.09
CA ASP A 327 -18.76 -37.61 19.95
C ASP A 327 -19.62 -36.52 20.56
N ASP A 328 -20.87 -36.80 20.95
CA ASP A 328 -21.69 -35.82 21.65
C ASP A 328 -21.30 -35.68 23.12
N GLY A 329 -20.31 -36.44 23.59
CA GLY A 329 -19.88 -36.37 24.98
C GLY A 329 -20.76 -37.10 25.97
N THR A 330 -21.44 -38.17 25.53
CA THR A 330 -22.34 -38.91 26.39
C THR A 330 -21.97 -40.39 26.41
N ILE A 331 -22.19 -41.00 27.57
CA ILE A 331 -22.07 -42.44 27.76
C ILE A 331 -23.46 -42.96 28.09
N LYS A 332 -23.93 -43.96 27.34
CA LYS A 332 -25.28 -44.47 27.49
C LYS A 332 -25.25 -45.97 27.73
N ILE A 333 -25.95 -46.41 28.78
CA ILE A 333 -26.10 -47.82 29.12
C ILE A 333 -27.48 -48.28 28.66
N TRP A 334 -27.53 -49.37 27.92
CA TRP A 334 -28.75 -49.86 27.28
C TRP A 334 -29.09 -51.26 27.79
N LYS A 335 -30.35 -51.64 27.60
CA LYS A 335 -30.85 -52.96 27.94
C LYS A 335 -31.70 -53.44 26.79
N VAL A 336 -31.30 -54.53 26.12
CA VAL A 336 -32.02 -55.03 24.96
C VAL A 336 -32.91 -56.19 25.38
N THR A 337 -34.14 -56.21 24.87
CA THR A 337 -35.11 -57.27 25.11
C THR A 337 -35.57 -57.81 23.76
N GLU A 338 -35.25 -59.06 23.47
CA GLU A 338 -35.62 -59.66 22.18
C GLU A 338 -37.14 -59.84 22.06
N PRO B 5 -12.60 -29.77 -24.38
CA PRO B 5 -11.68 -28.93 -25.15
C PRO B 5 -12.16 -27.52 -25.47
N THR B 6 -11.24 -26.53 -25.53
CA THR B 6 -11.53 -25.14 -25.86
C THR B 6 -10.57 -24.66 -26.97
N GLU B 7 -11.11 -23.90 -27.93
CA GLU B 7 -10.53 -23.27 -29.16
C GLU B 7 -9.37 -22.27 -28.93
N ILE B 8 -8.46 -22.20 -29.91
CA ILE B 8 -7.27 -21.33 -29.83
C ILE B 8 -7.51 -19.98 -30.50
N GLU B 9 -8.33 -19.90 -31.56
CA GLU B 9 -8.49 -18.57 -32.15
C GLU B 9 -9.43 -17.68 -31.31
N ASN B 10 -10.24 -18.29 -30.46
CA ASN B 10 -11.27 -17.80 -29.56
C ASN B 10 -10.78 -17.94 -28.13
N ILE B 11 -10.52 -16.83 -27.45
CA ILE B 11 -10.20 -16.93 -26.05
C ILE B 11 -10.97 -15.88 -25.28
N ASN B 12 -11.55 -16.28 -24.17
CA ASN B 12 -12.42 -15.40 -23.43
C ASN B 12 -11.79 -14.87 -22.14
N PRO B 13 -11.21 -13.66 -22.20
CA PRO B 13 -10.57 -13.00 -21.04
C PRO B 13 -11.54 -12.63 -19.90
N ASN B 14 -12.81 -12.81 -20.16
CA ASN B 14 -13.94 -12.49 -19.27
C ASN B 14 -13.95 -13.27 -17.95
N VAL B 15 -13.26 -14.39 -17.87
CA VAL B 15 -13.20 -15.21 -16.67
C VAL B 15 -12.57 -14.36 -15.56
N TYR B 16 -11.55 -13.55 -15.87
CA TYR B 16 -10.90 -12.71 -14.86
C TYR B 16 -11.96 -11.82 -14.18
N ASP B 17 -12.80 -11.20 -14.98
CA ASP B 17 -14.00 -10.36 -14.79
C ASP B 17 -15.18 -11.03 -14.07
N ARG B 18 -15.41 -12.32 -14.31
CA ARG B 18 -16.54 -13.11 -13.77
C ARG B 18 -16.62 -13.20 -12.23
N ILE B 19 -15.51 -13.10 -11.48
CA ILE B 19 -15.61 -13.13 -10.01
C ILE B 19 -16.39 -11.90 -9.50
N LYS B 20 -17.47 -12.16 -8.72
CA LYS B 20 -18.33 -11.18 -8.04
C LYS B 20 -18.94 -11.73 -6.74
N GLU B 21 -19.55 -10.82 -5.94
CA GLU B 21 -20.28 -11.09 -4.68
C GLU B 21 -21.66 -10.41 -4.57
N ARG B 22 -22.64 -11.15 -4.01
CA ARG B 22 -24.01 -10.72 -3.75
C ARG B 22 -24.53 -11.45 -2.53
N VAL B 23 -24.58 -10.73 -1.44
CA VAL B 23 -25.06 -11.35 -0.23
C VAL B 23 -26.27 -10.62 0.36
N LEU B 24 -27.36 -10.59 -0.42
CA LEU B 24 -28.61 -9.91 -0.05
C LEU B 24 -29.80 -10.87 0.06
N THR B 25 -29.95 -11.66 1.13
CA THR B 25 -31.14 -12.50 1.16
C THR B 25 -32.05 -12.10 2.31
N ALA B 26 -31.77 -10.95 2.92
CA ALA B 26 -32.34 -10.56 4.21
C ALA B 26 -33.87 -10.50 4.20
N ASN B 27 -34.49 -10.05 3.11
CA ASN B 27 -35.95 -9.87 3.10
C ASN B 27 -36.69 -11.16 3.41
N GLU B 28 -36.30 -12.26 2.76
CA GLU B 28 -36.97 -13.54 2.94
C GLU B 28 -36.89 -13.99 4.39
N GLU B 29 -35.71 -13.80 5.02
CA GLU B 29 -35.38 -14.12 6.41
C GLU B 29 -35.94 -13.10 7.39
N ASP B 30 -36.44 -11.94 6.93
CA ASP B 30 -36.95 -10.92 7.84
C ASP B 30 -38.08 -11.45 8.70
N GLU B 31 -38.97 -12.29 8.13
CA GLU B 31 -40.05 -12.81 8.93
C GLU B 31 -39.50 -13.82 9.92
N ASN B 32 -40.43 -14.56 10.59
CA ASN B 32 -40.06 -15.58 11.55
C ASN B 32 -39.86 -17.03 11.02
N VAL B 33 -40.05 -17.24 9.72
CA VAL B 33 -40.03 -18.48 8.92
C VAL B 33 -38.63 -19.08 8.89
N PRO B 34 -38.47 -20.39 9.00
CA PRO B 34 -37.12 -20.96 8.98
C PRO B 34 -36.59 -20.91 7.58
N ASP B 35 -35.32 -20.73 7.53
CA ASP B 35 -34.50 -20.59 6.35
C ASP B 35 -33.65 -21.82 6.13
N PRO B 36 -33.88 -22.59 5.07
CA PRO B 36 -33.10 -23.80 4.88
C PRO B 36 -31.65 -23.47 4.51
N PHE B 37 -30.75 -24.40 4.87
CA PHE B 37 -29.37 -24.34 4.42
C PHE B 37 -29.34 -24.56 2.92
N ASP B 38 -28.53 -23.77 2.23
CA ASP B 38 -28.44 -23.86 0.78
C ASP B 38 -26.98 -23.83 0.35
N LYS B 39 -26.78 -24.02 -0.96
CA LYS B 39 -25.43 -24.02 -1.50
C LYS B 39 -24.72 -22.69 -1.23
N ARG B 40 -25.48 -21.59 -1.30
CA ARG B 40 -24.90 -20.28 -1.14
C ARG B 40 -24.30 -20.09 0.26
N GLU B 41 -25.00 -20.54 1.30
CA GLU B 41 -24.53 -20.35 2.66
C GLU B 41 -23.23 -21.14 2.91
N ILE B 42 -23.16 -22.37 2.43
CA ILE B 42 -21.96 -23.17 2.57
C ILE B 42 -20.82 -22.53 1.78
N PHE B 43 -21.13 -22.03 0.58
CA PHE B 43 -20.11 -21.38 -0.23
C PHE B 43 -19.56 -20.15 0.47
N ASP B 44 -20.43 -19.38 1.12
CA ASP B 44 -19.97 -18.23 1.90
C ASP B 44 -19.13 -18.68 3.08
N LEU B 45 -19.24 -19.94 3.47
CA LEU B 45 -18.41 -20.40 4.59
C LEU B 45 -17.02 -20.78 4.14
N ILE B 46 -16.84 -21.15 2.87
CA ILE B 46 -15.54 -21.65 2.42
C ILE B 46 -14.89 -20.83 1.31
N ARG B 47 -15.58 -19.84 0.73
CA ARG B 47 -15.04 -19.15 -0.43
C ARG B 47 -13.84 -18.28 -0.08
N ASN B 48 -13.78 -17.76 1.14
CA ASN B 48 -12.73 -16.85 1.55
C ASN B 48 -11.62 -17.53 2.34
N ILE B 49 -11.62 -18.86 2.40
CA ILE B 49 -10.50 -19.59 2.99
C ILE B 49 -9.24 -19.30 2.17
N ASN B 50 -8.15 -18.97 2.84
CA ASN B 50 -6.94 -18.60 2.14
C ASN B 50 -6.18 -19.84 1.69
N ASP B 51 -5.53 -19.72 0.53
CA ASP B 51 -4.61 -20.74 0.06
C ASP B 51 -3.38 -20.76 0.96
N PRO B 52 -2.86 -21.94 1.30
CA PRO B 52 -1.71 -21.99 2.23
C PRO B 52 -0.45 -21.31 1.72
N GLU B 53 -0.24 -21.25 0.39
CA GLU B 53 1.00 -20.77 -0.18
C GLU B 53 0.88 -19.45 -0.93
N HIS B 54 -0.33 -19.04 -1.28
CA HIS B 54 -0.50 -17.88 -2.16
C HIS B 54 -1.50 -16.91 -1.56
N PRO B 55 -1.32 -15.59 -1.81
CA PRO B 55 -2.24 -14.57 -1.26
C PRO B 55 -3.57 -14.45 -1.99
N LEU B 56 -4.26 -15.59 -2.15
CA LEU B 56 -5.56 -15.63 -2.79
C LEU B 56 -6.44 -16.63 -2.06
N THR B 57 -7.74 -16.43 -2.17
CA THR B 57 -8.70 -17.33 -1.57
C THR B 57 -8.93 -18.55 -2.46
N LEU B 58 -9.53 -19.58 -1.87
CA LEU B 58 -9.90 -20.77 -2.64
C LEU B 58 -10.91 -20.44 -3.73
N GLU B 59 -11.72 -19.40 -3.55
CA GLU B 59 -12.65 -18.98 -4.59
C GLU B 59 -11.92 -18.33 -5.76
N GLU B 60 -10.94 -17.48 -5.48
CA GLU B 60 -10.23 -16.80 -6.54
C GLU B 60 -9.40 -17.77 -7.37
N LEU B 61 -8.93 -18.86 -6.77
CA LEU B 61 -8.20 -19.91 -7.49
C LEU B 61 -9.12 -20.98 -8.05
N HIS B 62 -10.43 -20.79 -7.94
CA HIS B 62 -11.44 -21.75 -8.38
C HIS B 62 -11.28 -23.12 -7.73
N VAL B 63 -10.65 -23.17 -6.56
CA VAL B 63 -10.55 -24.43 -5.82
C VAL B 63 -11.91 -24.82 -5.27
N VAL B 64 -12.66 -23.86 -4.75
CA VAL B 64 -14.04 -24.08 -4.33
C VAL B 64 -14.95 -23.29 -5.25
N GLN B 65 -16.09 -23.87 -5.58
CA GLN B 65 -17.09 -23.25 -6.43
C GLN B 65 -18.46 -23.56 -5.88
N GLU B 66 -19.40 -22.64 -6.06
CA GLU B 66 -20.74 -22.83 -5.50
C GLU B 66 -21.45 -24.04 -6.11
N ASP B 67 -21.27 -24.27 -7.41
CA ASP B 67 -21.89 -25.41 -8.08
C ASP B 67 -21.13 -26.72 -7.89
N LEU B 68 -20.04 -26.72 -7.11
CA LEU B 68 -19.38 -27.93 -6.66
C LEU B 68 -19.79 -28.34 -5.24
N ILE B 69 -20.82 -27.70 -4.71
CA ILE B 69 -21.32 -27.93 -3.37
C ILE B 69 -22.72 -28.53 -3.49
N ARG B 70 -22.94 -29.65 -2.84
CA ARG B 70 -24.26 -30.27 -2.79
C ARG B 70 -24.68 -30.36 -1.33
N ILE B 71 -25.94 -30.03 -1.04
CA ILE B 71 -26.36 -30.02 0.35
C ILE B 71 -27.85 -30.34 0.41
N ASN B 72 -28.24 -31.09 1.43
CA ASN B 72 -29.65 -31.30 1.74
C ASN B 72 -29.83 -31.05 3.23
N ASP B 73 -30.50 -29.94 3.53
CA ASP B 73 -30.75 -29.54 4.91
C ASP B 73 -31.53 -30.60 5.67
N SER B 74 -32.58 -31.12 5.05
CA SER B 74 -33.43 -32.07 5.76
C SER B 74 -32.69 -33.37 6.04
N GLN B 75 -31.92 -33.86 5.06
CA GLN B 75 -31.19 -35.12 5.20
C GLN B 75 -29.83 -34.94 5.84
N ASN B 76 -29.54 -33.76 6.37
CA ASN B 76 -28.36 -33.54 7.21
C ASN B 76 -27.09 -33.92 6.48
N SER B 77 -26.99 -33.58 5.18
CA SER B 77 -25.85 -34.05 4.40
C SER B 77 -25.25 -32.89 3.61
N VAL B 78 -23.94 -32.77 3.66
CA VAL B 78 -23.19 -31.77 2.90
C VAL B 78 -22.01 -32.42 2.20
N HIS B 79 -21.91 -32.20 0.89
CA HIS B 79 -20.82 -32.70 0.06
C HIS B 79 -20.09 -31.53 -0.59
N ILE B 80 -18.77 -31.50 -0.42
CA ILE B 80 -17.91 -30.44 -0.95
C ILE B 80 -16.90 -31.05 -1.90
N SER B 81 -16.84 -30.52 -3.11
CA SER B 81 -15.90 -30.94 -4.11
C SER B 81 -14.96 -29.78 -4.41
N PHE B 82 -13.68 -29.96 -4.14
CA PHE B 82 -12.71 -28.89 -4.32
C PHE B 82 -11.64 -29.30 -5.32
N THR B 83 -11.21 -28.36 -6.17
CA THR B 83 -10.27 -28.75 -7.20
C THR B 83 -8.93 -28.16 -6.78
N PRO B 84 -7.96 -28.95 -6.32
CA PRO B 84 -6.66 -28.35 -5.97
C PRO B 84 -5.94 -27.73 -7.17
N THR B 85 -5.13 -26.70 -6.91
CA THR B 85 -4.38 -26.04 -7.96
C THR B 85 -3.33 -27.00 -8.54
N ILE B 86 -3.54 -27.51 -9.75
CA ILE B 86 -2.66 -28.46 -10.45
C ILE B 86 -2.75 -29.89 -9.91
N PRO B 87 -2.59 -30.87 -10.81
CA PRO B 87 -2.77 -32.29 -10.42
C PRO B 87 -1.72 -32.87 -9.50
N HIS B 88 -0.51 -32.30 -9.44
CA HIS B 88 0.38 -32.96 -8.48
C HIS B 88 0.72 -32.05 -7.31
N CYS B 89 -0.22 -31.18 -6.96
CA CYS B 89 -0.10 -30.26 -5.84
C CYS B 89 -0.05 -31.14 -4.59
N SER B 90 1.00 -31.01 -3.78
CA SER B 90 1.13 -31.76 -2.52
C SER B 90 0.34 -31.15 -1.36
N MET B 91 -0.45 -30.08 -1.60
CA MET B 91 -1.24 -29.44 -0.56
C MET B 91 -2.72 -29.77 -0.60
N ALA B 92 -3.12 -30.72 -1.45
CA ALA B 92 -4.52 -31.05 -1.63
C ALA B 92 -5.15 -31.50 -0.30
N THR B 93 -4.43 -32.32 0.47
CA THR B 93 -4.97 -32.80 1.74
C THR B 93 -5.09 -31.65 2.73
N LEU B 94 -4.10 -30.75 2.78
CA LEU B 94 -4.17 -29.60 3.67
C LEU B 94 -5.33 -28.68 3.33
N ILE B 95 -5.55 -28.42 2.03
CA ILE B 95 -6.65 -27.56 1.61
C ILE B 95 -7.99 -28.17 2.00
N GLY B 96 -8.20 -29.44 1.67
CA GLY B 96 -9.42 -30.09 2.09
C GLY B 96 -9.57 -30.14 3.60
N LEU B 97 -8.46 -30.24 4.33
CA LEU B 97 -8.56 -30.25 5.79
C LEU B 97 -8.99 -28.90 6.33
N SER B 98 -8.50 -27.80 5.74
CA SER B 98 -8.94 -26.49 6.19
C SER B 98 -10.43 -26.31 5.91
N ILE B 99 -10.91 -26.87 4.79
CA ILE B 99 -12.34 -26.82 4.49
C ILE B 99 -13.11 -27.58 5.56
N ARG B 100 -12.59 -28.73 5.96
CA ARG B 100 -13.26 -29.53 6.97
C ARG B 100 -13.31 -28.79 8.29
N VAL B 101 -12.17 -28.23 8.73
CA VAL B 101 -12.12 -27.54 10.01
C VAL B 101 -13.11 -26.37 10.03
N LYS B 102 -13.15 -25.60 8.94
CA LYS B 102 -14.08 -24.47 8.87
C LYS B 102 -15.52 -24.96 9.00
N LEU B 103 -15.88 -26.01 8.25
CA LEU B 103 -17.25 -26.52 8.33
C LEU B 103 -17.52 -27.18 9.67
N LEU B 104 -16.52 -27.84 10.25
CA LEU B 104 -16.67 -28.45 11.57
C LEU B 104 -16.99 -27.42 12.63
N ARG B 105 -16.40 -26.22 12.52
CA ARG B 105 -16.67 -25.19 13.53
C ARG B 105 -17.93 -24.40 13.23
N SER B 106 -18.30 -24.26 11.95
CA SER B 106 -19.40 -23.38 11.53
C SER B 106 -20.73 -24.12 11.37
N LEU B 107 -20.72 -25.50 11.19
CA LEU B 107 -21.95 -26.26 10.91
C LEU B 107 -22.46 -26.98 12.16
N PRO B 108 -23.78 -27.17 12.23
CA PRO B 108 -24.36 -27.95 13.35
C PRO B 108 -23.84 -29.37 13.38
N PRO B 109 -23.71 -29.95 14.57
CA PRO B 109 -23.13 -31.30 14.63
C PRO B 109 -23.97 -32.34 13.91
N ARG B 110 -25.26 -32.06 13.64
CA ARG B 110 -26.07 -33.02 12.92
C ARG B 110 -25.64 -33.21 11.46
N PHE B 111 -24.90 -32.24 10.90
CA PHE B 111 -24.50 -32.29 9.50
C PHE B 111 -23.29 -33.17 9.30
N LYS B 112 -23.41 -34.09 8.37
CA LYS B 112 -22.34 -34.99 7.96
C LYS B 112 -21.67 -34.43 6.70
N VAL B 113 -20.42 -34.04 6.83
CA VAL B 113 -19.70 -33.34 5.77
C VAL B 113 -18.80 -34.33 5.04
N THR B 114 -18.86 -34.31 3.71
CA THR B 114 -17.96 -35.08 2.85
C THR B 114 -17.17 -34.10 1.98
N VAL B 115 -15.84 -34.15 2.07
CA VAL B 115 -14.96 -33.28 1.30
C VAL B 115 -14.09 -34.17 0.44
N GLU B 116 -14.27 -34.08 -0.88
CA GLU B 116 -13.54 -34.89 -1.82
C GLU B 116 -12.96 -34.02 -2.92
N ILE B 117 -11.89 -34.52 -3.54
CA ILE B 117 -11.33 -33.85 -4.71
C ILE B 117 -12.25 -34.04 -5.90
N THR B 118 -12.43 -32.98 -6.69
CA THR B 118 -13.23 -33.06 -7.91
C THR B 118 -12.69 -34.18 -8.80
N PRO B 119 -13.55 -35.08 -9.27
CA PRO B 119 -13.07 -36.27 -9.99
C PRO B 119 -12.23 -35.94 -11.21
N GLY B 120 -11.06 -36.60 -11.31
CA GLY B 120 -10.19 -36.44 -12.45
C GLY B 120 -9.31 -35.21 -12.37
N THR B 121 -9.35 -34.50 -11.25
CA THR B 121 -8.61 -33.26 -11.10
C THR B 121 -7.32 -33.39 -10.30
N HIS B 122 -7.02 -34.59 -9.80
CA HIS B 122 -5.80 -34.81 -9.05
C HIS B 122 -5.38 -36.26 -9.23
N ALA B 123 -4.07 -36.50 -9.25
CA ALA B 123 -3.54 -37.83 -9.51
C ALA B 123 -3.80 -38.78 -8.34
N SER B 124 -3.82 -38.26 -7.11
CA SER B 124 -3.99 -39.08 -5.92
C SER B 124 -5.33 -38.81 -5.24
N GLU B 125 -6.39 -38.61 -6.03
CA GLU B 125 -7.65 -38.17 -5.46
C GLU B 125 -8.24 -39.24 -4.54
N LEU B 126 -8.12 -40.52 -4.92
CA LEU B 126 -8.65 -41.59 -4.08
C LEU B 126 -7.99 -41.61 -2.70
N ALA B 127 -6.66 -41.49 -2.66
CA ALA B 127 -5.96 -41.51 -1.38
C ALA B 127 -6.29 -40.29 -0.53
N VAL B 128 -6.40 -39.11 -1.15
CA VAL B 128 -6.72 -37.90 -0.40
C VAL B 128 -8.13 -37.97 0.15
N ASN B 129 -9.08 -38.40 -0.67
CA ASN B 129 -10.46 -38.50 -0.22
C ASN B 129 -10.55 -39.46 0.96
N LYS B 130 -9.76 -40.54 0.93
CA LYS B 130 -9.82 -41.51 2.01
C LYS B 130 -9.27 -40.92 3.31
N GLN B 131 -8.23 -40.08 3.21
CA GLN B 131 -7.70 -39.45 4.42
C GLN B 131 -8.70 -38.48 5.01
N LEU B 132 -9.29 -37.63 4.17
CA LEU B 132 -10.24 -36.63 4.65
C LEU B 132 -11.52 -37.26 5.21
N ALA B 133 -11.89 -38.46 4.76
CA ALA B 133 -13.09 -39.11 5.28
C ALA B 133 -12.84 -39.87 6.59
N ASP B 134 -11.58 -40.08 6.97
CA ASP B 134 -11.25 -40.81 8.19
C ASP B 134 -11.27 -39.81 9.34
N LYS B 135 -12.35 -39.83 10.14
CA LYS B 135 -12.48 -38.83 11.20
C LYS B 135 -11.41 -39.00 12.29
N GLU B 136 -10.89 -40.21 12.48
CA GLU B 136 -9.86 -40.42 13.49
C GLU B 136 -8.55 -39.78 13.08
N ARG B 137 -8.16 -39.96 11.82
CA ARG B 137 -6.93 -39.34 11.35
C ARG B 137 -7.04 -37.82 11.26
N VAL B 138 -8.22 -37.30 10.89
CA VAL B 138 -8.44 -35.86 10.91
C VAL B 138 -8.28 -35.31 12.33
N ALA B 139 -8.86 -35.99 13.33
CA ALA B 139 -8.72 -35.53 14.70
C ALA B 139 -7.26 -35.54 15.15
N ALA B 140 -6.55 -36.66 14.86
CA ALA B 140 -5.14 -36.72 15.23
C ALA B 140 -4.33 -35.64 14.53
N ALA B 141 -4.69 -35.30 13.29
CA ALA B 141 -3.99 -34.25 12.57
C ALA B 141 -4.22 -32.90 13.23
N LEU B 142 -5.42 -32.67 13.79
CA LEU B 142 -5.69 -31.38 14.41
C LEU B 142 -4.94 -31.25 15.72
N GLU B 143 -4.48 -32.35 16.30
CA GLU B 143 -3.65 -32.23 17.50
C GLU B 143 -2.18 -31.88 17.20
N ASN B 144 -1.78 -31.76 15.94
CA ASN B 144 -0.48 -31.24 15.54
C ASN B 144 -0.52 -29.70 15.59
N ASN B 145 0.26 -29.10 16.50
CA ASN B 145 0.20 -27.66 16.71
C ASN B 145 0.61 -26.87 15.47
N HIS B 146 1.68 -27.29 14.78
CA HIS B 146 2.10 -26.58 13.57
C HIS B 146 1.03 -26.70 12.47
N LEU B 147 0.41 -27.87 12.37
CA LEU B 147 -0.61 -28.07 11.34
C LEU B 147 -1.86 -27.27 11.67
N ALA B 148 -2.28 -27.29 12.94
CA ALA B 148 -3.45 -26.54 13.32
C ALA B 148 -3.20 -25.05 13.19
N GLU B 149 -1.96 -24.61 13.39
CA GLU B 149 -1.67 -23.20 13.21
C GLU B 149 -1.80 -22.78 11.75
N VAL B 150 -1.30 -23.61 10.84
CA VAL B 150 -1.45 -23.25 9.42
C VAL B 150 -2.93 -23.26 9.03
N ILE B 151 -3.68 -24.22 9.53
CA ILE B 151 -5.11 -24.26 9.22
C ILE B 151 -5.79 -23.01 9.73
N ASN B 152 -5.50 -22.62 10.96
CA ASN B 152 -6.11 -21.42 11.51
C ASN B 152 -5.77 -20.18 10.70
N GLN B 153 -4.56 -20.13 10.14
CA GLN B 153 -4.19 -19.03 9.25
C GLN B 153 -5.05 -19.02 7.98
N CYS B 154 -5.37 -20.20 7.44
CA CYS B 154 -6.21 -20.27 6.25
C CYS B 154 -7.67 -19.96 6.56
N ILE B 155 -8.14 -20.36 7.74
CA ILE B 155 -9.53 -20.18 8.15
C ILE B 155 -9.79 -18.76 8.64
N ALA B 156 -8.73 -18.03 9.02
CA ALA B 156 -8.90 -16.69 9.56
C ALA B 156 -9.62 -15.80 8.56
N ALA B 157 -10.52 -14.95 9.05
CA ALA B 157 -11.31 -14.08 8.19
C ALA B 157 -10.78 -12.67 8.29
N LYS B 158 -10.31 -12.15 7.15
CA LYS B 158 -9.80 -10.81 7.03
C LYS B 158 -10.01 -10.28 5.60
N PRO C 17 40.96 38.37 51.13
CA PRO C 17 42.34 38.41 51.63
C PRO C 17 43.28 37.72 50.66
N MET C 18 44.50 38.26 50.49
CA MET C 18 45.44 37.65 49.57
C MET C 18 45.82 36.24 49.98
N GLY C 19 45.92 35.97 51.29
CA GLY C 19 46.20 34.61 51.71
C GLY C 19 45.14 33.64 51.26
N ALA C 20 43.87 34.03 51.41
CA ALA C 20 42.76 33.18 50.99
C ALA C 20 42.78 32.98 49.48
N LEU C 21 43.08 34.06 48.74
CA LEU C 21 43.11 33.97 47.28
C LEU C 21 44.21 33.03 46.79
N CYS C 22 45.40 33.12 47.41
CA CYS C 22 46.48 32.22 47.06
C CYS C 22 46.11 30.79 47.38
N GLY C 23 45.46 30.59 48.54
CA GLY C 23 45.03 29.25 48.92
C GLY C 23 44.04 28.67 47.92
N LEU C 24 43.05 29.48 47.50
CA LEU C 24 42.07 29.02 46.54
C LEU C 24 42.76 28.58 45.26
N VAL C 25 43.77 29.34 44.82
CA VAL C 25 44.55 28.93 43.65
C VAL C 25 45.09 27.54 43.86
N GLN C 26 45.86 27.35 44.95
CA GLN C 26 46.58 26.10 45.10
C GLN C 26 45.61 24.94 45.21
N ASP C 27 44.48 25.15 45.89
CA ASP C 27 43.49 24.09 46.03
C ASP C 27 42.94 23.68 44.67
N PHE C 28 42.64 24.68 43.82
CA PHE C 28 42.14 24.37 42.49
C PHE C 28 43.17 23.56 41.72
N VAL C 29 44.42 24.02 41.74
CA VAL C 29 45.47 23.37 40.98
C VAL C 29 45.64 21.92 41.43
N MET C 30 45.56 21.69 42.72
CA MET C 30 45.67 20.36 43.31
C MET C 30 44.48 19.47 43.03
N GLY C 31 43.39 19.99 42.48
CA GLY C 31 42.27 19.14 42.08
C GLY C 31 40.98 19.46 42.77
N GLN C 32 41.03 20.29 43.81
CA GLN C 32 39.84 20.75 44.52
C GLN C 32 39.34 21.97 43.76
N GLN C 33 38.88 21.70 42.55
CA GLN C 33 38.56 22.76 41.63
C GLN C 33 37.26 23.47 41.93
N GLU C 34 36.25 22.75 42.40
CA GLU C 34 34.89 23.30 42.32
C GLU C 34 34.69 24.43 43.32
N GLY C 35 35.22 24.21 44.53
CA GLY C 35 35.16 25.19 45.57
C GLY C 35 35.79 26.48 45.09
N PRO C 36 37.10 26.49 44.81
CA PRO C 36 37.74 27.68 44.22
C PRO C 36 37.05 28.24 42.98
N ALA C 37 36.51 27.43 42.07
CA ALA C 37 35.85 28.03 40.92
C ALA C 37 34.80 29.03 41.41
N ASP C 38 33.93 28.56 42.30
CA ASP C 38 32.90 29.48 42.77
C ASP C 38 33.41 30.45 43.83
N GLN C 39 34.39 30.07 44.65
CA GLN C 39 34.87 30.96 45.72
C GLN C 39 35.70 32.10 45.16
N VAL C 40 36.47 31.86 44.09
CA VAL C 40 37.13 32.96 43.42
C VAL C 40 36.09 33.86 42.80
N ALA C 41 35.08 33.26 42.17
CA ALA C 41 34.01 34.10 41.64
C ALA C 41 33.35 34.93 42.75
N ALA C 42 33.19 34.34 43.94
CA ALA C 42 32.61 35.06 45.07
C ALA C 42 33.49 36.22 45.49
N ASP C 43 34.80 35.97 45.58
CA ASP C 43 35.76 37.03 45.89
C ASP C 43 35.71 38.13 44.84
N VAL C 44 35.48 37.76 43.58
CA VAL C 44 35.31 38.76 42.54
C VAL C 44 34.09 39.61 42.82
N LYS C 45 32.97 38.94 43.07
CA LYS C 45 31.71 39.62 43.27
C LYS C 45 31.83 40.65 44.40
N SER C 46 32.56 40.30 45.46
CA SER C 46 32.74 41.27 46.54
C SER C 46 33.98 42.14 46.37
N GLY C 47 35.06 41.58 45.87
CA GLY C 47 36.30 42.33 45.84
C GLY C 47 36.66 42.91 44.50
N THR C 50 39.83 41.74 43.67
CA THR C 50 39.85 42.42 42.38
C THR C 50 40.44 41.56 41.24
N VAL C 51 40.16 42.01 40.01
CA VAL C 51 40.56 41.28 38.82
C VAL C 51 42.08 41.28 38.66
N LEU C 52 42.71 42.43 38.86
CA LEU C 52 44.16 42.50 38.63
C LEU C 52 44.93 41.70 39.66
N GLN C 53 44.43 41.56 40.88
CA GLN C 53 45.15 40.79 41.88
C GLN C 53 45.14 39.30 41.53
N VAL C 54 44.01 38.83 41.02
CA VAL C 54 43.95 37.40 40.73
C VAL C 54 44.75 37.11 39.48
N VAL C 55 44.76 38.00 38.49
CA VAL C 55 45.53 37.60 37.31
C VAL C 55 47.03 37.55 37.61
N GLU C 56 47.49 38.29 38.61
CA GLU C 56 48.89 38.25 38.96
C GLU C 56 49.20 37.01 39.78
N ALA C 57 48.26 36.58 40.62
CA ALA C 57 48.50 35.34 41.37
C ALA C 57 48.52 34.15 40.42
N LEU C 58 47.62 34.13 39.45
CA LEU C 58 47.57 33.04 38.49
C LEU C 58 48.77 33.05 37.53
N GLY C 59 49.31 34.24 37.23
CA GLY C 59 50.48 34.34 36.35
C GLY C 59 51.66 33.50 36.81
N SER C 60 51.84 33.36 38.12
CA SER C 60 52.96 32.57 38.62
C SER C 60 52.76 31.10 38.29
N SER C 61 51.57 30.57 38.59
CA SER C 61 51.28 29.17 38.33
C SER C 61 51.32 28.87 36.83
N LEU C 62 50.94 29.83 36.00
CA LEU C 62 50.96 29.60 34.56
C LEU C 62 52.37 29.67 33.98
N GLU C 63 53.30 30.34 34.66
CA GLU C 63 54.66 30.45 34.17
C GLU C 63 55.42 29.13 34.29
N ASN C 64 54.84 28.11 34.91
CA ASN C 64 55.50 26.81 35.07
C ASN C 64 55.61 26.04 33.75
N ALA C 65 56.75 25.36 33.59
CA ALA C 65 57.09 24.64 32.36
C ALA C 65 56.11 23.54 31.96
N GLU C 66 55.42 22.92 32.90
CA GLU C 66 54.53 21.81 32.54
C GLU C 66 53.31 22.30 31.77
N PRO C 67 52.95 21.66 30.64
CA PRO C 67 51.77 22.12 29.89
C PRO C 67 50.48 21.99 30.68
N ARG C 68 50.33 20.98 31.54
CA ARG C 68 49.09 20.85 32.30
C ARG C 68 49.00 21.89 33.39
N THR C 69 50.13 22.48 33.78
CA THR C 69 50.19 23.49 34.82
C THR C 69 49.80 24.85 34.26
N ARG C 70 49.97 25.02 32.96
CA ARG C 70 49.47 26.18 32.25
C ARG C 70 48.00 26.00 31.94
N ALA C 71 47.67 24.87 31.28
CA ALA C 71 46.30 24.60 30.87
C ALA C 71 45.33 24.65 32.05
N ARG C 72 45.71 24.14 33.23
CA ARG C 72 44.79 24.17 34.37
C ARG C 72 44.57 25.60 34.83
N GLY C 73 45.67 26.35 35.01
CA GLY C 73 45.54 27.74 35.38
C GLY C 73 44.64 28.49 34.43
N ALA C 74 44.91 28.37 33.13
CA ALA C 74 44.15 29.09 32.12
C ALA C 74 42.69 28.73 32.17
N GLN C 75 42.38 27.44 32.38
CA GLN C 75 40.98 27.03 32.44
C GLN C 75 40.30 27.63 33.67
N LEU C 76 40.99 27.70 34.82
CA LEU C 76 40.40 28.36 35.99
C LEU C 76 40.43 29.88 35.86
N LEU C 77 41.08 30.39 34.83
CA LEU C 77 41.01 31.82 34.62
C LEU C 77 39.78 32.16 33.84
N SER C 78 39.57 31.34 32.84
CA SER C 78 38.44 31.51 31.96
C SER C 78 37.16 31.22 32.71
N GLN C 79 37.17 30.23 33.58
CA GLN C 79 35.98 29.92 34.36
C GLN C 79 35.60 31.12 35.22
N VAL C 80 36.60 31.90 35.63
CA VAL C 80 36.36 33.11 36.38
C VAL C 80 35.82 34.21 35.48
N LEU C 81 36.58 34.53 34.44
CA LEU C 81 36.20 35.53 33.46
C LEU C 81 34.80 35.29 32.90
N LEU C 82 34.36 34.03 32.86
CA LEU C 82 33.03 33.73 32.33
C LEU C 82 31.94 34.17 33.29
N GLN C 83 32.19 34.05 34.59
CA GLN C 83 31.22 34.47 35.59
C GLN C 83 31.27 35.99 35.78
N CYS C 84 32.45 36.58 35.63
CA CYS C 84 32.60 38.02 35.81
C CYS C 84 31.97 38.81 34.67
N HIS C 85 32.22 38.38 33.43
CA HIS C 85 31.56 38.89 32.23
C HIS C 85 31.68 40.42 32.12
N SER C 86 30.59 41.13 31.83
CA SER C 86 30.50 42.58 31.70
C SER C 86 31.35 43.39 32.67
N LEU C 87 31.29 43.08 33.95
CA LEU C 87 31.96 43.88 34.97
C LEU C 87 33.48 43.68 34.85
N LEU C 88 34.05 44.39 33.87
CA LEU C 88 35.48 44.33 33.57
C LEU C 88 35.85 45.65 32.92
N SER C 89 36.94 46.25 33.37
CA SER C 89 37.35 47.54 32.85
C SER C 89 37.86 47.45 31.42
N GLU C 90 37.71 48.57 30.69
CA GLU C 90 38.22 48.63 29.32
C GLU C 90 39.73 48.43 29.30
N LYS C 91 40.43 49.04 30.28
CA LYS C 91 41.87 48.89 30.42
C LYS C 91 42.25 47.48 30.83
N GLU C 92 41.27 46.69 31.30
CA GLU C 92 41.51 45.30 31.64
C GLU C 92 41.20 44.41 30.45
N VAL C 93 40.09 44.71 29.77
CA VAL C 93 39.70 43.95 28.59
C VAL C 93 40.83 43.94 27.57
N VAL C 94 41.45 45.08 27.31
CA VAL C 94 42.53 45.11 26.32
C VAL C 94 43.68 44.21 26.77
N HIS C 95 44.14 44.40 28.01
CA HIS C 95 45.27 43.64 28.52
C HIS C 95 45.00 42.14 28.44
N LEU C 96 43.79 41.74 28.86
CA LEU C 96 43.42 40.33 28.88
C LEU C 96 43.42 39.74 27.48
N ILE C 97 42.79 40.44 26.54
CA ILE C 97 42.74 39.93 25.17
C ILE C 97 44.16 39.79 24.61
N LEU C 98 45.05 40.73 24.95
CA LEU C 98 46.43 40.64 24.46
C LEU C 98 47.14 39.42 25.04
N PHE C 99 47.03 39.23 26.36
CA PHE C 99 47.65 38.10 27.03
C PHE C 99 47.15 36.80 26.42
N TYR C 100 45.85 36.71 26.19
CA TYR C 100 45.28 35.51 25.60
C TYR C 100 45.86 35.24 24.22
N GLU C 101 46.01 36.29 23.41
CA GLU C 101 46.57 36.09 22.08
C GLU C 101 48.00 35.55 22.16
N ASN C 102 48.81 36.14 23.04
CA ASN C 102 50.20 35.70 23.15
C ASN C 102 50.28 34.26 23.65
N ARG C 103 49.49 33.91 24.65
CA ARG C 103 49.54 32.57 25.21
C ARG C 103 49.01 31.52 24.24
N LEU C 104 48.04 31.90 23.39
CA LEU C 104 47.53 30.93 22.42
C LEU C 104 48.54 30.74 21.31
N LYS C 105 49.26 31.80 20.95
CA LYS C 105 50.30 31.71 19.94
C LYS C 105 51.41 30.77 20.42
N ASP C 106 51.81 30.89 21.69
CA ASP C 106 52.90 30.04 22.20
C ASP C 106 52.48 28.63 22.60
N HIS C 107 51.20 28.34 22.84
CA HIS C 107 50.86 27.09 23.50
C HIS C 107 50.16 26.04 22.64
N HIS C 108 50.47 24.79 22.98
CA HIS C 108 49.90 23.60 22.35
C HIS C 108 49.11 22.82 23.38
N LEU C 109 47.87 22.48 23.04
CA LEU C 109 46.90 21.79 23.89
C LEU C 109 46.54 22.62 25.12
N VAL C 110 46.99 23.87 25.17
CA VAL C 110 46.58 24.83 26.18
C VAL C 110 45.55 25.75 25.56
N VAL C 111 45.53 25.85 24.24
CA VAL C 111 44.60 26.65 23.43
C VAL C 111 43.14 26.45 23.79
N PRO C 112 42.64 25.26 24.17
CA PRO C 112 41.21 25.19 24.49
C PRO C 112 40.85 26.05 25.67
N SER C 113 41.71 26.06 26.67
CA SER C 113 41.49 26.86 27.86
C SER C 113 41.53 28.34 27.49
N VAL C 114 42.37 28.67 26.51
CA VAL C 114 42.49 30.04 26.05
C VAL C 114 41.23 30.49 25.32
N LEU C 115 40.75 29.66 24.39
CA LEU C 115 39.58 30.01 23.63
C LEU C 115 38.34 30.11 24.51
N GLN C 116 38.33 29.45 25.65
CA GLN C 116 37.18 29.64 26.53
C GLN C 116 37.23 31.03 27.15
N GLY C 117 38.42 31.53 27.40
CA GLY C 117 38.59 32.86 27.95
C GLY C 117 38.32 33.93 26.91
N LEU C 118 38.64 33.62 25.67
CA LEU C 118 38.33 34.56 24.60
C LEU C 118 36.83 34.64 24.41
N ARG C 119 36.13 33.51 24.52
CA ARG C 119 34.68 33.55 24.49
C ARG C 119 34.16 34.43 25.62
N ALA C 120 34.75 34.29 26.81
CA ALA C 120 34.34 35.16 27.91
C ALA C 120 34.59 36.62 27.58
N LEU C 121 35.76 36.93 27.01
CA LEU C 121 36.12 38.30 26.65
C LEU C 121 35.32 38.82 25.47
N SER C 122 34.70 37.94 24.69
CA SER C 122 33.93 38.38 23.54
C SER C 122 32.50 38.74 23.92
N MET C 123 32.11 38.45 25.15
CA MET C 123 30.75 38.71 25.60
C MET C 123 30.64 40.06 26.30
N SER C 124 31.76 40.70 26.62
CA SER C 124 31.76 42.06 27.15
C SER C 124 31.56 43.04 26.00
N VAL C 125 31.19 44.28 26.33
CA VAL C 125 30.89 45.28 25.33
C VAL C 125 31.76 46.52 25.44
N ALA C 126 32.56 46.66 26.50
CA ALA C 126 33.36 47.87 26.68
C ALA C 126 34.75 47.78 26.05
N LEU C 127 34.89 47.20 24.84
CA LEU C 127 36.20 47.07 24.19
C LEU C 127 36.35 48.01 22.99
N PRO C 128 37.57 48.48 22.71
CA PRO C 128 37.80 49.33 21.53
C PRO C 128 37.48 48.61 20.24
N PRO C 129 37.25 49.35 19.14
CA PRO C 129 36.90 48.67 17.87
C PRO C 129 37.99 47.77 17.30
N GLY C 130 39.21 48.31 17.16
CA GLY C 130 40.31 47.52 16.67
C GLY C 130 40.51 46.26 17.47
N LEU C 131 40.40 46.38 18.79
CA LEU C 131 40.59 45.21 19.64
C LEU C 131 39.61 44.11 19.27
N ALA C 132 38.33 44.47 19.12
CA ALA C 132 37.34 43.45 18.82
C ALA C 132 37.65 42.77 17.52
N VAL C 133 38.02 43.55 16.50
CA VAL C 133 38.30 42.95 15.19
C VAL C 133 39.50 42.01 15.27
N SER C 134 40.55 42.42 15.97
CA SER C 134 41.74 41.59 16.07
C SER C 134 41.51 40.36 16.94
N VAL C 135 40.52 40.41 17.84
CA VAL C 135 40.31 39.30 18.77
C VAL C 135 40.11 38.01 18.01
N LEU C 136 39.23 38.02 17.01
CA LEU C 136 38.93 36.89 16.13
C LEU C 136 39.89 36.77 14.97
N LYS C 137 40.33 37.91 14.41
CA LYS C 137 41.27 37.81 13.30
C LYS C 137 42.47 36.99 13.73
N ALA C 138 42.99 37.27 14.92
CA ALA C 138 44.15 36.53 15.41
C ALA C 138 43.80 35.06 15.67
N ILE C 139 42.61 34.75 16.19
CA ILE C 139 42.35 33.34 16.42
C ILE C 139 42.24 32.59 15.11
N PHE C 140 41.61 33.16 14.07
CA PHE C 140 41.59 32.26 12.91
C PHE C 140 42.90 32.30 12.12
N GLN C 141 43.72 33.34 12.28
CA GLN C 141 45.04 33.26 11.68
C GLN C 141 45.96 32.28 12.42
N GLU C 142 45.72 32.05 13.72
CA GLU C 142 46.61 31.19 14.51
C GLU C 142 46.11 29.76 14.68
N VAL C 143 44.95 29.55 15.32
CA VAL C 143 44.52 28.17 15.58
C VAL C 143 43.83 27.56 14.37
N HIS C 144 44.17 26.30 14.12
CA HIS C 144 43.57 25.45 13.08
C HIS C 144 42.31 24.82 13.67
N VAL C 145 41.16 25.19 13.13
CA VAL C 145 39.88 24.77 13.71
C VAL C 145 39.69 23.25 13.62
N GLN C 146 39.93 22.67 12.44
CA GLN C 146 39.68 21.24 12.25
C GLN C 146 40.46 20.37 13.22
N SER C 147 41.70 20.74 13.54
CA SER C 147 42.49 19.95 14.47
C SER C 147 41.87 19.94 15.87
N LEU C 148 41.28 21.06 16.29
CA LEU C 148 40.66 21.20 17.61
C LEU C 148 39.48 20.24 17.81
N LEU C 149 39.20 19.99 19.09
CA LEU C 149 38.12 19.15 19.58
C LEU C 149 36.75 19.75 19.26
N GLN C 150 35.74 18.86 19.30
CA GLN C 150 34.35 19.24 18.99
C GLN C 150 33.84 20.34 19.93
N VAL C 151 34.05 20.15 21.24
CA VAL C 151 33.59 21.12 22.21
C VAL C 151 34.31 22.46 22.02
N ASP C 152 35.60 22.41 21.76
CA ASP C 152 36.37 23.62 21.54
C ASP C 152 35.95 24.32 20.26
N ARG C 153 35.67 23.55 19.20
CA ARG C 153 35.13 24.16 17.99
C ARG C 153 33.84 24.90 18.29
N HIS C 154 33.03 24.34 19.19
CA HIS C 154 31.80 25.04 19.58
C HIS C 154 32.12 26.36 20.22
N THR C 155 33.18 26.42 21.03
CA THR C 155 33.52 27.70 21.63
C THR C 155 34.02 28.70 20.58
N VAL C 156 34.79 28.24 19.59
CA VAL C 156 35.29 29.14 18.55
C VAL C 156 34.14 29.73 17.73
N PHE C 157 33.22 28.86 17.32
CA PHE C 157 32.07 29.30 16.55
C PHE C 157 31.23 30.30 17.35
N SER C 158 31.01 30.01 18.63
CA SER C 158 30.24 30.95 19.43
C SER C 158 30.99 32.26 19.64
N ILE C 159 32.32 32.27 19.61
CA ILE C 159 33.00 33.57 19.67
C ILE C 159 32.63 34.37 18.44
N ILE C 160 32.56 33.70 17.29
CA ILE C 160 32.16 34.41 16.08
C ILE C 160 30.76 34.97 16.23
N THR C 161 29.78 34.11 16.52
CA THR C 161 28.41 34.58 16.68
C THR C 161 28.29 35.72 17.69
N ASN C 162 29.16 35.71 18.71
CA ASN C 162 29.15 36.78 19.70
C ASN C 162 29.52 38.10 19.04
N PHE C 163 30.64 38.12 18.35
CA PHE C 163 31.04 39.36 17.68
C PHE C 163 30.10 39.73 16.54
N MET C 164 29.42 38.73 15.96
CA MET C 164 28.45 38.94 14.91
C MET C 164 27.18 39.58 15.44
N ARG C 165 27.06 39.64 16.75
CA ARG C 165 25.95 40.30 17.41
C ARG C 165 26.39 41.64 17.98
N SER C 166 27.43 41.63 18.81
CA SER C 166 27.90 42.83 19.48
C SER C 166 28.41 43.90 18.52
N ARG C 167 29.25 43.52 17.55
CA ARG C 167 29.87 44.51 16.66
C ARG C 167 29.79 44.11 15.20
N GLU C 168 28.68 44.49 14.55
CA GLU C 168 28.58 44.25 13.13
C GLU C 168 29.37 45.27 12.33
N GLU C 169 29.32 46.55 12.72
CA GLU C 169 30.00 47.58 11.94
C GLU C 169 31.49 47.31 11.81
N GLU C 170 32.11 46.73 12.84
CA GLU C 170 33.53 46.43 12.78
C GLU C 170 33.80 45.25 11.86
N LEU C 171 33.06 44.15 12.05
CA LEU C 171 33.24 42.95 11.23
C LEU C 171 32.91 43.24 9.78
N LYS C 172 31.97 44.14 9.53
CA LYS C 172 31.65 44.53 8.16
C LYS C 172 32.75 45.40 7.61
N GLY C 173 33.27 46.31 8.43
CA GLY C 173 34.39 47.13 8.03
C GLY C 173 35.63 46.34 7.69
N LEU C 174 35.71 45.10 8.17
CA LEU C 174 36.85 44.24 7.88
C LEU C 174 36.91 43.84 6.42
N GLY C 175 35.81 43.98 5.69
CA GLY C 175 35.77 43.60 4.29
C GLY C 175 35.42 42.14 4.08
N ALA C 176 35.80 41.65 2.89
CA ALA C 176 35.50 40.28 2.52
C ALA C 176 36.49 39.29 3.13
N ASP C 177 37.64 39.76 3.59
CA ASP C 177 38.60 38.85 4.19
C ASP C 177 38.06 38.26 5.50
N PHE C 178 37.00 38.83 6.06
CA PHE C 178 36.37 38.21 7.22
C PHE C 178 35.55 37.01 6.80
N THR C 179 34.74 37.18 5.76
CA THR C 179 34.00 36.04 5.26
C THR C 179 34.94 34.96 4.77
N PHE C 180 36.04 35.33 4.11
CA PHE C 180 37.01 34.33 3.67
C PHE C 180 37.64 33.59 4.85
N GLY C 181 38.06 34.32 5.88
CA GLY C 181 38.59 33.67 7.05
C GLY C 181 37.60 32.71 7.65
N PHE C 182 36.35 33.16 7.80
CA PHE C 182 35.34 32.26 8.31
C PHE C 182 35.14 31.07 7.39
N ILE C 183 35.22 31.30 6.07
CA ILE C 183 35.08 30.22 5.12
C ILE C 183 36.03 29.11 5.49
N GLN C 184 37.27 29.46 5.79
CA GLN C 184 38.19 28.42 6.21
C GLN C 184 37.95 27.90 7.63
N VAL C 185 37.46 28.69 8.59
CA VAL C 185 37.24 28.06 9.89
C VAL C 185 36.16 26.97 9.80
N MET C 186 35.15 27.16 8.95
CA MET C 186 34.04 26.22 8.86
C MET C 186 34.20 25.22 7.72
N ASP C 187 35.37 25.16 7.09
CA ASP C 187 35.62 24.22 6.00
C ASP C 187 35.33 22.80 6.43
N GLY C 188 35.95 22.40 7.53
CA GLY C 188 35.75 21.06 8.00
C GLY C 188 35.20 21.11 9.40
N GLU C 189 33.94 20.73 9.50
CA GLU C 189 33.24 20.67 10.77
C GLU C 189 32.11 19.67 10.68
N LYS C 190 32.24 18.53 11.34
CA LYS C 190 31.22 17.49 11.31
C LYS C 190 30.19 17.54 12.43
N ASP C 191 30.38 18.31 13.49
CA ASP C 191 29.39 18.18 14.53
C ASP C 191 28.11 18.92 14.17
N PRO C 192 26.96 18.36 14.52
CA PRO C 192 25.67 18.99 14.24
C PRO C 192 25.45 20.26 15.07
N ARG C 193 25.80 20.20 16.36
CA ARG C 193 25.69 21.32 17.28
C ARG C 193 26.38 22.58 16.76
N ASN C 194 27.64 22.46 16.32
CA ASN C 194 28.28 23.63 15.74
C ASN C 194 27.80 23.85 14.32
N LEU C 195 27.44 22.78 13.57
CA LEU C 195 26.98 22.98 12.19
C LEU C 195 25.83 23.99 12.11
N LEU C 196 24.87 23.88 13.02
CA LEU C 196 23.78 24.84 12.98
C LEU C 196 24.32 26.25 13.25
N LEU C 197 25.31 26.36 14.10
CA LEU C 197 25.92 27.64 14.44
C LEU C 197 26.58 28.24 13.21
N ALA C 198 27.32 27.40 12.51
CA ALA C 198 28.02 27.82 11.31
C ALA C 198 27.06 28.21 10.21
N PHE C 199 25.95 27.50 10.10
CA PHE C 199 24.93 27.87 9.14
C PHE C 199 24.36 29.23 9.49
N ARG C 200 24.09 29.47 10.77
CA ARG C 200 23.61 30.78 11.19
C ARG C 200 24.58 31.86 10.77
N ILE C 201 25.87 31.67 11.05
CA ILE C 201 26.87 32.66 10.67
C ILE C 201 26.81 32.94 9.17
N VAL C 202 26.70 31.89 8.36
CA VAL C 202 26.60 32.06 6.91
C VAL C 202 25.32 32.83 6.54
N HIS C 203 24.18 32.40 7.09
CA HIS C 203 22.89 33.02 6.81
C HIS C 203 22.89 34.49 7.21
N ASP C 204 23.56 34.84 8.29
CA ASP C 204 23.64 36.23 8.70
C ASP C 204 24.60 37.02 7.84
N LEU C 205 25.66 36.36 7.34
CA LEU C 205 26.54 37.00 6.39
C LEU C 205 25.80 37.37 5.12
N ILE C 206 24.74 36.62 4.84
CA ILE C 206 23.93 36.89 3.66
C ILE C 206 22.79 37.85 3.97
N SER C 207 22.04 37.57 5.04
CA SER C 207 20.91 38.38 5.47
C SER C 207 21.35 39.81 5.71
N LYS C 208 22.34 40.00 6.55
CA LYS C 208 22.91 41.33 6.68
C LYS C 208 23.81 41.55 5.48
N ASP C 209 23.90 42.80 5.02
CA ASP C 209 24.67 43.09 3.81
C ASP C 209 26.16 43.04 4.09
N TYR C 210 26.65 41.83 4.40
CA TYR C 210 28.07 41.65 4.61
C TYR C 210 28.75 41.61 3.25
N SER C 211 29.94 42.20 3.16
CA SER C 211 30.63 42.28 1.88
C SER C 211 31.28 40.95 1.54
N LEU C 212 30.68 40.21 0.59
CA LEU C 212 31.26 38.98 0.05
C LEU C 212 32.06 39.39 -1.20
N GLY C 213 33.34 39.02 -1.26
CA GLY C 213 34.15 39.36 -2.41
C GLY C 213 34.04 38.32 -3.52
N PRO C 214 35.18 37.88 -4.03
CA PRO C 214 35.16 36.80 -5.04
C PRO C 214 34.84 35.46 -4.41
N PHE C 215 34.40 35.52 -3.15
CA PHE C 215 34.17 34.36 -2.30
C PHE C 215 32.74 33.84 -2.32
N VAL C 216 31.89 34.36 -3.21
CA VAL C 216 30.54 33.82 -3.34
C VAL C 216 30.63 32.32 -3.62
N GLU C 217 31.52 31.96 -4.54
CA GLU C 217 31.79 30.58 -4.90
C GLU C 217 32.25 29.79 -3.66
N GLU C 218 33.24 30.36 -2.95
CA GLU C 218 33.89 29.74 -1.80
C GLU C 218 32.94 29.53 -0.64
N LEU C 219 31.98 30.40 -0.56
CA LEU C 219 31.04 30.37 0.54
C LEU C 219 30.03 29.29 0.28
N PHE C 220 29.53 29.26 -0.95
CA PHE C 220 28.63 28.20 -1.33
C PHE C 220 29.32 26.85 -1.30
N GLU C 221 30.63 26.78 -1.58
CA GLU C 221 31.34 25.50 -1.68
C GLU C 221 31.22 24.72 -0.39
N VAL C 222 31.56 25.37 0.74
CA VAL C 222 31.58 24.66 2.03
C VAL C 222 30.19 24.22 2.41
N THR C 223 29.20 25.10 2.24
CA THR C 223 27.83 24.75 2.61
C THR C 223 27.28 23.64 1.72
N SER C 224 27.59 23.71 0.43
CA SER C 224 27.01 22.82 -0.56
C SER C 224 27.40 21.37 -0.34
N CYS C 225 28.63 21.13 0.09
CA CYS C 225 29.04 19.73 0.15
C CYS C 225 28.16 18.89 1.10
N TYR C 226 27.84 19.40 2.31
CA TYR C 226 27.16 18.58 3.33
C TYR C 226 25.84 17.99 2.83
N PHE C 227 24.93 18.86 2.42
CA PHE C 227 23.61 18.60 1.86
C PHE C 227 22.81 17.38 2.43
N PRO C 228 22.51 16.26 1.72
CA PRO C 228 21.36 15.46 2.20
C PRO C 228 21.56 14.58 3.44
N ILE C 229 22.75 14.00 3.70
CA ILE C 229 22.84 12.86 4.63
C ILE C 229 22.19 13.16 5.97
N ASP C 230 21.42 12.21 6.46
CA ASP C 230 20.72 12.33 7.71
C ASP C 230 21.26 11.23 8.63
N PHE C 231 21.30 11.50 9.94
CA PHE C 231 21.92 10.57 10.89
C PHE C 231 21.40 10.78 12.31
N THR C 232 21.65 9.80 13.17
CA THR C 232 21.36 9.93 14.60
C THR C 232 22.52 9.34 15.40
N PRO C 233 22.80 9.89 16.58
CA PRO C 233 23.96 9.43 17.36
C PRO C 233 23.60 8.44 18.45
N PRO C 234 24.28 7.31 18.50
CA PRO C 234 23.98 6.26 19.50
C PRO C 234 24.21 6.68 20.94
N PRO C 235 25.27 7.43 21.29
CA PRO C 235 25.43 7.78 22.72
C PRO C 235 24.44 8.82 23.22
N ASN C 236 24.13 9.84 22.42
CA ASN C 236 23.20 10.91 22.81
C ASN C 236 22.13 11.09 21.73
N ASP C 237 20.96 10.47 21.91
CA ASP C 237 19.93 10.52 20.87
C ASP C 237 19.05 11.78 20.88
N PRO C 238 18.38 12.17 21.98
CA PRO C 238 17.59 13.41 21.92
C PRO C 238 18.46 14.67 21.99
N TYR C 239 19.54 14.61 22.77
CA TYR C 239 20.50 15.71 22.81
C TYR C 239 20.97 16.06 21.41
N GLY C 240 21.34 15.04 20.65
CA GLY C 240 21.72 15.19 19.26
C GLY C 240 20.54 15.70 18.47
N ILE C 241 20.62 16.98 18.10
CA ILE C 241 19.57 17.63 17.34
C ILE C 241 19.31 16.87 16.05
N GLN C 242 18.07 16.36 15.89
CA GLN C 242 17.62 15.48 14.81
C GLN C 242 17.85 15.97 13.37
N ARG C 243 17.63 15.06 12.42
CA ARG C 243 17.94 15.30 11.01
C ARG C 243 17.18 16.48 10.41
N GLU C 244 15.85 16.47 10.46
CA GLU C 244 15.10 17.56 9.83
C GLU C 244 15.46 18.92 10.42
N ASP C 245 16.03 18.96 11.62
CA ASP C 245 16.47 20.24 12.15
C ASP C 245 17.61 20.80 11.28
N LEU C 246 18.54 19.92 10.91
CA LEU C 246 19.68 20.32 10.09
C LEU C 246 19.27 20.57 8.65
N ILE C 247 18.46 19.67 8.10
CA ILE C 247 18.01 19.84 6.72
C ILE C 247 17.27 21.17 6.55
N LEU C 248 16.53 21.59 7.58
CA LEU C 248 15.82 22.85 7.48
C LEU C 248 16.78 24.04 7.60
N SER C 249 17.77 23.96 8.50
CA SER C 249 18.68 25.10 8.59
C SER C 249 19.45 25.29 7.28
N LEU C 250 19.77 24.19 6.59
CA LEU C 250 20.49 24.34 5.32
C LEU C 250 19.59 24.92 4.25
N ARG C 251 18.32 24.49 4.22
CA ARG C 251 17.40 25.12 3.26
C ARG C 251 17.41 26.62 3.45
N ALA C 252 17.31 27.05 4.71
CA ALA C 252 17.35 28.48 5.03
C ALA C 252 18.57 29.18 4.42
N VAL C 253 19.76 28.56 4.53
CA VAL C 253 20.91 29.30 4.00
C VAL C 253 21.00 29.19 2.47
N LEU C 254 20.75 28.01 1.92
CA LEU C 254 20.91 27.82 0.48
C LEU C 254 19.82 28.51 -0.33
N ALA C 255 18.74 28.92 0.30
CA ALA C 255 17.67 29.62 -0.40
C ALA C 255 17.63 31.10 -0.05
N SER C 256 18.55 31.59 0.78
CA SER C 256 18.49 32.98 1.19
C SER C 256 18.92 33.95 0.09
N THR C 257 19.77 33.53 -0.84
CA THR C 257 20.22 34.49 -1.84
C THR C 257 20.06 33.98 -3.25
N PRO C 258 19.78 34.86 -4.21
CA PRO C 258 19.87 34.47 -5.62
C PRO C 258 21.31 34.51 -6.09
N ARG C 259 22.20 34.95 -5.20
CA ARG C 259 23.62 34.96 -5.45
C ARG C 259 24.14 33.54 -5.52
N PHE C 260 23.34 32.58 -5.08
CA PHE C 260 23.65 31.16 -5.10
C PHE C 260 23.03 30.45 -6.28
N ALA C 261 22.18 31.13 -7.05
CA ALA C 261 21.41 30.45 -8.10
C ALA C 261 22.30 29.64 -9.02
N GLU C 262 23.27 30.31 -9.68
CA GLU C 262 24.15 29.68 -10.67
C GLU C 262 24.93 28.51 -10.09
N PHE C 263 24.76 28.29 -8.81
CA PHE C 263 25.43 27.21 -8.10
C PHE C 263 24.46 26.20 -7.53
N LEU C 264 23.34 26.64 -6.97
CA LEU C 264 22.43 25.70 -6.30
C LEU C 264 21.61 24.89 -7.29
N LEU C 265 21.04 25.55 -8.30
CA LEU C 265 20.23 24.83 -9.29
C LEU C 265 21.01 23.67 -9.90
N PRO C 266 22.27 23.80 -10.33
CA PRO C 266 22.99 22.60 -10.80
C PRO C 266 23.14 21.56 -9.72
N LEU C 267 23.25 21.98 -8.47
CA LEU C 267 23.35 20.98 -7.41
C LEU C 267 22.02 20.26 -7.25
N LEU C 268 20.91 21.00 -7.21
CA LEU C 268 19.63 20.35 -6.97
C LEU C 268 19.28 19.42 -8.13
N ILE C 269 19.61 19.81 -9.37
CA ILE C 269 19.36 18.89 -10.48
C ILE C 269 20.19 17.64 -10.27
N GLU C 270 21.47 17.83 -9.92
CA GLU C 270 22.35 16.71 -9.62
C GLU C 270 21.71 15.82 -8.56
N LYS C 271 21.13 16.43 -7.55
CA LYS C 271 20.51 15.65 -6.49
C LYS C 271 19.21 14.99 -6.94
N VAL C 272 18.38 15.69 -7.70
CA VAL C 272 17.10 15.11 -8.09
C VAL C 272 17.29 13.89 -8.99
N ASP C 273 18.28 13.92 -9.86
CA ASP C 273 18.51 12.82 -10.80
C ASP C 273 19.18 11.62 -10.15
N SER C 274 19.74 11.76 -8.95
CA SER C 274 20.31 10.64 -8.22
C SER C 274 19.21 9.70 -7.72
N GLU C 275 19.49 8.41 -7.67
CA GLU C 275 18.43 7.46 -7.35
C GLU C 275 18.12 7.32 -5.85
N ILE C 276 18.72 8.08 -4.93
CA ILE C 276 18.36 8.00 -3.52
C ILE C 276 17.09 8.81 -3.28
N LEU C 277 16.08 8.18 -2.67
CA LEU C 277 14.77 8.84 -2.52
C LEU C 277 14.82 10.00 -1.53
N SER C 278 15.56 9.86 -0.43
CA SER C 278 15.61 10.96 0.54
C SER C 278 16.17 12.21 -0.11
N ALA C 279 17.19 12.04 -0.95
CA ALA C 279 17.78 13.15 -1.69
C ALA C 279 16.78 13.74 -2.67
N LYS C 280 16.12 12.87 -3.46
CA LYS C 280 15.11 13.32 -4.40
C LYS C 280 14.13 14.25 -3.71
N LEU C 281 13.80 13.95 -2.46
CA LEU C 281 12.85 14.79 -1.74
C LEU C 281 13.48 16.13 -1.36
N ASP C 282 14.55 16.11 -0.55
CA ASP C 282 15.11 17.37 -0.08
C ASP C 282 15.38 18.34 -1.22
N SER C 283 15.83 17.84 -2.37
CA SER C 283 16.14 18.75 -3.46
C SER C 283 14.91 19.50 -3.95
N LEU C 284 13.77 18.83 -4.03
CA LEU C 284 12.58 19.53 -4.51
C LEU C 284 12.00 20.43 -3.43
N GLN C 285 12.07 20.00 -2.18
CA GLN C 285 11.61 20.83 -1.08
C GLN C 285 12.42 22.12 -1.05
N THR C 286 13.73 22.03 -1.30
CA THR C 286 14.55 23.24 -1.38
C THR C 286 14.19 24.04 -2.61
N LEU C 287 14.08 23.38 -3.76
CA LEU C 287 13.72 24.07 -4.99
C LEU C 287 12.47 24.91 -4.80
N ASN C 288 11.45 24.34 -4.15
CA ASN C 288 10.24 25.08 -3.85
C ASN C 288 10.53 26.24 -2.92
N ALA C 289 11.46 26.06 -1.99
CA ALA C 289 11.77 27.19 -1.11
C ALA C 289 12.57 28.27 -1.86
N CYS C 290 13.35 27.87 -2.86
CA CYS C 290 14.15 28.81 -3.64
C CYS C 290 13.27 29.67 -4.53
N CYS C 291 12.34 29.02 -5.24
CA CYS C 291 11.42 29.71 -6.13
C CYS C 291 10.70 30.86 -5.44
N ALA C 292 10.71 30.88 -4.11
CA ALA C 292 10.10 32.00 -3.41
C ALA C 292 10.98 33.24 -3.46
N VAL C 293 12.27 33.10 -3.78
CA VAL C 293 13.17 34.23 -3.78
C VAL C 293 14.08 34.25 -5.01
N TYR C 294 13.71 33.52 -6.04
CA TYR C 294 14.41 33.55 -7.32
C TYR C 294 13.50 34.37 -8.29
N GLY C 295 13.83 34.35 -9.59
CA GLY C 295 13.15 35.12 -10.62
C GLY C 295 13.48 34.58 -11.99
N GLN C 296 13.25 35.42 -13.02
CA GLN C 296 13.51 35.08 -14.42
C GLN C 296 14.98 34.74 -14.74
N LYS C 297 15.91 35.68 -14.46
CA LYS C 297 17.30 35.58 -14.97
C LYS C 297 18.15 34.48 -14.33
N GLU C 298 18.10 34.32 -12.99
CA GLU C 298 18.99 33.35 -12.34
C GLU C 298 18.70 31.92 -12.77
N LEU C 299 17.43 31.57 -12.97
CA LEU C 299 17.12 30.21 -13.43
C LEU C 299 16.99 30.10 -14.95
N LYS C 300 17.12 31.21 -15.70
CA LYS C 300 16.92 31.18 -17.14
C LYS C 300 17.87 30.21 -17.84
N ASP C 301 19.12 30.14 -17.40
CA ASP C 301 20.08 29.31 -18.14
C ASP C 301 19.78 27.84 -17.96
N PHE C 302 19.36 27.44 -16.76
CA PHE C 302 19.10 26.05 -16.46
C PHE C 302 17.63 25.74 -16.49
N LEU C 303 16.79 26.66 -16.96
CA LEU C 303 15.36 26.40 -16.95
C LEU C 303 14.97 25.19 -17.80
N PRO C 304 15.54 24.95 -19.01
CA PRO C 304 15.07 23.78 -19.78
C PRO C 304 15.37 22.45 -19.12
N SER C 305 16.56 22.31 -18.53
CA SER C 305 16.97 21.06 -17.89
C SER C 305 16.11 20.69 -16.67
N LEU C 306 15.68 21.70 -15.91
CA LEU C 306 14.98 21.45 -14.65
C LEU C 306 13.66 20.74 -14.88
N TRP C 307 12.87 21.21 -15.84
CA TRP C 307 11.59 20.56 -16.09
C TRP C 307 11.78 19.13 -16.54
N ALA C 308 12.83 18.87 -17.33
CA ALA C 308 13.08 17.48 -17.69
C ALA C 308 13.23 16.65 -16.42
N SER C 309 13.83 17.21 -15.38
CA SER C 309 13.97 16.39 -14.18
C SER C 309 12.64 16.28 -13.40
N ILE C 310 11.84 17.35 -13.38
CA ILE C 310 10.56 17.32 -12.67
C ILE C 310 9.62 16.31 -13.33
N ARG C 311 9.43 16.45 -14.64
CA ARG C 311 8.66 15.52 -15.44
C ARG C 311 9.13 14.08 -15.21
N ARG C 312 10.46 13.89 -15.27
CA ARG C 312 11.06 12.57 -15.04
C ARG C 312 10.48 11.92 -13.80
N GLU C 313 10.58 12.62 -12.67
CA GLU C 313 10.16 11.98 -11.44
C GLU C 313 8.64 11.87 -11.33
N VAL C 314 7.88 12.73 -12.02
CA VAL C 314 6.44 12.56 -11.94
C VAL C 314 6.02 11.26 -12.62
N PHE C 315 6.72 10.86 -13.67
CA PHE C 315 6.39 9.55 -14.23
C PHE C 315 6.97 8.43 -13.37
N GLN C 316 8.29 8.42 -13.22
CA GLN C 316 9.00 7.33 -12.56
C GLN C 316 8.53 7.05 -11.13
N THR C 317 8.65 8.05 -10.25
CA THR C 317 8.56 7.81 -8.80
C THR C 317 7.25 7.15 -8.36
N ALA C 318 7.37 6.36 -7.28
CA ALA C 318 6.26 5.70 -6.63
C ALA C 318 5.90 6.36 -5.30
N SER C 319 6.72 7.29 -4.82
CA SER C 319 6.44 8.05 -3.60
C SER C 319 5.53 9.22 -3.92
N GLU C 320 4.32 9.21 -3.36
CA GLU C 320 3.37 10.28 -3.67
C GLU C 320 3.78 11.62 -3.05
N ARG C 321 4.62 11.62 -2.02
CA ARG C 321 5.06 12.91 -1.52
C ARG C 321 6.09 13.52 -2.45
N VAL C 322 6.84 12.68 -3.14
CA VAL C 322 7.75 13.16 -4.17
C VAL C 322 6.96 13.73 -5.33
N GLU C 323 5.98 12.97 -5.82
CA GLU C 323 5.06 13.44 -6.85
C GLU C 323 4.55 14.83 -6.51
N ALA C 324 3.97 14.96 -5.31
CA ALA C 324 3.36 16.22 -4.90
C ALA C 324 4.38 17.35 -4.88
N GLU C 325 5.54 17.13 -4.28
CA GLU C 325 6.52 18.22 -4.21
C GLU C 325 7.02 18.61 -5.61
N GLY C 326 7.18 17.64 -6.51
CA GLY C 326 7.59 17.99 -7.87
C GLY C 326 6.53 18.76 -8.63
N LEU C 327 5.27 18.45 -8.39
CA LEU C 327 4.22 19.19 -9.05
C LEU C 327 4.11 20.57 -8.44
N ALA C 328 4.45 20.67 -7.15
CA ALA C 328 4.50 21.98 -6.51
C ALA C 328 5.66 22.77 -7.06
N ALA C 329 6.71 22.06 -7.46
CA ALA C 329 7.87 22.70 -8.06
C ALA C 329 7.51 23.30 -9.42
N LEU C 330 6.89 22.50 -10.29
CA LEU C 330 6.50 23.08 -11.57
C LEU C 330 5.57 24.27 -11.37
N HIS C 331 4.72 24.19 -10.34
CA HIS C 331 3.82 25.30 -10.03
C HIS C 331 4.61 26.56 -9.67
N SER C 332 5.41 26.48 -8.62
CA SER C 332 6.18 27.64 -8.18
C SER C 332 7.14 28.13 -9.26
N LEU C 333 7.63 27.23 -10.12
CA LEU C 333 8.50 27.63 -11.21
C LEU C 333 7.76 28.51 -12.21
N THR C 334 6.68 27.99 -12.77
CA THR C 334 5.90 28.79 -13.71
C THR C 334 5.36 30.06 -13.05
N ALA C 335 5.13 30.04 -11.73
CA ALA C 335 4.68 31.26 -11.05
C ALA C 335 5.79 32.31 -11.08
N CYS C 336 7.02 31.88 -10.78
CA CYS C 336 8.16 32.78 -10.81
C CYS C 336 8.37 33.35 -12.20
N LEU C 337 8.06 32.56 -13.22
CA LEU C 337 8.25 33.04 -14.58
C LEU C 337 7.10 33.93 -15.05
N SER C 338 5.91 33.79 -14.47
CA SER C 338 4.77 34.61 -14.86
C SER C 338 4.81 35.98 -14.21
N CYS C 339 5.47 36.11 -13.06
CA CYS C 339 5.55 37.45 -12.46
C CYS C 339 6.51 38.34 -13.23
N SER C 340 7.57 37.76 -13.79
CA SER C 340 8.59 38.50 -14.53
C SER C 340 8.19 38.84 -15.97
N VAL C 341 6.97 38.51 -16.39
CA VAL C 341 6.49 38.96 -17.69
C VAL C 341 6.17 40.43 -17.61
N LEU C 342 5.80 40.87 -16.42
CA LEU C 342 5.53 42.27 -16.12
C LEU C 342 6.82 43.03 -15.84
N ARG C 343 7.84 42.33 -15.31
CA ARG C 343 9.11 42.96 -14.96
C ARG C 343 9.95 43.31 -16.19
N ALA C 344 10.33 42.30 -16.98
CA ALA C 344 11.18 42.50 -18.16
C ALA C 344 10.43 43.27 -19.24
N ASP C 345 10.70 44.56 -19.35
CA ASP C 345 10.04 45.40 -20.34
C ASP C 345 10.48 45.08 -21.77
N ALA C 346 11.73 44.62 -21.93
CA ALA C 346 12.25 44.36 -23.27
C ALA C 346 11.82 43.02 -23.85
N GLU C 347 12.19 41.91 -23.21
CA GLU C 347 11.88 40.60 -23.78
C GLU C 347 11.49 39.56 -22.74
N ASP C 348 10.51 38.74 -23.10
CA ASP C 348 9.99 37.64 -22.30
C ASP C 348 10.48 36.32 -22.89
N LEU C 349 11.20 35.54 -22.09
CA LEU C 349 11.69 34.22 -22.45
C LEU C 349 11.19 33.23 -21.41
N LEU C 350 9.94 33.43 -21.02
CA LEU C 350 9.25 32.72 -19.96
C LEU C 350 8.01 32.01 -20.49
N GLY C 351 7.20 32.70 -21.30
CA GLY C 351 6.06 32.06 -21.92
C GLY C 351 6.46 31.05 -22.96
N SER C 352 7.72 31.10 -23.41
CA SER C 352 8.23 30.12 -24.35
C SER C 352 8.44 28.76 -23.71
N PHE C 353 8.65 28.75 -22.40
CA PHE C 353 8.88 27.51 -21.68
C PHE C 353 7.59 26.69 -21.58
N LEU C 354 6.46 27.38 -21.44
CA LEU C 354 5.18 26.69 -21.38
C LEU C 354 4.95 25.87 -22.65
N SER C 355 5.14 26.51 -23.81
CA SER C 355 4.99 25.79 -25.06
C SER C 355 6.06 24.73 -25.23
N ASN C 356 7.23 24.91 -24.59
CA ASN C 356 8.23 23.86 -24.66
C ASN C 356 7.85 22.67 -23.78
N ILE C 357 6.90 22.85 -22.87
CA ILE C 357 6.38 21.72 -22.13
C ILE C 357 5.33 21.01 -22.96
N LEU C 358 4.38 21.80 -23.45
CA LEU C 358 3.32 21.33 -24.33
C LEU C 358 3.87 20.42 -25.42
N GLN C 359 4.84 20.91 -26.19
CA GLN C 359 5.39 20.10 -27.28
C GLN C 359 6.05 18.82 -26.78
N ASP C 360 6.60 18.83 -25.57
CA ASP C 360 7.31 17.67 -25.04
C ASP C 360 6.37 16.60 -24.47
N CYS C 361 5.13 16.95 -24.16
CA CYS C 361 4.19 15.92 -23.69
C CYS C 361 2.96 15.77 -24.58
N ARG C 362 2.92 16.50 -25.70
CA ARG C 362 1.85 16.35 -26.69
C ARG C 362 1.82 14.93 -27.24
N HIS C 363 2.98 14.41 -27.63
CA HIS C 363 3.07 13.06 -28.14
C HIS C 363 2.78 12.04 -27.05
N HIS C 364 3.08 12.40 -25.80
CA HIS C 364 2.83 11.51 -24.67
C HIS C 364 1.35 11.40 -24.38
N LEU C 365 0.62 12.48 -24.56
CA LEU C 365 -0.83 12.44 -24.35
C LEU C 365 -1.48 11.71 -25.52
N CYS C 366 -1.15 12.14 -26.73
CA CYS C 366 -1.66 11.54 -27.95
C CYS C 366 -1.45 10.02 -28.00
N GLU C 367 -0.48 9.49 -27.26
CA GLU C 367 -0.20 8.05 -27.27
C GLU C 367 -1.42 7.27 -26.77
N PRO C 368 -1.85 6.22 -27.48
CA PRO C 368 -3.05 5.48 -27.04
C PRO C 368 -2.93 4.83 -25.68
N ASP C 369 -1.71 4.68 -25.15
CA ASP C 369 -1.53 4.12 -23.82
C ASP C 369 -2.16 5.03 -22.77
N MET C 370 -3.01 4.46 -21.92
CA MET C 370 -3.67 5.26 -20.89
C MET C 370 -2.93 5.27 -19.55
N LYS C 371 -1.86 4.49 -19.38
CA LYS C 371 -1.07 4.55 -18.15
C LYS C 371 -0.15 5.75 -18.13
N LEU C 372 0.33 6.16 -19.30
CA LEU C 372 1.27 7.27 -19.42
C LEU C 372 0.57 8.62 -19.39
N VAL C 373 -0.66 8.67 -19.88
CA VAL C 373 -1.37 9.92 -20.10
C VAL C 373 -1.72 10.67 -18.79
N TRP C 374 -2.03 9.94 -17.70
CA TRP C 374 -2.53 10.62 -16.49
C TRP C 374 -1.47 11.48 -15.81
N PRO C 375 -0.24 11.01 -15.55
CA PRO C 375 0.72 11.89 -14.88
C PRO C 375 1.09 13.12 -15.71
N SER C 376 1.19 13.00 -17.04
CA SER C 376 1.52 14.18 -17.81
C SER C 376 0.37 15.18 -17.73
N ALA C 377 -0.86 14.69 -17.67
CA ALA C 377 -1.95 15.65 -17.52
C ALA C 377 -1.87 16.33 -16.16
N LYS C 378 -1.45 15.59 -15.13
CA LYS C 378 -1.29 16.18 -13.81
C LYS C 378 -0.28 17.31 -13.86
N LEU C 379 0.76 17.12 -14.66
CA LEU C 379 1.80 18.13 -14.77
C LEU C 379 1.26 19.39 -15.45
N LEU C 380 0.59 19.20 -16.59
CA LEU C 380 0.06 20.37 -17.28
C LEU C 380 -0.89 21.14 -16.39
N GLN C 381 -1.68 20.44 -15.59
CA GLN C 381 -2.57 21.15 -14.68
C GLN C 381 -1.80 21.87 -13.59
N ALA C 382 -0.66 21.32 -13.18
CA ALA C 382 0.12 22.02 -12.17
C ALA C 382 0.69 23.31 -12.72
N ALA C 383 1.14 23.28 -13.97
CA ALA C 383 1.69 24.50 -14.57
C ALA C 383 0.59 25.50 -14.90
N ALA C 384 -0.59 25.00 -15.28
CA ALA C 384 -1.71 25.88 -15.60
C ALA C 384 -2.22 26.58 -14.35
N GLY C 385 -2.36 25.84 -13.26
CA GLY C 385 -2.81 26.40 -11.99
C GLY C 385 -1.69 27.06 -11.23
N ALA C 386 -0.97 27.95 -11.91
CA ALA C 386 0.13 28.70 -11.31
C ALA C 386 -0.08 30.18 -11.58
N SER C 387 -0.69 30.49 -12.73
CA SER C 387 -0.99 31.86 -13.11
C SER C 387 -2.05 31.82 -14.19
N ALA C 388 -2.93 32.82 -14.17
CA ALA C 388 -3.95 32.90 -15.20
C ALA C 388 -3.33 33.04 -16.59
N ARG C 389 -2.14 33.65 -16.65
CA ARG C 389 -1.44 33.79 -17.93
C ARG C 389 -0.99 32.43 -18.43
N ALA C 390 -0.55 31.57 -17.52
CA ALA C 390 -0.08 30.25 -17.93
C ALA C 390 -1.23 29.40 -18.44
N CYS C 391 -2.30 29.30 -17.64
CA CYS C 391 -3.43 28.46 -18.03
C CYS C 391 -4.12 28.98 -19.28
N GLU C 392 -4.16 30.29 -19.50
CA GLU C 392 -4.83 30.75 -20.73
C GLU C 392 -4.06 30.31 -21.97
N HIS C 393 -2.77 30.05 -21.83
CA HIS C 393 -1.97 29.52 -22.93
C HIS C 393 -2.14 28.01 -23.01
N LEU C 394 -2.02 27.37 -21.85
CA LEU C 394 -2.06 25.91 -21.76
C LEU C 394 -3.42 25.35 -22.15
N THR C 395 -4.49 25.74 -21.46
CA THR C 395 -5.81 25.21 -21.78
C THR C 395 -6.16 25.40 -23.25
N SER C 396 -6.01 26.63 -23.76
CA SER C 396 -6.29 26.89 -25.16
C SER C 396 -5.50 25.96 -26.09
N ASN C 397 -4.32 25.52 -25.65
CA ASN C 397 -3.54 24.62 -26.50
C ASN C 397 -3.83 23.14 -26.23
N VAL C 398 -4.15 22.81 -24.99
CA VAL C 398 -4.37 21.43 -24.56
C VAL C 398 -5.72 20.92 -25.02
N LEU C 399 -6.78 21.71 -24.82
CA LEU C 399 -8.14 21.31 -25.16
C LEU C 399 -8.31 20.72 -26.55
N PRO C 400 -7.81 21.30 -27.64
CA PRO C 400 -8.06 20.68 -28.95
C PRO C 400 -7.47 19.30 -29.06
N LEU C 401 -6.35 19.06 -28.40
CA LEU C 401 -5.75 17.74 -28.42
C LEU C 401 -6.59 16.76 -27.62
N LEU C 402 -7.11 17.20 -26.47
CA LEU C 402 -7.95 16.35 -25.64
C LEU C 402 -9.27 16.04 -26.35
N LEU C 403 -9.84 17.02 -27.05
CA LEU C 403 -11.07 16.81 -27.80
C LEU C 403 -10.85 15.81 -28.93
N GLU C 404 -9.78 16.00 -29.69
CA GLU C 404 -9.46 15.08 -30.77
C GLU C 404 -9.29 13.66 -30.23
N GLN C 405 -8.56 13.51 -29.12
CA GLN C 405 -8.35 12.18 -28.56
C GLN C 405 -9.63 11.61 -27.94
N PHE C 406 -10.58 12.45 -27.55
CA PHE C 406 -11.85 11.93 -27.05
C PHE C 406 -12.61 11.26 -28.18
N HIS C 407 -12.72 11.94 -29.31
CA HIS C 407 -13.46 11.33 -30.41
C HIS C 407 -12.74 10.13 -31.00
N LYS C 408 -11.41 10.09 -30.93
CA LYS C 408 -10.72 8.93 -31.49
C LYS C 408 -11.01 7.66 -30.68
N HIS C 409 -11.02 7.75 -29.36
CA HIS C 409 -11.28 6.59 -28.50
C HIS C 409 -12.77 6.32 -28.36
N SER C 410 -13.20 5.13 -28.78
CA SER C 410 -14.60 4.72 -28.69
C SER C 410 -14.94 3.95 -27.42
N GLN C 411 -13.94 3.53 -26.64
CA GLN C 411 -14.16 2.81 -25.39
C GLN C 411 -14.64 3.76 -24.29
N SER C 412 -15.49 3.23 -23.40
CA SER C 412 -16.11 4.06 -22.36
C SER C 412 -15.10 4.55 -21.33
N ASN C 413 -14.35 3.63 -20.70
CA ASN C 413 -13.42 4.04 -19.65
C ASN C 413 -12.43 5.09 -20.16
N GLN C 414 -12.06 5.02 -21.43
CA GLN C 414 -11.13 5.99 -22.00
C GLN C 414 -11.78 7.36 -22.10
N ARG C 415 -13.04 7.40 -22.55
CA ARG C 415 -13.75 8.66 -22.64
C ARG C 415 -13.95 9.28 -21.26
N ARG C 416 -14.16 8.44 -20.25
CA ARG C 416 -14.34 8.94 -18.89
C ARG C 416 -13.04 9.58 -18.39
N THR C 417 -11.92 8.90 -18.57
CA THR C 417 -10.66 9.49 -18.12
C THR C 417 -10.34 10.78 -18.85
N ILE C 418 -10.49 10.78 -20.18
CA ILE C 418 -10.22 11.97 -20.96
C ILE C 418 -11.05 13.15 -20.45
N LEU C 419 -12.35 12.91 -20.19
CA LEU C 419 -13.19 13.97 -19.68
C LEU C 419 -12.74 14.41 -18.28
N GLU C 420 -12.39 13.46 -17.41
CA GLU C 420 -11.92 13.83 -16.08
C GLU C 420 -10.68 14.69 -16.15
N MET C 421 -9.90 14.52 -17.22
CA MET C 421 -8.74 15.37 -17.43
C MET C 421 -9.16 16.77 -17.88
N ILE C 422 -10.11 16.84 -18.79
CA ILE C 422 -10.62 18.14 -19.24
C ILE C 422 -11.23 18.91 -18.06
N LEU C 423 -11.96 18.20 -17.21
CA LEU C 423 -12.64 18.76 -16.05
C LEU C 423 -11.71 19.60 -15.17
N GLY C 424 -10.50 19.09 -14.90
CA GLY C 424 -9.56 19.83 -14.07
C GLY C 424 -9.18 21.15 -14.69
N PHE C 425 -8.83 21.13 -15.98
CA PHE C 425 -8.45 22.35 -16.66
C PHE C 425 -9.58 23.38 -16.59
N LEU C 426 -10.82 22.93 -16.78
CA LEU C 426 -11.95 23.84 -16.74
C LEU C 426 -12.08 24.50 -15.36
N LYS C 427 -11.94 23.68 -14.30
CA LYS C 427 -12.02 24.24 -12.95
C LYS C 427 -10.95 25.30 -12.77
N LEU C 428 -9.73 25.01 -13.22
CA LEU C 428 -8.63 25.99 -13.08
C LEU C 428 -8.92 27.26 -13.86
N GLN C 429 -9.63 27.15 -14.97
CA GLN C 429 -9.99 28.36 -15.72
C GLN C 429 -10.91 29.23 -14.88
N GLN C 430 -11.80 28.58 -14.14
CA GLN C 430 -12.70 29.36 -13.32
C GLN C 430 -12.04 29.88 -12.05
N LYS C 431 -10.89 29.33 -11.67
CA LYS C 431 -10.26 29.69 -10.40
C LYS C 431 -9.68 31.11 -10.40
N TRP C 432 -8.85 31.46 -11.40
CA TRP C 432 -8.23 32.78 -11.39
C TRP C 432 -8.90 33.75 -12.35
N SER C 433 -9.01 33.38 -13.61
CA SER C 433 -9.55 34.29 -14.61
C SER C 433 -11.04 34.52 -14.42
N TYR C 434 -11.40 35.80 -14.43
CA TYR C 434 -12.77 36.26 -14.37
C TYR C 434 -13.05 37.24 -15.51
N GLU C 435 -12.04 37.56 -16.30
CA GLU C 435 -12.08 38.47 -17.44
C GLU C 435 -12.81 37.83 -18.62
N ASP C 436 -13.04 38.66 -19.63
CA ASP C 436 -13.65 38.23 -20.88
C ASP C 436 -12.61 37.68 -21.86
N ARG C 437 -11.31 37.72 -21.49
CA ARG C 437 -10.23 37.29 -22.37
C ARG C 437 -10.15 35.78 -22.52
N ASP C 438 -10.24 35.05 -21.40
CA ASP C 438 -10.16 33.59 -21.43
C ASP C 438 -11.42 32.95 -21.99
N GLU C 439 -12.51 33.70 -22.01
CA GLU C 439 -13.78 33.26 -22.56
C GLU C 439 -13.73 33.25 -24.09
N ARG C 440 -12.86 34.08 -24.67
CA ARG C 440 -12.78 34.19 -26.13
C ARG C 440 -12.24 32.91 -26.79
N PRO C 441 -11.14 32.30 -26.34
CA PRO C 441 -10.76 31.01 -26.95
C PRO C 441 -11.67 29.89 -26.46
N LEU C 442 -12.22 30.09 -25.26
CA LEU C 442 -13.16 29.12 -24.70
C LEU C 442 -14.44 29.05 -25.53
N SER C 443 -14.83 30.17 -26.14
CA SER C 443 -16.03 30.17 -26.98
C SER C 443 -15.83 29.32 -28.22
N SER C 444 -14.59 29.22 -28.70
CA SER C 444 -14.32 28.35 -29.84
C SER C 444 -14.50 26.90 -29.47
N PHE C 445 -14.25 26.58 -28.20
CA PHE C 445 -14.38 25.23 -27.67
C PHE C 445 -15.71 25.02 -26.95
N LYS C 446 -16.53 26.07 -26.81
CA LYS C 446 -17.78 25.99 -26.06
C LYS C 446 -18.72 24.93 -26.65
N ASP C 447 -19.09 25.10 -27.91
CA ASP C 447 -20.02 24.17 -28.53
C ASP C 447 -19.40 22.78 -28.68
N GLN C 448 -18.07 22.70 -28.77
CA GLN C 448 -17.40 21.41 -28.86
C GLN C 448 -17.38 20.71 -27.51
N LEU C 449 -17.40 21.47 -26.41
CA LEU C 449 -17.39 20.91 -25.06
C LEU C 449 -18.77 20.37 -24.70
N CYS C 450 -19.80 21.13 -25.05
CA CYS C 450 -21.16 20.70 -24.74
C CYS C 450 -21.44 19.33 -25.34
N SER C 451 -20.99 19.12 -26.58
CA SER C 451 -21.20 17.83 -27.22
C SER C 451 -20.57 16.70 -26.42
N LEU C 452 -19.44 16.97 -25.75
CA LEU C 452 -18.85 15.93 -24.92
C LEU C 452 -19.68 15.70 -23.67
N VAL C 453 -20.20 16.78 -23.09
CA VAL C 453 -21.02 16.64 -21.89
C VAL C 453 -22.26 15.81 -22.20
N PHE C 454 -22.98 16.18 -23.24
CA PHE C 454 -24.17 15.42 -23.64
C PHE C 454 -23.82 14.00 -24.06
N MET C 455 -22.61 13.80 -24.58
CA MET C 455 -22.16 12.45 -24.93
C MET C 455 -21.97 11.62 -23.67
N ALA C 456 -21.37 12.23 -22.65
CA ALA C 456 -21.16 11.54 -21.38
C ALA C 456 -22.48 11.20 -20.71
N LEU C 457 -23.49 12.04 -20.91
CA LEU C 457 -24.80 11.75 -20.32
C LEU C 457 -25.53 10.64 -21.09
N THR C 458 -25.35 10.58 -22.42
CA THR C 458 -26.04 9.55 -23.20
C THR C 458 -25.44 8.15 -23.03
N ASP C 459 -24.13 8.05 -22.81
CA ASP C 459 -23.46 6.76 -22.68
C ASP C 459 -24.10 5.89 -21.61
N PRO C 460 -24.20 4.57 -21.82
CA PRO C 460 -24.78 3.68 -20.79
C PRO C 460 -23.93 3.57 -19.53
N SER C 461 -22.75 4.15 -19.52
CA SER C 461 -21.89 4.07 -18.34
C SER C 461 -22.45 4.91 -17.20
N THR C 462 -22.39 4.35 -16.00
CA THR C 462 -22.77 5.12 -14.83
C THR C 462 -21.70 6.14 -14.50
N GLN C 463 -20.43 5.72 -14.57
CA GLN C 463 -19.30 6.59 -14.24
C GLN C 463 -19.19 7.75 -15.24
N LEU C 464 -19.38 7.48 -16.53
CA LEU C 464 -19.27 8.54 -17.53
C LEU C 464 -20.37 9.58 -17.32
N GLN C 465 -21.56 9.12 -16.94
CA GLN C 465 -22.66 10.02 -16.64
C GLN C 465 -22.30 10.94 -15.49
N LEU C 466 -21.79 10.36 -14.39
CA LEU C 466 -21.43 11.17 -13.23
C LEU C 466 -20.41 12.25 -13.60
N VAL C 467 -19.42 11.87 -14.41
CA VAL C 467 -18.41 12.85 -14.80
C VAL C 467 -19.01 13.94 -15.67
N GLY C 468 -19.95 13.57 -16.54
CA GLY C 468 -20.63 14.58 -17.34
C GLY C 468 -21.42 15.56 -16.50
N ILE C 469 -22.05 15.05 -15.45
CA ILE C 469 -22.79 15.93 -14.54
C ILE C 469 -21.82 16.89 -13.86
N ARG C 470 -20.65 16.37 -13.48
CA ARG C 470 -19.62 17.19 -12.85
C ARG C 470 -19.18 18.31 -13.78
N THR C 471 -19.09 18.03 -15.07
CA THR C 471 -18.68 19.08 -16.00
C THR C 471 -19.81 20.05 -16.27
N LEU C 472 -21.03 19.55 -16.35
CA LEU C 472 -22.19 20.41 -16.55
C LEU C 472 -22.22 21.50 -15.50
N THR C 473 -22.08 21.12 -14.23
CA THR C 473 -22.09 22.14 -13.18
C THR C 473 -20.93 23.12 -13.32
N VAL C 474 -19.79 22.67 -13.85
CA VAL C 474 -18.63 23.54 -13.99
C VAL C 474 -18.82 24.52 -15.17
N LEU C 475 -19.38 24.05 -16.29
CA LEU C 475 -19.68 24.94 -17.41
C LEU C 475 -20.84 25.87 -17.06
N GLY C 476 -21.70 25.45 -16.14
CA GLY C 476 -22.78 26.30 -15.67
C GLY C 476 -22.26 27.39 -14.77
N ALA C 477 -21.28 27.03 -13.94
CA ALA C 477 -20.67 28.02 -13.06
C ALA C 477 -20.03 29.15 -13.86
N GLN C 478 -19.70 28.90 -15.11
CA GLN C 478 -18.94 29.83 -15.92
C GLN C 478 -19.59 31.21 -16.09
N PRO C 479 -18.84 32.29 -15.89
CA PRO C 479 -19.39 33.62 -16.19
C PRO C 479 -19.65 33.80 -17.66
N GLY C 480 -18.81 33.20 -18.49
CA GLY C 480 -18.95 33.36 -19.94
C GLY C 480 -20.28 32.85 -20.44
N LEU C 481 -20.83 33.56 -21.42
CA LEU C 481 -22.13 33.21 -21.99
C LEU C 481 -22.06 31.84 -22.65
N LEU C 482 -23.19 31.12 -22.56
CA LEU C 482 -23.36 29.81 -23.19
C LEU C 482 -24.62 29.84 -24.03
N SER C 483 -24.65 29.01 -25.07
CA SER C 483 -25.79 29.00 -25.96
C SER C 483 -27.06 28.59 -25.22
N ALA C 484 -28.15 29.28 -25.56
CA ALA C 484 -29.44 29.00 -24.92
C ALA C 484 -29.88 27.58 -25.21
N GLU C 485 -29.65 27.10 -26.44
CA GLU C 485 -30.06 25.75 -26.80
C GLU C 485 -29.41 24.72 -25.89
N ASP C 486 -28.13 24.91 -25.55
CA ASP C 486 -27.49 23.96 -24.65
C ASP C 486 -28.20 23.91 -23.31
N LEU C 487 -28.68 25.05 -22.81
CA LEU C 487 -29.39 24.99 -21.54
C LEU C 487 -30.67 24.21 -21.72
N GLU C 488 -31.40 24.46 -22.81
CA GLU C 488 -32.60 23.67 -23.08
C GLU C 488 -32.27 22.18 -23.11
N LEU C 489 -31.18 21.82 -23.80
CA LEU C 489 -30.76 20.43 -23.95
C LEU C 489 -30.37 19.82 -22.60
N ALA C 490 -29.48 20.50 -21.89
CA ALA C 490 -29.00 20.05 -20.59
C ALA C 490 -30.16 19.78 -19.64
N VAL C 491 -31.11 20.72 -19.56
CA VAL C 491 -32.24 20.50 -18.68
C VAL C 491 -33.00 19.25 -19.08
N GLY C 492 -33.20 19.06 -20.39
CA GLY C 492 -33.85 17.82 -20.83
C GLY C 492 -33.08 16.58 -20.39
N HIS C 493 -31.76 16.66 -20.47
CA HIS C 493 -30.93 15.52 -20.08
C HIS C 493 -31.06 15.26 -18.59
N LEU C 494 -31.09 16.33 -17.79
CA LEU C 494 -31.21 16.19 -16.35
C LEU C 494 -32.55 15.56 -15.98
N TYR C 495 -33.61 15.90 -16.72
CA TYR C 495 -34.89 15.27 -16.41
C TYR C 495 -34.84 13.79 -16.75
N ARG C 496 -34.20 13.45 -17.86
CA ARG C 496 -34.07 12.05 -18.25
C ARG C 496 -33.30 11.25 -17.20
N LEU C 497 -32.29 11.88 -16.58
CA LEU C 497 -31.50 11.18 -15.58
C LEU C 497 -32.18 11.13 -14.23
N THR C 498 -33.05 12.09 -13.93
CA THR C 498 -33.78 12.04 -12.67
C THR C 498 -34.97 11.10 -12.73
N PHE C 499 -35.46 10.80 -13.92
CA PHE C 499 -36.61 9.93 -14.14
C PHE C 499 -36.24 8.45 -14.21
N LEU C 500 -35.19 8.11 -14.97
CA LEU C 500 -34.76 6.72 -15.13
C LEU C 500 -34.28 6.11 -13.81
N GLU C 501 -34.81 4.93 -13.48
CA GLU C 501 -34.45 4.22 -12.26
C GLU C 501 -33.79 2.87 -12.50
N GLU C 502 -33.67 2.43 -13.76
CA GLU C 502 -32.98 1.18 -14.08
C GLU C 502 -31.52 1.22 -13.65
N ASP C 503 -30.98 2.43 -13.48
CA ASP C 503 -29.64 2.76 -13.06
C ASP C 503 -29.50 2.61 -11.55
N SER C 504 -28.25 2.68 -11.09
CA SER C 504 -28.00 2.71 -9.65
C SER C 504 -28.39 4.08 -9.10
N GLN C 505 -28.86 4.09 -7.85
CA GLN C 505 -29.38 5.30 -7.20
C GLN C 505 -28.46 6.53 -7.34
N SER C 506 -27.15 6.31 -7.44
CA SER C 506 -26.17 7.40 -7.43
C SER C 506 -26.35 8.38 -8.59
N CYS C 507 -26.60 7.89 -9.80
CA CYS C 507 -26.72 8.80 -10.95
C CYS C 507 -27.90 9.74 -10.77
N ARG C 508 -28.97 9.24 -10.14
CA ARG C 508 -30.17 10.03 -9.90
C ARG C 508 -29.82 11.17 -8.95
N VAL C 509 -29.29 10.83 -7.78
CA VAL C 509 -28.97 11.88 -6.80
C VAL C 509 -28.04 12.92 -7.41
N ALA C 510 -27.05 12.49 -8.19
CA ALA C 510 -26.13 13.47 -8.77
C ALA C 510 -26.87 14.43 -9.68
N ALA C 511 -27.80 13.92 -10.50
CA ALA C 511 -28.53 14.82 -11.38
C ALA C 511 -29.40 15.79 -10.59
N LEU C 512 -30.03 15.32 -9.51
CA LEU C 512 -30.89 16.19 -8.72
C LEU C 512 -30.11 17.34 -8.08
N GLU C 513 -28.94 17.01 -7.52
CA GLU C 513 -28.10 18.03 -6.90
C GLU C 513 -27.70 19.06 -7.95
N ALA C 514 -27.26 18.59 -9.12
CA ALA C 514 -26.90 19.51 -10.18
C ALA C 514 -28.10 20.33 -10.64
N SER C 515 -29.31 19.75 -10.56
CA SER C 515 -30.50 20.49 -10.96
C SER C 515 -30.65 21.73 -10.12
N GLY C 516 -30.48 21.59 -8.81
CA GLY C 516 -30.57 22.78 -7.95
C GLY C 516 -29.43 23.75 -8.20
N THR C 517 -28.21 23.20 -8.36
CA THR C 517 -27.03 24.02 -8.58
C THR C 517 -27.22 24.94 -9.78
N LEU C 518 -27.62 24.37 -10.91
CA LEU C 518 -27.83 25.18 -12.11
C LEU C 518 -29.07 26.05 -11.99
N ALA C 519 -30.07 25.59 -11.23
CA ALA C 519 -31.31 26.35 -11.11
C ALA C 519 -31.07 27.72 -10.50
N THR C 520 -30.19 27.80 -9.51
CA THR C 520 -29.95 29.13 -8.93
C THR C 520 -29.26 30.07 -9.91
N LEU C 521 -28.51 29.52 -10.87
CA LEU C 521 -27.84 30.33 -11.87
C LEU C 521 -28.81 30.79 -12.95
N TYR C 522 -29.42 29.81 -13.63
CA TYR C 522 -30.33 30.03 -14.75
C TYR C 522 -31.69 29.43 -14.39
N PRO C 523 -32.56 30.20 -13.76
CA PRO C 523 -33.87 29.67 -13.36
C PRO C 523 -34.88 29.54 -14.51
N GLY C 524 -34.72 30.40 -15.50
CA GLY C 524 -35.58 30.34 -16.66
C GLY C 524 -35.50 29.00 -17.36
N ALA C 525 -34.27 28.49 -17.51
CA ALA C 525 -34.07 27.20 -18.18
C ALA C 525 -34.88 26.09 -17.53
N PHE C 526 -34.95 26.07 -16.20
CA PHE C 526 -35.69 25.01 -15.54
C PHE C 526 -37.18 25.28 -15.51
N SER C 527 -37.60 26.54 -15.64
CA SER C 527 -39.02 26.77 -15.76
C SER C 527 -39.51 26.49 -17.18
N ARG C 528 -38.60 26.52 -18.16
CA ARG C 528 -38.88 26.28 -19.57
C ARG C 528 -38.85 24.80 -19.93
N HIS C 529 -37.93 24.03 -19.34
CA HIS C 529 -37.75 22.64 -19.79
C HIS C 529 -37.78 21.61 -18.66
N LEU C 530 -38.29 21.95 -17.48
CA LEU C 530 -38.40 20.94 -16.43
C LEU C 530 -39.72 21.07 -15.66
N LEU C 531 -40.07 22.29 -15.26
CA LEU C 531 -41.32 22.47 -14.52
C LEU C 531 -42.56 22.04 -15.29
N PRO C 532 -42.70 22.28 -16.61
CA PRO C 532 -43.90 21.76 -17.28
C PRO C 532 -43.93 20.25 -17.34
N LYS C 533 -42.79 19.63 -17.61
CA LYS C 533 -42.71 18.18 -17.70
C LYS C 533 -43.16 17.52 -16.39
N LEU C 534 -42.79 18.12 -15.26
CA LEU C 534 -43.15 17.53 -13.98
C LEU C 534 -44.60 17.85 -13.64
N ALA C 535 -45.08 19.04 -14.02
CA ALA C 535 -46.48 19.35 -13.80
C ALA C 535 -47.36 18.35 -14.53
N GLU C 536 -46.96 17.97 -15.74
CA GLU C 536 -47.70 16.97 -16.50
C GLU C 536 -47.62 15.60 -15.83
N GLU C 537 -46.42 15.21 -15.40
CA GLU C 537 -46.23 13.92 -14.77
C GLU C 537 -46.96 13.80 -13.44
N LEU C 538 -47.33 14.92 -12.81
CA LEU C 538 -48.03 14.88 -11.53
C LEU C 538 -49.46 14.35 -11.69
N HIS C 539 -50.20 14.91 -12.63
CA HIS C 539 -51.56 14.50 -12.85
C HIS C 539 -51.62 13.24 -13.71
N LYS C 540 -50.48 12.83 -14.26
CA LYS C 540 -50.42 11.57 -14.99
C LYS C 540 -50.32 10.36 -14.07
N GLY C 541 -50.18 10.58 -12.75
CA GLY C 541 -50.16 9.50 -11.79
C GLY C 541 -51.20 9.73 -10.72
N GLU C 542 -51.72 10.96 -10.71
CA GLU C 542 -52.77 11.32 -9.77
C GLU C 542 -54.11 10.71 -10.19
N SER C 543 -54.35 10.63 -11.49
CA SER C 543 -55.61 10.10 -12.02
C SER C 543 -55.42 8.82 -12.82
N THR C 552 -45.11 0.02 -7.28
CA THR C 552 -44.91 0.56 -8.61
C THR C 552 -45.35 2.03 -8.71
N LYS C 553 -46.54 2.34 -8.19
CA LYS C 553 -47.06 3.71 -8.29
C LYS C 553 -46.28 4.67 -7.37
N CYS C 554 -45.76 4.16 -6.26
CA CYS C 554 -45.09 5.01 -5.27
C CYS C 554 -43.70 5.43 -5.73
N SER C 555 -42.91 4.51 -6.27
CA SER C 555 -41.58 4.88 -6.76
C SER C 555 -41.65 5.82 -7.95
N ARG C 556 -42.77 5.82 -8.69
CA ARG C 556 -42.98 6.78 -9.76
C ARG C 556 -43.28 8.14 -9.17
N HIS C 557 -44.04 8.15 -8.08
CA HIS C 557 -44.35 9.41 -7.40
C HIS C 557 -43.10 10.03 -6.79
N PHE C 558 -42.25 9.20 -6.16
CA PHE C 558 -41.02 9.64 -5.51
C PHE C 558 -40.17 10.49 -6.45
N ARG C 559 -39.94 9.98 -7.67
CA ARG C 559 -39.09 10.63 -8.65
C ARG C 559 -39.47 12.10 -8.84
N CYS C 560 -40.71 12.36 -9.26
CA CYS C 560 -41.12 13.72 -9.56
C CYS C 560 -41.22 14.59 -8.30
N LEU C 561 -41.70 14.04 -7.18
CA LEU C 561 -41.79 14.84 -5.97
C LEU C 561 -40.41 15.33 -5.56
N GLN C 562 -39.43 14.42 -5.55
CA GLN C 562 -38.07 14.80 -5.23
C GLN C 562 -37.48 15.68 -6.31
N ALA C 563 -37.95 15.52 -7.55
CA ALA C 563 -37.43 16.32 -8.63
C ALA C 563 -37.85 17.78 -8.47
N LEU C 564 -39.05 18.00 -7.98
CA LEU C 564 -39.52 19.36 -7.74
C LEU C 564 -38.89 19.94 -6.49
N SER C 565 -38.60 19.07 -5.52
CA SER C 565 -37.93 19.50 -4.31
C SER C 565 -36.51 19.98 -4.61
N ALA C 566 -35.73 19.17 -5.35
CA ALA C 566 -34.34 19.49 -5.66
C ALA C 566 -34.19 20.73 -6.55
N VAL C 567 -35.14 21.01 -7.44
CA VAL C 567 -35.04 22.19 -8.31
C VAL C 567 -35.45 23.45 -7.55
N SER C 568 -36.04 23.27 -6.37
CA SER C 568 -36.51 24.40 -5.57
C SER C 568 -35.34 25.13 -4.92
N THR C 569 -34.46 25.73 -5.72
CA THR C 569 -33.35 26.50 -5.18
C THR C 569 -33.43 27.99 -5.43
N HIS C 570 -34.03 28.43 -6.55
CA HIS C 570 -34.20 29.85 -6.88
C HIS C 570 -35.58 30.37 -6.47
N PRO C 571 -35.67 31.60 -5.94
CA PRO C 571 -36.98 32.12 -5.51
C PRO C 571 -38.07 32.07 -6.57
N SER C 572 -37.74 32.35 -7.83
CA SER C 572 -38.75 32.28 -8.89
C SER C 572 -39.31 30.87 -9.00
N ILE C 573 -38.42 29.89 -9.04
CA ILE C 573 -38.86 28.51 -9.12
C ILE C 573 -39.70 28.16 -7.92
N VAL C 574 -39.32 28.63 -6.74
CA VAL C 574 -40.09 28.36 -5.53
C VAL C 574 -41.50 28.92 -5.67
N LYS C 575 -41.61 30.12 -6.24
CA LYS C 575 -42.92 30.74 -6.45
C LYS C 575 -43.75 29.92 -7.43
N GLU C 576 -43.11 29.04 -8.18
CA GLU C 576 -43.86 28.19 -9.10
C GLU C 576 -44.15 26.81 -8.51
N THR C 577 -43.14 26.17 -7.93
CA THR C 577 -43.28 24.82 -7.39
C THR C 577 -44.22 24.76 -6.20
N LEU C 578 -44.34 25.84 -5.40
CA LEU C 578 -45.23 25.76 -4.24
C LEU C 578 -46.70 25.59 -4.62
N PRO C 579 -47.29 26.44 -5.48
CA PRO C 579 -48.70 26.21 -5.84
C PRO C 579 -48.94 24.84 -6.44
N LEU C 580 -47.97 24.32 -7.19
CA LEU C 580 -48.14 22.99 -7.78
C LEU C 580 -48.23 21.91 -6.70
N LEU C 581 -47.40 22.01 -5.66
CA LEU C 581 -47.42 20.98 -4.61
C LEU C 581 -48.66 21.13 -3.73
N LEU C 582 -49.09 22.35 -3.47
CA LEU C 582 -50.30 22.53 -2.69
C LEU C 582 -51.52 22.10 -3.50
N GLN C 583 -51.52 22.37 -4.81
CA GLN C 583 -52.59 21.92 -5.68
C GLN C 583 -52.64 20.41 -5.76
N HIS C 584 -51.48 19.76 -5.72
CA HIS C 584 -51.48 18.30 -5.70
C HIS C 584 -51.99 17.81 -4.36
N LEU C 585 -51.79 18.59 -3.29
CA LEU C 585 -52.30 18.20 -1.99
C LEU C 585 -53.80 18.37 -1.89
N CYS C 586 -54.36 19.40 -2.55
CA CYS C 586 -55.79 19.66 -2.52
C CYS C 586 -56.52 18.97 -3.66
N GLN C 587 -55.82 18.14 -4.40
CA GLN C 587 -56.39 17.26 -5.41
C GLN C 587 -56.33 15.83 -4.91
N ALA C 588 -55.56 15.60 -3.83
CA ALA C 588 -55.42 14.30 -3.20
C ALA C 588 -56.62 13.93 -2.33
N ASN C 589 -57.29 14.92 -1.75
CA ASN C 589 -58.45 14.64 -0.91
C ASN C 589 -59.73 14.45 -1.73
N LYS C 590 -59.80 15.07 -2.91
CA LYS C 590 -61.00 14.96 -3.74
C LYS C 590 -61.11 13.59 -4.40
N GLY C 591 -60.00 13.06 -4.91
CA GLY C 591 -59.98 11.78 -5.60
C GLY C 591 -59.82 10.57 -4.71
N ASN C 592 -58.84 9.72 -5.03
CA ASN C 592 -58.57 8.50 -4.29
C ASN C 592 -57.17 8.48 -3.69
N MET C 593 -56.55 9.66 -3.53
CA MET C 593 -55.19 9.72 -3.00
C MET C 593 -55.13 9.91 -1.49
N VAL C 594 -56.24 10.30 -0.84
CA VAL C 594 -56.24 10.41 0.61
C VAL C 594 -56.07 9.03 1.26
N THR C 595 -56.59 7.98 0.64
CA THR C 595 -56.47 6.64 1.20
C THR C 595 -55.01 6.26 1.42
N GLU C 596 -54.16 6.51 0.41
CA GLU C 596 -52.72 6.21 0.52
C GLU C 596 -52.06 7.29 1.37
N SER C 597 -52.04 7.04 2.68
CA SER C 597 -51.43 7.99 3.61
C SER C 597 -49.92 8.10 3.40
N SER C 598 -49.33 7.04 2.87
CA SER C 598 -47.91 7.04 2.54
C SER C 598 -47.58 8.10 1.49
N GLU C 599 -48.36 8.15 0.41
CA GLU C 599 -48.07 9.10 -0.66
C GLU C 599 -48.36 10.54 -0.23
N VAL C 600 -49.31 10.75 0.69
CA VAL C 600 -49.55 12.09 1.18
C VAL C 600 -48.36 12.53 2.03
N VAL C 601 -47.87 11.62 2.86
CA VAL C 601 -46.66 11.90 3.62
C VAL C 601 -45.54 12.32 2.68
N ALA C 602 -45.42 11.64 1.54
CA ALA C 602 -44.37 12.01 0.60
C ALA C 602 -44.53 13.43 0.07
N VAL C 603 -45.77 13.89 -0.10
CA VAL C 603 -45.97 15.26 -0.58
C VAL C 603 -45.50 16.24 0.48
N CYS C 604 -45.84 15.94 1.73
CA CYS C 604 -45.40 16.81 2.81
C CYS C 604 -43.89 16.84 2.91
N GLN C 605 -43.28 15.67 2.80
CA GLN C 605 -41.83 15.54 2.86
C GLN C 605 -41.20 16.50 1.87
N SER C 606 -41.73 16.52 0.65
CA SER C 606 -41.16 17.43 -0.34
C SER C 606 -41.39 18.89 0.04
N LEU C 607 -42.55 19.20 0.63
CA LEU C 607 -42.80 20.58 1.03
C LEU C 607 -41.84 21.02 2.13
N GLN C 608 -41.65 20.15 3.12
CA GLN C 608 -40.73 20.39 4.20
C GLN C 608 -39.33 20.64 3.65
N GLN C 609 -38.97 19.91 2.58
CA GLN C 609 -37.66 20.11 1.97
C GLN C 609 -37.58 21.44 1.23
N VAL C 610 -38.70 21.89 0.68
CA VAL C 610 -38.65 23.19 0.00
C VAL C 610 -38.54 24.30 1.03
N ALA C 611 -39.32 24.22 2.10
CA ALA C 611 -39.18 25.17 3.20
C ALA C 611 -37.75 25.18 3.73
N GLU C 612 -37.16 23.98 3.84
CA GLU C 612 -35.78 23.82 4.26
C GLU C 612 -34.82 24.54 3.32
N LYS C 613 -35.22 24.72 2.08
CA LYS C 613 -34.35 25.44 1.16
C LYS C 613 -34.65 26.93 1.14
N CYS C 614 -35.90 27.30 1.38
CA CYS C 614 -36.37 28.68 1.39
C CYS C 614 -35.83 29.48 2.58
N GLN C 615 -35.40 28.82 3.65
CA GLN C 615 -34.93 29.55 4.81
C GLN C 615 -33.65 30.34 4.55
N GLN C 616 -32.99 30.12 3.41
CA GLN C 616 -31.81 30.89 3.03
C GLN C 616 -32.21 32.29 2.60
N ASP C 617 -32.90 32.39 1.45
CA ASP C 617 -33.40 33.66 0.91
C ASP C 617 -34.57 34.19 1.75
N PRO C 618 -34.54 35.44 2.22
CA PRO C 618 -35.65 35.91 3.08
C PRO C 618 -37.00 35.95 2.39
N GLU C 619 -37.06 36.43 1.14
CA GLU C 619 -38.34 36.49 0.44
C GLU C 619 -38.92 35.08 0.25
N SER C 620 -38.04 34.12 -0.02
CA SER C 620 -38.48 32.75 -0.30
C SER C 620 -39.26 32.17 0.88
N TYR C 621 -38.70 32.25 2.09
CA TYR C 621 -39.45 31.69 3.20
C TYR C 621 -40.65 32.57 3.52
N TRP C 622 -40.63 33.85 3.13
CA TRP C 622 -41.81 34.68 3.35
C TRP C 622 -42.99 34.17 2.52
N TYR C 623 -42.72 33.83 1.26
CA TYR C 623 -43.77 33.30 0.39
C TYR C 623 -44.24 31.93 0.89
N PHE C 624 -43.30 31.08 1.29
CA PHE C 624 -43.67 29.77 1.80
C PHE C 624 -44.52 29.89 3.06
N HIS C 625 -44.24 30.89 3.89
CA HIS C 625 -45.06 31.05 5.09
C HIS C 625 -46.43 31.60 4.75
N LYS C 626 -46.54 32.36 3.69
CA LYS C 626 -47.87 32.80 3.33
C LYS C 626 -48.67 31.68 2.69
N THR C 627 -48.02 30.57 2.36
CA THR C 627 -48.76 29.39 1.89
C THR C 627 -48.76 28.29 2.93
N ALA C 628 -48.22 28.58 4.11
CA ALA C 628 -48.35 27.75 5.30
C ALA C 628 -49.74 27.91 5.87
N VAL C 629 -50.36 29.02 5.54
CA VAL C 629 -51.71 29.40 5.90
C VAL C 629 -52.68 28.51 5.13
N PRO C 630 -52.67 28.47 3.80
CA PRO C 630 -53.53 27.50 3.08
C PRO C 630 -53.28 26.07 3.50
N CYS C 631 -52.08 25.76 3.99
CA CYS C 631 -51.80 24.43 4.45
C CYS C 631 -52.66 24.09 5.66
N LEU C 632 -52.74 25.01 6.64
CA LEU C 632 -53.61 24.81 7.80
C LEU C 632 -55.10 24.85 7.43
N PHE C 633 -55.46 25.62 6.40
CA PHE C 633 -56.86 25.68 5.96
C PHE C 633 -57.33 24.31 5.47
N ALA C 634 -56.49 23.67 4.67
CA ALA C 634 -56.76 22.35 4.12
C ALA C 634 -56.90 21.32 5.23
N LEU C 635 -56.49 21.69 6.45
CA LEU C 635 -56.62 20.84 7.63
C LEU C 635 -57.86 21.12 8.45
N ALA C 636 -58.19 22.41 8.65
CA ALA C 636 -59.38 22.79 9.40
C ALA C 636 -60.64 22.21 8.73
N VAL C 637 -60.69 22.36 7.41
CA VAL C 637 -61.81 21.82 6.65
C VAL C 637 -62.05 20.35 6.98
N GLN C 638 -60.99 19.59 7.25
CA GLN C 638 -61.15 18.18 7.58
C GLN C 638 -61.91 17.93 8.88
N ALA C 639 -61.89 18.88 9.82
CA ALA C 639 -62.68 18.77 11.05
C ALA C 639 -64.11 19.29 10.89
N SER C 640 -64.34 20.29 10.02
CA SER C 640 -65.68 20.87 9.94
C SER C 640 -66.78 19.95 9.36
N MET C 641 -66.42 18.87 8.63
CA MET C 641 -67.45 18.05 7.99
C MET C 641 -68.24 17.17 8.96
N PRO C 642 -67.64 16.20 9.67
CA PRO C 642 -68.49 15.36 10.51
C PRO C 642 -68.76 15.96 11.91
N LEU C 653 -60.38 10.02 6.16
CA LEU C 653 -59.64 10.76 5.14
C LEU C 653 -58.11 10.61 5.45
N LEU C 654 -57.44 11.69 5.83
CA LEU C 654 -56.03 11.62 6.16
C LEU C 654 -55.84 10.70 7.35
N GLU C 655 -54.72 9.98 7.37
CA GLU C 655 -54.46 9.10 8.51
C GLU C 655 -53.93 9.92 9.69
N ASP C 656 -54.18 9.42 10.92
CA ASP C 656 -53.78 10.17 12.11
C ASP C 656 -52.30 10.51 12.12
N GLU C 657 -51.45 9.60 11.64
CA GLU C 657 -50.02 9.88 11.75
C GLU C 657 -49.55 10.88 10.69
N VAL C 658 -50.19 10.91 9.52
CA VAL C 658 -49.79 11.78 8.41
C VAL C 658 -49.67 13.23 8.90
N LEU C 659 -50.54 13.59 9.85
CA LEU C 659 -50.58 14.93 10.44
C LEU C 659 -49.22 15.32 10.98
N ALA C 660 -48.55 14.39 11.66
CA ALA C 660 -47.27 14.71 12.28
C ALA C 660 -46.24 15.17 11.26
N ALA C 661 -46.19 14.53 10.10
CA ALA C 661 -45.26 14.96 9.06
C ALA C 661 -45.67 16.33 8.54
N LEU C 662 -46.98 16.58 8.48
CA LEU C 662 -47.42 17.92 8.05
C LEU C 662 -46.98 18.96 9.06
N ALA C 663 -47.07 18.61 10.33
CA ALA C 663 -46.67 19.53 11.38
C ALA C 663 -45.17 19.79 11.33
N SER C 664 -44.37 18.77 11.03
CA SER C 664 -42.93 18.99 10.91
C SER C 664 -42.64 19.94 9.75
N VAL C 665 -43.47 19.87 8.71
CA VAL C 665 -43.32 20.75 7.56
C VAL C 665 -43.60 22.19 7.97
N ILE C 666 -44.68 22.37 8.71
CA ILE C 666 -45.05 23.69 9.20
C ILE C 666 -43.93 24.25 10.07
N GLY C 667 -43.36 23.39 10.92
CA GLY C 667 -42.26 23.81 11.77
C GLY C 667 -41.08 24.31 10.96
N THR C 668 -40.74 23.60 9.89
CA THR C 668 -39.66 24.06 9.03
C THR C 668 -40.00 25.41 8.42
N ALA C 669 -41.28 25.70 8.23
CA ALA C 669 -41.61 27.04 7.71
C ALA C 669 -41.37 28.11 8.78
N THR C 670 -41.86 27.88 9.99
CA THR C 670 -41.83 28.90 11.04
C THR C 670 -40.45 29.36 11.45
N THR C 671 -39.49 28.44 11.51
CA THR C 671 -38.19 28.87 11.96
C THR C 671 -37.56 29.73 10.89
N HIS C 672 -36.56 30.52 11.30
CA HIS C 672 -35.94 31.49 10.42
C HIS C 672 -37.01 32.45 9.90
N LEU C 673 -37.52 33.27 10.81
CA LEU C 673 -38.63 34.16 10.50
C LEU C 673 -38.38 35.58 11.00
N SER C 674 -38.74 36.54 10.15
CA SER C 674 -38.69 37.95 10.51
C SER C 674 -39.57 38.20 11.74
N PRO C 675 -39.06 38.90 12.77
CA PRO C 675 -39.89 39.08 13.98
C PRO C 675 -41.22 39.79 13.72
N GLU C 676 -41.28 40.68 12.72
CA GLU C 676 -42.56 41.31 12.40
C GLU C 676 -43.48 40.35 11.67
N LEU C 677 -42.91 39.53 10.78
CA LEU C 677 -43.71 38.55 10.07
C LEU C 677 -44.19 37.47 11.05
N ALA C 678 -43.35 37.15 12.03
CA ALA C 678 -43.74 36.20 13.08
C ALA C 678 -44.94 36.73 13.83
N ALA C 679 -44.87 37.96 14.34
CA ALA C 679 -46.02 38.53 15.04
C ALA C 679 -47.27 38.47 14.16
N GLN C 680 -47.10 38.77 12.86
CA GLN C 680 -48.23 38.76 11.94
C GLN C 680 -48.89 37.38 11.87
N SER C 681 -48.09 36.33 11.70
CA SER C 681 -48.72 35.02 11.59
C SER C 681 -49.19 34.48 12.93
N VAL C 682 -48.63 34.96 14.05
CA VAL C 682 -49.14 34.52 15.34
C VAL C 682 -50.54 35.07 15.54
N THR C 683 -50.72 36.33 15.17
CA THR C 683 -52.01 37.00 15.25
C THR C 683 -53.00 36.52 14.19
N CYS C 684 -52.62 35.54 13.40
CA CYS C 684 -53.53 34.80 12.52
C CYS C 684 -53.79 33.39 13.01
N ILE C 685 -52.77 32.69 13.49
CA ILE C 685 -52.91 31.32 13.96
C ILE C 685 -53.47 31.18 15.37
N VAL C 686 -52.86 31.86 16.34
CA VAL C 686 -53.35 31.79 17.71
C VAL C 686 -54.80 32.23 17.72
N PRO C 687 -55.24 33.23 16.94
CA PRO C 687 -56.67 33.55 16.97
C PRO C 687 -57.53 32.41 16.54
N LEU C 688 -57.09 31.69 15.50
CA LEU C 688 -57.87 30.59 14.95
C LEU C 688 -58.07 29.49 15.96
N PHE C 689 -57.02 29.05 16.61
CA PHE C 689 -57.36 28.06 17.58
C PHE C 689 -58.21 28.74 18.65
N LEU C 690 -57.73 29.84 19.25
CA LEU C 690 -58.26 30.28 20.55
C LEU C 690 -59.73 30.67 20.47
N ASP C 691 -60.10 31.42 19.45
CA ASP C 691 -61.46 31.92 19.33
C ASP C 691 -62.19 31.43 18.10
N GLY C 692 -61.56 30.64 17.26
CA GLY C 692 -62.19 30.17 16.05
C GLY C 692 -62.13 31.14 14.88
N ASN C 693 -61.46 32.29 15.02
CA ASN C 693 -61.38 33.25 13.93
C ASN C 693 -60.70 32.61 12.73
N THR C 694 -61.30 32.73 11.54
CA THR C 694 -60.72 32.19 10.32
C THR C 694 -60.62 33.27 9.26
N SER C 695 -60.39 34.52 9.69
CA SER C 695 -60.40 35.65 8.76
C SER C 695 -59.34 35.51 7.68
N PHE C 696 -58.10 35.21 8.09
CA PHE C 696 -57.00 35.12 7.15
C PHE C 696 -57.21 33.97 6.16
N LEU C 697 -57.72 32.81 6.64
CA LEU C 697 -57.90 31.64 5.80
C LEU C 697 -59.07 31.82 4.82
N PRO C 698 -59.05 31.12 3.66
CA PRO C 698 -60.15 31.29 2.67
C PRO C 698 -61.54 30.80 3.12
N GLU C 699 -62.59 31.48 2.58
CA GLU C 699 -64.03 31.31 2.85
C GLU C 699 -64.56 29.86 2.85
N ASN C 700 -63.95 28.93 2.09
CA ASN C 700 -64.54 27.59 1.94
C ASN C 700 -64.66 26.84 3.27
N SER C 701 -63.79 27.14 4.27
CA SER C 701 -63.88 26.47 5.57
C SER C 701 -65.02 26.96 6.44
N PHE C 702 -65.63 28.09 6.11
CA PHE C 702 -66.58 28.69 7.05
C PHE C 702 -67.76 27.76 7.36
N PRO C 703 -68.33 26.98 6.37
CA PRO C 703 -69.51 26.12 6.62
C PRO C 703 -69.46 25.22 7.89
N PHE C 706 -66.79 27.80 15.14
CA PHE C 706 -65.84 26.70 15.31
C PHE C 706 -64.95 26.80 16.60
N GLN C 707 -65.21 25.97 17.64
CA GLN C 707 -64.46 26.02 18.92
C GLN C 707 -63.72 24.71 19.18
N PRO C 708 -62.40 24.70 19.12
CA PRO C 708 -61.66 23.48 19.45
C PRO C 708 -61.42 23.36 20.94
N PHE C 709 -61.61 24.48 21.62
CA PHE C 709 -61.16 24.58 22.99
C PHE C 709 -62.19 24.14 24.03
N GLN C 710 -63.44 24.60 23.98
CA GLN C 710 -64.44 24.29 25.02
C GLN C 710 -65.64 23.45 24.56
N ASP C 711 -65.63 22.89 23.35
CA ASP C 711 -66.77 22.15 22.83
C ASP C 711 -66.72 20.68 23.24
N GLY C 712 -65.61 20.05 22.88
CA GLY C 712 -65.33 18.65 23.11
C GLY C 712 -65.32 17.85 21.82
N SER C 713 -65.31 18.53 20.68
CA SER C 713 -65.37 17.86 19.40
C SER C 713 -64.01 17.24 19.05
N SER C 714 -64.06 15.95 18.74
CA SER C 714 -62.85 15.20 18.43
C SER C 714 -62.03 15.78 17.28
N GLY C 715 -62.68 16.30 16.24
CA GLY C 715 -61.94 16.74 15.06
C GLY C 715 -60.91 17.83 15.31
N GLN C 716 -61.44 18.91 15.84
CA GLN C 716 -60.73 20.13 16.23
C GLN C 716 -59.66 19.85 17.28
N ARG C 717 -59.91 18.89 18.17
CA ARG C 717 -58.94 18.52 19.19
C ARG C 717 -57.75 17.82 18.55
N ARG C 718 -58.01 17.04 17.50
CA ARG C 718 -56.92 16.44 16.76
C ARG C 718 -55.97 17.48 16.18
N LEU C 719 -56.52 18.60 15.69
CA LEU C 719 -55.74 19.64 15.00
C LEU C 719 -54.74 20.37 15.89
N VAL C 720 -54.75 20.11 17.19
CA VAL C 720 -53.84 20.78 18.12
C VAL C 720 -52.40 20.48 17.79
N ALA C 721 -52.13 19.27 17.26
CA ALA C 721 -50.74 18.91 17.07
C ALA C 721 -50.06 19.77 16.01
N LEU C 722 -50.83 20.45 15.19
CA LEU C 722 -50.21 21.41 14.28
C LEU C 722 -49.76 22.65 15.03
N LEU C 723 -50.49 22.96 16.11
CA LEU C 723 -50.08 24.02 16.99
C LEU C 723 -48.78 23.65 17.67
N THR C 724 -48.67 22.38 18.11
CA THR C 724 -47.40 21.93 18.67
C THR C 724 -46.28 22.27 17.71
N ALA C 725 -46.46 21.91 16.44
CA ALA C 725 -45.45 22.25 15.44
C ALA C 725 -45.24 23.75 15.32
N PHE C 726 -46.32 24.54 15.36
CA PHE C 726 -46.14 25.97 15.12
C PHE C 726 -45.58 26.76 16.30
N VAL C 727 -46.45 27.13 17.24
CA VAL C 727 -46.12 27.96 18.38
C VAL C 727 -44.79 27.56 19.01
N CYS C 728 -44.61 26.26 19.21
CA CYS C 728 -43.37 25.72 19.75
C CYS C 728 -42.22 25.65 18.72
N SER C 729 -42.38 26.26 17.54
CA SER C 729 -41.28 26.35 16.57
C SER C 729 -41.11 27.78 16.09
N LEU C 730 -41.27 28.72 16.96
CA LEU C 730 -41.17 30.15 16.72
C LEU C 730 -39.86 30.67 17.29
N PRO C 731 -39.37 31.84 16.84
CA PRO C 731 -38.15 32.40 17.43
C PRO C 731 -38.30 32.68 18.91
N ARG C 732 -37.15 32.86 19.55
CA ARG C 732 -37.15 33.06 20.99
C ARG C 732 -37.98 34.26 21.40
N ASN C 733 -37.93 35.33 20.60
CA ASN C 733 -38.70 36.52 20.91
C ASN C 733 -40.07 36.34 20.25
N VAL C 734 -40.97 35.64 20.95
CA VAL C 734 -42.22 35.24 20.31
C VAL C 734 -43.23 36.36 20.43
N GLU C 735 -43.22 37.09 21.54
CA GLU C 735 -44.15 38.18 21.76
C GLU C 735 -45.59 37.72 21.57
N ILE C 736 -45.93 36.54 22.09
CA ILE C 736 -47.28 35.99 21.92
C ILE C 736 -48.31 36.90 22.60
N PRO C 737 -49.50 37.09 22.04
CA PRO C 737 -50.46 38.01 22.66
C PRO C 737 -51.17 37.46 23.90
N GLN C 738 -51.48 36.17 23.96
CA GLN C 738 -52.24 35.59 25.09
C GLN C 738 -51.67 34.25 25.49
N LEU C 739 -50.46 34.29 26.01
CA LEU C 739 -49.84 33.06 26.45
C LEU C 739 -50.59 32.44 27.63
N ASN C 740 -51.05 33.29 28.57
CA ASN C 740 -51.71 32.76 29.77
C ASN C 740 -52.96 31.98 29.41
N ARG C 741 -53.82 32.53 28.54
CA ARG C 741 -55.06 31.82 28.25
C ARG C 741 -54.79 30.52 27.49
N LEU C 742 -53.91 30.58 26.48
CA LEU C 742 -53.66 29.38 25.70
C LEU C 742 -53.18 28.26 26.60
N MET C 743 -52.19 28.53 27.46
CA MET C 743 -51.70 27.46 28.32
C MET C 743 -52.77 27.00 29.30
N ARG C 744 -53.62 27.91 29.78
CA ARG C 744 -54.70 27.54 30.70
C ARG C 744 -55.63 26.55 30.03
N GLU C 745 -55.98 26.84 28.79
CA GLU C 745 -56.86 25.94 28.08
C GLU C 745 -56.15 24.60 27.84
N LEU C 746 -54.86 24.66 27.53
CA LEU C 746 -54.08 23.46 27.22
C LEU C 746 -54.07 22.49 28.40
N LEU C 747 -53.94 23.02 29.61
CA LEU C 747 -53.86 22.11 30.76
C LEU C 747 -55.14 21.30 30.92
N LYS C 748 -56.31 21.94 30.81
CA LYS C 748 -57.56 21.22 30.92
C LYS C 748 -57.70 20.22 29.78
N GLN C 749 -57.34 20.65 28.57
CA GLN C 749 -57.43 19.77 27.41
C GLN C 749 -56.54 18.55 27.55
N SER C 750 -55.37 18.74 28.17
CA SER C 750 -54.35 17.71 28.25
C SER C 750 -54.83 16.48 29.00
N CYS C 751 -55.46 16.64 30.17
CA CYS C 751 -55.90 15.49 30.94
C CYS C 751 -57.42 15.31 31.04
N GLY C 752 -58.20 16.38 30.99
CA GLY C 752 -59.65 16.24 31.18
C GLY C 752 -60.33 15.41 30.10
N HIS C 753 -59.99 15.64 28.84
CA HIS C 753 -60.61 14.88 27.75
C HIS C 753 -60.30 13.40 27.84
N SER C 754 -59.09 13.07 28.27
CA SER C 754 -58.57 11.70 28.33
C SER C 754 -58.52 11.01 26.97
N CYS C 755 -58.17 11.76 25.91
CA CYS C 755 -58.03 11.22 24.55
C CYS C 755 -56.77 10.36 24.41
N PRO C 756 -56.79 9.35 23.52
CA PRO C 756 -55.58 8.52 23.35
C PRO C 756 -54.37 9.31 22.88
N PHE C 757 -54.55 10.23 21.94
CA PHE C 757 -53.45 11.04 21.45
C PHE C 757 -53.76 12.52 21.40
N SER C 758 -55.02 12.92 21.32
CA SER C 758 -55.34 14.34 21.25
C SER C 758 -54.93 15.04 22.55
N SER C 759 -55.17 14.40 23.69
CA SER C 759 -54.80 15.00 24.97
C SER C 759 -53.30 15.20 25.07
N THR C 760 -52.54 14.22 24.62
CA THR C 760 -51.09 14.34 24.68
C THR C 760 -50.62 15.52 23.85
N ALA C 761 -51.20 15.74 22.67
CA ALA C 761 -50.76 16.86 21.85
C ALA C 761 -50.85 18.15 22.65
N ALA C 762 -51.89 18.28 23.48
CA ALA C 762 -51.99 19.43 24.35
C ALA C 762 -50.85 19.46 25.35
N THR C 763 -50.51 18.31 25.94
CA THR C 763 -49.39 18.35 26.87
C THR C 763 -48.08 18.66 26.14
N LYS C 764 -47.88 18.01 24.98
CA LYS C 764 -46.70 18.27 24.16
C LYS C 764 -46.55 19.76 23.91
N CYS C 765 -47.64 20.39 23.50
CA CYS C 765 -47.62 21.82 23.21
C CYS C 765 -47.36 22.65 24.46
N PHE C 766 -48.07 22.36 25.53
CA PHE C 766 -47.88 23.10 26.77
C PHE C 766 -46.42 23.04 27.18
N ALA C 767 -45.88 21.83 27.23
CA ALA C 767 -44.49 21.66 27.61
C ALA C 767 -43.54 22.31 26.61
N GLY C 768 -43.82 22.19 25.31
CA GLY C 768 -43.00 22.82 24.29
C GLY C 768 -42.87 24.31 24.51
N LEU C 769 -43.99 24.96 24.80
CA LEU C 769 -44.02 26.39 25.07
C LEU C 769 -43.50 26.73 26.47
N LEU C 770 -43.65 25.81 27.42
CA LEU C 770 -43.16 26.03 28.77
C LEU C 770 -41.64 26.05 28.80
N ASN C 771 -41.03 25.09 28.13
CA ASN C 771 -39.59 25.03 28.01
C ASN C 771 -39.03 26.34 27.48
N LYS C 772 -39.57 26.79 26.35
CA LYS C 772 -39.15 28.00 25.65
C LYS C 772 -39.33 29.27 26.46
N GLN C 773 -40.28 29.27 27.38
CA GLN C 773 -40.63 30.44 28.17
C GLN C 773 -39.48 30.96 29.03
N PRO C 774 -39.28 32.28 29.12
CA PRO C 774 -38.20 32.82 29.96
C PRO C 774 -38.59 32.81 31.43
N PRO C 775 -37.64 33.06 32.36
CA PRO C 775 -37.94 32.93 33.80
C PRO C 775 -38.78 34.04 34.42
N GLY C 776 -39.68 34.66 33.65
CA GLY C 776 -40.54 35.69 34.20
C GLY C 776 -41.51 35.16 35.25
N GLN C 777 -42.01 36.08 36.07
CA GLN C 777 -42.98 35.76 37.12
C GLN C 777 -44.19 35.02 36.58
N GLN C 778 -44.33 34.95 35.25
CA GLN C 778 -45.40 34.14 34.66
C GLN C 778 -45.03 32.66 34.63
N LEU C 779 -43.81 32.35 34.19
CA LEU C 779 -43.33 30.97 34.11
C LEU C 779 -43.64 30.18 35.38
N GLU C 780 -43.39 30.77 36.55
CA GLU C 780 -43.69 30.06 37.79
C GLU C 780 -45.19 29.85 37.95
N GLU C 781 -46.01 30.77 37.43
CA GLU C 781 -47.46 30.58 37.46
C GLU C 781 -47.86 29.42 36.55
N PHE C 782 -47.22 29.33 35.39
CA PHE C 782 -47.46 28.22 34.48
C PHE C 782 -47.08 26.92 35.14
N LEU C 783 -46.02 26.94 35.95
CA LEU C 783 -45.61 25.74 36.66
C LEU C 783 -46.59 25.41 37.77
N GLN C 784 -47.09 26.44 38.46
CA GLN C 784 -48.11 26.21 39.47
C GLN C 784 -49.31 25.50 38.87
N LEU C 785 -49.74 25.97 37.69
CA LEU C 785 -50.90 25.37 37.05
C LEU C 785 -50.57 23.99 36.51
N ALA C 786 -49.31 23.75 36.13
CA ALA C 786 -48.91 22.44 35.61
C ALA C 786 -48.89 21.41 36.74
N VAL C 787 -48.11 21.66 37.80
CA VAL C 787 -48.08 20.73 38.92
C VAL C 787 -49.47 20.59 39.52
N GLY C 788 -50.30 21.64 39.42
CA GLY C 788 -51.67 21.54 39.84
C GLY C 788 -52.45 20.52 39.07
N THR C 789 -52.64 20.74 37.77
CA THR C 789 -53.42 19.79 36.98
C THR C 789 -52.82 18.40 37.03
N VAL C 790 -51.49 18.28 37.12
CA VAL C 790 -50.88 16.96 37.19
C VAL C 790 -51.30 16.24 38.46
N GLU C 791 -51.03 16.84 39.62
CA GLU C 791 -51.39 16.19 40.87
C GLU C 791 -52.90 15.97 40.96
N ALA C 792 -53.69 16.88 40.37
CA ALA C 792 -55.13 16.71 40.41
C ALA C 792 -55.55 15.48 39.62
N GLY C 793 -54.98 15.30 38.43
CA GLY C 793 -55.29 14.12 37.65
C GLY C 793 -54.77 12.85 38.30
N LEU C 794 -53.65 12.95 39.00
CA LEU C 794 -53.13 11.80 39.71
C LEU C 794 -54.01 11.45 40.89
N ALA C 795 -54.82 12.40 41.36
CA ALA C 795 -55.75 12.09 42.44
C ALA C 795 -56.99 11.36 41.91
N SER C 796 -57.54 11.82 40.78
CA SER C 796 -58.74 11.20 40.21
C SER C 796 -58.42 9.84 39.61
N GLU C 797 -59.28 8.86 39.90
CA GLU C 797 -59.11 7.51 39.37
C GLU C 797 -59.31 7.44 37.86
N SER C 798 -60.20 8.27 37.32
CA SER C 798 -60.62 8.13 35.92
C SER C 798 -59.50 8.35 34.90
N SER C 799 -58.67 9.39 35.06
CA SER C 799 -57.66 9.72 34.03
C SER C 799 -56.26 9.88 34.64
N ARG C 800 -55.64 8.76 34.98
CA ARG C 800 -54.31 8.84 35.56
C ARG C 800 -53.27 9.01 34.47
N ASP C 801 -53.41 8.29 33.37
CA ASP C 801 -52.45 8.33 32.28
C ASP C 801 -52.37 9.71 31.64
N GLN C 802 -53.49 10.38 31.46
CA GLN C 802 -53.43 11.71 30.87
C GLN C 802 -52.60 12.63 31.75
N ALA C 803 -52.78 12.51 33.06
CA ALA C 803 -52.01 13.30 34.01
C ALA C 803 -50.57 12.87 33.99
N PHE C 804 -50.34 11.57 33.77
CA PHE C 804 -48.99 11.05 33.74
C PHE C 804 -48.23 11.58 32.54
N THR C 805 -48.79 11.44 31.34
CA THR C 805 -48.13 11.97 30.16
C THR C 805 -47.80 13.44 30.36
N LEU C 806 -48.76 14.23 30.86
CA LEU C 806 -48.44 15.63 31.10
C LEU C 806 -47.26 15.76 32.07
N LEU C 807 -47.21 14.90 33.09
CA LEU C 807 -46.11 14.95 34.03
C LEU C 807 -44.80 14.71 33.32
N LEU C 808 -44.78 13.69 32.49
CA LEU C 808 -43.60 13.32 31.73
C LEU C 808 -43.08 14.47 30.90
N TRP C 809 -43.93 14.98 30.03
CA TRP C 809 -43.48 16.01 29.11
C TRP C 809 -43.07 17.26 29.89
N VAL C 810 -43.74 17.56 31.00
CA VAL C 810 -43.35 18.73 31.79
C VAL C 810 -42.00 18.50 32.46
N THR C 811 -41.80 17.33 33.05
CA THR C 811 -40.49 17.04 33.65
C THR C 811 -39.40 17.06 32.60
N LYS C 812 -39.70 16.60 31.37
CA LYS C 812 -38.70 16.66 30.31
C LYS C 812 -38.33 18.08 29.98
N ALA C 813 -39.34 18.90 29.67
CA ALA C 813 -39.11 20.30 29.34
C ALA C 813 -38.26 20.97 30.42
N LEU C 814 -38.53 20.68 31.68
CA LEU C 814 -37.73 21.29 32.73
C LEU C 814 -36.37 20.61 32.92
N VAL C 815 -36.18 19.40 32.42
CA VAL C 815 -34.90 18.72 32.52
C VAL C 815 -33.93 19.23 31.47
N LEU C 816 -34.41 19.41 30.24
CA LEU C 816 -33.58 19.93 29.17
C LEU C 816 -33.18 21.36 29.43
N ARG C 817 -33.88 22.02 30.33
CA ARG C 817 -33.64 23.38 30.74
C ARG C 817 -32.76 23.46 31.98
N TYR C 818 -32.60 22.33 32.67
CA TYR C 818 -32.08 22.24 34.03
C TYR C 818 -32.73 23.31 34.91
N HIS C 819 -34.02 23.26 34.97
CA HIS C 819 -34.81 24.14 35.82
C HIS C 819 -35.01 23.47 37.17
N PRO C 820 -34.78 24.18 38.27
CA PRO C 820 -34.84 23.54 39.61
C PRO C 820 -36.06 22.67 39.87
N LEU C 821 -37.27 23.07 39.48
CA LEU C 821 -38.46 22.25 39.79
C LEU C 821 -38.39 20.84 39.21
N SER C 822 -37.58 20.62 38.17
CA SER C 822 -37.45 19.27 37.64
C SER C 822 -36.90 18.31 38.67
N ALA C 823 -36.21 18.84 39.69
CA ALA C 823 -35.72 17.99 40.77
C ALA C 823 -36.85 17.26 41.46
N CYS C 824 -37.97 17.96 41.70
CA CYS C 824 -39.07 17.30 42.40
C CYS C 824 -39.82 16.37 41.46
N LEU C 825 -40.25 16.92 40.33
CA LEU C 825 -41.06 16.17 39.38
C LEU C 825 -40.38 14.86 38.96
N THR C 826 -39.06 14.86 38.75
CA THR C 826 -38.44 13.59 38.41
C THR C 826 -38.47 12.66 39.59
N THR C 827 -38.24 13.17 40.79
CA THR C 827 -38.37 12.30 41.95
C THR C 827 -39.83 12.04 42.29
N ARG C 828 -40.75 12.59 41.51
CA ARG C 828 -42.14 12.18 41.62
C ARG C 828 -42.34 10.94 40.77
N LEU C 829 -41.75 10.96 39.57
CA LEU C 829 -41.79 9.81 38.67
C LEU C 829 -40.95 8.68 39.24
N MET C 830 -40.15 8.98 40.26
CA MET C 830 -39.43 7.96 40.98
C MET C 830 -40.39 7.18 41.87
N GLY C 831 -41.30 7.88 42.53
CA GLY C 831 -42.27 7.19 43.37
C GLY C 831 -43.25 6.37 42.54
N LEU C 832 -43.71 6.92 41.41
CA LEU C 832 -44.69 6.23 40.59
C LEU C 832 -44.18 4.89 40.07
N LEU C 833 -42.87 4.66 40.11
CA LEU C 833 -42.37 3.36 39.68
C LEU C 833 -42.96 2.24 40.52
N SER C 834 -43.32 2.53 41.77
CA SER C 834 -43.93 1.54 42.64
C SER C 834 -45.45 1.47 42.52
N ASP C 835 -46.08 2.39 41.80
CA ASP C 835 -47.52 2.33 41.60
C ASP C 835 -47.87 1.24 40.59
N PRO C 836 -48.88 0.39 40.87
CA PRO C 836 -49.19 -0.70 39.94
C PRO C 836 -49.78 -0.24 38.63
N GLU C 837 -50.67 0.75 38.64
CA GLU C 837 -51.32 1.18 37.39
C GLU C 837 -50.32 1.81 36.43
N LEU C 838 -49.44 2.67 36.93
CA LEU C 838 -48.57 3.47 36.08
C LEU C 838 -47.12 2.98 36.00
N GLY C 839 -46.73 2.00 36.82
CA GLY C 839 -45.34 1.56 36.83
C GLY C 839 -44.73 1.38 35.45
N CYS C 840 -45.42 0.66 34.57
CA CYS C 840 -44.92 0.49 33.22
C CYS C 840 -44.97 1.81 32.48
N ALA C 841 -45.94 2.65 32.83
CA ALA C 841 -45.97 3.96 32.22
C ALA C 841 -44.83 4.80 32.75
N ALA C 842 -44.44 4.58 34.02
CA ALA C 842 -43.30 5.31 34.56
C ALA C 842 -42.03 4.94 33.82
N ALA C 843 -41.88 3.67 33.46
CA ALA C 843 -40.75 3.25 32.66
C ALA C 843 -40.78 3.92 31.29
N ASP C 844 -41.95 3.93 30.64
CA ASP C 844 -42.04 4.59 29.35
C ASP C 844 -41.61 6.05 29.45
N GLY C 845 -42.02 6.70 30.54
CA GLY C 845 -41.63 8.09 30.74
C GLY C 845 -40.15 8.32 30.87
N PHE C 846 -39.51 7.49 31.68
CA PHE C 846 -38.07 7.60 31.82
C PHE C 846 -37.41 7.44 30.47
N SER C 847 -37.92 6.50 29.67
CA SER C 847 -37.37 6.28 28.33
C SER C 847 -37.52 7.51 27.45
N LEU C 848 -38.68 8.18 27.51
CA LEU C 848 -38.85 9.37 26.69
C LEU C 848 -37.91 10.48 27.13
N LEU C 849 -37.76 10.67 28.44
CA LEU C 849 -36.87 11.70 28.93
C LEU C 849 -35.45 11.44 28.48
N MET C 850 -35.13 10.18 28.23
CA MET C 850 -33.78 9.82 27.86
C MET C 850 -33.45 10.04 26.38
N SER C 851 -34.43 10.28 25.52
CA SER C 851 -34.16 10.44 24.09
C SER C 851 -34.62 11.78 23.53
N ASP C 852 -33.82 12.34 22.64
CA ASP C 852 -34.27 13.52 21.89
C ASP C 852 -35.38 13.11 20.93
N CYS C 853 -36.35 14.00 20.76
CA CYS C 853 -37.52 13.76 19.91
C CYS C 853 -37.62 14.83 18.82
N THR C 854 -38.06 14.41 17.64
CA THR C 854 -38.11 15.30 16.48
C THR C 854 -39.19 16.37 16.59
N ASP C 855 -40.38 15.98 17.01
CA ASP C 855 -41.56 16.84 16.83
C ASP C 855 -41.60 18.08 17.74
N VAL C 856 -41.20 17.99 19.04
CA VAL C 856 -41.46 19.12 19.97
C VAL C 856 -40.39 20.17 20.06
N LEU C 857 -39.39 19.77 20.81
CA LEU C 857 -38.35 20.64 21.30
C LEU C 857 -37.08 20.20 20.65
N THR C 858 -36.55 21.05 19.80
CA THR C 858 -35.36 20.72 19.06
C THR C 858 -34.41 21.90 19.15
N ARG C 859 -33.14 21.57 18.95
CA ARG C 859 -32.10 22.60 18.93
C ARG C 859 -32.34 23.55 17.78
N ALA C 860 -32.74 23.02 16.63
CA ALA C 860 -33.07 23.81 15.45
C ALA C 860 -34.55 24.15 15.40
N GLY C 861 -35.32 23.69 16.36
CA GLY C 861 -36.74 24.00 16.44
C GLY C 861 -36.98 25.18 17.34
N HIS C 862 -35.93 25.94 17.65
CA HIS C 862 -35.95 27.10 18.55
C HIS C 862 -36.45 26.73 19.94
N ALA C 863 -36.14 25.53 20.37
CA ALA C 863 -36.48 25.11 21.72
C ALA C 863 -35.17 25.07 22.46
N ASP C 864 -35.13 25.73 23.61
CA ASP C 864 -33.87 25.91 24.30
C ASP C 864 -33.39 24.59 24.89
N VAL C 865 -32.15 24.22 24.60
CA VAL C 865 -31.55 23.04 25.21
C VAL C 865 -30.08 23.28 25.49
N ARG C 866 -29.62 22.60 26.51
CA ARG C 866 -28.22 22.54 26.90
C ARG C 866 -27.75 21.10 26.72
N ILE C 867 -26.58 20.92 26.13
CA ILE C 867 -26.12 19.59 25.73
C ILE C 867 -25.87 18.63 26.90
N MET C 868 -25.53 19.11 28.09
CA MET C 868 -25.03 18.24 29.15
C MET C 868 -26.10 17.58 30.02
N PHE C 869 -27.37 17.60 29.61
CA PHE C 869 -28.44 17.13 30.48
C PHE C 869 -28.27 15.67 30.89
N ARG C 870 -27.72 14.82 30.02
CA ARG C 870 -27.57 13.42 30.43
C ARG C 870 -26.66 13.29 31.64
N GLN C 871 -25.55 14.03 31.65
CA GLN C 871 -24.66 13.98 32.81
C GLN C 871 -25.38 14.45 34.07
N ARG C 872 -26.05 15.61 33.97
CA ARG C 872 -26.74 16.18 35.12
C ARG C 872 -27.88 15.28 35.60
N PHE C 873 -28.66 14.73 34.66
CA PHE C 873 -29.78 13.85 34.96
C PHE C 873 -29.30 12.56 35.59
N PHE C 874 -28.25 11.97 35.01
CA PHE C 874 -27.68 10.73 35.49
C PHE C 874 -27.17 10.85 36.92
N THR C 875 -26.47 11.95 37.22
CA THR C 875 -25.90 12.09 38.57
C THR C 875 -27.00 12.08 39.62
N ASP C 876 -28.09 12.83 39.37
CA ASP C 876 -29.20 12.82 40.30
C ASP C 876 -29.88 11.46 40.34
N ASN C 877 -30.03 10.82 39.18
CA ASN C 877 -30.79 9.58 39.08
C ASN C 877 -30.18 8.41 39.84
N VAL C 878 -28.85 8.24 39.82
CA VAL C 878 -28.25 7.02 40.39
C VAL C 878 -28.58 6.81 41.87
N PRO C 879 -28.44 7.79 42.76
CA PRO C 879 -28.83 7.51 44.15
C PRO C 879 -30.29 7.17 44.27
N ALA C 880 -31.15 7.92 43.59
CA ALA C 880 -32.58 7.65 43.68
C ALA C 880 -32.91 6.28 43.11
N LEU C 881 -32.40 5.94 41.92
CA LEU C 881 -32.79 4.64 41.34
C LEU C 881 -32.11 3.47 42.02
N VAL C 882 -30.82 3.55 42.36
CA VAL C 882 -30.16 2.43 43.00
C VAL C 882 -30.73 2.20 44.40
N GLN C 883 -30.89 3.28 45.18
CA GLN C 883 -31.53 3.17 46.49
C GLN C 883 -32.95 2.64 46.34
N GLY C 884 -33.70 3.14 45.34
CA GLY C 884 -35.07 2.70 45.14
C GLY C 884 -35.16 1.25 44.76
N PHE C 885 -34.20 0.76 44.00
CA PHE C 885 -34.24 -0.62 43.57
C PHE C 885 -34.05 -1.54 44.78
N HIS C 886 -33.03 -1.28 45.59
CA HIS C 886 -32.82 -2.17 46.72
C HIS C 886 -33.99 -2.15 47.70
N ALA C 887 -34.52 -0.96 47.98
CA ALA C 887 -35.63 -0.83 48.94
C ALA C 887 -36.99 -0.90 48.27
N ALA C 888 -37.14 -1.76 47.28
CA ALA C 888 -38.39 -1.97 46.58
C ALA C 888 -38.90 -3.37 46.82
N PRO C 889 -40.21 -3.55 46.97
CA PRO C 889 -40.75 -4.90 47.22
C PRO C 889 -40.60 -5.78 46.01
N GLN C 890 -40.52 -7.08 46.28
CA GLN C 890 -40.40 -8.13 45.27
C GLN C 890 -41.29 -7.89 44.04
N ASP C 891 -42.53 -7.46 44.25
CA ASP C 891 -43.46 -7.33 43.12
C ASP C 891 -43.12 -6.12 42.22
N VAL C 892 -43.06 -4.92 42.78
CA VAL C 892 -42.80 -3.77 41.94
C VAL C 892 -41.33 -3.36 42.02
N LYS C 893 -40.45 -4.35 42.06
CA LYS C 893 -38.99 -4.16 42.08
C LYS C 893 -38.37 -4.04 40.69
N PRO C 894 -38.83 -4.76 39.67
CA PRO C 894 -38.18 -4.64 38.36
C PRO C 894 -38.56 -3.40 37.58
N ASN C 895 -39.57 -2.65 38.03
CA ASN C 895 -39.89 -1.40 37.34
C ASN C 895 -38.75 -0.41 37.49
N TYR C 896 -38.08 -0.44 38.64
CA TYR C 896 -36.95 0.43 38.87
C TYR C 896 -35.79 0.08 37.96
N LEU C 897 -35.58 -1.21 37.69
CA LEU C 897 -34.50 -1.60 36.79
C LEU C 897 -34.85 -1.22 35.36
N LYS C 898 -36.11 -1.39 34.95
CA LYS C 898 -36.49 -0.98 33.61
C LYS C 898 -36.15 0.49 33.40
N GLY C 899 -36.40 1.32 34.42
CA GLY C 899 -36.03 2.72 34.31
C GLY C 899 -34.53 2.92 34.23
N LEU C 900 -33.80 2.30 35.15
CA LEU C 900 -32.35 2.42 35.15
C LEU C 900 -31.75 2.07 33.80
N SER C 901 -32.23 0.99 33.17
CA SER C 901 -31.71 0.59 31.87
C SER C 901 -32.04 1.62 30.80
N HIS C 902 -33.29 2.07 30.74
CA HIS C 902 -33.63 3.11 29.78
C HIS C 902 -32.78 4.36 29.98
N VAL C 903 -32.10 4.46 31.11
CA VAL C 903 -31.20 5.59 31.33
C VAL C 903 -29.79 5.20 30.92
N LEU C 904 -29.19 4.29 31.68
CA LEU C 904 -27.82 3.80 31.45
C LEU C 904 -27.51 3.55 29.99
N ASN C 905 -28.35 2.79 29.28
CA ASN C 905 -28.04 2.48 27.89
C ASN C 905 -28.18 3.68 26.96
N ARG C 906 -28.96 4.67 27.34
CA ARG C 906 -29.14 5.86 26.51
C ARG C 906 -28.11 6.94 26.81
N LEU C 907 -27.17 6.68 27.73
CA LEU C 907 -26.05 7.56 28.05
C LEU C 907 -24.72 6.92 27.71
N PRO C 908 -24.50 6.41 26.50
CA PRO C 908 -23.18 5.83 26.19
C PRO C 908 -22.18 6.98 26.15
N LYS C 909 -21.52 7.19 27.27
CA LYS C 909 -20.72 8.37 27.51
C LYS C 909 -19.43 7.99 28.23
N PRO C 910 -18.52 8.93 28.50
CA PRO C 910 -17.39 8.56 29.35
C PRO C 910 -17.83 8.22 30.75
N VAL C 911 -18.81 8.98 31.25
CA VAL C 911 -19.29 8.84 32.61
C VAL C 911 -19.77 7.44 32.96
N LEU C 912 -20.08 6.61 31.98
CA LEU C 912 -20.51 5.26 32.32
C LEU C 912 -19.36 4.44 32.88
N LEU C 913 -18.13 4.69 32.42
CA LEU C 913 -16.97 3.92 32.88
C LEU C 913 -16.65 4.07 34.36
N PRO C 914 -16.49 5.27 34.93
CA PRO C 914 -16.08 5.34 36.34
C PRO C 914 -17.12 4.86 37.32
N GLU C 915 -18.40 4.84 36.95
CA GLU C 915 -19.46 4.34 37.82
C GLU C 915 -19.78 2.87 37.55
N LEU C 916 -19.16 2.27 36.52
CA LEU C 916 -19.38 0.87 36.14
C LEU C 916 -19.22 -0.15 37.27
N PRO C 917 -18.24 -0.04 38.17
CA PRO C 917 -18.10 -1.08 39.21
C PRO C 917 -19.34 -1.26 40.06
N THR C 918 -20.05 -0.18 40.35
CA THR C 918 -21.26 -0.30 41.13
C THR C 918 -22.44 -0.63 40.23
N LEU C 919 -22.50 -0.01 39.05
CA LEU C 919 -23.64 -0.11 38.14
C LEU C 919 -23.72 -1.40 37.34
N LEU C 920 -22.58 -2.01 36.95
CA LEU C 920 -22.57 -3.21 36.10
C LEU C 920 -23.37 -4.34 36.77
N SER C 921 -23.24 -4.46 38.10
CA SER C 921 -23.98 -5.46 38.85
C SER C 921 -25.47 -5.40 38.53
N LEU C 922 -25.98 -4.20 38.33
CA LEU C 922 -27.37 -4.01 37.98
C LEU C 922 -27.60 -4.23 36.49
N LEU C 923 -26.69 -3.74 35.64
CA LEU C 923 -26.82 -3.91 34.20
C LEU C 923 -26.83 -5.39 33.83
N LEU C 924 -26.22 -6.24 34.64
CA LEU C 924 -26.26 -7.67 34.38
C LEU C 924 -27.62 -8.22 34.75
N GLU C 925 -28.20 -7.73 35.84
CA GLU C 925 -29.55 -8.14 36.21
C GLU C 925 -30.59 -7.48 35.34
N ALA C 926 -30.19 -6.52 34.50
CA ALA C 926 -31.07 -5.86 33.56
C ALA C 926 -31.32 -6.72 32.33
N LEU C 927 -30.42 -7.65 32.04
CA LEU C 927 -30.61 -8.56 30.92
C LEU C 927 -31.69 -9.60 31.24
N SER C 928 -31.84 -9.96 32.52
CA SER C 928 -32.84 -10.91 32.98
C SER C 928 -34.26 -10.37 32.95
N CYS C 929 -34.44 -9.11 32.52
CA CYS C 929 -35.77 -8.51 32.40
C CYS C 929 -36.51 -9.08 31.18
N PRO C 930 -37.82 -9.36 31.32
CA PRO C 930 -38.56 -9.95 30.19
C PRO C 930 -38.82 -9.01 29.02
N ASP C 931 -38.70 -7.70 29.17
CA ASP C 931 -38.98 -6.78 28.06
C ASP C 931 -37.89 -6.87 26.98
N SER C 932 -38.33 -7.07 25.73
CA SER C 932 -37.41 -7.19 24.60
C SER C 932 -36.64 -5.91 24.32
N VAL C 933 -37.28 -4.75 24.50
CA VAL C 933 -36.60 -3.48 24.25
C VAL C 933 -35.47 -3.30 25.24
N VAL C 934 -35.73 -3.63 26.51
CA VAL C 934 -34.71 -3.56 27.54
C VAL C 934 -33.56 -4.50 27.19
N GLN C 935 -33.90 -5.75 26.85
CA GLN C 935 -32.89 -6.73 26.47
C GLN C 935 -32.01 -6.19 25.34
N LEU C 936 -32.62 -5.63 24.30
CA LEU C 936 -31.87 -5.11 23.18
C LEU C 936 -30.97 -3.94 23.60
N SER C 937 -31.54 -2.99 24.33
CA SER C 937 -30.79 -1.80 24.73
C SER C 937 -29.60 -2.17 25.63
N THR C 938 -29.82 -3.03 26.61
CA THR C 938 -28.77 -3.38 27.55
C THR C 938 -27.67 -4.20 26.85
N LEU C 939 -28.06 -5.04 25.89
CA LEU C 939 -27.05 -5.78 25.14
C LEU C 939 -26.23 -4.83 24.27
N SER C 940 -26.91 -3.95 23.54
CA SER C 940 -26.23 -3.01 22.66
C SER C 940 -25.25 -2.14 23.44
N CYS C 941 -25.59 -1.80 24.69
CA CYS C 941 -24.69 -0.99 25.48
C CYS C 941 -23.52 -1.80 26.01
N LEU C 942 -23.75 -3.06 26.39
CA LEU C 942 -22.69 -3.88 26.95
C LEU C 942 -21.64 -4.26 25.90
N GLN C 943 -22.05 -4.41 24.64
CA GLN C 943 -21.12 -4.87 23.59
C GLN C 943 -19.80 -4.10 23.51
N PRO C 944 -19.78 -2.76 23.40
CA PRO C 944 -18.47 -2.08 23.29
C PRO C 944 -17.69 -2.09 24.58
N LEU C 945 -18.38 -2.00 25.73
CA LEU C 945 -17.71 -2.02 27.03
C LEU C 945 -16.68 -3.14 27.14
N LEU C 946 -16.99 -4.30 26.57
CA LEU C 946 -16.06 -5.43 26.59
C LEU C 946 -14.77 -5.07 25.87
N LEU C 947 -14.85 -4.25 24.83
CA LEU C 947 -13.72 -3.89 24.01
C LEU C 947 -13.05 -2.60 24.47
N GLU C 948 -13.67 -1.84 25.37
CA GLU C 948 -13.08 -0.60 25.86
C GLU C 948 -12.50 -0.73 27.27
N ALA C 949 -13.26 -1.27 28.22
CA ALA C 949 -12.80 -1.45 29.60
C ALA C 949 -12.91 -2.92 30.00
N PRO C 950 -12.04 -3.77 29.47
CA PRO C 950 -12.18 -5.21 29.73
C PRO C 950 -11.79 -5.63 31.13
N GLN C 951 -10.92 -4.90 31.83
CA GLN C 951 -10.49 -5.34 33.16
C GLN C 951 -11.63 -5.31 34.16
N ILE C 952 -12.54 -4.36 34.00
CA ILE C 952 -13.70 -4.30 34.89
C ILE C 952 -14.71 -5.36 34.51
N MET C 953 -14.83 -5.62 33.20
CA MET C 953 -15.76 -6.64 32.71
C MET C 953 -15.33 -8.04 33.11
N SER C 954 -14.05 -8.35 32.97
CA SER C 954 -13.49 -9.68 33.23
C SER C 954 -13.75 -10.17 34.65
N LEU C 955 -14.24 -9.33 35.54
CA LEU C 955 -14.56 -9.75 36.91
C LEU C 955 -15.92 -10.41 37.01
N HIS C 956 -16.78 -10.22 36.01
CA HIS C 956 -18.14 -10.75 35.99
C HIS C 956 -18.36 -11.79 34.88
N VAL C 957 -17.29 -12.40 34.38
CA VAL C 957 -17.39 -13.28 33.22
C VAL C 957 -18.44 -14.38 33.40
N ASP C 958 -18.46 -15.06 34.56
CA ASP C 958 -19.41 -16.16 34.72
C ASP C 958 -20.85 -15.67 34.51
N THR C 959 -21.20 -14.57 35.13
CA THR C 959 -22.57 -14.08 34.96
C THR C 959 -22.74 -13.42 33.60
N LEU C 960 -21.64 -12.96 32.99
CA LEU C 960 -21.70 -12.36 31.65
C LEU C 960 -22.06 -13.42 30.62
N VAL C 961 -21.28 -14.49 30.58
CA VAL C 961 -21.50 -15.57 29.64
C VAL C 961 -22.86 -16.22 29.88
N THR C 962 -23.22 -16.43 31.14
CA THR C 962 -24.51 -17.06 31.41
C THR C 962 -25.66 -16.21 30.86
N LYS C 963 -25.66 -14.90 31.14
CA LYS C 963 -26.74 -14.06 30.63
C LYS C 963 -26.75 -14.01 29.10
N PHE C 964 -25.57 -13.92 28.47
CA PHE C 964 -25.53 -13.83 27.01
C PHE C 964 -26.03 -15.11 26.35
N LEU C 965 -25.59 -16.28 26.84
CA LEU C 965 -26.05 -17.54 26.27
C LEU C 965 -27.53 -17.78 26.56
N ASN C 966 -28.04 -17.23 27.67
CA ASN C 966 -29.47 -17.33 27.91
C ASN C 966 -30.23 -16.57 26.85
N LEU C 967 -29.72 -15.39 26.49
CA LEU C 967 -30.42 -14.54 25.53
C LEU C 967 -30.21 -14.95 24.09
N SER C 968 -29.22 -15.78 23.79
CA SER C 968 -29.06 -16.24 22.42
C SER C 968 -30.07 -17.32 22.03
N SER C 969 -31.17 -17.43 22.78
CA SER C 969 -32.21 -18.41 22.49
C SER C 969 -33.58 -17.86 22.91
N SER C 970 -33.85 -16.59 22.59
CA SER C 970 -35.12 -15.94 22.88
C SER C 970 -36.03 -15.98 21.66
N TYR C 971 -37.26 -15.49 21.83
CA TYR C 971 -38.19 -15.46 20.71
C TYR C 971 -37.79 -14.42 19.68
N SER C 972 -37.34 -13.25 20.15
CA SER C 972 -36.95 -12.16 19.26
C SER C 972 -35.67 -12.50 18.48
N MET C 973 -35.70 -12.24 17.17
CA MET C 973 -34.56 -12.50 16.30
C MET C 973 -33.42 -11.51 16.57
N ALA C 974 -33.75 -10.21 16.60
CA ALA C 974 -32.73 -9.18 16.81
C ALA C 974 -32.00 -9.38 18.13
N VAL C 975 -32.73 -9.82 19.15
CA VAL C 975 -32.13 -10.03 20.46
C VAL C 975 -31.07 -11.11 20.39
N ARG C 976 -31.37 -12.21 19.67
CA ARG C 976 -30.40 -13.30 19.54
C ARG C 976 -29.17 -12.84 18.78
N ILE C 977 -29.37 -12.00 17.76
CA ILE C 977 -28.22 -11.52 17.00
C ILE C 977 -27.29 -10.72 17.89
N ALA C 978 -27.86 -9.80 18.68
CA ALA C 978 -27.03 -9.01 19.59
C ALA C 978 -26.32 -9.88 20.62
N ALA C 979 -27.07 -10.80 21.26
CA ALA C 979 -26.47 -11.67 22.26
C ALA C 979 -25.27 -12.42 21.68
N LEU C 980 -25.36 -12.81 20.41
CA LEU C 980 -24.24 -13.53 19.82
C LEU C 980 -23.08 -12.58 19.55
N GLN C 981 -23.39 -11.35 19.14
CA GLN C 981 -22.30 -10.40 18.90
C GLN C 981 -21.55 -10.11 20.20
N CYS C 982 -22.24 -10.14 21.33
CA CYS C 982 -21.56 -9.95 22.61
C CYS C 982 -20.76 -11.18 22.98
N MET C 983 -21.25 -12.36 22.59
CA MET C 983 -20.47 -13.57 22.83
C MET C 983 -19.21 -13.57 21.98
N HIS C 984 -19.28 -12.94 20.81
CA HIS C 984 -18.15 -12.78 19.91
C HIS C 984 -17.20 -11.71 20.41
N ALA C 985 -17.74 -10.70 21.08
CA ALA C 985 -16.93 -9.64 21.66
C ALA C 985 -16.20 -10.10 22.90
N LEU C 986 -16.81 -11.00 23.67
CA LEU C 986 -16.17 -11.56 24.86
C LEU C 986 -14.79 -12.13 24.57
N THR C 987 -14.54 -12.55 23.33
CA THR C 987 -13.23 -13.09 22.98
C THR C 987 -12.12 -12.06 23.14
N ARG C 988 -12.46 -10.76 23.05
CA ARG C 988 -11.44 -9.72 23.16
C ARG C 988 -10.79 -9.64 24.54
N LEU C 989 -11.47 -10.10 25.60
CA LEU C 989 -10.92 -10.11 26.95
C LEU C 989 -9.69 -11.03 27.01
N PRO C 990 -8.87 -10.97 28.07
CA PRO C 990 -7.67 -11.81 28.12
C PRO C 990 -7.98 -13.30 28.14
N THR C 991 -7.16 -14.05 27.39
CA THR C 991 -7.30 -15.51 27.28
C THR C 991 -7.44 -16.19 28.64
N SER C 992 -6.66 -15.73 29.63
CA SER C 992 -6.66 -16.31 30.97
C SER C 992 -8.06 -16.43 31.57
N VAL C 993 -8.88 -15.37 31.46
CA VAL C 993 -10.20 -15.45 32.08
C VAL C 993 -11.17 -16.29 31.26
N LEU C 994 -10.99 -16.36 29.92
CA LEU C 994 -11.90 -17.08 29.03
C LEU C 994 -11.72 -18.60 29.11
N LEU C 995 -10.47 -19.07 29.17
CA LEU C 995 -10.16 -20.51 29.05
C LEU C 995 -11.06 -21.46 29.84
N PRO C 996 -11.42 -21.23 31.10
CA PRO C 996 -12.29 -22.20 31.79
C PRO C 996 -13.68 -22.28 31.21
N TYR C 997 -14.04 -21.41 30.29
CA TYR C 997 -15.37 -21.40 29.70
C TYR C 997 -15.41 -21.99 28.30
N LYS C 998 -14.32 -21.87 27.51
CA LYS C 998 -14.25 -22.38 26.15
C LYS C 998 -15.00 -23.71 25.97
N SER C 999 -14.76 -24.64 26.89
CA SER C 999 -15.36 -25.97 26.79
C SER C 999 -16.88 -25.91 26.84
N GLN C 1000 -17.44 -25.30 27.89
CA GLN C 1000 -18.90 -25.23 28.01
C GLN C 1000 -19.50 -24.32 26.95
N VAL C 1001 -18.81 -23.24 26.62
CA VAL C 1001 -19.30 -22.27 25.65
C VAL C 1001 -19.51 -22.92 24.29
N ILE C 1002 -18.50 -23.63 23.78
CA ILE C 1002 -18.64 -24.22 22.44
C ILE C 1002 -19.83 -25.17 22.38
N ARG C 1003 -20.00 -26.01 23.42
CA ARG C 1003 -21.12 -26.92 23.47
C ARG C 1003 -22.44 -26.16 23.41
N ALA C 1004 -22.54 -25.05 24.14
CA ALA C 1004 -23.79 -24.29 24.08
C ALA C 1004 -23.98 -23.65 22.72
N LEU C 1005 -22.92 -23.04 22.16
CA LEU C 1005 -22.98 -22.36 20.87
C LEU C 1005 -23.34 -23.30 19.74
N ALA C 1006 -23.38 -24.61 19.99
CA ALA C 1006 -23.83 -25.50 18.92
C ALA C 1006 -25.31 -25.31 18.59
N LYS C 1007 -26.14 -25.00 19.58
CA LYS C 1007 -27.57 -24.82 19.32
C LYS C 1007 -27.87 -23.66 18.38
N PRO C 1008 -27.37 -22.44 18.59
CA PRO C 1008 -27.69 -21.34 17.65
C PRO C 1008 -27.15 -21.56 16.25
N LEU C 1009 -26.29 -22.55 16.03
CA LEU C 1009 -25.82 -22.83 14.68
C LEU C 1009 -26.94 -23.41 13.84
N ASP C 1010 -27.94 -23.99 14.48
CA ASP C 1010 -29.09 -24.59 13.83
C ASP C 1010 -30.36 -23.78 14.08
N ASP C 1011 -30.20 -22.46 14.14
CA ASP C 1011 -31.31 -21.55 14.38
C ASP C 1011 -32.10 -21.32 13.09
N LYS C 1012 -33.40 -21.08 13.26
CA LYS C 1012 -34.32 -20.99 12.12
C LYS C 1012 -33.93 -19.90 11.12
N LYS C 1013 -33.45 -18.74 11.58
CA LYS C 1013 -33.14 -17.64 10.65
C LYS C 1013 -31.68 -17.65 10.20
N ARG C 1014 -31.44 -17.10 8.99
CA ARG C 1014 -30.10 -17.10 8.39
C ARG C 1014 -29.11 -16.22 9.17
N LEU C 1015 -29.54 -15.02 9.59
CA LEU C 1015 -28.58 -14.08 10.17
C LEU C 1015 -28.13 -14.52 11.56
N VAL C 1016 -29.00 -15.22 12.30
CA VAL C 1016 -28.59 -15.67 13.62
C VAL C 1016 -27.56 -16.78 13.45
N ARG C 1017 -27.60 -17.50 12.33
CA ARG C 1017 -26.58 -18.47 12.03
C ARG C 1017 -25.27 -17.79 11.67
N LYS C 1018 -25.33 -16.71 10.88
CA LYS C 1018 -24.11 -15.97 10.56
C LYS C 1018 -23.40 -15.51 11.83
N GLU C 1019 -24.17 -14.97 12.78
CA GLU C 1019 -23.55 -14.49 14.01
C GLU C 1019 -23.01 -15.64 14.83
N ALA C 1020 -23.69 -16.79 14.81
CA ALA C 1020 -23.17 -17.93 15.56
C ALA C 1020 -21.89 -18.46 14.92
N VAL C 1021 -21.79 -18.35 13.60
CA VAL C 1021 -20.61 -18.80 12.89
C VAL C 1021 -19.42 -17.98 13.34
N SER C 1022 -19.58 -16.66 13.35
CA SER C 1022 -18.50 -15.78 13.74
C SER C 1022 -18.10 -16.03 15.21
N ALA C 1023 -19.11 -16.10 16.09
CA ALA C 1023 -18.83 -16.23 17.52
C ALA C 1023 -18.08 -17.52 17.83
N ARG C 1024 -18.65 -18.66 17.42
CA ARG C 1024 -18.00 -19.94 17.70
C ARG C 1024 -16.60 -20.00 17.07
N GLY C 1025 -16.48 -19.55 15.81
CA GLY C 1025 -15.18 -19.53 15.16
C GLY C 1025 -14.12 -18.84 15.99
N GLU C 1026 -14.46 -17.68 16.55
CA GLU C 1026 -13.47 -17.00 17.38
C GLU C 1026 -13.21 -17.77 18.66
N TRP C 1027 -14.25 -18.39 19.24
CA TRP C 1027 -14.06 -19.14 20.48
C TRP C 1027 -13.18 -20.37 20.29
N PHE C 1028 -13.02 -20.84 19.06
CA PHE C 1028 -12.17 -22.01 18.83
C PHE C 1028 -10.69 -21.65 18.80
N LEU C 1029 -10.35 -20.41 18.45
CA LEU C 1029 -8.98 -19.96 18.35
C LEU C 1029 -8.44 -19.37 19.65
N LEU C 1030 -9.15 -19.60 20.75
CA LEU C 1030 -8.75 -19.01 22.02
C LEU C 1030 -7.42 -19.56 22.52
N GLY C 1031 -7.19 -20.86 22.33
CA GLY C 1031 -5.98 -21.49 22.82
C GLY C 1031 -5.33 -22.31 21.74
N SER C 1032 -4.02 -22.47 21.86
CA SER C 1032 -3.26 -23.24 20.89
C SER C 1032 -2.15 -24.02 21.57
N GLY D 3 23.21 -38.04 -52.73
CA GLY D 3 22.41 -38.34 -53.90
C GLY D 3 23.06 -37.92 -55.22
N ARG D 4 22.69 -38.59 -56.31
CA ARG D 4 23.26 -38.30 -57.62
C ARG D 4 22.80 -36.96 -58.17
N GLY D 5 21.55 -36.61 -57.91
CA GLY D 5 21.01 -35.32 -58.32
C GLY D 5 21.53 -34.17 -57.50
N ARG D 6 21.39 -32.97 -58.05
CA ARG D 6 21.87 -31.76 -57.39
C ARG D 6 20.81 -30.67 -57.54
N LEU D 7 20.70 -29.84 -56.50
CA LEU D 7 19.78 -28.70 -56.46
C LEU D 7 20.61 -27.42 -56.41
N ILE D 8 20.43 -26.56 -57.41
CA ILE D 8 21.27 -25.38 -57.59
C ILE D 8 20.39 -24.15 -57.38
N LEU D 9 20.89 -23.22 -56.58
CA LEU D 9 20.20 -21.97 -56.32
C LEU D 9 20.53 -21.01 -57.44
N GLU D 10 19.51 -20.51 -58.13
CA GLU D 10 19.62 -19.59 -59.26
C GLU D 10 19.39 -18.15 -58.83
N HIS D 11 18.34 -17.89 -58.05
CA HIS D 11 18.02 -16.53 -57.69
C HIS D 11 17.53 -16.49 -56.24
N THR D 12 17.70 -15.35 -55.58
CA THR D 12 17.20 -15.10 -54.24
C THR D 12 16.55 -13.73 -54.25
N LEU D 13 15.28 -13.66 -53.86
CA LEU D 13 14.50 -12.42 -53.90
C LEU D 13 13.99 -12.10 -52.52
N GLN D 14 14.04 -10.83 -52.15
CA GLN D 14 13.72 -10.35 -50.80
C GLN D 14 12.78 -9.16 -50.87
N GLY D 15 11.72 -9.30 -51.67
CA GLY D 15 10.82 -8.18 -51.90
C GLY D 15 9.93 -7.86 -50.71
N HIS D 16 9.36 -8.88 -50.08
CA HIS D 16 8.41 -8.65 -48.99
C HIS D 16 9.13 -8.29 -47.69
N LYS D 17 8.33 -7.74 -46.76
CA LYS D 17 8.78 -7.45 -45.40
C LYS D 17 8.05 -8.39 -44.46
N GLY D 18 8.78 -9.33 -43.88
CA GLY D 18 8.22 -10.35 -43.04
C GLY D 18 8.21 -11.72 -43.70
N ARG D 19 7.39 -12.61 -43.13
CA ARG D 19 7.29 -13.95 -43.66
C ARG D 19 6.53 -13.94 -44.98
N ILE D 20 6.90 -14.86 -45.87
CA ILE D 20 6.30 -15.00 -47.19
C ILE D 20 5.62 -16.35 -47.24
N TRP D 21 4.31 -16.36 -47.51
CA TRP D 21 3.52 -17.57 -47.37
C TRP D 21 3.44 -18.41 -48.65
N GLY D 22 3.19 -17.77 -49.78
CA GLY D 22 2.89 -18.50 -50.99
C GLY D 22 3.57 -17.86 -52.19
N VAL D 23 3.89 -18.71 -53.17
CA VAL D 23 4.40 -18.29 -54.46
C VAL D 23 3.67 -19.13 -55.49
N ALA D 24 3.48 -18.56 -56.67
CA ALA D 24 2.74 -19.23 -57.72
C ALA D 24 3.24 -18.80 -59.09
N TRP D 25 3.44 -19.78 -59.96
CA TRP D 25 3.89 -19.56 -61.33
C TRP D 25 2.73 -19.14 -62.23
N HIS D 26 2.99 -18.16 -63.10
CA HIS D 26 2.05 -17.84 -64.16
C HIS D 26 2.03 -19.03 -65.13
N PRO D 27 0.89 -19.31 -65.76
CA PRO D 27 0.85 -20.43 -66.71
C PRO D 27 1.85 -20.33 -67.86
N LYS D 28 2.41 -19.14 -68.12
CA LYS D 28 3.48 -18.96 -69.10
C LYS D 28 4.88 -19.21 -68.53
N GLY D 29 5.03 -19.33 -67.21
CA GLY D 29 6.29 -19.70 -66.60
C GLY D 29 7.34 -18.61 -66.59
N ASN D 30 7.04 -17.43 -67.14
CA ASN D 30 7.96 -16.30 -67.18
C ASN D 30 7.64 -15.24 -66.12
N VAL D 31 6.57 -15.44 -65.35
CA VAL D 31 6.11 -14.50 -64.33
C VAL D 31 5.67 -15.33 -63.13
N PHE D 32 5.87 -14.80 -61.93
CA PHE D 32 5.32 -15.45 -60.73
C PHE D 32 4.82 -14.39 -59.77
N ALA D 33 3.99 -14.80 -58.82
CA ALA D 33 3.48 -13.88 -57.82
C ALA D 33 3.79 -14.40 -56.43
N SER D 34 3.78 -13.48 -55.45
CA SER D 34 4.11 -13.86 -54.08
C SER D 34 3.29 -13.02 -53.12
N CYS D 35 2.85 -13.66 -52.04
CA CYS D 35 2.08 -13.05 -50.97
C CYS D 35 2.71 -13.34 -49.62
N GLY D 36 2.37 -12.53 -48.64
CA GLY D 36 2.96 -12.73 -47.35
C GLY D 36 2.24 -11.99 -46.27
N GLU D 37 2.95 -11.84 -45.16
CA GLU D 37 2.40 -11.20 -43.96
C GLU D 37 2.18 -9.71 -44.18
N ASP D 38 2.91 -9.11 -45.11
CA ASP D 38 2.85 -7.68 -45.38
C ASP D 38 1.49 -7.24 -46.08
N LYS D 39 0.53 -8.15 -46.25
CA LYS D 39 -0.79 -7.85 -46.82
C LYS D 39 -0.69 -7.33 -48.25
N ALA D 40 0.36 -7.74 -48.97
CA ALA D 40 0.58 -7.25 -50.32
C ALA D 40 0.96 -8.41 -51.23
N ILE D 41 0.58 -8.28 -52.50
CA ILE D 41 0.91 -9.25 -53.54
C ILE D 41 1.93 -8.58 -54.47
N ARG D 42 3.01 -9.29 -54.79
CA ARG D 42 4.02 -8.75 -55.69
C ARG D 42 4.07 -9.63 -56.92
N ILE D 43 3.93 -9.01 -58.09
CA ILE D 43 4.02 -9.71 -59.36
C ILE D 43 5.43 -9.50 -59.88
N TRP D 44 6.13 -10.59 -60.16
CA TRP D 44 7.54 -10.58 -60.54
C TRP D 44 7.64 -11.04 -61.99
N SER D 45 8.20 -10.19 -62.85
CA SER D 45 8.44 -10.52 -64.23
C SER D 45 9.94 -10.66 -64.48
N LEU D 46 10.31 -11.51 -65.45
CA LEU D 46 11.69 -11.80 -65.76
C LEU D 46 12.05 -11.01 -67.01
N THR D 47 13.01 -10.10 -66.88
CA THR D 47 13.51 -9.33 -68.00
C THR D 47 15.01 -9.64 -68.11
N GLY D 48 15.40 -10.28 -69.19
CA GLY D 48 16.80 -10.67 -69.34
C GLY D 48 17.12 -11.78 -68.37
N ASN D 49 18.18 -11.59 -67.58
CA ASN D 49 18.58 -12.56 -66.56
C ASN D 49 18.20 -12.12 -65.14
N THR D 50 17.57 -10.96 -64.98
CA THR D 50 17.27 -10.43 -63.66
C THR D 50 15.77 -10.49 -63.40
N TRP D 51 15.38 -10.90 -62.19
CA TRP D 51 14.00 -10.87 -61.75
C TRP D 51 13.71 -9.58 -61.01
N SER D 52 12.54 -9.01 -61.26
CA SER D 52 12.18 -7.73 -60.67
C SER D 52 10.68 -7.71 -60.44
N THR D 53 10.26 -6.88 -59.50
CA THR D 53 8.84 -6.72 -59.21
C THR D 53 8.30 -5.72 -60.22
N LYS D 54 7.30 -6.13 -61.01
CA LYS D 54 6.74 -5.21 -61.99
C LYS D 54 5.54 -4.46 -61.43
N THR D 55 4.77 -5.06 -60.53
CA THR D 55 3.63 -4.42 -59.93
C THR D 55 3.53 -4.85 -58.48
N ILE D 56 3.03 -3.95 -57.64
CA ILE D 56 2.81 -4.19 -56.23
C ILE D 56 1.34 -3.92 -55.98
N LEU D 57 0.65 -4.91 -55.41
CA LEU D 57 -0.77 -4.83 -55.10
C LEU D 57 -0.92 -4.68 -53.58
N SER D 58 -1.51 -3.56 -53.15
CA SER D 58 -1.72 -3.24 -51.76
C SER D 58 -3.19 -2.90 -51.59
N ASP D 59 -3.61 -2.76 -50.33
CA ASP D 59 -4.98 -2.49 -49.92
C ASP D 59 -5.99 -3.55 -50.39
N GLY D 60 -5.55 -4.64 -51.04
CA GLY D 60 -6.51 -5.68 -51.41
C GLY D 60 -7.02 -6.50 -50.24
N HIS D 61 -6.19 -6.70 -49.22
CA HIS D 61 -6.56 -7.46 -48.02
C HIS D 61 -6.13 -6.70 -46.77
N LYS D 62 -6.97 -6.76 -45.73
CA LYS D 62 -6.63 -6.12 -44.47
C LYS D 62 -5.72 -6.98 -43.60
N ARG D 63 -5.77 -8.31 -43.76
CA ARG D 63 -5.00 -9.26 -42.97
C ARG D 63 -4.04 -10.03 -43.89
N THR D 64 -3.36 -11.01 -43.30
CA THR D 64 -2.34 -11.74 -44.03
C THR D 64 -2.95 -12.51 -45.21
N ILE D 65 -2.25 -12.48 -46.34
CA ILE D 65 -2.62 -13.22 -47.54
C ILE D 65 -1.87 -14.54 -47.49
N ARG D 66 -2.62 -15.65 -47.42
CA ARG D 66 -2.03 -16.96 -47.20
C ARG D 66 -1.59 -17.62 -48.52
N GLU D 67 -2.40 -17.48 -49.58
CA GLU D 67 -2.10 -18.14 -50.84
C GLU D 67 -2.66 -17.33 -52.01
N ILE D 68 -1.99 -17.43 -53.17
CA ILE D 68 -2.45 -16.82 -54.42
C ILE D 68 -2.34 -17.87 -55.51
N ARG D 69 -3.28 -17.87 -56.46
CA ARG D 69 -3.24 -18.93 -57.47
C ARG D 69 -3.63 -18.34 -58.83
N TRP D 70 -2.88 -18.67 -59.88
CA TRP D 70 -3.22 -18.14 -61.19
C TRP D 70 -4.33 -18.99 -61.82
N SER D 71 -5.17 -18.33 -62.61
CA SER D 71 -6.18 -18.97 -63.43
C SER D 71 -5.46 -19.70 -64.56
N PRO D 72 -6.07 -20.74 -65.16
CA PRO D 72 -5.36 -21.35 -66.29
C PRO D 72 -5.11 -20.32 -67.39
N CYS D 73 -6.06 -19.42 -67.65
CA CYS D 73 -5.78 -18.25 -68.48
C CYS D 73 -4.85 -17.31 -67.69
N GLY D 74 -3.93 -16.66 -68.38
CA GLY D 74 -2.99 -15.75 -67.71
C GLY D 74 -3.58 -14.44 -67.23
N GLN D 75 -4.91 -14.34 -67.37
CA GLN D 75 -5.71 -13.15 -67.08
C GLN D 75 -5.98 -12.89 -65.60
N TYR D 76 -6.43 -13.88 -64.80
CA TYR D 76 -6.90 -13.50 -63.48
C TYR D 76 -6.12 -14.19 -62.37
N LEU D 77 -6.10 -13.55 -61.20
CA LEU D 77 -5.30 -13.99 -60.07
C LEU D 77 -6.22 -14.06 -58.86
N ALA D 78 -6.07 -15.06 -57.99
CA ALA D 78 -6.95 -15.13 -56.83
C ALA D 78 -6.11 -15.17 -55.56
N SER D 79 -6.61 -14.51 -54.50
CA SER D 79 -5.84 -14.40 -53.26
C SER D 79 -6.78 -14.79 -52.13
N ALA D 80 -6.34 -15.71 -51.27
CA ALA D 80 -7.04 -16.10 -50.06
C ALA D 80 -6.42 -15.41 -48.87
N SER D 81 -7.22 -14.73 -48.05
CA SER D 81 -6.60 -13.99 -46.98
C SER D 81 -7.26 -14.34 -45.65
N PHE D 82 -6.65 -13.84 -44.57
CA PHE D 82 -7.16 -14.09 -43.22
C PHE D 82 -8.35 -13.19 -42.87
N ASP D 83 -8.66 -12.23 -43.72
CA ASP D 83 -9.81 -11.36 -43.54
C ASP D 83 -11.12 -11.98 -44.03
N ALA D 84 -11.16 -13.33 -44.06
CA ALA D 84 -12.33 -14.09 -44.47
C ALA D 84 -12.76 -13.79 -45.90
N THR D 85 -11.85 -13.29 -46.74
CA THR D 85 -12.20 -12.94 -48.11
C THR D 85 -11.21 -13.56 -49.10
N THR D 86 -11.68 -13.66 -50.35
CA THR D 86 -10.88 -14.14 -51.48
C THR D 86 -10.98 -13.15 -52.64
N ALA D 87 -9.93 -12.36 -52.87
CA ALA D 87 -9.98 -11.31 -53.90
C ALA D 87 -9.62 -11.87 -55.28
N ILE D 88 -10.22 -11.30 -56.32
CA ILE D 88 -9.94 -11.67 -57.70
C ILE D 88 -9.35 -10.45 -58.43
N TRP D 89 -8.15 -10.62 -59.00
CA TRP D 89 -7.46 -9.54 -59.70
C TRP D 89 -7.49 -9.82 -61.19
N SER D 90 -7.69 -8.77 -61.97
CA SER D 90 -7.86 -8.76 -63.42
C SER D 90 -7.25 -7.47 -63.97
N LYS D 91 -6.59 -7.56 -65.11
CA LYS D 91 -5.99 -6.38 -65.75
C LYS D 91 -6.88 -5.88 -66.88
N SER D 92 -7.99 -5.24 -66.46
CA SER D 92 -8.95 -4.58 -67.34
C SER D 92 -8.55 -3.13 -67.68
N SER D 93 -7.82 -2.44 -66.81
CA SER D 93 -7.43 -1.05 -67.04
C SER D 93 -5.98 -0.91 -67.54
N GLY D 94 -5.35 -2.02 -67.94
CA GLY D 94 -3.92 -2.04 -68.22
C GLY D 94 -3.05 -2.18 -66.99
N GLU D 95 -3.67 -2.28 -65.81
CA GLU D 95 -3.05 -2.47 -64.51
C GLU D 95 -3.92 -3.39 -63.67
N PHE D 96 -3.28 -4.15 -62.77
CA PHE D 96 -4.02 -5.16 -62.03
C PHE D 96 -4.83 -4.44 -60.95
N GLU D 97 -6.13 -4.72 -60.94
CA GLU D 97 -7.04 -4.19 -59.95
C GLU D 97 -7.96 -5.29 -59.46
N CYS D 98 -8.51 -5.09 -58.26
CA CYS D 98 -9.40 -6.08 -57.63
C CYS D 98 -10.82 -5.77 -58.08
N ASN D 99 -11.32 -6.59 -58.99
CA ASN D 99 -12.66 -6.40 -59.54
C ASN D 99 -13.71 -7.03 -58.62
N ALA D 100 -13.46 -8.26 -58.14
CA ALA D 100 -14.45 -8.98 -57.36
C ALA D 100 -13.82 -9.43 -56.04
N THR D 101 -14.68 -9.65 -55.04
CA THR D 101 -14.28 -10.13 -53.71
C THR D 101 -15.29 -11.21 -53.32
N LEU D 102 -14.78 -12.40 -52.92
CA LEU D 102 -15.60 -13.55 -52.54
C LEU D 102 -15.65 -13.63 -51.01
N GLU D 103 -16.83 -13.32 -50.46
CA GLU D 103 -17.10 -13.39 -49.04
C GLU D 103 -18.05 -14.53 -48.74
N GLY D 104 -18.12 -14.91 -47.47
CA GLY D 104 -19.01 -15.97 -47.03
C GLY D 104 -18.39 -16.80 -45.92
N HIS D 105 -17.07 -16.98 -45.99
CA HIS D 105 -16.38 -17.75 -44.96
C HIS D 105 -16.45 -17.04 -43.62
N GLU D 106 -16.65 -17.79 -42.53
CA GLU D 106 -16.74 -17.09 -41.25
C GLU D 106 -15.36 -16.70 -40.75
N ASN D 107 -14.33 -17.52 -41.02
CA ASN D 107 -12.99 -17.25 -40.49
C ASN D 107 -11.98 -17.05 -41.61
N GLU D 108 -10.70 -17.23 -41.29
CA GLU D 108 -9.63 -16.97 -42.25
C GLU D 108 -9.66 -17.96 -43.41
N VAL D 109 -9.53 -17.43 -44.62
CA VAL D 109 -9.45 -18.27 -45.81
C VAL D 109 -8.02 -18.78 -45.96
N LYS D 110 -7.86 -20.11 -46.04
CA LYS D 110 -6.56 -20.74 -46.08
C LYS D 110 -6.05 -21.02 -47.48
N SER D 111 -6.93 -21.27 -48.46
CA SER D 111 -6.45 -21.71 -49.75
C SER D 111 -7.43 -21.35 -50.87
N VAL D 112 -6.89 -21.18 -52.09
CA VAL D 112 -7.67 -21.04 -53.31
C VAL D 112 -7.17 -22.08 -54.30
N SER D 113 -7.97 -22.31 -55.35
CA SER D 113 -7.58 -23.18 -56.45
C SER D 113 -8.52 -22.94 -57.63
N TRP D 114 -7.96 -23.06 -58.83
CA TRP D 114 -8.71 -22.95 -60.07
C TRP D 114 -8.86 -24.34 -60.68
N SER D 115 -10.01 -24.57 -61.32
CA SER D 115 -10.18 -25.84 -62.01
C SER D 115 -9.39 -25.81 -63.32
N ARG D 116 -9.26 -26.97 -63.97
CA ARG D 116 -8.56 -26.99 -65.25
C ARG D 116 -9.23 -26.11 -66.29
N SER D 117 -10.56 -26.13 -66.36
CA SER D 117 -11.29 -25.31 -67.35
C SER D 117 -11.11 -23.83 -67.06
N GLY D 118 -10.97 -23.45 -65.78
CA GLY D 118 -10.85 -22.06 -65.40
C GLY D 118 -12.16 -21.42 -65.00
N GLY D 119 -13.27 -22.16 -65.12
CA GLY D 119 -14.59 -21.69 -64.74
C GLY D 119 -15.06 -22.08 -63.35
N LEU D 120 -14.26 -22.81 -62.58
CA LEU D 120 -14.63 -23.21 -61.22
C LEU D 120 -13.52 -22.75 -60.28
N LEU D 121 -13.91 -22.17 -59.14
CA LEU D 121 -12.95 -21.68 -58.15
C LEU D 121 -13.33 -22.24 -56.79
N ALA D 122 -12.35 -22.76 -56.04
CA ALA D 122 -12.60 -23.41 -54.76
C ALA D 122 -11.81 -22.72 -53.66
N THR D 123 -12.46 -22.49 -52.51
CA THR D 123 -11.81 -21.89 -51.34
C THR D 123 -12.11 -22.77 -50.12
N CYS D 124 -11.24 -22.69 -49.11
CA CYS D 124 -11.44 -23.36 -47.84
C CYS D 124 -10.93 -22.47 -46.72
N SER D 125 -11.48 -22.65 -45.53
CA SER D 125 -11.20 -21.72 -44.45
C SER D 125 -11.03 -22.51 -43.16
N ARG D 126 -10.77 -21.78 -42.07
CA ARG D 126 -10.71 -22.34 -40.73
C ARG D 126 -12.08 -22.71 -40.16
N ASP D 127 -13.18 -22.25 -40.82
CA ASP D 127 -14.53 -22.61 -40.42
C ASP D 127 -14.92 -24.02 -40.88
N LYS D 128 -13.95 -24.87 -41.19
CA LYS D 128 -14.14 -26.28 -41.56
C LYS D 128 -14.94 -26.48 -42.84
N SER D 129 -15.06 -25.45 -43.69
CA SER D 129 -15.89 -25.48 -44.88
C SER D 129 -15.07 -25.34 -46.15
N VAL D 130 -15.64 -25.82 -47.25
CA VAL D 130 -15.06 -25.77 -48.59
C VAL D 130 -16.12 -25.22 -49.54
N TRP D 131 -15.86 -24.05 -50.14
CA TRP D 131 -16.83 -23.42 -51.02
C TRP D 131 -16.37 -23.65 -52.46
N ILE D 132 -17.34 -23.81 -53.36
CA ILE D 132 -17.08 -23.95 -54.79
C ILE D 132 -17.92 -22.90 -55.50
N TRP D 133 -17.26 -22.12 -56.36
CA TRP D 133 -17.83 -21.02 -57.10
C TRP D 133 -17.77 -21.30 -58.60
N GLU D 134 -18.72 -20.71 -59.30
CA GLU D 134 -18.91 -20.73 -60.75
C GLU D 134 -18.63 -19.34 -61.31
N VAL D 135 -17.98 -19.25 -62.47
CA VAL D 135 -17.63 -17.96 -63.03
C VAL D 135 -18.46 -17.79 -64.31
N ALA D 136 -19.58 -17.04 -64.15
CA ALA D 136 -20.46 -16.57 -65.23
C ALA D 136 -19.92 -15.21 -65.68
N GLY D 137 -19.39 -15.14 -66.91
CA GLY D 137 -18.90 -13.88 -67.47
C GLY D 137 -17.66 -13.44 -66.67
N ASP D 138 -17.12 -12.28 -67.03
CA ASP D 138 -15.99 -11.69 -66.31
C ASP D 138 -16.43 -10.98 -65.01
N ASP D 139 -15.52 -10.95 -64.00
CA ASP D 139 -15.80 -10.20 -62.76
C ASP D 139 -16.97 -10.69 -61.91
N GLU D 140 -17.65 -11.75 -62.33
CA GLU D 140 -18.87 -12.23 -61.67
C GLU D 140 -18.60 -13.69 -61.34
N PHE D 141 -18.94 -14.05 -60.10
CA PHE D 141 -18.80 -15.37 -59.52
C PHE D 141 -20.06 -15.75 -58.76
N GLU D 142 -20.45 -17.02 -58.87
CA GLU D 142 -21.68 -17.54 -58.27
C GLU D 142 -21.32 -18.82 -57.54
N CYS D 143 -21.74 -18.87 -56.27
CA CYS D 143 -21.45 -20.01 -55.41
C CYS D 143 -22.28 -21.22 -55.81
N ALA D 144 -21.57 -22.33 -56.08
CA ALA D 144 -22.13 -23.58 -56.54
C ALA D 144 -22.44 -24.49 -55.36
N ALA D 145 -21.58 -24.47 -54.34
CA ALA D 145 -21.82 -25.36 -53.21
C ALA D 145 -21.03 -24.90 -51.98
N VAL D 146 -21.62 -25.14 -50.82
CA VAL D 146 -20.98 -24.92 -49.53
C VAL D 146 -20.96 -26.28 -48.83
N LEU D 147 -19.75 -26.80 -48.56
CA LEU D 147 -19.54 -28.14 -48.04
C LEU D 147 -18.91 -28.07 -46.66
N ASN D 148 -19.44 -28.86 -45.71
CA ASN D 148 -18.89 -28.95 -44.35
C ASN D 148 -18.56 -30.39 -43.94
N PRO D 149 -17.83 -31.17 -44.77
CA PRO D 149 -17.54 -32.56 -44.38
C PRO D 149 -16.41 -32.65 -43.36
N HIS D 150 -15.46 -31.72 -43.46
CA HIS D 150 -14.29 -31.74 -42.59
C HIS D 150 -14.67 -31.31 -41.18
N THR D 151 -14.12 -32.01 -40.19
CA THR D 151 -14.38 -31.73 -38.79
C THR D 151 -13.45 -30.65 -38.20
N GLN D 152 -12.35 -30.32 -38.89
CA GLN D 152 -11.38 -29.35 -38.38
C GLN D 152 -11.00 -28.31 -39.44
N ASP D 153 -9.96 -27.52 -39.15
CA ASP D 153 -9.48 -26.48 -40.06
C ASP D 153 -9.03 -27.10 -41.39
N VAL D 154 -9.54 -26.56 -42.50
CA VAL D 154 -9.16 -27.03 -43.84
C VAL D 154 -7.97 -26.20 -44.32
N LYS D 155 -6.86 -26.88 -44.65
CA LYS D 155 -5.56 -26.28 -44.94
C LYS D 155 -5.39 -25.94 -46.42
N ARG D 156 -5.85 -26.80 -47.33
CA ARG D 156 -5.56 -26.62 -48.75
C ARG D 156 -6.69 -27.21 -49.61
N VAL D 157 -6.89 -26.62 -50.80
CA VAL D 157 -7.79 -27.15 -51.82
C VAL D 157 -7.05 -27.15 -53.16
N VAL D 158 -7.13 -28.27 -53.88
CA VAL D 158 -6.44 -28.43 -55.15
C VAL D 158 -7.39 -29.13 -56.13
N TRP D 159 -7.47 -28.63 -57.36
CA TRP D 159 -8.35 -29.22 -58.37
C TRP D 159 -7.61 -30.29 -59.17
N HIS D 160 -8.39 -31.19 -59.77
CA HIS D 160 -7.85 -32.28 -60.57
C HIS D 160 -7.37 -31.76 -61.91
N PRO D 161 -6.24 -32.31 -62.42
CA PRO D 161 -5.67 -31.80 -63.67
C PRO D 161 -6.53 -32.12 -64.87
N THR D 162 -7.06 -33.36 -65.00
CA THR D 162 -7.82 -33.77 -66.19
C THR D 162 -9.32 -33.56 -66.07
N LYS D 163 -9.89 -33.73 -64.88
CA LYS D 163 -11.31 -33.64 -64.60
C LYS D 163 -11.60 -32.52 -63.61
N ASP D 164 -12.88 -32.28 -63.34
CA ASP D 164 -13.29 -31.27 -62.37
C ASP D 164 -13.58 -31.96 -61.05
N ILE D 165 -12.50 -32.44 -60.41
CA ILE D 165 -12.53 -33.08 -59.11
C ILE D 165 -11.74 -32.18 -58.15
N LEU D 166 -12.28 -31.96 -56.96
CA LEU D 166 -11.68 -31.11 -55.94
C LEU D 166 -11.11 -31.96 -54.81
N ALA D 167 -9.91 -31.62 -54.36
CA ALA D 167 -9.29 -32.31 -53.23
C ALA D 167 -9.03 -31.30 -52.11
N SER D 168 -9.28 -31.72 -50.87
CA SER D 168 -9.10 -30.84 -49.72
C SER D 168 -8.31 -31.59 -48.65
N ALA D 169 -7.31 -30.90 -48.08
CA ALA D 169 -6.49 -31.39 -46.97
C ALA D 169 -6.86 -30.58 -45.74
N SER D 170 -6.92 -31.23 -44.58
CA SER D 170 -7.44 -30.57 -43.39
C SER D 170 -6.61 -30.86 -42.15
N TYR D 171 -6.83 -30.02 -41.14
CA TYR D 171 -6.28 -30.20 -39.79
C TYR D 171 -6.80 -31.47 -39.12
N ASP D 172 -7.89 -32.08 -39.63
CA ASP D 172 -8.44 -33.32 -39.06
C ASP D 172 -7.74 -34.57 -39.60
N ASN D 173 -6.54 -34.41 -40.16
CA ASN D 173 -5.67 -35.49 -40.61
C ASN D 173 -6.21 -36.27 -41.80
N THR D 174 -7.20 -35.75 -42.53
CA THR D 174 -7.80 -36.48 -43.64
C THR D 174 -7.79 -35.67 -44.92
N ILE D 175 -7.94 -36.37 -46.04
CA ILE D 175 -8.11 -35.73 -47.34
C ILE D 175 -9.47 -36.16 -47.89
N LYS D 176 -10.12 -35.25 -48.61
CA LYS D 176 -11.47 -35.52 -49.12
C LYS D 176 -11.54 -35.16 -50.59
N MET D 177 -12.13 -36.06 -51.39
CA MET D 177 -12.39 -35.83 -52.81
C MET D 177 -13.84 -35.38 -52.99
N PHE D 178 -14.04 -34.50 -53.99
CA PHE D 178 -15.33 -33.89 -54.31
C PHE D 178 -15.53 -34.01 -55.81
N ALA D 179 -16.71 -34.53 -56.16
CA ALA D 179 -17.16 -34.76 -57.52
C ALA D 179 -18.61 -34.30 -57.59
N GLU D 180 -19.01 -33.89 -58.80
CA GLU D 180 -20.34 -33.35 -59.04
C GLU D 180 -21.18 -34.54 -59.44
N GLU D 181 -22.39 -34.59 -58.87
CA GLU D 181 -23.32 -35.66 -59.10
C GLU D 181 -24.02 -35.45 -60.44
N PRO D 182 -24.11 -36.52 -61.24
CA PRO D 182 -24.64 -36.39 -62.60
C PRO D 182 -26.12 -36.04 -62.79
N ILE D 183 -27.07 -36.60 -62.02
CA ILE D 183 -28.46 -36.27 -62.35
C ILE D 183 -28.89 -34.86 -61.92
N ASP D 184 -28.44 -34.42 -60.76
CA ASP D 184 -28.80 -33.14 -60.15
C ASP D 184 -27.83 -32.01 -60.37
N ASN D 185 -26.57 -32.32 -60.67
CA ASN D 185 -25.52 -31.32 -60.86
C ASN D 185 -25.26 -30.60 -59.55
N ASP D 186 -25.13 -31.38 -58.47
CA ASP D 186 -24.89 -30.83 -57.14
C ASP D 186 -23.64 -31.51 -56.64
N TRP D 187 -22.83 -30.76 -55.90
CA TRP D 187 -21.58 -31.25 -55.35
C TRP D 187 -21.74 -32.12 -54.12
N ASP D 188 -20.86 -33.11 -54.00
CA ASP D 188 -20.89 -34.04 -52.89
C ASP D 188 -19.49 -34.64 -52.71
N CYS D 189 -19.26 -35.22 -51.53
CA CYS D 189 -17.97 -35.78 -51.20
C CYS D 189 -17.84 -37.19 -51.77
N THR D 190 -16.74 -37.45 -52.48
CA THR D 190 -16.52 -38.73 -53.15
C THR D 190 -15.91 -39.75 -52.20
N ALA D 191 -14.79 -39.41 -51.58
CA ALA D 191 -14.13 -40.36 -50.69
C ALA D 191 -13.28 -39.62 -49.68
N THR D 192 -12.89 -40.36 -48.64
CA THR D 192 -12.08 -39.84 -47.53
C THR D 192 -10.84 -40.71 -47.36
N LEU D 193 -9.68 -40.06 -47.30
CA LEU D 193 -8.36 -40.69 -47.22
C LEU D 193 -7.81 -40.50 -45.82
N THR D 194 -7.65 -41.62 -45.07
CA THR D 194 -7.28 -41.63 -43.64
C THR D 194 -6.07 -42.51 -43.44
N SER D 195 -4.88 -41.95 -43.63
CA SER D 195 -3.63 -42.61 -43.24
C SER D 195 -2.70 -41.68 -42.46
N HIS D 196 -2.86 -40.36 -42.56
CA HIS D 196 -2.00 -39.43 -41.83
C HIS D 196 -2.44 -39.36 -40.38
N THR D 197 -1.45 -39.24 -39.46
CA THR D 197 -1.69 -39.14 -38.02
C THR D 197 -1.75 -37.71 -37.52
N SER D 198 -1.61 -36.72 -38.40
CA SER D 198 -1.63 -35.32 -37.98
C SER D 198 -2.09 -34.47 -39.16
N THR D 199 -2.02 -33.15 -39.00
CA THR D 199 -2.55 -32.20 -39.98
C THR D 199 -1.96 -32.42 -41.36
N VAL D 200 -2.83 -32.54 -42.36
CA VAL D 200 -2.41 -32.63 -43.76
C VAL D 200 -2.33 -31.21 -44.30
N TRP D 201 -1.13 -30.78 -44.68
CA TRP D 201 -0.90 -29.40 -45.08
C TRP D 201 -1.10 -29.20 -46.57
N GLY D 202 -0.48 -30.05 -47.37
CA GLY D 202 -0.46 -29.87 -48.81
C GLY D 202 -0.84 -31.12 -49.55
N ILE D 203 -1.34 -30.92 -50.77
CA ILE D 203 -1.74 -32.00 -51.67
C ILE D 203 -1.46 -31.54 -53.09
N ASP D 204 -1.14 -32.51 -53.96
CA ASP D 204 -0.87 -32.24 -55.36
C ASP D 204 -1.12 -33.53 -56.15
N PHE D 205 -1.72 -33.38 -57.33
CA PHE D 205 -2.07 -34.48 -58.21
C PHE D 205 -0.91 -34.89 -59.11
N ASP D 206 -0.99 -36.11 -59.63
CA ASP D 206 0.00 -36.51 -60.60
C ASP D 206 -0.31 -35.88 -61.95
N ALA D 207 0.51 -36.20 -62.95
CA ALA D 207 0.36 -35.57 -64.26
C ALA D 207 -1.00 -35.93 -64.84
N ASP D 208 -1.27 -37.25 -64.88
CA ASP D 208 -2.53 -37.78 -65.42
C ASP D 208 -3.69 -37.52 -64.45
N GLY D 209 -3.41 -37.49 -63.14
CA GLY D 209 -4.41 -37.26 -62.13
C GLY D 209 -4.89 -38.51 -61.41
N GLU D 210 -4.31 -39.67 -61.69
CA GLU D 210 -4.71 -40.89 -60.99
C GLU D 210 -3.94 -41.11 -59.70
N ARG D 211 -3.02 -40.21 -59.36
CA ARG D 211 -2.26 -40.31 -58.12
C ARG D 211 -2.25 -38.95 -57.45
N LEU D 212 -1.74 -38.92 -56.23
CA LEU D 212 -1.78 -37.72 -55.39
C LEU D 212 -0.69 -37.81 -54.33
N VAL D 213 0.08 -36.70 -54.16
CA VAL D 213 0.97 -36.56 -53.01
C VAL D 213 0.23 -35.87 -51.89
N SER D 214 0.63 -36.15 -50.66
CA SER D 214 0.13 -35.39 -49.53
C SER D 214 1.22 -35.32 -48.49
N CYS D 215 1.51 -34.10 -48.03
CA CYS D 215 2.45 -33.88 -46.95
C CYS D 215 1.70 -33.47 -45.69
N SER D 216 2.26 -33.82 -44.54
CA SER D 216 1.57 -33.66 -43.27
C SER D 216 2.50 -33.21 -42.16
N ASP D 217 1.87 -32.90 -41.03
CA ASP D 217 2.58 -32.54 -39.80
C ASP D 217 3.29 -33.74 -39.17
N ASP D 218 2.91 -34.97 -39.53
CA ASP D 218 3.56 -36.17 -39.01
C ASP D 218 4.91 -36.47 -39.69
N THR D 219 5.50 -35.48 -40.36
CA THR D 219 6.83 -35.57 -40.99
C THR D 219 6.91 -36.65 -42.07
N THR D 220 5.79 -37.00 -42.71
CA THR D 220 5.77 -38.02 -43.76
C THR D 220 5.02 -37.49 -44.99
N ILE D 221 5.37 -38.04 -46.15
CA ILE D 221 4.58 -37.78 -47.36
C ILE D 221 4.00 -39.12 -47.83
N LYS D 222 2.80 -39.06 -48.44
CA LYS D 222 2.12 -40.27 -48.86
C LYS D 222 1.67 -40.14 -50.31
N ILE D 223 1.72 -41.28 -51.00
CA ILE D 223 1.29 -41.38 -52.38
C ILE D 223 -0.04 -42.11 -52.39
N TRP D 224 -1.04 -41.49 -52.97
CA TRP D 224 -2.38 -42.03 -53.03
C TRP D 224 -2.69 -42.39 -54.47
N ARG D 225 -3.25 -43.59 -54.65
CA ARG D 225 -3.64 -44.08 -55.97
C ARG D 225 -5.14 -44.25 -56.06
N ALA D 226 -5.70 -43.80 -57.19
CA ALA D 226 -7.13 -43.88 -57.46
C ALA D 226 -7.42 -45.26 -58.08
N TYR D 227 -8.33 -46.01 -57.46
CA TYR D 227 -8.76 -47.34 -57.88
C TYR D 227 -10.20 -47.20 -58.34
N HIS D 228 -10.45 -47.47 -59.64
CA HIS D 228 -11.83 -47.42 -60.13
C HIS D 228 -12.54 -48.74 -59.86
N PRO D 229 -13.88 -48.76 -59.93
CA PRO D 229 -14.58 -50.02 -59.65
C PRO D 229 -14.20 -51.07 -60.70
N GLY D 230 -14.10 -52.32 -60.27
CA GLY D 230 -13.69 -53.34 -61.22
C GLY D 230 -12.20 -53.33 -61.53
N ASN D 231 -11.37 -52.79 -60.63
CA ASN D 231 -9.92 -52.65 -60.85
C ASN D 231 -9.20 -53.99 -60.90
N THR D 232 -8.05 -53.99 -61.62
CA THR D 232 -7.26 -55.21 -61.75
C THR D 232 -6.69 -55.69 -60.41
N ALA D 233 -6.31 -54.77 -59.51
CA ALA D 233 -5.72 -55.10 -58.21
C ALA D 233 -6.76 -55.83 -57.33
N GLY D 234 -6.32 -56.28 -56.13
CA GLY D 234 -7.25 -56.98 -55.26
C GLY D 234 -8.10 -56.07 -54.39
N VAL D 235 -8.03 -54.74 -54.62
CA VAL D 235 -8.78 -53.71 -53.88
C VAL D 235 -10.22 -53.64 -54.40
N ALA D 236 -11.18 -53.69 -53.50
CA ALA D 236 -12.59 -53.70 -53.89
C ALA D 236 -13.26 -52.39 -53.46
N THR D 237 -14.13 -51.84 -54.32
CA THR D 237 -14.85 -50.64 -53.92
C THR D 237 -16.30 -50.98 -53.54
N PRO D 238 -16.69 -50.87 -52.26
CA PRO D 238 -18.10 -51.13 -51.91
C PRO D 238 -19.13 -50.18 -52.52
N ASP D 239 -18.82 -48.88 -52.56
CA ASP D 239 -19.59 -47.85 -53.24
C ASP D 239 -19.25 -47.77 -54.73
N GLN D 240 -20.10 -47.05 -55.45
CA GLN D 240 -19.93 -46.87 -56.89
C GLN D 240 -18.73 -46.00 -57.21
N GLN D 241 -18.40 -45.04 -56.32
CA GLN D 241 -17.33 -44.07 -56.54
C GLN D 241 -15.96 -44.73 -56.46
N THR D 242 -14.97 -44.03 -56.97
CA THR D 242 -13.63 -44.57 -56.93
C THR D 242 -13.12 -44.42 -55.50
N VAL D 243 -12.13 -45.24 -55.15
CA VAL D 243 -11.54 -45.22 -53.81
C VAL D 243 -10.06 -44.95 -53.96
N TRP D 244 -9.52 -44.19 -53.00
CA TRP D 244 -8.10 -43.91 -52.97
C TRP D 244 -7.46 -44.72 -51.85
N LYS D 245 -6.23 -45.18 -52.11
CA LYS D 245 -5.48 -46.01 -51.16
C LYS D 245 -4.07 -45.48 -51.00
N CYS D 246 -3.56 -45.52 -49.77
CA CYS D 246 -2.19 -45.10 -49.48
C CYS D 246 -1.28 -46.22 -49.95
N VAL D 247 -0.65 -46.02 -51.11
CA VAL D 247 0.21 -47.04 -51.69
C VAL D 247 1.68 -46.85 -51.35
N CYS D 248 2.06 -45.73 -50.73
CA CYS D 248 3.44 -45.47 -50.39
C CYS D 248 3.48 -44.44 -49.27
N THR D 249 4.40 -44.64 -48.33
CA THR D 249 4.60 -43.70 -47.24
C THR D 249 6.09 -43.50 -47.05
N VAL D 250 6.55 -42.27 -47.28
CA VAL D 250 7.94 -41.89 -47.09
C VAL D 250 8.03 -41.30 -45.67
N SER D 251 8.84 -41.94 -44.83
CA SER D 251 9.02 -41.61 -43.42
C SER D 251 10.51 -41.51 -43.09
N GLY D 252 10.82 -40.77 -42.02
CA GLY D 252 12.18 -40.54 -41.56
C GLY D 252 12.98 -39.56 -42.39
N GLN D 253 12.40 -39.04 -43.49
CA GLN D 253 13.10 -38.10 -44.37
C GLN D 253 13.00 -36.66 -43.89
N HIS D 254 11.98 -36.31 -43.09
CA HIS D 254 11.75 -34.94 -42.66
C HIS D 254 11.80 -34.89 -41.14
N SER D 255 12.45 -33.84 -40.61
CA SER D 255 12.59 -33.62 -39.17
C SER D 255 11.32 -33.02 -38.56
N ARG D 256 10.65 -32.13 -39.29
CA ARG D 256 9.49 -31.41 -38.78
C ARG D 256 8.32 -31.44 -39.75
N ALA D 257 7.29 -30.64 -39.49
CA ALA D 257 6.10 -30.65 -40.33
C ALA D 257 6.43 -30.23 -41.75
N ILE D 258 5.78 -30.89 -42.73
CA ILE D 258 5.94 -30.57 -44.14
C ILE D 258 4.73 -29.74 -44.55
N TYR D 259 4.96 -28.48 -44.94
CA TYR D 259 3.88 -27.52 -45.18
C TYR D 259 3.40 -27.50 -46.62
N ASP D 260 4.19 -28.00 -47.56
CA ASP D 260 3.76 -27.97 -48.94
C ASP D 260 4.51 -29.05 -49.74
N VAL D 261 3.89 -29.51 -50.81
CA VAL D 261 4.48 -30.51 -51.72
C VAL D 261 4.01 -30.21 -53.12
N SER D 262 4.92 -30.36 -54.08
CA SER D 262 4.61 -30.06 -55.47
C SER D 262 5.09 -31.20 -56.34
N TRP D 263 4.20 -31.67 -57.23
CA TRP D 263 4.51 -32.75 -58.16
C TRP D 263 4.54 -32.16 -59.56
N CYS D 264 5.72 -32.16 -60.17
CA CYS D 264 5.91 -31.56 -61.49
C CYS D 264 5.19 -32.42 -62.53
N LYS D 265 4.47 -31.76 -63.43
CA LYS D 265 3.77 -32.45 -64.53
C LYS D 265 4.64 -32.68 -65.75
N LEU D 266 5.87 -32.15 -65.78
CA LEU D 266 6.83 -32.35 -66.86
C LEU D 266 7.84 -33.45 -66.56
N THR D 267 8.39 -33.49 -65.34
CA THR D 267 9.43 -34.45 -64.97
C THR D 267 8.93 -35.57 -64.06
N GLY D 268 7.82 -35.37 -63.35
CA GLY D 268 7.36 -36.31 -62.33
C GLY D 268 8.08 -36.22 -61.00
N LEU D 269 8.93 -35.22 -60.81
CA LEU D 269 9.66 -35.04 -59.56
C LEU D 269 8.72 -34.45 -58.50
N ILE D 270 9.03 -34.74 -57.23
CA ILE D 270 8.23 -34.30 -56.09
C ILE D 270 9.13 -33.47 -55.20
N ALA D 271 8.69 -32.26 -54.85
CA ALA D 271 9.46 -31.41 -53.95
C ALA D 271 8.68 -31.18 -52.68
N THR D 272 9.40 -31.12 -51.56
CA THR D 272 8.79 -30.91 -50.25
C THR D 272 9.44 -29.68 -49.60
N ALA D 273 8.58 -28.87 -48.95
CA ALA D 273 8.91 -27.68 -48.16
C ALA D 273 8.65 -28.01 -46.70
N CYS D 274 9.71 -28.17 -45.93
CA CYS D 274 9.61 -28.64 -44.56
C CYS D 274 9.91 -27.52 -43.56
N GLY D 275 9.49 -27.75 -42.31
CA GLY D 275 9.76 -26.84 -41.23
C GLY D 275 11.20 -26.86 -40.71
N ASP D 276 12.00 -27.85 -41.13
CA ASP D 276 13.43 -27.88 -40.83
C ASP D 276 14.25 -27.10 -41.85
N ASP D 277 13.62 -26.16 -42.56
CA ASP D 277 14.26 -25.25 -43.51
C ASP D 277 14.83 -25.95 -44.73
N GLY D 278 14.37 -27.16 -45.05
CA GLY D 278 14.96 -27.98 -46.08
C GLY D 278 14.01 -28.30 -47.21
N ILE D 279 14.52 -28.23 -48.43
CA ILE D 279 13.77 -28.64 -49.63
C ILE D 279 14.30 -29.99 -50.09
N ARG D 280 13.40 -30.94 -50.28
CA ARG D 280 13.83 -32.29 -50.69
C ARG D 280 13.15 -32.70 -51.98
N ILE D 281 13.91 -33.36 -52.86
CA ILE D 281 13.43 -33.79 -54.17
C ILE D 281 13.35 -35.32 -54.18
N PHE D 282 12.20 -35.84 -54.58
CA PHE D 282 11.91 -37.27 -54.67
C PHE D 282 11.56 -37.66 -56.10
N LYS D 283 12.05 -38.82 -56.53
CA LYS D 283 11.74 -39.38 -57.84
C LYS D 283 11.30 -40.83 -57.72
N GLU D 284 10.29 -41.18 -58.50
CA GLU D 284 9.81 -42.56 -58.48
C GLU D 284 10.87 -43.48 -59.11
N SER D 285 11.03 -44.66 -58.51
CA SER D 285 12.01 -45.61 -59.02
C SER D 285 11.56 -46.15 -60.39
N SER D 286 12.55 -46.62 -61.18
CA SER D 286 12.29 -47.08 -62.54
C SER D 286 11.48 -48.39 -62.54
N ASP D 287 11.75 -49.26 -61.56
CA ASP D 287 11.09 -50.56 -61.43
C ASP D 287 9.98 -50.57 -60.38
N SER D 288 9.52 -49.39 -59.94
CA SER D 288 8.49 -49.32 -58.91
C SER D 288 7.17 -49.89 -59.42
N LYS D 289 6.49 -50.66 -58.57
CA LYS D 289 5.22 -51.29 -58.96
C LYS D 289 4.07 -50.29 -58.81
N PRO D 290 3.03 -50.38 -59.65
CA PRO D 290 1.92 -49.41 -59.53
C PRO D 290 1.06 -49.61 -58.28
N ASP D 291 1.22 -50.74 -57.56
CA ASP D 291 0.50 -50.97 -56.31
C ASP D 291 1.37 -50.78 -55.06
N GLU D 292 2.69 -50.84 -55.19
CA GLU D 292 3.63 -50.52 -54.13
C GLU D 292 4.76 -49.66 -54.70
N PRO D 293 4.48 -48.39 -55.03
CA PRO D 293 5.54 -47.55 -55.60
C PRO D 293 6.63 -47.24 -54.58
N THR D 294 7.86 -47.09 -55.08
CA THR D 294 9.00 -46.73 -54.24
C THR D 294 9.56 -45.40 -54.72
N PHE D 295 9.65 -44.43 -53.82
CA PHE D 295 10.17 -43.10 -54.14
C PHE D 295 11.45 -42.88 -53.36
N GLU D 296 12.49 -42.43 -54.04
CA GLU D 296 13.80 -42.22 -53.46
C GLU D 296 14.20 -40.75 -53.56
N GLN D 297 14.85 -40.25 -52.52
CA GLN D 297 15.32 -38.88 -52.48
C GLN D 297 16.61 -38.74 -53.29
N ILE D 298 16.55 -38.02 -54.41
CA ILE D 298 17.68 -37.88 -55.33
C ILE D 298 18.59 -36.73 -54.89
N THR D 299 18.02 -35.67 -54.33
CA THR D 299 18.79 -34.51 -53.88
C THR D 299 18.01 -33.73 -52.83
N ALA D 300 18.73 -32.91 -52.08
CA ALA D 300 18.08 -32.08 -51.06
C ALA D 300 19.02 -30.95 -50.67
N GLU D 301 18.43 -29.85 -50.19
CA GLU D 301 19.18 -28.70 -49.69
C GLU D 301 18.60 -28.46 -48.29
N GLU D 302 19.23 -29.04 -47.27
CA GLU D 302 18.75 -28.93 -45.89
C GLU D 302 18.78 -27.49 -45.38
N GLY D 303 19.70 -26.67 -45.87
CA GLY D 303 19.76 -25.28 -45.49
C GLY D 303 19.22 -24.37 -46.58
N ALA D 304 18.14 -24.79 -47.25
CA ALA D 304 17.57 -24.03 -48.36
C ALA D 304 17.14 -22.63 -47.91
N HIS D 305 16.65 -22.51 -46.68
CA HIS D 305 16.28 -21.21 -46.13
C HIS D 305 16.78 -21.14 -44.69
N ASP D 306 16.76 -19.93 -44.13
CA ASP D 306 17.14 -19.72 -42.74
C ASP D 306 16.00 -20.00 -41.77
N GLN D 307 14.77 -20.09 -42.28
CA GLN D 307 13.62 -20.43 -41.45
C GLN D 307 12.77 -21.43 -42.23
N ASP D 308 11.55 -21.64 -41.75
CA ASP D 308 10.67 -22.66 -42.31
C ASP D 308 10.34 -22.36 -43.76
N VAL D 309 10.40 -23.39 -44.60
CA VAL D 309 9.99 -23.29 -46.00
C VAL D 309 8.48 -23.49 -46.06
N ASN D 310 7.76 -22.50 -46.60
CA ASN D 310 6.30 -22.48 -46.56
C ASN D 310 5.67 -23.11 -47.81
N SER D 311 6.27 -22.87 -48.97
CA SER D 311 5.70 -23.32 -50.23
C SER D 311 6.83 -23.61 -51.23
N VAL D 312 6.59 -24.62 -52.08
CA VAL D 312 7.45 -25.00 -53.20
C VAL D 312 6.54 -25.29 -54.39
N GLN D 313 6.92 -24.79 -55.57
CA GLN D 313 6.12 -24.92 -56.78
C GLN D 313 7.00 -25.13 -57.99
N TRP D 314 6.72 -26.21 -58.73
CA TRP D 314 7.40 -26.45 -59.99
C TRP D 314 6.92 -25.47 -61.06
N ASN D 315 7.76 -25.28 -62.07
CA ASN D 315 7.44 -24.42 -63.19
C ASN D 315 6.72 -25.24 -64.25
N PRO D 316 5.54 -24.80 -64.70
CA PRO D 316 4.81 -25.58 -65.70
C PRO D 316 5.45 -25.56 -67.07
N VAL D 317 6.21 -24.53 -67.40
CA VAL D 317 6.85 -24.41 -68.72
C VAL D 317 8.30 -24.92 -68.71
N VAL D 318 9.08 -24.51 -67.72
CA VAL D 318 10.51 -24.86 -67.62
C VAL D 318 10.63 -26.09 -66.72
N ALA D 319 11.08 -27.20 -67.29
CA ALA D 319 11.22 -28.46 -66.56
C ALA D 319 12.44 -28.40 -65.64
N GLY D 320 12.24 -28.70 -64.36
CA GLY D 320 13.31 -28.71 -63.39
C GLY D 320 13.56 -27.41 -62.66
N GLN D 321 12.75 -26.38 -62.91
CA GLN D 321 12.88 -25.10 -62.23
C GLN D 321 11.86 -25.06 -61.10
N LEU D 322 12.34 -24.85 -59.87
CA LEU D 322 11.49 -24.86 -58.67
C LEU D 322 11.53 -23.49 -58.02
N ILE D 323 10.42 -23.06 -57.42
CA ILE D 323 10.43 -21.80 -56.69
C ILE D 323 9.97 -22.09 -55.27
N SER D 324 10.43 -21.28 -54.33
CA SER D 324 10.09 -21.52 -52.93
C SER D 324 10.15 -20.21 -52.17
N CYS D 325 9.39 -20.17 -51.08
CA CYS D 325 9.39 -19.04 -50.16
C CYS D 325 9.50 -19.52 -48.71
N SER D 326 9.80 -18.60 -47.80
CA SER D 326 10.08 -19.01 -46.44
C SER D 326 9.74 -17.90 -45.45
N ASP D 327 9.76 -18.27 -44.16
CA ASP D 327 9.57 -17.29 -43.07
C ASP D 327 10.77 -16.36 -42.91
N ASP D 328 11.91 -16.63 -43.56
CA ASP D 328 13.04 -15.71 -43.54
C ASP D 328 12.84 -14.50 -44.45
N GLY D 329 11.70 -14.42 -45.14
CA GLY D 329 11.45 -13.31 -46.04
C GLY D 329 12.16 -13.39 -47.37
N THR D 330 12.44 -14.60 -47.86
CA THR D 330 13.16 -14.78 -49.11
C THR D 330 12.37 -15.65 -50.07
N ILE D 331 12.52 -15.34 -51.36
CA ILE D 331 12.01 -16.16 -52.46
C ILE D 331 13.20 -16.67 -53.25
N LYS D 332 13.29 -17.98 -53.44
CA LYS D 332 14.43 -18.61 -54.09
C LYS D 332 13.98 -19.46 -55.26
N ILE D 333 14.61 -19.23 -56.42
CA ILE D 333 14.36 -20.01 -57.64
C ILE D 333 15.51 -21.01 -57.80
N TRP D 334 15.16 -22.28 -58.01
CA TRP D 334 16.11 -23.37 -58.04
C TRP D 334 16.06 -24.06 -59.41
N LYS D 335 17.13 -24.81 -59.69
CA LYS D 335 17.25 -25.62 -60.90
C LYS D 335 17.80 -26.98 -60.48
N VAL D 336 17.02 -28.05 -60.68
CA VAL D 336 17.46 -29.39 -60.26
C VAL D 336 18.00 -30.13 -61.48
N THR D 337 19.12 -30.83 -61.29
CA THR D 337 19.77 -31.65 -62.33
C THR D 337 19.92 -33.05 -61.75
N GLU D 338 19.20 -34.03 -62.33
CA GLU D 338 19.24 -35.41 -61.88
C GLU D 338 20.60 -36.08 -62.13
N PRO E 5 1.54 -39.60 -3.83
CA PRO E 5 0.78 -39.54 -2.57
C PRO E 5 1.44 -38.79 -1.40
N THR E 6 0.67 -38.11 -0.53
CA THR E 6 1.25 -37.42 0.62
C THR E 6 0.49 -37.72 1.93
N GLU E 7 1.25 -38.01 3.01
CA GLU E 7 0.73 -38.29 4.35
C GLU E 7 0.01 -37.14 5.09
N ILE E 8 -1.14 -37.43 5.70
CA ILE E 8 -1.89 -36.36 6.39
C ILE E 8 -1.26 -35.85 7.69
N GLU E 9 -0.57 -36.70 8.47
CA GLU E 9 -0.02 -36.19 9.75
C GLU E 9 1.24 -35.36 9.59
N ASN E 10 1.94 -35.48 8.47
CA ASN E 10 3.21 -34.81 8.22
C ASN E 10 2.95 -33.70 7.21
N ILE E 11 3.25 -32.45 7.55
CA ILE E 11 3.18 -31.32 6.64
C ILE E 11 4.40 -30.41 6.73
N ASN E 12 4.94 -30.01 5.57
CA ASN E 12 6.17 -29.22 5.54
C ASN E 12 5.85 -27.77 5.11
N PRO E 13 6.31 -26.73 5.83
CA PRO E 13 6.04 -25.31 5.45
C PRO E 13 7.07 -24.61 4.62
N ASN E 14 8.11 -25.40 4.45
CA ASN E 14 9.36 -25.29 3.74
C ASN E 14 9.29 -25.15 2.22
N VAL E 15 8.26 -25.72 1.58
CA VAL E 15 8.14 -25.65 0.12
C VAL E 15 7.92 -24.20 -0.35
N TYR E 16 7.02 -23.45 0.29
CA TYR E 16 6.83 -22.08 -0.15
C TYR E 16 8.12 -21.30 0.00
N ASP E 17 8.78 -21.40 1.16
CA ASP E 17 10.07 -20.78 1.45
C ASP E 17 11.24 -21.26 0.58
N ARG E 18 11.01 -22.17 -0.37
CA ARG E 18 12.06 -22.67 -1.27
C ARG E 18 12.60 -21.64 -2.29
N ILE E 19 12.10 -20.41 -2.27
CA ILE E 19 12.60 -19.36 -3.14
C ILE E 19 14.04 -18.94 -2.88
N LYS E 20 14.84 -18.86 -3.96
CA LYS E 20 16.22 -18.36 -3.92
C LYS E 20 16.55 -17.68 -5.25
N GLU E 21 17.62 -16.87 -5.24
CA GLU E 21 18.09 -16.23 -6.47
C GLU E 21 19.60 -16.22 -6.59
N ARG E 22 20.15 -16.83 -7.65
CA ARG E 22 21.61 -16.71 -7.78
C ARG E 22 21.94 -16.93 -9.25
N VAL E 23 21.83 -15.89 -10.07
CA VAL E 23 22.18 -15.95 -11.49
C VAL E 23 23.55 -15.31 -11.68
N LEU E 24 24.62 -15.88 -11.08
CA LEU E 24 25.91 -15.24 -11.29
C LEU E 24 26.92 -16.18 -11.94
N THR E 25 27.52 -15.75 -13.05
CA THR E 25 28.54 -16.54 -13.75
C THR E 25 29.83 -15.73 -14.00
N ALA E 26 30.56 -15.35 -12.95
CA ALA E 26 31.75 -14.52 -13.18
C ALA E 26 32.78 -15.22 -14.06
N ASN E 27 32.98 -16.53 -13.84
CA ASN E 27 34.00 -17.30 -14.56
C ASN E 27 33.78 -17.24 -16.07
N GLU E 28 32.61 -17.68 -16.52
CA GLU E 28 32.33 -17.68 -17.96
C GLU E 28 32.33 -16.27 -18.53
N GLU E 29 31.86 -15.28 -17.78
CA GLU E 29 31.66 -13.98 -18.39
C GLU E 29 32.96 -13.25 -18.63
N ASP E 30 33.97 -13.44 -17.78
CA ASP E 30 35.17 -12.60 -17.91
C ASP E 30 35.89 -12.87 -19.24
N GLU E 31 36.01 -14.14 -19.62
CA GLU E 31 36.69 -14.55 -20.83
C GLU E 31 35.86 -14.24 -22.06
N ASN E 32 36.49 -14.44 -23.25
CA ASN E 32 35.90 -14.22 -24.56
C ASN E 32 35.15 -15.44 -25.08
N VAL E 33 35.15 -16.48 -24.26
CA VAL E 33 34.65 -17.83 -24.45
C VAL E 33 33.15 -17.82 -24.60
N PRO E 34 32.59 -18.59 -25.52
CA PRO E 34 31.14 -18.57 -25.71
C PRO E 34 30.51 -19.31 -24.55
N ASP E 35 29.33 -18.83 -24.21
CA ASP E 35 28.52 -19.34 -23.13
C ASP E 35 27.33 -20.11 -23.70
N PRO E 36 27.23 -21.41 -23.49
CA PRO E 36 26.12 -22.16 -24.09
C PRO E 36 24.80 -21.81 -23.42
N PHE E 37 23.72 -21.96 -24.19
CA PHE E 37 22.38 -21.85 -23.66
C PHE E 37 22.15 -23.01 -22.71
N ASP E 38 21.54 -22.72 -21.56
CA ASP E 38 21.28 -23.72 -20.54
C ASP E 38 19.87 -23.59 -20.01
N LYS E 39 19.50 -24.54 -19.15
CA LYS E 39 18.15 -24.54 -18.58
C LYS E 39 17.89 -23.26 -17.79
N ARG E 40 18.91 -22.77 -17.09
CA ARG E 40 18.74 -21.58 -16.25
C ARG E 40 18.37 -20.35 -17.09
N GLU E 41 19.03 -20.17 -18.23
CA GLU E 41 18.76 -18.98 -19.05
C GLU E 41 17.33 -18.99 -19.60
N ILE E 42 16.86 -20.16 -20.05
CA ILE E 42 15.48 -20.27 -20.53
C ILE E 42 14.49 -20.05 -19.39
N PHE E 43 14.82 -20.60 -18.22
CA PHE E 43 13.95 -20.41 -17.06
C PHE E 43 13.86 -18.95 -16.68
N ASP E 44 14.99 -18.23 -16.75
CA ASP E 44 14.94 -16.80 -16.49
C ASP E 44 14.12 -16.07 -17.54
N LEU E 45 13.91 -16.69 -18.70
CA LEU E 45 13.10 -16.04 -19.72
C LEU E 45 11.60 -16.22 -19.48
N ILE E 46 11.21 -17.29 -18.78
CA ILE E 46 9.78 -17.57 -18.62
C ILE E 46 9.32 -17.59 -17.17
N ARG E 47 10.22 -17.48 -16.18
CA ARG E 47 9.80 -17.65 -14.79
C ARG E 47 8.94 -16.51 -14.31
N ASN E 48 9.13 -15.30 -14.84
CA ASN E 48 8.42 -14.11 -14.39
C ASN E 48 7.23 -13.73 -15.27
N ILE E 49 6.85 -14.61 -16.22
CA ILE E 49 5.63 -14.40 -16.97
C ILE E 49 4.45 -14.43 -16.02
N ASN E 50 3.57 -13.44 -16.13
CA ASN E 50 2.44 -13.33 -15.22
C ASN E 50 1.33 -14.28 -15.61
N ASP E 51 0.62 -14.79 -14.59
CA ASP E 51 -0.58 -15.56 -14.83
C ASP E 51 -1.68 -14.63 -15.36
N PRO E 52 -2.47 -15.07 -16.35
CA PRO E 52 -3.47 -14.16 -16.93
C PRO E 52 -4.53 -13.67 -15.94
N GLU E 53 -4.83 -14.47 -14.91
CA GLU E 53 -5.93 -14.18 -13.99
C GLU E 53 -5.51 -13.83 -12.59
N HIS E 54 -4.27 -14.11 -12.22
CA HIS E 54 -3.90 -13.96 -10.82
C HIS E 54 -2.61 -13.15 -10.73
N PRO E 55 -2.44 -12.35 -9.64
CA PRO E 55 -1.22 -11.54 -9.48
C PRO E 55 0.01 -12.34 -9.04
N LEU E 56 0.31 -13.40 -9.77
CA LEU E 56 1.47 -14.24 -9.49
C LEU E 56 2.08 -14.67 -10.81
N THR E 57 3.38 -14.96 -10.76
CA THR E 57 4.10 -15.44 -11.93
C THR E 57 3.90 -16.95 -12.12
N LEU E 58 4.24 -17.41 -13.32
CA LEU E 58 4.19 -18.84 -13.59
C LEU E 58 5.15 -19.62 -12.70
N GLU E 59 6.22 -18.99 -12.23
CA GLU E 59 7.12 -19.66 -11.30
C GLU E 59 6.50 -19.82 -9.91
N GLU E 60 5.83 -18.78 -9.43
CA GLU E 60 5.23 -18.83 -8.12
C GLU E 60 4.09 -19.83 -8.06
N LEU E 61 3.39 -20.05 -9.18
CA LEU E 61 2.33 -21.06 -9.28
C LEU E 61 2.85 -22.43 -9.70
N HIS E 62 4.17 -22.58 -9.82
CA HIS E 62 4.81 -23.81 -10.26
C HIS E 62 4.31 -24.25 -11.63
N VAL E 63 3.81 -23.33 -12.45
CA VAL E 63 3.43 -23.66 -13.81
C VAL E 63 4.68 -23.94 -14.65
N VAL E 64 5.72 -23.13 -14.50
CA VAL E 64 7.01 -23.39 -15.11
C VAL E 64 8.04 -23.72 -14.03
N GLN E 65 8.91 -24.67 -14.34
CA GLN E 65 9.96 -25.10 -13.42
C GLN E 65 11.22 -25.32 -14.22
N GLU E 66 12.37 -25.07 -13.58
CA GLU E 66 13.65 -25.19 -14.28
C GLU E 66 13.91 -26.63 -14.73
N ASP E 67 13.53 -27.60 -13.90
CA ASP E 67 13.72 -29.00 -14.25
C ASP E 67 12.62 -29.56 -15.15
N LEU E 68 11.68 -28.71 -15.59
CA LEU E 68 10.73 -29.04 -16.65
C LEU E 68 11.16 -28.47 -18.01
N ILE E 69 12.39 -27.96 -18.11
CA ILE E 69 12.94 -27.36 -19.33
C ILE E 69 14.10 -28.23 -19.81
N ARG E 70 14.05 -28.61 -21.08
CA ARG E 70 15.12 -29.35 -21.73
C ARG E 70 15.63 -28.54 -22.91
N ILE E 71 16.95 -28.48 -23.07
CA ILE E 71 17.51 -27.65 -24.13
C ILE E 71 18.84 -28.25 -24.55
N ASN E 72 19.11 -28.18 -25.86
CA ASN E 72 20.40 -28.50 -26.41
C ASN E 72 20.79 -27.36 -27.33
N ASP E 73 21.79 -26.59 -26.89
CA ASP E 73 22.27 -25.45 -27.66
C ASP E 73 22.80 -25.88 -29.03
N SER E 74 23.59 -26.95 -29.07
CA SER E 74 24.19 -27.36 -30.33
C SER E 74 23.15 -27.86 -31.31
N GLN E 75 22.18 -28.63 -30.82
CA GLN E 75 21.14 -29.20 -31.67
C GLN E 75 19.95 -28.27 -31.87
N ASN E 76 20.05 -27.03 -31.43
CA ASN E 76 19.08 -25.98 -31.74
C ASN E 76 17.67 -26.38 -31.29
N SER E 77 17.56 -26.98 -30.10
CA SER E 77 16.26 -27.52 -29.68
C SER E 77 15.96 -27.10 -28.25
N VAL E 78 14.74 -26.62 -28.03
CA VAL E 78 14.23 -26.24 -26.71
C VAL E 78 12.86 -26.84 -26.50
N HIS E 79 12.70 -27.55 -25.38
CA HIS E 79 11.44 -28.16 -24.98
C HIS E 79 11.02 -27.59 -23.62
N ILE E 80 9.79 -27.10 -23.54
CA ILE E 80 9.24 -26.50 -22.33
C ILE E 80 8.01 -27.29 -21.92
N SER E 81 8.01 -27.74 -20.66
CA SER E 81 6.88 -28.46 -20.08
C SER E 81 6.30 -27.60 -18.97
N PHE E 82 5.03 -27.20 -19.13
CA PHE E 82 4.33 -26.33 -18.20
C PHE E 82 3.10 -27.05 -17.63
N THR E 83 2.81 -26.83 -16.33
CA THR E 83 1.79 -27.50 -15.53
C THR E 83 0.66 -26.49 -15.35
N PRO E 84 -0.53 -26.76 -15.95
CA PRO E 84 -1.70 -25.86 -15.90
C PRO E 84 -2.27 -25.52 -14.53
N THR E 85 -3.00 -24.38 -14.36
CA THR E 85 -3.48 -23.98 -13.04
C THR E 85 -4.48 -24.95 -12.42
N ILE E 86 -5.30 -25.62 -13.24
CA ILE E 86 -6.35 -26.58 -12.81
C ILE E 86 -6.36 -27.69 -13.84
N PRO E 87 -6.75 -28.95 -13.51
CA PRO E 87 -6.60 -30.01 -14.53
C PRO E 87 -7.52 -29.77 -15.72
N HIS E 88 -8.55 -28.93 -15.51
CA HIS E 88 -9.46 -28.46 -16.56
C HIS E 88 -9.33 -26.96 -16.74
N CYS E 89 -8.10 -26.48 -16.62
CA CYS E 89 -7.81 -25.06 -16.75
C CYS E 89 -8.19 -24.61 -18.15
N SER E 90 -9.09 -23.64 -18.24
CA SER E 90 -9.51 -23.09 -19.51
C SER E 90 -8.52 -22.07 -20.07
N MET E 91 -7.39 -21.83 -19.36
CA MET E 91 -6.33 -20.92 -19.78
C MET E 91 -5.05 -21.63 -20.22
N ALA E 92 -5.04 -22.96 -20.29
CA ALA E 92 -3.82 -23.70 -20.57
C ALA E 92 -3.22 -23.29 -21.91
N THR E 93 -4.05 -23.12 -22.94
CA THR E 93 -3.55 -22.73 -24.25
C THR E 93 -3.00 -21.29 -24.22
N LEU E 94 -3.70 -20.39 -23.52
CA LEU E 94 -3.22 -19.01 -23.39
C LEU E 94 -1.87 -18.93 -22.67
N ILE E 95 -1.70 -19.69 -21.58
CA ILE E 95 -0.46 -19.69 -20.83
C ILE E 95 0.68 -20.21 -21.70
N GLY E 96 0.48 -21.38 -22.34
CA GLY E 96 1.49 -21.88 -23.23
C GLY E 96 1.79 -20.95 -24.39
N LEU E 97 0.78 -20.20 -24.86
CA LEU E 97 0.99 -19.24 -25.94
C LEU E 97 1.84 -18.07 -25.47
N SER E 98 1.62 -17.60 -24.24
CA SER E 98 2.45 -16.52 -23.73
C SER E 98 3.91 -16.99 -23.60
N ILE E 99 4.11 -18.28 -23.24
CA ILE E 99 5.46 -18.82 -23.17
C ILE E 99 6.09 -18.83 -24.55
N ARG E 100 5.30 -19.22 -25.57
CA ARG E 100 5.82 -19.26 -26.93
C ARG E 100 6.19 -17.86 -27.42
N VAL E 101 5.30 -16.87 -27.21
CA VAL E 101 5.57 -15.51 -27.69
C VAL E 101 6.85 -14.96 -27.03
N LYS E 102 7.00 -15.18 -25.72
CA LYS E 102 8.21 -14.73 -25.02
C LYS E 102 9.46 -15.38 -25.61
N LEU E 103 9.44 -16.70 -25.81
CA LEU E 103 10.61 -17.38 -26.39
C LEU E 103 10.84 -17.00 -27.85
N LEU E 104 9.76 -16.79 -28.61
CA LEU E 104 9.85 -16.35 -30.00
C LEU E 104 10.54 -14.99 -30.13
N ARG E 105 10.30 -14.09 -29.18
CA ARG E 105 10.93 -12.76 -29.26
C ARG E 105 12.34 -12.77 -28.68
N SER E 106 12.60 -13.63 -27.67
CA SER E 106 13.86 -13.62 -26.92
C SER E 106 14.91 -14.60 -27.43
N LEU E 107 14.49 -15.71 -28.24
CA LEU E 107 15.48 -16.69 -28.65
C LEU E 107 15.88 -16.48 -30.11
N PRO E 108 17.11 -16.84 -30.47
CA PRO E 108 17.52 -16.76 -31.87
C PRO E 108 16.59 -17.64 -32.73
N PRO E 109 16.34 -17.23 -33.95
CA PRO E 109 15.39 -18.01 -34.78
C PRO E 109 15.83 -19.44 -35.09
N ARG E 110 17.11 -19.78 -34.95
CA ARG E 110 17.57 -21.14 -35.22
C ARG E 110 16.97 -22.15 -34.23
N PHE E 111 16.50 -21.68 -33.07
CA PHE E 111 15.98 -22.54 -32.02
C PHE E 111 14.54 -22.92 -32.33
N LYS E 112 14.30 -24.21 -32.29
CA LYS E 112 12.99 -24.81 -32.46
C LYS E 112 12.39 -25.10 -31.08
N VAL E 113 11.32 -24.37 -30.75
CA VAL E 113 10.73 -24.42 -29.41
C VAL E 113 9.51 -25.35 -29.43
N THR E 114 9.45 -26.25 -28.46
CA THR E 114 8.30 -27.10 -28.25
C THR E 114 7.72 -26.81 -26.87
N VAL E 115 6.46 -26.42 -26.82
CA VAL E 115 5.79 -26.11 -25.57
C VAL E 115 4.61 -27.06 -25.42
N GLU E 116 4.69 -27.95 -24.43
CA GLU E 116 3.67 -28.95 -24.19
C GLU E 116 3.26 -28.94 -22.73
N ILE E 117 2.04 -29.41 -22.46
CA ILE E 117 1.58 -29.61 -21.09
C ILE E 117 2.31 -30.79 -20.46
N THR E 118 2.71 -30.63 -19.18
CA THR E 118 3.33 -31.72 -18.42
C THR E 118 2.42 -32.95 -18.46
N PRO E 119 2.93 -34.13 -18.81
CA PRO E 119 2.06 -35.30 -19.02
C PRO E 119 1.21 -35.65 -17.79
N GLY E 120 -0.08 -35.84 -18.01
CA GLY E 120 -0.98 -36.25 -16.96
C GLY E 120 -1.46 -35.12 -16.09
N THR E 121 -1.11 -33.87 -16.40
CA THR E 121 -1.48 -32.73 -15.57
C THR E 121 -2.68 -31.95 -16.10
N HIS E 122 -3.22 -32.34 -17.25
CA HIS E 122 -4.37 -31.65 -17.79
C HIS E 122 -5.18 -32.65 -18.59
N ALA E 123 -6.50 -32.47 -18.57
CA ALA E 123 -7.42 -33.43 -19.20
C ALA E 123 -7.34 -33.36 -20.72
N SER E 124 -7.05 -32.18 -21.28
CA SER E 124 -7.02 -31.95 -22.72
C SER E 124 -5.60 -31.68 -23.22
N GLU E 125 -4.60 -32.37 -22.67
CA GLU E 125 -3.21 -32.05 -22.96
C GLU E 125 -2.85 -32.30 -24.42
N LEU E 126 -3.36 -33.39 -25.00
CA LEU E 126 -3.08 -33.69 -26.40
C LEU E 126 -3.59 -32.58 -27.34
N ALA E 127 -4.82 -32.11 -27.13
CA ALA E 127 -5.38 -31.06 -27.97
C ALA E 127 -4.66 -29.73 -27.80
N VAL E 128 -4.28 -29.40 -26.56
CA VAL E 128 -3.55 -28.15 -26.31
C VAL E 128 -2.17 -28.21 -26.95
N ASN E 129 -1.46 -29.34 -26.76
CA ASN E 129 -0.14 -29.49 -27.35
C ASN E 129 -0.21 -29.36 -28.86
N LYS E 130 -1.28 -29.90 -29.47
CA LYS E 130 -1.41 -29.85 -30.93
C LYS E 130 -1.63 -28.42 -31.41
N GLN E 131 -2.39 -27.62 -30.65
CA GLN E 131 -2.61 -26.23 -31.03
C GLN E 131 -1.31 -25.44 -30.95
N LEU E 132 -0.58 -25.58 -29.84
CA LEU E 132 0.66 -24.85 -29.64
C LEU E 132 1.76 -25.25 -30.63
N ALA E 133 1.72 -26.48 -31.15
CA ALA E 133 2.72 -26.91 -32.14
C ALA E 133 2.39 -26.48 -33.57
N ASP E 134 1.18 -26.02 -33.82
CA ASP E 134 0.77 -25.60 -35.15
C ASP E 134 1.17 -24.14 -35.30
N LYS E 135 2.27 -23.89 -36.02
CA LYS E 135 2.80 -22.52 -36.13
C LYS E 135 1.86 -21.59 -36.90
N GLU E 136 1.04 -22.13 -37.80
CA GLU E 136 0.10 -21.32 -38.56
C GLU E 136 -1.01 -20.80 -37.65
N ARG E 137 -1.55 -21.68 -36.80
CA ARG E 137 -2.60 -21.26 -35.88
C ARG E 137 -2.05 -20.32 -34.80
N VAL E 138 -0.82 -20.54 -34.34
CA VAL E 138 -0.21 -19.61 -33.40
C VAL E 138 -0.06 -18.22 -34.03
N ALA E 139 0.38 -18.16 -35.30
CA ALA E 139 0.52 -16.88 -35.99
C ALA E 139 -0.83 -16.19 -36.14
N ALA E 140 -1.85 -16.94 -36.59
CA ALA E 140 -3.18 -16.35 -36.74
C ALA E 140 -3.71 -15.86 -35.41
N ALA E 141 -3.39 -16.57 -34.31
CA ALA E 141 -3.83 -16.15 -32.98
C ALA E 141 -3.17 -14.83 -32.59
N LEU E 142 -1.91 -14.64 -33.00
CA LEU E 142 -1.22 -13.41 -32.62
C LEU E 142 -1.79 -12.22 -33.40
N GLU E 143 -2.49 -12.47 -34.52
CA GLU E 143 -3.14 -11.36 -35.22
C GLU E 143 -4.47 -10.92 -34.59
N ASN E 144 -4.91 -11.57 -33.52
CA ASN E 144 -6.04 -11.13 -32.69
C ASN E 144 -5.57 -10.05 -31.71
N ASN E 145 -6.07 -8.81 -31.87
CA ASN E 145 -5.59 -7.70 -31.05
C ASN E 145 -5.89 -7.89 -29.55
N HIS E 146 -7.08 -8.38 -29.21
CA HIS E 146 -7.40 -8.59 -27.79
C HIS E 146 -6.51 -9.68 -27.19
N LEU E 147 -6.25 -10.73 -27.98
CA LEU E 147 -5.40 -11.83 -27.53
C LEU E 147 -3.94 -11.41 -27.41
N ALA E 148 -3.45 -10.67 -28.40
CA ALA E 148 -2.07 -10.22 -28.31
C ALA E 148 -1.90 -9.22 -27.17
N GLU E 149 -2.94 -8.44 -26.86
CA GLU E 149 -2.83 -7.51 -25.73
C GLU E 149 -2.74 -8.25 -24.41
N VAL E 150 -3.53 -9.30 -24.22
CA VAL E 150 -3.42 -10.07 -22.97
C VAL E 150 -2.06 -10.75 -22.87
N ILE E 151 -1.58 -11.28 -24.00
CA ILE E 151 -0.27 -11.92 -23.99
C ILE E 151 0.80 -10.91 -23.60
N ASN E 152 0.74 -9.72 -24.19
CA ASN E 152 1.72 -8.69 -23.87
C ASN E 152 1.66 -8.29 -22.40
N GLN E 153 0.46 -8.31 -21.82
CA GLN E 153 0.34 -8.05 -20.38
C GLN E 153 1.06 -9.12 -19.56
N CYS E 154 0.97 -10.39 -20.01
CA CYS E 154 1.66 -11.47 -19.30
C CYS E 154 3.17 -11.43 -19.51
N ILE E 155 3.62 -11.05 -20.71
CA ILE E 155 5.05 -11.02 -21.04
C ILE E 155 5.74 -9.79 -20.49
N ALA E 156 4.99 -8.74 -20.15
CA ALA E 156 5.59 -7.50 -19.67
C ALA E 156 6.42 -7.79 -18.43
N ALA E 157 7.57 -7.12 -18.32
CA ALA E 157 8.49 -7.33 -17.21
C ALA E 157 8.40 -6.15 -16.25
N LYS E 158 7.98 -6.44 -15.01
CA LYS E 158 7.89 -5.45 -13.94
C LYS E 158 8.09 -6.09 -12.57
N GLY F 19 -28.19 71.02 -7.03
CA GLY F 19 -29.04 70.54 -8.10
C GLY F 19 -28.52 69.24 -8.65
N ALA F 20 -27.20 69.16 -8.76
CA ALA F 20 -26.56 67.95 -9.27
C ALA F 20 -26.90 66.76 -8.40
N LEU F 21 -26.93 66.95 -7.08
CA LEU F 21 -27.26 65.82 -6.24
C LEU F 21 -28.67 65.36 -6.54
N CYS F 22 -29.60 66.30 -6.71
CA CYS F 22 -30.99 65.93 -6.97
C CYS F 22 -31.11 65.18 -8.31
N GLY F 23 -30.56 65.76 -9.37
CA GLY F 23 -30.66 65.14 -10.68
C GLY F 23 -29.94 63.81 -10.79
N LEU F 24 -28.68 63.78 -10.33
CA LEU F 24 -27.93 62.54 -10.39
C LEU F 24 -28.61 61.47 -9.55
N VAL F 25 -29.14 61.85 -8.38
CA VAL F 25 -29.88 60.93 -7.52
C VAL F 25 -30.98 60.31 -8.34
N GLN F 26 -31.60 61.11 -9.22
CA GLN F 26 -32.63 60.48 -10.02
C GLN F 26 -31.99 59.50 -11.01
N ASP F 27 -30.82 59.85 -11.56
CA ASP F 27 -30.15 58.96 -12.52
C ASP F 27 -29.76 57.64 -11.86
N PHE F 28 -29.28 57.72 -10.62
CA PHE F 28 -28.89 56.56 -9.84
C PHE F 28 -30.08 55.66 -9.67
N VAL F 29 -31.18 56.26 -9.21
CA VAL F 29 -32.40 55.49 -9.02
C VAL F 29 -32.81 54.87 -10.34
N MET F 30 -32.56 55.59 -11.44
CA MET F 30 -32.84 55.06 -12.77
C MET F 30 -31.94 53.88 -13.07
N GLY F 31 -30.81 53.77 -12.35
CA GLY F 31 -29.83 52.71 -12.51
C GLY F 31 -28.39 53.07 -12.83
N GLN F 32 -28.06 54.33 -13.16
CA GLN F 32 -26.68 54.71 -13.47
C GLN F 32 -25.95 55.02 -12.17
N GLN F 33 -25.75 53.97 -11.40
CA GLN F 33 -25.31 54.14 -10.03
C GLN F 33 -23.80 54.38 -9.90
N GLU F 34 -22.97 53.86 -10.82
CA GLU F 34 -21.52 53.80 -10.55
C GLU F 34 -20.88 55.19 -10.64
N GLY F 35 -21.28 55.97 -11.64
CA GLY F 35 -20.80 57.32 -11.82
C GLY F 35 -21.05 58.09 -10.55
N PRO F 36 -22.33 58.27 -10.17
CA PRO F 36 -22.64 58.88 -8.85
C PRO F 36 -21.99 58.24 -7.64
N ALA F 37 -21.80 56.92 -7.59
CA ALA F 37 -21.14 56.36 -6.41
C ALA F 37 -19.81 57.04 -6.21
N ASP F 38 -19.01 57.08 -7.26
CA ASP F 38 -17.71 57.72 -7.11
C ASP F 38 -17.80 59.24 -7.18
N GLN F 39 -18.74 59.81 -7.93
CA GLN F 39 -18.83 61.27 -8.04
C GLN F 39 -19.36 61.91 -6.77
N VAL F 40 -20.28 61.25 -6.07
CA VAL F 40 -20.69 61.74 -4.77
C VAL F 40 -19.51 61.61 -3.82
N ALA F 41 -18.78 60.49 -3.88
CA ALA F 41 -17.59 60.39 -3.05
C ALA F 41 -16.60 61.51 -3.36
N ALA F 42 -16.47 61.87 -4.64
CA ALA F 42 -15.57 62.96 -5.04
C ALA F 42 -16.05 64.29 -4.45
N ASP F 43 -17.35 64.56 -4.54
CA ASP F 43 -17.91 65.76 -3.93
C ASP F 43 -17.69 65.77 -2.43
N VAL F 44 -17.71 64.60 -1.79
CA VAL F 44 -17.41 64.53 -0.36
C VAL F 44 -15.96 64.94 -0.13
N LYS F 45 -15.06 64.32 -0.88
CA LYS F 45 -13.64 64.57 -0.71
C LYS F 45 -13.34 66.06 -0.82
N SER F 46 -14.02 66.75 -1.73
CA SER F 46 -13.81 68.19 -1.83
C SER F 46 -14.74 69.03 -0.96
N GLY F 47 -15.99 68.62 -0.82
CA GLY F 47 -16.95 69.46 -0.11
C GLY F 47 -17.33 69.04 1.30
N THR F 50 -21.97 68.72 1.54
CA THR F 50 -21.84 68.41 2.97
C THR F 50 -22.80 67.28 3.39
N VAL F 51 -22.55 66.72 4.58
CA VAL F 51 -23.30 65.56 5.04
C VAL F 51 -24.76 65.89 5.30
N LEU F 52 -25.02 67.02 5.97
CA LEU F 52 -26.41 67.34 6.33
C LEU F 52 -27.26 67.66 5.10
N GLN F 53 -26.66 68.21 4.04
CA GLN F 53 -27.46 68.54 2.86
C GLN F 53 -27.91 67.26 2.16
N VAL F 54 -27.05 66.25 2.10
CA VAL F 54 -27.40 65.05 1.37
C VAL F 54 -28.38 64.22 2.18
N VAL F 55 -28.27 64.23 3.51
CA VAL F 55 -29.25 63.41 4.21
C VAL F 55 -30.65 64.00 4.10
N GLU F 56 -30.76 65.31 3.88
CA GLU F 56 -32.08 65.91 3.75
C GLU F 56 -32.62 65.66 2.35
N ALA F 57 -31.75 65.67 1.34
CA ALA F 57 -32.23 65.37 -0.01
C ALA F 57 -32.66 63.91 -0.12
N LEU F 58 -31.89 63.00 0.48
CA LEU F 58 -32.25 61.58 0.46
C LEU F 58 -33.50 61.29 1.27
N GLY F 59 -33.73 62.05 2.36
CA GLY F 59 -34.90 61.82 3.19
C GLY F 59 -36.21 61.85 2.44
N SER F 60 -36.29 62.69 1.41
CA SER F 60 -37.52 62.77 0.64
C SER F 60 -37.75 61.49 -0.14
N SER F 61 -36.72 61.03 -0.84
CA SER F 61 -36.84 59.81 -1.63
C SER F 61 -37.11 58.61 -0.74
N LEU F 62 -36.56 58.59 0.47
CA LEU F 62 -36.77 57.46 1.36
C LEU F 62 -38.16 57.46 1.99
N GLU F 63 -38.81 58.61 2.08
CA GLU F 63 -40.15 58.69 2.65
C GLU F 63 -41.22 58.08 1.76
N ASN F 64 -40.85 57.67 0.55
CA ASN F 64 -41.81 57.07 -0.37
C ASN F 64 -42.23 55.67 0.08
N ALA F 65 -43.52 55.40 -0.12
CA ALA F 65 -44.14 54.16 0.30
C ALA F 65 -43.56 52.90 -0.35
N GLU F 66 -42.95 53.00 -1.52
CA GLU F 66 -42.42 51.78 -2.18
C GLU F 66 -41.22 51.24 -1.42
N PRO F 67 -41.17 49.93 -1.13
CA PRO F 67 -40.01 49.39 -0.40
C PRO F 67 -38.71 49.49 -1.17
N ARG F 68 -38.73 49.34 -2.50
CA ARG F 68 -37.48 49.42 -3.26
C ARG F 68 -36.97 50.84 -3.37
N THR F 69 -37.83 51.83 -3.16
CA THR F 69 -37.38 53.21 -3.24
C THR F 69 -36.68 53.59 -1.94
N ARG F 70 -37.12 52.98 -0.84
CA ARG F 70 -36.45 53.18 0.44
C ARG F 70 -35.14 52.44 0.43
N ALA F 71 -35.19 51.15 0.11
CA ALA F 71 -34.00 50.32 0.08
C ALA F 71 -32.92 50.92 -0.82
N ARG F 72 -33.30 51.47 -1.98
CA ARG F 72 -32.29 52.04 -2.86
C ARG F 72 -31.67 53.29 -2.24
N GLY F 73 -32.51 54.21 -1.75
CA GLY F 73 -31.97 55.39 -1.08
C GLY F 73 -31.04 55.04 0.06
N ALA F 74 -31.48 54.12 0.92
CA ALA F 74 -30.68 53.72 2.06
C ALA F 74 -29.36 53.10 1.62
N GLN F 75 -29.38 52.28 0.57
CA GLN F 75 -28.14 51.66 0.11
C GLN F 75 -27.20 52.72 -0.46
N LEU F 76 -27.73 53.70 -1.19
CA LEU F 76 -26.88 54.74 -1.74
C LEU F 76 -26.52 55.79 -0.70
N LEU F 77 -27.06 55.66 0.50
CA LEU F 77 -26.67 56.51 1.61
C LEU F 77 -25.55 55.84 2.40
N SER F 78 -25.66 54.53 2.57
CA SER F 78 -24.64 53.76 3.24
C SER F 78 -23.37 53.73 2.39
N GLN F 79 -23.53 53.64 1.08
CA GLN F 79 -22.37 53.65 0.19
C GLN F 79 -21.60 54.94 0.34
N VAL F 80 -22.30 56.01 0.68
CA VAL F 80 -21.67 57.30 0.92
C VAL F 80 -20.97 57.28 2.28
N LEU F 81 -21.74 56.99 3.33
CA LEU F 81 -21.22 56.93 4.68
C LEU F 81 -20.00 56.01 4.79
N LEU F 82 -19.91 55.00 3.92
CA LEU F 82 -18.77 54.08 3.96
C LEU F 82 -17.50 54.75 3.44
N GLN F 83 -17.64 55.63 2.45
CA GLN F 83 -16.50 56.34 1.91
C GLN F 83 -16.12 57.52 2.81
N CYS F 84 -17.12 58.14 3.46
CA CYS F 84 -16.84 59.30 4.32
C CYS F 84 -16.17 58.87 5.62
N HIS F 85 -16.65 57.79 6.24
CA HIS F 85 -16.03 57.15 7.39
C HIS F 85 -15.78 58.14 8.53
N SER F 86 -14.58 58.13 9.12
CA SER F 86 -14.14 59.01 10.20
C SER F 86 -14.62 60.45 10.13
N LEU F 87 -14.49 61.08 8.96
CA LEU F 87 -14.80 62.51 8.83
C LEU F 87 -16.31 62.70 8.92
N LEU F 88 -16.79 62.68 10.16
CA LEU F 88 -18.21 62.82 10.49
C LEU F 88 -18.29 63.38 11.90
N SER F 89 -19.15 64.39 12.09
CA SER F 89 -19.25 65.04 13.38
C SER F 89 -19.94 64.15 14.41
N GLU F 90 -19.57 64.36 15.69
CA GLU F 90 -20.20 63.62 16.77
C GLU F 90 -21.70 63.89 16.80
N LYS F 91 -22.08 65.15 16.56
CA LYS F 91 -23.49 65.51 16.52
C LYS F 91 -24.17 64.92 15.30
N GLU F 92 -23.39 64.44 14.33
CA GLU F 92 -23.96 63.79 13.17
C GLU F 92 -24.04 62.29 13.40
N VAL F 93 -22.98 61.74 13.98
CA VAL F 93 -22.93 60.31 14.27
C VAL F 93 -24.14 59.91 15.11
N VAL F 94 -24.45 60.70 16.15
CA VAL F 94 -25.60 60.34 16.99
C VAL F 94 -26.89 60.35 16.19
N HIS F 95 -27.14 61.43 15.45
CA HIS F 95 -28.37 61.56 14.68
C HIS F 95 -28.51 60.42 13.69
N LEU F 96 -27.44 60.11 12.97
CA LEU F 96 -27.44 59.06 11.96
C LEU F 96 -27.72 57.70 12.58
N ILE F 97 -27.00 57.37 13.65
CA ILE F 97 -27.21 56.10 14.32
C ILE F 97 -28.66 55.99 14.81
N LEU F 98 -29.25 57.10 15.28
CA LEU F 98 -30.64 57.06 15.72
C LEU F 98 -31.58 56.80 14.55
N PHE F 99 -31.41 57.54 13.45
CA PHE F 99 -32.26 57.33 12.27
C PHE F 99 -32.16 55.90 11.79
N TYR F 100 -30.95 55.36 11.73
CA TYR F 100 -30.76 53.98 11.29
C TYR F 100 -31.45 53.01 12.25
N GLU F 101 -31.34 53.26 13.55
CA GLU F 101 -32.00 52.39 14.52
C GLU F 101 -33.51 52.38 14.31
N ASN F 102 -34.10 53.53 13.98
CA ASN F 102 -35.54 53.58 13.72
C ASN F 102 -35.87 52.91 12.39
N ARG F 103 -35.10 53.20 11.34
CA ARG F 103 -35.30 52.66 9.99
C ARG F 103 -35.01 51.17 9.90
N LEU F 104 -34.31 50.61 10.88
CA LEU F 104 -34.12 49.16 10.98
C LEU F 104 -35.38 48.49 11.50
N LYS F 105 -36.04 49.13 12.46
CA LYS F 105 -37.26 48.61 13.07
C LYS F 105 -38.47 48.71 12.14
N ASP F 106 -38.70 49.89 11.55
CA ASP F 106 -39.87 50.27 10.77
C ASP F 106 -39.90 49.64 9.36
N HIS F 107 -38.81 49.03 8.89
CA HIS F 107 -38.70 48.55 7.52
C HIS F 107 -38.43 47.05 7.38
N HIS F 108 -38.96 46.48 6.30
CA HIS F 108 -38.80 45.08 5.92
C HIS F 108 -38.10 44.98 4.57
N LEU F 109 -37.05 44.16 4.50
CA LEU F 109 -36.19 43.98 3.32
C LEU F 109 -35.46 45.26 2.98
N VAL F 110 -35.56 46.26 3.86
CA VAL F 110 -34.78 47.49 3.77
C VAL F 110 -33.62 47.40 4.75
N VAL F 111 -33.72 46.52 5.74
CA VAL F 111 -32.71 46.23 6.75
C VAL F 111 -31.30 45.95 6.20
N PRO F 112 -31.11 45.31 5.04
CA PRO F 112 -29.71 45.11 4.60
C PRO F 112 -29.01 46.41 4.31
N SER F 113 -29.71 47.36 3.70
CA SER F 113 -29.11 48.66 3.39
C SER F 113 -28.81 49.40 4.69
N VAL F 114 -29.68 49.21 5.67
CA VAL F 114 -29.51 49.85 6.97
C VAL F 114 -28.28 49.29 7.66
N LEU F 115 -28.14 47.96 7.67
CA LEU F 115 -27.00 47.34 8.32
C LEU F 115 -25.69 47.67 7.62
N GLN F 116 -25.73 48.00 6.33
CA GLN F 116 -24.49 48.44 5.71
C GLN F 116 -24.15 49.83 6.20
N GLY F 117 -25.17 50.64 6.48
CA GLY F 117 -24.92 51.96 7.01
C GLY F 117 -24.44 51.91 8.45
N LEU F 118 -24.95 50.95 9.21
CA LEU F 118 -24.50 50.80 10.58
C LEU F 118 -23.05 50.32 10.61
N ARG F 119 -22.67 49.44 9.67
CA ARG F 119 -21.26 49.06 9.58
C ARG F 119 -20.41 50.28 9.30
N ALA F 120 -20.88 51.16 8.42
CA ALA F 120 -20.16 52.40 8.18
C ALA F 120 -20.04 53.23 9.46
N LEU F 121 -21.15 53.36 10.19
CA LEU F 121 -21.16 54.14 11.43
C LEU F 121 -20.39 53.47 12.55
N SER F 122 -20.12 52.17 12.45
CA SER F 122 -19.38 51.47 13.49
C SER F 122 -17.88 51.61 13.31
N MET F 123 -17.46 52.15 12.19
CA MET F 123 -16.04 52.28 11.91
C MET F 123 -15.50 53.64 12.33
N SER F 124 -16.38 54.60 12.64
CA SER F 124 -15.96 55.88 13.20
C SER F 124 -15.64 55.70 14.68
N VAL F 125 -14.92 56.67 15.25
CA VAL F 125 -14.51 56.57 16.65
C VAL F 125 -15.00 57.73 17.51
N ALA F 126 -15.60 58.75 16.93
CA ALA F 126 -16.04 59.90 17.73
C ALA F 126 -17.46 59.78 18.26
N LEU F 127 -17.89 58.59 18.75
CA LEU F 127 -19.26 58.41 19.26
C LEU F 127 -19.28 58.32 20.78
N PRO F 128 -20.34 58.79 21.43
CA PRO F 128 -20.42 58.74 22.91
C PRO F 128 -20.38 57.33 23.43
N PRO F 129 -20.03 57.15 24.71
CA PRO F 129 -20.00 55.79 25.28
C PRO F 129 -21.35 55.09 25.28
N GLY F 130 -22.42 55.77 25.71
CA GLY F 130 -23.73 55.13 25.68
C GLY F 130 -24.08 54.61 24.28
N LEU F 131 -23.73 55.39 23.26
CA LEU F 131 -24.23 55.15 21.89
C LEU F 131 -23.77 53.81 21.30
N ALA F 132 -22.50 53.45 21.43
CA ALA F 132 -22.05 52.20 20.80
C ALA F 132 -22.78 51.01 21.39
N VAL F 133 -22.90 50.98 22.71
CA VAL F 133 -23.60 49.89 23.37
C VAL F 133 -25.07 49.88 22.98
N SER F 134 -25.69 51.05 22.87
CA SER F 134 -27.11 51.07 22.53
C SER F 134 -27.32 50.61 21.10
N VAL F 135 -26.37 50.92 20.21
CA VAL F 135 -26.46 50.47 18.83
C VAL F 135 -26.35 48.97 18.77
N LEU F 136 -25.46 48.40 19.56
CA LEU F 136 -25.27 46.97 19.49
C LEU F 136 -26.50 46.24 20.01
N LYS F 137 -27.05 46.75 21.11
CA LYS F 137 -28.28 46.20 21.68
C LYS F 137 -29.40 46.23 20.65
N ALA F 138 -29.55 47.36 19.94
CA ALA F 138 -30.61 47.47 18.92
C ALA F 138 -30.37 46.47 17.79
N ILE F 139 -29.10 46.30 17.40
CA ILE F 139 -28.78 45.42 16.28
C ILE F 139 -29.19 43.99 16.58
N PHE F 140 -28.86 43.47 17.76
CA PHE F 140 -29.35 42.09 17.87
C PHE F 140 -30.71 41.95 18.51
N GLN F 141 -31.22 42.95 19.23
CA GLN F 141 -32.58 42.81 19.75
C GLN F 141 -33.62 42.90 18.64
N GLU F 142 -33.32 43.56 17.53
CA GLU F 142 -34.32 43.70 16.49
C GLU F 142 -34.20 42.68 15.35
N VAL F 143 -33.09 42.66 14.60
CA VAL F 143 -33.03 41.79 13.43
C VAL F 143 -32.67 40.36 13.79
N HIS F 144 -33.36 39.43 13.15
CA HIS F 144 -33.13 38.00 13.24
C HIS F 144 -32.03 37.66 12.25
N VAL F 145 -30.89 37.22 12.76
CA VAL F 145 -29.73 37.00 11.90
C VAL F 145 -29.95 35.86 10.91
N GLN F 146 -30.44 34.72 11.39
CA GLN F 146 -30.60 33.55 10.51
C GLN F 146 -31.48 33.84 9.29
N SER F 147 -32.53 34.64 9.47
CA SER F 147 -33.42 34.95 8.34
C SER F 147 -32.70 35.75 7.25
N LEU F 148 -31.79 36.65 7.64
CA LEU F 148 -31.02 37.49 6.74
C LEU F 148 -30.12 36.67 5.80
N LEU F 149 -29.76 37.31 4.69
CA LEU F 149 -28.90 36.80 3.64
C LEU F 149 -27.46 36.60 4.13
N GLN F 150 -26.73 35.75 3.38
CA GLN F 150 -25.34 35.43 3.71
C GLN F 150 -24.46 36.68 3.73
N VAL F 151 -24.58 37.51 2.69
CA VAL F 151 -23.78 38.73 2.59
C VAL F 151 -24.13 39.69 3.73
N ASP F 152 -25.42 39.82 4.03
CA ASP F 152 -25.85 40.70 5.10
C ASP F 152 -25.39 40.18 6.46
N ARG F 153 -25.43 38.85 6.67
CA ARG F 153 -24.87 38.28 7.90
C ARG F 153 -23.42 38.65 8.03
N HIS F 154 -22.68 38.66 6.92
CA HIS F 154 -21.30 39.08 6.98
C HIS F 154 -21.19 40.51 7.47
N THR F 155 -22.10 41.37 7.03
CA THR F 155 -22.01 42.75 7.51
C THR F 155 -22.34 42.84 9.00
N VAL F 156 -23.31 42.06 9.48
CA VAL F 156 -23.66 42.10 10.90
C VAL F 156 -22.49 41.63 11.76
N PHE F 157 -21.87 40.53 11.34
CA PHE F 157 -20.74 40.00 12.07
C PHE F 157 -19.60 41.01 12.08
N SER F 158 -19.33 41.64 10.94
CA SER F 158 -18.26 42.62 10.92
C SER F 158 -18.59 43.85 11.77
N ILE F 159 -19.87 44.18 11.95
CA ILE F 159 -20.17 45.28 12.88
C ILE F 159 -19.73 44.89 14.27
N ILE F 160 -19.96 43.62 14.63
CA ILE F 160 -19.51 43.17 15.94
C ILE F 160 -18.01 43.30 16.06
N THR F 161 -17.27 42.65 15.16
CA THR F 161 -15.80 42.72 15.22
C THR F 161 -15.30 44.16 15.25
N ASN F 162 -16.02 45.08 14.61
CA ASN F 162 -15.63 46.48 14.63
C ASN F 162 -15.71 47.02 16.04
N PHE F 163 -16.86 46.84 16.69
CA PHE F 163 -16.98 47.33 18.07
C PHE F 163 -16.08 46.56 19.03
N MET F 164 -15.76 45.31 18.71
CA MET F 164 -14.88 44.46 19.50
C MET F 164 -13.44 44.94 19.42
N ARG F 165 -13.17 45.85 18.50
CA ARG F 165 -11.87 46.48 18.36
C ARG F 165 -11.91 47.90 18.91
N SER F 166 -12.82 48.72 18.41
CA SER F 166 -12.88 50.13 18.80
C SER F 166 -13.21 50.33 20.27
N ARG F 167 -14.20 49.61 20.80
CA ARG F 167 -14.64 49.82 22.19
C ARG F 167 -14.80 48.50 22.94
N GLU F 168 -13.71 48.03 23.55
CA GLU F 168 -13.82 46.84 24.39
C GLU F 168 -14.39 47.17 25.76
N GLU F 169 -13.95 48.26 26.38
CA GLU F 169 -14.42 48.60 27.73
C GLU F 169 -15.94 48.77 27.76
N GLU F 170 -16.55 49.23 26.66
CA GLU F 170 -18.00 49.37 26.62
C GLU F 170 -18.66 48.01 26.54
N LEU F 171 -18.24 47.19 25.58
CA LEU F 171 -18.81 45.86 25.39
C LEU F 171 -18.58 44.98 26.61
N LYS F 172 -17.47 45.18 27.29
CA LYS F 172 -17.18 44.44 28.51
C LYS F 172 -18.08 44.96 29.62
N GLY F 173 -18.25 46.27 29.69
CA GLY F 173 -19.16 46.85 30.67
C GLY F 173 -20.58 46.39 30.51
N LEU F 174 -20.93 45.90 29.32
CA LEU F 174 -22.29 45.39 29.06
C LEU F 174 -22.60 44.13 29.85
N GLY F 175 -21.59 43.44 30.35
CA GLY F 175 -21.78 42.21 31.09
C GLY F 175 -21.85 40.99 30.20
N ALA F 176 -22.45 39.94 30.76
CA ALA F 176 -22.55 38.68 30.06
C ALA F 176 -23.69 38.69 29.04
N ASP F 177 -24.65 39.62 29.18
CA ASP F 177 -25.73 39.67 28.21
C ASP F 177 -25.24 40.03 26.82
N PHE F 178 -24.01 40.52 26.69
CA PHE F 178 -23.46 40.73 25.35
C PHE F 178 -23.04 39.42 24.75
N THR F 179 -22.31 38.61 25.52
CA THR F 179 -21.92 37.31 25.00
C THR F 179 -23.16 36.48 24.70
N PHE F 180 -24.19 36.56 25.55
CA PHE F 180 -25.44 35.83 25.29
C PHE F 180 -26.13 36.30 24.01
N GLY F 181 -26.23 37.62 23.80
CA GLY F 181 -26.81 38.12 22.57
C GLY F 181 -26.05 37.61 21.35
N PHE F 182 -24.73 37.73 21.40
CA PHE F 182 -23.94 37.21 20.29
C PHE F 182 -24.17 35.73 20.12
N ILE F 183 -24.24 35.00 21.23
CA ILE F 183 -24.48 33.56 21.18
C ILE F 183 -25.68 33.28 20.29
N GLN F 184 -26.76 34.04 20.47
CA GLN F 184 -27.93 33.80 19.64
C GLN F 184 -27.64 34.16 18.19
N VAL F 185 -26.85 35.21 17.97
CA VAL F 185 -26.59 35.62 16.60
C VAL F 185 -25.81 34.54 15.86
N MET F 186 -24.85 33.90 16.51
CA MET F 186 -24.00 32.92 15.87
C MET F 186 -24.56 31.52 16.01
N ASP F 187 -25.83 31.40 16.41
CA ASP F 187 -26.42 30.08 16.59
C ASP F 187 -26.32 29.27 15.30
N GLY F 188 -26.79 29.82 14.18
CA GLY F 188 -26.63 29.13 12.90
C GLY F 188 -26.10 29.98 11.75
N GLU F 189 -24.90 29.73 11.25
CA GLU F 189 -24.35 30.49 10.12
C GLU F 189 -23.71 29.45 9.24
N LYS F 190 -24.29 29.23 8.07
CA LYS F 190 -23.82 28.12 7.24
C LYS F 190 -22.64 28.53 6.37
N ASP F 191 -22.55 29.81 6.07
CA ASP F 191 -21.48 30.26 5.21
C ASP F 191 -20.15 30.17 5.96
N PRO F 192 -19.08 29.74 5.29
CA PRO F 192 -17.76 29.66 5.94
C PRO F 192 -17.16 31.02 6.22
N ARG F 193 -17.26 31.89 5.21
CA ARG F 193 -16.74 33.26 5.30
C ARG F 193 -17.17 33.91 6.60
N ASN F 194 -18.45 33.74 6.95
CA ASN F 194 -18.98 34.28 8.20
C ASN F 194 -18.49 33.48 9.39
N LEU F 195 -18.36 32.17 9.23
CA LEU F 195 -18.00 31.30 10.34
C LEU F 195 -16.66 31.66 10.94
N LEU F 196 -15.67 31.94 10.11
CA LEU F 196 -14.37 32.30 10.67
C LEU F 196 -14.46 33.59 11.48
N LEU F 197 -15.30 34.51 11.03
CA LEU F 197 -15.51 35.76 11.75
C LEU F 197 -16.13 35.49 13.11
N ALA F 198 -17.14 34.63 13.12
CA ALA F 198 -17.82 34.29 14.35
C ALA F 198 -16.87 33.56 15.31
N PHE F 199 -16.01 32.72 14.76
CA PHE F 199 -15.04 32.05 15.60
C PHE F 199 -14.10 33.06 16.23
N ARG F 200 -13.65 34.03 15.43
CA ARG F 200 -12.80 35.10 15.97
C ARG F 200 -13.48 35.80 17.13
N ILE F 201 -14.74 36.19 16.94
CA ILE F 201 -15.46 36.86 18.01
C ILE F 201 -15.48 36.01 19.28
N VAL F 202 -15.73 34.70 19.12
CA VAL F 202 -15.73 33.80 20.28
C VAL F 202 -14.34 33.72 20.93
N HIS F 203 -13.32 33.50 20.10
CA HIS F 203 -11.94 33.40 20.59
C HIS F 203 -11.51 34.65 21.30
N ASP F 204 -11.96 35.82 20.83
CA ASP F 204 -11.62 37.07 21.50
C ASP F 204 -12.43 37.27 22.76
N LEU F 205 -13.66 36.75 22.81
CA LEU F 205 -14.44 36.77 24.03
C LEU F 205 -13.76 35.94 25.11
N ILE F 206 -12.98 34.96 24.70
CA ILE F 206 -12.24 34.12 25.62
C ILE F 206 -10.86 34.69 25.93
N SER F 207 -10.12 35.04 24.87
CA SER F 207 -8.78 35.60 24.99
C SER F 207 -8.78 36.85 25.85
N LYS F 208 -9.61 37.83 25.49
CA LYS F 208 -9.77 38.97 26.38
C LYS F 208 -10.70 38.52 27.49
N ASP F 209 -10.50 39.07 28.68
CA ASP F 209 -11.27 38.61 29.83
C ASP F 209 -12.70 39.16 29.77
N TYR F 210 -13.45 38.68 28.78
CA TYR F 210 -14.85 39.08 28.66
C TYR F 210 -15.65 38.31 29.70
N SER F 211 -16.64 38.96 30.28
CA SER F 211 -17.43 38.34 31.34
C SER F 211 -18.43 37.37 30.74
N LEU F 212 -18.15 36.06 30.86
CA LEU F 212 -19.08 35.01 30.48
C LEU F 212 -19.86 34.65 31.74
N GLY F 213 -21.19 34.70 31.67
CA GLY F 213 -22.00 34.35 32.83
C GLY F 213 -22.29 32.86 32.89
N PRO F 214 -23.55 32.49 33.08
CA PRO F 214 -23.91 31.06 33.07
C PRO F 214 -23.89 30.50 31.66
N PHE F 215 -23.32 31.28 30.75
CA PHE F 215 -23.30 31.01 29.33
C PHE F 215 -22.07 30.27 28.84
N VAL F 216 -21.19 29.81 29.74
CA VAL F 216 -20.05 29.01 29.31
C VAL F 216 -20.55 27.82 28.50
N GLU F 217 -21.57 27.17 29.02
CA GLU F 217 -22.23 26.04 28.37
C GLU F 217 -22.78 26.45 27.02
N GLU F 218 -23.61 27.50 26.98
CA GLU F 218 -24.27 27.91 25.76
C GLU F 218 -23.31 28.50 24.73
N LEU F 219 -22.15 28.95 25.15
CA LEU F 219 -21.16 29.43 24.20
C LEU F 219 -20.51 28.23 23.54
N PHE F 220 -20.09 27.28 24.37
CA PHE F 220 -19.53 26.05 23.82
C PHE F 220 -20.56 25.35 22.96
N GLU F 221 -21.84 25.50 23.29
CA GLU F 221 -22.87 24.80 22.52
C GLU F 221 -22.86 25.22 21.09
N VAL F 222 -22.90 26.53 20.84
CA VAL F 222 -22.97 26.96 19.45
C VAL F 222 -21.67 26.61 18.74
N THR F 223 -20.54 26.81 19.39
CA THR F 223 -19.28 26.51 18.69
C THR F 223 -19.11 25.01 18.42
N SER F 224 -19.55 24.17 19.34
CA SER F 224 -19.22 22.74 19.35
C SER F 224 -19.81 21.95 18.21
N CYS F 225 -21.04 22.26 17.83
CA CYS F 225 -21.79 21.37 16.96
C CYS F 225 -21.12 21.16 15.58
N TYR F 226 -20.65 22.24 14.94
CA TYR F 226 -20.22 22.15 13.53
C TYR F 226 -19.16 21.07 13.30
N PHE F 227 -18.07 21.19 13.99
CA PHE F 227 -17.05 20.16 14.06
C PHE F 227 -16.55 19.53 12.72
N PRO F 228 -16.63 18.20 12.44
CA PRO F 228 -15.70 17.67 11.43
C PRO F 228 -15.98 18.00 9.97
N ILE F 229 -17.24 18.14 9.53
CA ILE F 229 -17.55 18.04 8.08
C ILE F 229 -16.73 18.99 7.22
N ASP F 230 -16.30 18.47 6.08
CA ASP F 230 -15.50 19.14 5.07
C ASP F 230 -16.25 19.24 3.76
N PHE F 231 -16.00 20.32 3.03
CA PHE F 231 -16.78 20.58 1.83
C PHE F 231 -16.02 21.56 0.97
N THR F 232 -16.43 21.64 -0.29
CA THR F 232 -15.87 22.59 -1.23
C THR F 232 -17.04 23.17 -2.01
N PRO F 233 -16.89 24.39 -2.52
CA PRO F 233 -18.00 25.03 -3.25
C PRO F 233 -17.83 24.93 -4.74
N PRO F 234 -18.84 24.39 -5.44
CA PRO F 234 -18.78 24.25 -6.91
C PRO F 234 -18.73 25.58 -7.64
N PRO F 235 -19.51 26.60 -7.24
CA PRO F 235 -19.42 27.86 -8.00
C PRO F 235 -18.15 28.65 -7.71
N ASN F 236 -17.70 28.70 -6.46
CA ASN F 236 -16.49 29.45 -6.08
C ASN F 236 -15.51 28.59 -5.28
N ASP F 237 -14.56 27.95 -5.96
CA ASP F 237 -13.66 27.02 -5.27
C ASP F 237 -12.49 27.65 -4.50
N PRO F 238 -11.63 28.50 -5.11
CA PRO F 238 -10.55 29.11 -4.30
C PRO F 238 -11.07 30.23 -3.40
N TYR F 239 -12.05 30.99 -3.88
CA TYR F 239 -12.69 32.01 -3.05
C TYR F 239 -13.19 31.41 -1.75
N GLY F 240 -13.89 30.29 -1.85
CA GLY F 240 -14.34 29.54 -0.70
C GLY F 240 -13.15 29.06 0.09
N ILE F 241 -12.93 29.69 1.23
CA ILE F 241 -11.81 29.34 2.11
C ILE F 241 -11.90 27.87 2.49
N GLN F 242 -10.88 27.10 2.11
CA GLN F 242 -10.80 25.65 2.23
C GLN F 242 -11.03 25.06 3.62
N ARG F 243 -11.17 23.72 3.65
CA ARG F 243 -11.54 23.00 4.86
C ARG F 243 -10.57 23.22 6.02
N GLU F 244 -9.29 22.87 5.84
CA GLU F 244 -8.35 22.96 6.96
C GLU F 244 -8.26 24.38 7.51
N ASP F 245 -8.65 25.38 6.74
CA ASP F 245 -8.68 26.74 7.28
C ASP F 245 -9.71 26.81 8.42
N LEU F 246 -10.88 26.22 8.19
CA LEU F 246 -11.94 26.24 9.18
C LEU F 246 -11.63 25.30 10.34
N ILE F 247 -11.16 24.09 10.02
CA ILE F 247 -10.87 23.12 11.07
C ILE F 247 -9.83 23.70 12.02
N LEU F 248 -8.88 24.48 11.49
CA LEU F 248 -7.86 25.07 12.35
C LEU F 248 -8.43 26.22 13.18
N SER F 249 -9.29 27.05 12.59
CA SER F 249 -9.84 28.13 13.41
C SER F 249 -10.66 27.56 14.57
N LEU F 250 -11.32 26.42 14.33
CA LEU F 250 -12.08 25.84 15.42
C LEU F 250 -11.14 25.25 16.47
N ARG F 251 -10.04 24.61 16.07
CA ARG F 251 -9.14 24.14 17.12
C ARG F 251 -8.74 25.32 18.00
N ALA F 252 -8.38 26.44 17.36
CA ALA F 252 -8.02 27.63 18.13
C ALA F 252 -9.06 28.00 19.17
N VAL F 253 -10.34 27.97 18.82
CA VAL F 253 -11.30 28.40 19.85
C VAL F 253 -11.56 27.30 20.88
N LEU F 254 -11.70 26.05 20.46
CA LEU F 254 -12.04 24.97 21.39
C LEU F 254 -10.91 24.60 22.33
N ALA F 255 -9.69 25.00 22.03
CA ALA F 255 -8.56 24.72 22.89
C ALA F 255 -8.07 25.95 23.64
N SER F 256 -8.73 27.09 23.47
CA SER F 256 -8.25 28.30 24.11
C SER F 256 -8.52 28.32 25.62
N THR F 257 -9.55 27.62 26.10
CA THR F 257 -9.81 27.72 27.52
C THR F 257 -9.94 26.35 28.17
N PRO F 258 -9.52 26.22 29.43
CA PRO F 258 -9.86 25.03 30.19
C PRO F 258 -11.27 25.11 30.73
N ARG F 259 -11.92 26.25 30.48
CA ARG F 259 -13.31 26.47 30.83
C ARG F 259 -14.21 25.60 29.99
N PHE F 260 -13.65 25.03 28.92
CA PHE F 260 -14.33 24.13 28.01
C PHE F 260 -14.02 22.67 28.31
N ALA F 261 -13.10 22.38 29.23
CA ALA F 261 -12.65 21.01 29.43
C ALA F 261 -13.82 20.07 29.66
N GLU F 262 -14.63 20.34 30.69
CA GLU F 262 -15.75 19.47 31.06
C GLU F 262 -16.74 19.29 29.93
N PHE F 263 -16.54 19.97 28.83
CA PHE F 263 -17.41 19.89 27.67
C PHE F 263 -16.69 19.34 26.45
N LEU F 264 -15.42 19.72 26.23
CA LEU F 264 -14.74 19.31 25.01
C LEU F 264 -14.28 17.85 25.07
N LEU F 265 -13.67 17.44 26.18
CA LEU F 265 -13.21 16.06 26.30
C LEU F 265 -14.32 15.05 26.02
N PRO F 266 -15.54 15.19 26.58
CA PRO F 266 -16.60 14.25 26.19
C PRO F 266 -16.93 14.33 24.72
N LEU F 267 -16.79 15.51 24.10
CA LEU F 267 -17.05 15.58 22.67
C LEU F 267 -15.97 14.87 21.89
N LEU F 268 -14.70 15.10 22.25
CA LEU F 268 -13.63 14.46 21.49
C LEU F 268 -13.69 12.96 21.64
N ILE F 269 -14.02 12.47 22.83
CA ILE F 269 -14.17 11.03 22.99
C ILE F 269 -15.31 10.56 22.11
N GLU F 270 -16.43 11.28 22.15
CA GLU F 270 -17.57 10.98 21.28
C GLU F 270 -17.11 10.93 19.83
N LYS F 271 -16.25 11.89 19.43
CA LYS F 271 -15.75 11.95 18.05
C LYS F 271 -14.79 10.80 17.75
N VAL F 272 -13.88 10.49 18.68
CA VAL F 272 -12.87 9.49 18.39
C VAL F 272 -13.49 8.10 18.21
N ASP F 273 -14.52 7.78 19.01
CA ASP F 273 -15.13 6.47 18.95
C ASP F 273 -16.03 6.30 17.73
N SER F 274 -16.37 7.38 17.04
CA SER F 274 -17.15 7.29 15.81
C SER F 274 -16.29 6.70 14.69
N GLU F 275 -16.94 5.94 13.80
CA GLU F 275 -16.19 5.22 12.78
C GLU F 275 -15.77 6.07 11.57
N ILE F 276 -16.04 7.37 11.53
CA ILE F 276 -15.56 8.19 10.41
C ILE F 276 -14.09 8.55 10.64
N LEU F 277 -13.23 8.27 9.66
CA LEU F 277 -11.79 8.46 9.82
C LEU F 277 -11.39 9.93 9.91
N SER F 278 -12.00 10.80 9.12
CA SER F 278 -11.65 12.23 9.18
C SER F 278 -11.91 12.77 10.57
N ALA F 279 -13.03 12.35 11.17
CA ALA F 279 -13.35 12.75 12.53
C ALA F 279 -12.33 12.17 13.51
N LYS F 280 -12.05 10.87 13.41
CA LYS F 280 -11.07 10.26 14.28
C LYS F 280 -9.79 11.08 14.31
N LEU F 281 -9.41 11.66 13.16
CA LEU F 281 -8.19 12.46 13.12
C LEU F 281 -8.37 13.78 13.85
N ASP F 282 -9.30 14.61 13.36
CA ASP F 282 -9.46 15.95 13.93
C ASP F 282 -9.57 15.91 15.46
N SER F 283 -10.25 14.90 16.02
CA SER F 283 -10.38 14.85 17.47
C SER F 283 -9.04 14.69 18.17
N LEU F 284 -8.14 13.89 17.61
CA LEU F 284 -6.86 13.71 18.27
C LEU F 284 -5.95 14.90 18.02
N GLN F 285 -6.06 15.51 16.84
CA GLN F 285 -5.28 16.72 16.57
C GLN F 285 -5.67 17.80 17.57
N THR F 286 -6.96 17.92 17.86
CA THR F 286 -7.41 18.88 18.86
C THR F 286 -6.97 18.46 20.25
N LEU F 287 -7.17 17.18 20.60
CA LEU F 287 -6.76 16.70 21.91
C LEU F 287 -5.30 17.05 22.18
N ASN F 288 -4.43 16.83 21.20
CA ASN F 288 -3.04 17.21 21.35
C ASN F 288 -2.90 18.71 21.54
N ALA F 289 -3.74 19.49 20.85
CA ALA F 289 -3.63 20.93 21.04
C ALA F 289 -4.17 21.37 22.40
N CYS F 290 -5.11 20.62 22.96
CA CYS F 290 -5.69 20.93 24.25
C CYS F 290 -4.71 20.64 25.36
N CYS F 291 -4.08 19.46 25.30
CA CYS F 291 -3.09 19.06 26.30
C CYS F 291 -2.02 20.11 26.50
N ALA F 292 -1.88 21.05 25.57
CA ALA F 292 -0.91 22.12 25.74
C ALA F 292 -1.40 23.18 26.73
N VAL F 293 -2.71 23.22 27.01
CA VAL F 293 -3.27 24.24 27.89
C VAL F 293 -4.28 23.67 28.89
N TYR F 294 -4.28 22.35 29.10
CA TYR F 294 -5.15 21.74 30.09
C TYR F 294 -4.28 21.37 31.30
N GLY F 295 -4.86 20.62 32.23
CA GLY F 295 -4.11 20.25 33.41
C GLY F 295 -4.69 19.05 34.12
N GLN F 296 -4.09 18.75 35.29
CA GLN F 296 -4.51 17.61 36.09
C GLN F 296 -6.00 17.59 36.35
N LYS F 297 -6.53 18.67 36.91
CA LYS F 297 -7.92 18.67 37.34
C LYS F 297 -8.88 18.40 36.19
N GLU F 298 -8.62 18.99 35.01
CA GLU F 298 -9.53 18.86 33.89
C GLU F 298 -9.63 17.41 33.42
N LEU F 299 -8.51 16.71 33.39
CA LEU F 299 -8.54 15.35 32.90
C LEU F 299 -8.80 14.34 34.02
N LYS F 300 -8.86 14.82 35.27
CA LYS F 300 -9.05 13.95 36.42
C LYS F 300 -10.30 13.09 36.27
N ASP F 301 -11.35 13.65 35.65
CA ASP F 301 -12.61 12.93 35.50
C ASP F 301 -12.64 11.97 34.31
N PHE F 302 -12.12 12.38 33.13
CA PHE F 302 -12.24 11.62 31.90
C PHE F 302 -10.96 10.87 31.48
N LEU F 303 -9.97 10.78 32.36
CA LEU F 303 -8.69 10.16 31.99
C LEU F 303 -8.80 8.69 31.58
N PRO F 304 -9.49 7.81 32.32
CA PRO F 304 -9.50 6.40 31.91
C PRO F 304 -10.24 6.22 30.61
N SER F 305 -11.39 6.88 30.48
CA SER F 305 -12.18 6.80 29.28
C SER F 305 -11.38 7.31 28.10
N LEU F 306 -10.48 8.25 28.35
CA LEU F 306 -9.65 8.78 27.28
C LEU F 306 -8.64 7.75 26.80
N TRP F 307 -7.96 7.09 27.74
CA TRP F 307 -6.95 6.13 27.30
C TRP F 307 -7.60 4.94 26.61
N ALA F 308 -8.78 4.52 27.09
CA ALA F 308 -9.42 3.39 26.42
C ALA F 308 -9.61 3.68 24.94
N SER F 309 -9.90 4.92 24.58
CA SER F 309 -10.12 5.28 23.18
C SER F 309 -8.81 5.40 22.41
N ILE F 310 -7.76 5.93 23.06
CA ILE F 310 -6.47 6.03 22.37
C ILE F 310 -5.92 4.64 22.07
N ARG F 311 -5.88 3.78 23.10
CA ARG F 311 -5.49 2.38 22.94
C ARG F 311 -6.31 1.70 21.84
N ARG F 312 -7.64 1.90 21.90
CA ARG F 312 -8.56 1.36 20.90
C ARG F 312 -8.04 1.61 19.50
N GLU F 313 -7.81 2.88 19.17
CA GLU F 313 -7.47 3.17 17.80
C GLU F 313 -6.04 2.76 17.46
N VAL F 314 -5.14 2.66 18.44
CA VAL F 314 -3.79 2.19 18.09
C VAL F 314 -3.84 0.74 17.64
N PHE F 315 -4.73 -0.07 18.21
CA PHE F 315 -4.84 -1.42 17.68
C PHE F 315 -5.61 -1.42 16.37
N GLN F 316 -6.86 -0.96 16.41
CA GLN F 316 -7.78 -1.03 15.27
C GLN F 316 -7.26 -0.35 14.00
N THR F 317 -7.00 0.95 14.07
CA THR F 317 -6.82 1.76 12.86
C THR F 317 -5.72 1.26 11.93
N ALA F 318 -5.95 1.51 10.63
CA ALA F 318 -5.01 1.21 9.56
C ALA F 318 -4.34 2.46 9.02
N SER F 319 -4.81 3.64 9.42
CA SER F 319 -4.22 4.91 9.01
C SER F 319 -3.05 5.22 9.95
N GLU F 320 -1.83 5.25 9.39
CA GLU F 320 -0.66 5.48 10.23
C GLU F 320 -0.60 6.91 10.75
N ARG F 321 -1.29 7.86 10.13
CA ARG F 321 -1.30 9.22 10.68
C ARG F 321 -2.21 9.27 11.90
N VAL F 322 -3.24 8.44 11.92
CA VAL F 322 -4.08 8.31 13.10
C VAL F 322 -3.29 7.67 14.22
N GLU F 323 -2.62 6.55 13.92
CA GLU F 323 -1.71 5.90 14.86
C GLU F 323 -0.78 6.93 15.50
N ALA F 324 -0.07 7.68 14.66
CA ALA F 324 0.91 8.64 15.14
C ALA F 324 0.27 9.70 16.03
N GLU F 325 -0.84 10.30 15.60
CA GLU F 325 -1.46 11.33 16.42
C GLU F 325 -1.96 10.77 17.74
N GLY F 326 -2.48 9.53 17.74
CA GLY F 326 -2.92 8.94 19.00
C GLY F 326 -1.78 8.62 19.95
N LEU F 327 -0.64 8.26 19.41
CA LEU F 327 0.51 7.99 20.27
C LEU F 327 1.08 9.30 20.76
N ALA F 328 0.93 10.35 19.95
CA ALA F 328 1.32 11.67 20.39
C ALA F 328 0.37 12.14 21.49
N ALA F 329 -0.88 11.68 21.42
CA ALA F 329 -1.86 12.00 22.44
C ALA F 329 -1.50 11.35 23.76
N LEU F 330 -1.24 10.04 23.76
CA LEU F 330 -0.84 9.41 25.02
C LEU F 330 0.41 10.08 25.57
N HIS F 331 1.32 10.49 24.68
CA HIS F 331 2.53 11.20 25.11
C HIS F 331 2.18 12.51 25.82
N SER F 332 1.51 13.41 25.11
CA SER F 332 1.19 14.71 25.70
C SER F 332 0.30 14.57 26.93
N LEU F 333 -0.53 13.53 27.00
CA LEU F 333 -1.36 13.29 28.17
C LEU F 333 -0.51 12.96 29.38
N THR F 334 0.30 11.91 29.28
CA THR F 334 1.16 11.57 30.41
C THR F 334 2.12 12.70 30.74
N ALA F 335 2.49 13.52 29.76
CA ALA F 335 3.36 14.66 30.07
C ALA F 335 2.62 15.66 30.95
N CYS F 336 1.37 15.95 30.58
CA CYS F 336 0.56 16.87 31.36
C CYS F 336 0.35 16.34 32.76
N LEU F 337 0.30 15.02 32.92
CA LEU F 337 0.09 14.45 34.23
C LEU F 337 1.39 14.36 35.04
N SER F 338 2.53 14.30 34.37
CA SER F 338 3.80 14.22 35.08
C SER F 338 4.25 15.58 35.57
N CYS F 339 3.82 16.65 34.93
CA CYS F 339 4.23 17.97 35.42
C CYS F 339 3.49 18.32 36.71
N SER F 340 2.23 17.88 36.84
CA SER F 340 1.39 18.16 38.00
C SER F 340 1.68 17.28 39.21
N VAL F 341 2.68 16.41 39.14
CA VAL F 341 3.09 15.67 40.32
C VAL F 341 3.85 16.61 41.23
N LEU F 342 4.49 17.61 40.64
CA LEU F 342 5.21 18.65 41.36
C LEU F 342 4.26 19.74 41.82
N ARG F 343 3.15 19.96 41.10
CA ARG F 343 2.19 21.00 41.42
C ARG F 343 1.35 20.66 42.63
N ALA F 344 0.59 19.56 42.55
CA ALA F 344 -0.32 19.16 43.62
C ALA F 344 0.48 18.69 44.83
N ASP F 345 0.60 19.57 45.82
CA ASP F 345 1.36 19.24 47.03
C ASP F 345 0.65 18.20 47.88
N ALA F 346 -0.68 18.14 47.85
CA ALA F 346 -1.43 17.23 48.70
C ALA F 346 -1.52 15.81 48.13
N GLU F 347 -2.10 15.64 46.95
CA GLU F 347 -2.28 14.28 46.43
C GLU F 347 -2.09 14.18 44.92
N ASP F 348 -1.45 13.08 44.52
CA ASP F 348 -1.18 12.72 43.13
C ASP F 348 -2.11 11.59 42.73
N LEU F 349 -2.90 11.82 41.69
CA LEU F 349 -3.80 10.83 41.11
C LEU F 349 -3.49 10.74 39.62
N LEU F 350 -2.19 10.77 39.32
CA LEU F 350 -1.61 10.82 38.00
C LEU F 350 -0.70 9.63 37.74
N GLY F 351 0.16 9.29 38.68
CA GLY F 351 0.98 8.10 38.54
C GLY F 351 0.19 6.82 38.64
N SER F 352 -1.05 6.93 39.15
CA SER F 352 -1.93 5.77 39.24
C SER F 352 -2.45 5.36 37.87
N PHE F 353 -2.51 6.32 36.95
CA PHE F 353 -3.01 6.06 35.61
C PHE F 353 -2.01 5.22 34.81
N LEU F 354 -0.71 5.43 35.04
CA LEU F 354 0.32 4.64 34.37
C LEU F 354 0.15 3.16 34.70
N SER F 355 0.03 2.84 35.98
CA SER F 355 -0.19 1.45 36.37
C SER F 355 -1.54 0.93 35.89
N ASN F 356 -2.51 1.82 35.71
CA ASN F 356 -3.78 1.38 35.14
C ASN F 356 -3.66 1.08 33.66
N ILE F 357 -2.60 1.56 33.02
CA ILE F 357 -2.35 1.17 31.64
C ILE F 357 -1.65 -0.19 31.62
N LEU F 358 -0.57 -0.28 32.39
CA LEU F 358 0.19 -1.51 32.54
C LEU F 358 -0.72 -2.71 32.77
N GLN F 359 -1.59 -2.63 33.78
CA GLN F 359 -2.46 -3.76 34.07
C GLN F 359 -3.41 -4.08 32.92
N ASP F 360 -3.78 -3.07 32.14
CA ASP F 360 -4.76 -3.28 31.07
C ASP F 360 -4.14 -3.88 29.80
N CYS F 361 -2.83 -3.80 29.64
CA CYS F 361 -2.20 -4.44 28.48
C CYS F 361 -1.14 -5.49 28.84
N ARG F 362 -0.96 -5.76 30.13
CA ARG F 362 -0.08 -6.84 30.60
C ARG F 362 -0.53 -8.17 30.02
N HIS F 363 -1.83 -8.45 30.10
CA HIS F 363 -2.38 -9.69 29.57
C HIS F 363 -2.28 -9.75 28.05
N HIS F 364 -2.31 -8.59 27.39
CA HIS F 364 -2.23 -8.56 25.94
C HIS F 364 -0.82 -8.85 25.47
N LEU F 365 0.17 -8.47 26.27
CA LEU F 365 1.54 -8.81 25.93
C LEU F 365 1.82 -10.28 26.23
N CYS F 366 1.43 -10.77 27.42
CA CYS F 366 1.69 -12.15 27.84
C CYS F 366 1.23 -13.21 26.82
N GLU F 367 0.24 -12.92 25.99
CA GLU F 367 -0.27 -13.89 25.02
C GLU F 367 0.75 -14.18 23.90
N PRO F 368 0.88 -15.44 23.47
CA PRO F 368 1.87 -15.76 22.42
C PRO F 368 1.62 -15.09 21.07
N ASP F 369 0.43 -14.56 20.82
CA ASP F 369 0.15 -13.89 19.54
C ASP F 369 1.00 -12.64 19.44
N MET F 370 1.88 -12.58 18.44
CA MET F 370 2.79 -11.44 18.29
C MET F 370 2.17 -10.29 17.51
N LYS F 371 0.99 -10.49 16.93
CA LYS F 371 0.28 -9.42 16.23
C LYS F 371 -0.30 -8.45 17.25
N LEU F 372 -0.63 -8.96 18.43
CA LEU F 372 -1.18 -8.18 19.52
C LEU F 372 -0.10 -7.54 20.38
N VAL F 373 1.04 -8.22 20.53
CA VAL F 373 2.07 -7.77 21.46
C VAL F 373 2.78 -6.49 20.99
N TRP F 374 2.98 -6.33 19.67
CA TRP F 374 3.74 -5.17 19.19
C TRP F 374 3.00 -3.85 19.38
N PRO F 375 1.71 -3.72 19.04
CA PRO F 375 1.08 -2.40 19.20
C PRO F 375 0.99 -1.94 20.64
N SER F 376 0.76 -2.86 21.57
CA SER F 376 0.73 -2.47 22.97
C SER F 376 2.10 -1.99 23.43
N ALA F 377 3.16 -2.59 22.91
CA ALA F 377 4.49 -2.13 23.24
C ALA F 377 4.74 -0.75 22.68
N LYS F 378 4.23 -0.50 21.47
CA LYS F 378 4.37 0.83 20.88
C LYS F 378 3.64 1.86 21.72
N LEU F 379 2.55 1.47 22.37
CA LEU F 379 1.81 2.39 23.24
C LEU F 379 2.60 2.68 24.50
N LEU F 380 3.09 1.63 25.15
CA LEU F 380 3.85 1.80 26.38
C LEU F 380 5.06 2.68 26.15
N GLN F 381 5.70 2.57 24.99
CA GLN F 381 6.89 3.40 24.75
C GLN F 381 6.53 4.87 24.56
N ALA F 382 5.34 5.18 24.05
CA ALA F 382 4.92 6.58 23.94
C ALA F 382 4.62 7.16 25.31
N ALA F 383 4.02 6.35 26.19
CA ALA F 383 3.76 6.87 27.53
C ALA F 383 5.05 6.95 28.34
N ALA F 384 5.97 6.02 28.11
CA ALA F 384 7.26 6.05 28.79
C ALA F 384 8.09 7.22 28.31
N GLY F 385 8.13 7.43 27.00
CA GLY F 385 8.85 8.53 26.40
C GLY F 385 8.08 9.84 26.47
N ALA F 386 7.60 10.17 27.67
CA ALA F 386 6.87 11.40 27.90
C ALA F 386 7.48 12.13 29.10
N SER F 387 8.01 11.36 30.05
CA SER F 387 8.65 11.91 31.23
C SER F 387 9.53 10.83 31.82
N ALA F 388 10.67 11.24 32.38
CA ALA F 388 11.54 10.27 33.03
C ALA F 388 10.84 9.59 34.19
N ARG F 389 9.89 10.29 34.83
CA ARG F 389 9.12 9.70 35.92
C ARG F 389 8.22 8.60 35.42
N ALA F 390 7.66 8.79 34.23
CA ALA F 390 6.78 7.77 33.67
C ALA F 390 7.57 6.52 33.30
N CYS F 391 8.64 6.69 32.52
CA CYS F 391 9.42 5.54 32.07
C CYS F 391 10.10 4.82 33.22
N GLU F 392 10.51 5.52 34.28
CA GLU F 392 11.14 4.77 35.37
C GLU F 392 10.14 3.84 36.04
N HIS F 393 8.85 4.15 35.94
CA HIS F 393 7.81 3.27 36.47
C HIS F 393 7.51 2.17 35.45
N LEU F 394 7.33 2.60 34.19
CA LEU F 394 6.95 1.69 33.13
C LEU F 394 8.03 0.64 32.84
N THR F 395 9.25 1.07 32.49
CA THR F 395 10.31 0.12 32.17
C THR F 395 10.53 -0.87 33.31
N SER F 396 10.69 -0.37 34.53
CA SER F 396 10.88 -1.27 35.67
C SER F 396 9.76 -2.29 35.78
N ASN F 397 8.55 -1.94 35.32
CA ASN F 397 7.44 -2.89 35.39
C ASN F 397 7.31 -3.76 34.15
N VAL F 398 7.67 -3.22 32.99
CA VAL F 398 7.51 -3.89 31.71
C VAL F 398 8.60 -4.95 31.52
N LEU F 399 9.86 -4.59 31.78
CA LEU F 399 11.01 -5.48 31.57
C LEU F 399 10.84 -6.89 32.12
N PRO F 400 10.41 -7.11 33.37
CA PRO F 400 10.32 -8.50 33.84
C PRO F 400 9.34 -9.34 33.03
N LEU F 401 8.28 -8.72 32.53
CA LEU F 401 7.33 -9.44 31.70
C LEU F 401 7.94 -9.77 30.35
N LEU F 402 8.69 -8.83 29.78
CA LEU F 402 9.35 -9.06 28.49
C LEU F 402 10.43 -10.12 28.61
N LEU F 403 11.18 -10.12 29.72
CA LEU F 403 12.20 -11.13 29.96
C LEU F 403 11.57 -12.51 30.10
N GLU F 404 10.51 -12.61 30.91
CA GLU F 404 9.81 -13.88 31.08
C GLU F 404 9.31 -14.40 29.74
N GLN F 405 8.71 -13.51 28.93
CA GLN F 405 8.19 -13.95 27.63
C GLN F 405 9.31 -14.27 26.65
N PHE F 406 10.51 -13.70 26.84
CA PHE F 406 11.63 -14.06 25.97
C PHE F 406 12.01 -15.52 26.22
N HIS F 407 12.17 -15.89 27.48
CA HIS F 407 12.56 -17.27 27.74
C HIS F 407 11.46 -18.27 27.40
N LYS F 408 10.19 -17.86 27.49
CA LYS F 408 9.14 -18.83 27.17
C LYS F 408 9.15 -19.19 25.68
N HIS F 409 9.35 -18.21 24.80
CA HIS F 409 9.36 -18.46 23.36
C HIS F 409 10.73 -18.98 22.90
N SER F 410 10.75 -20.17 22.31
CA SER F 410 11.97 -20.78 21.80
C SER F 410 12.22 -20.51 20.31
N GLN F 411 11.24 -19.97 19.60
CA GLN F 411 11.40 -19.66 18.17
C GLN F 411 12.26 -18.40 17.99
N SER F 412 13.01 -18.37 16.89
CA SER F 412 13.97 -17.28 16.64
C SER F 412 13.28 -15.94 16.38
N ASN F 413 12.38 -15.89 15.38
CA ASN F 413 11.74 -14.62 15.03
C ASN F 413 11.03 -13.99 16.23
N GLN F 414 10.51 -14.82 17.13
CA GLN F 414 9.83 -14.30 18.31
C GLN F 414 10.83 -13.66 19.26
N ARG F 415 11.99 -14.30 19.47
CA ARG F 415 13.02 -13.73 20.34
C ARG F 415 13.55 -12.44 19.75
N ARG F 416 13.62 -12.34 18.42
CA ARG F 416 14.11 -11.13 17.79
C ARG F 416 13.15 -9.96 18.03
N THR F 417 11.84 -10.17 17.79
CA THR F 417 10.91 -9.07 18.05
C THR F 417 10.84 -8.71 19.52
N ILE F 418 10.81 -9.70 20.42
CA ILE F 418 10.81 -9.39 21.85
C ILE F 418 12.00 -8.50 22.19
N LEU F 419 13.18 -8.84 21.68
CA LEU F 419 14.35 -8.01 21.95
C LEU F 419 14.22 -6.63 21.34
N GLU F 420 13.68 -6.52 20.13
CA GLU F 420 13.52 -5.19 19.52
C GLU F 420 12.60 -4.31 20.39
N MET F 421 11.63 -4.94 21.03
CA MET F 421 10.74 -4.20 21.93
C MET F 421 11.50 -3.74 23.16
N ILE F 422 12.32 -4.62 23.73
CA ILE F 422 13.13 -4.24 24.89
C ILE F 422 14.08 -3.10 24.51
N LEU F 423 14.69 -3.21 23.32
CA LEU F 423 15.62 -2.22 22.79
C LEU F 423 15.03 -0.82 22.82
N GLY F 424 13.77 -0.68 22.42
CA GLY F 424 13.14 0.64 22.46
C GLY F 424 13.12 1.24 23.85
N PHE F 425 12.66 0.44 24.82
CA PHE F 425 12.58 0.90 26.20
C PHE F 425 13.95 1.32 26.72
N LEU F 426 14.97 0.53 26.41
CA LEU F 426 16.32 0.85 26.87
C LEU F 426 16.78 2.21 26.32
N LYS F 427 16.54 2.45 25.03
CA LYS F 427 16.93 3.73 24.44
C LYS F 427 16.23 4.87 25.16
N LEU F 428 14.93 4.71 25.46
CA LEU F 428 14.22 5.77 26.16
C LEU F 428 14.77 6.01 27.56
N GLN F 429 15.28 4.96 28.21
CA GLN F 429 15.88 5.15 29.53
C GLN F 429 17.09 6.05 29.43
N GLN F 430 17.84 5.89 28.36
CA GLN F 430 19.01 6.71 28.16
C GLN F 430 18.69 8.11 27.71
N LYS F 431 17.49 8.33 27.18
CA LYS F 431 17.13 9.62 26.59
C LYS F 431 17.00 10.73 27.64
N TRP F 432 16.20 10.52 28.69
CA TRP F 432 16.01 11.58 29.67
C TRP F 432 16.83 11.36 30.94
N SER F 433 16.67 10.20 31.57
CA SER F 433 17.35 9.96 32.83
C SER F 433 18.85 9.81 32.66
N TYR F 434 19.59 10.54 33.49
CA TYR F 434 21.03 10.50 33.58
C TYR F 434 21.46 10.29 35.03
N GLU F 435 20.50 10.26 35.95
CA GLU F 435 20.67 10.06 37.38
C GLU F 435 21.04 8.62 37.71
N ASP F 436 21.38 8.41 38.97
CA ASP F 436 21.68 7.08 39.50
C ASP F 436 20.42 6.34 39.96
N ARG F 437 19.26 6.99 39.90
CA ARG F 437 18.00 6.41 40.37
C ARG F 437 17.47 5.33 39.44
N ASP F 438 17.48 5.59 38.13
CA ASP F 438 16.97 4.64 37.14
C ASP F 438 17.91 3.47 36.93
N GLU F 439 19.16 3.64 37.35
CA GLU F 439 20.17 2.59 37.28
C GLU F 439 19.94 1.54 38.37
N ARG F 440 19.30 1.94 39.47
CA ARG F 440 19.05 1.02 40.58
C ARG F 440 18.10 -0.11 40.23
N PRO F 441 16.92 0.12 39.63
CA PRO F 441 16.13 -1.05 39.19
C PRO F 441 16.71 -1.71 37.95
N LEU F 442 17.44 -0.94 37.15
CA LEU F 442 18.12 -1.48 35.99
C LEU F 442 19.21 -2.47 36.38
N SER F 443 19.83 -2.26 37.54
CA SER F 443 20.86 -3.19 38.01
C SER F 443 20.27 -4.55 38.33
N SER F 444 19.01 -4.58 38.77
CA SER F 444 18.35 -5.86 39.02
C SER F 444 18.15 -6.62 37.73
N PHE F 445 17.99 -5.88 36.63
CA PHE F 445 17.79 -6.44 35.32
C PHE F 445 19.07 -6.46 34.49
N LYS F 446 20.17 -5.92 35.02
CA LYS F 446 21.42 -5.83 34.28
C LYS F 446 21.95 -7.20 33.84
N ASP F 447 22.20 -8.07 34.81
CA ASP F 447 22.75 -9.39 34.51
C ASP F 447 21.75 -10.24 33.72
N GLN F 448 20.46 -9.97 33.89
CA GLN F 448 19.43 -10.69 33.14
C GLN F 448 19.36 -10.22 31.69
N LEU F 449 19.74 -8.96 31.42
CA LEU F 449 19.74 -8.39 30.07
C LEU F 449 20.93 -8.90 29.29
N CYS F 450 22.09 -8.95 29.95
CA CYS F 450 23.30 -9.42 29.27
C CYS F 450 23.09 -10.81 28.70
N SER F 451 22.46 -11.69 29.49
CA SER F 451 22.20 -13.03 29.02
C SER F 451 21.37 -13.02 27.75
N LEU F 452 20.46 -12.06 27.60
CA LEU F 452 19.69 -11.99 26.37
C LEU F 452 20.57 -11.52 25.22
N VAL F 453 21.45 -10.56 25.49
CA VAL F 453 22.33 -10.06 24.43
C VAL F 453 23.23 -11.18 23.91
N PHE F 454 23.89 -11.87 24.83
CA PHE F 454 24.76 -12.97 24.44
C PHE F 454 23.96 -14.11 23.80
N MET F 455 22.68 -14.25 24.18
CA MET F 455 21.84 -15.25 23.55
C MET F 455 21.58 -14.88 22.11
N ALA F 456 21.29 -13.59 21.87
CA ALA F 456 21.05 -13.12 20.52
C ALA F 456 22.29 -13.27 19.66
N LEU F 457 23.46 -13.15 20.28
CA LEU F 457 24.69 -13.31 19.50
C LEU F 457 24.97 -14.77 19.19
N THR F 458 24.62 -15.68 20.09
CA THR F 458 24.88 -17.11 19.85
C THR F 458 23.93 -17.74 18.84
N ASP F 459 22.69 -17.28 18.77
CA ASP F 459 21.68 -17.86 17.86
C ASP F 459 22.18 -17.87 16.42
N PRO F 460 21.85 -18.92 15.64
CA PRO F 460 22.27 -18.94 14.23
C PRO F 460 21.59 -17.90 13.36
N SER F 461 20.64 -17.15 13.89
CA SER F 461 19.94 -16.13 13.11
C SER F 461 20.84 -14.95 12.80
N THR F 462 20.79 -14.48 11.56
CA THR F 462 21.51 -13.26 11.22
C THR F 462 20.82 -12.06 11.83
N GLN F 463 19.49 -12.02 11.73
CA GLN F 463 18.70 -10.90 12.25
C GLN F 463 18.80 -10.80 13.77
N LEU F 464 18.74 -11.94 14.47
CA LEU F 464 18.82 -11.89 15.93
C LEU F 464 20.18 -11.36 16.35
N GLN F 465 21.23 -11.74 15.62
CA GLN F 465 22.58 -11.25 15.89
C GLN F 465 22.64 -9.74 15.76
N LEU F 466 22.12 -9.21 14.64
CA LEU F 466 22.15 -7.77 14.43
C LEU F 466 21.44 -7.02 15.56
N VAL F 467 20.31 -7.56 16.02
CA VAL F 467 19.57 -6.89 17.08
C VAL F 467 20.36 -6.95 18.39
N GLY F 468 21.03 -8.07 18.64
CA GLY F 468 21.87 -8.16 19.83
C GLY F 468 23.00 -7.16 19.81
N ILE F 469 23.59 -6.95 18.64
CA ILE F 469 24.65 -5.95 18.51
C ILE F 469 24.08 -4.57 18.80
N ARG F 470 22.86 -4.32 18.32
CA ARG F 470 22.19 -3.05 18.57
C ARG F 470 21.98 -2.82 20.06
N THR F 471 21.67 -3.89 20.78
CA THR F 471 21.47 -3.73 22.22
C THR F 471 22.80 -3.61 22.94
N LEU F 472 23.81 -4.34 22.50
CA LEU F 472 25.14 -4.25 23.10
C LEU F 472 25.65 -2.82 23.09
N THR F 473 25.59 -2.19 21.92
CA THR F 473 25.95 -0.78 21.92
C THR F 473 25.01 0.05 22.80
N VAL F 474 23.74 -0.33 22.96
CA VAL F 474 22.88 0.48 23.82
C VAL F 474 23.18 0.18 25.29
N LEU F 475 23.70 -1.00 25.56
CA LEU F 475 23.99 -1.50 26.87
C LEU F 475 25.44 -1.16 27.22
N GLY F 476 26.18 -0.57 26.25
CA GLY F 476 27.55 -0.03 26.53
C GLY F 476 27.47 1.47 26.66
N ALA F 477 26.58 2.11 25.86
CA ALA F 477 26.46 3.58 25.88
C ALA F 477 25.91 4.11 27.21
N GLN F 478 25.06 3.34 27.86
CA GLN F 478 24.37 3.65 29.10
C GLN F 478 25.31 4.00 30.21
N PRO F 479 25.01 5.05 30.91
CA PRO F 479 25.80 5.48 32.06
C PRO F 479 25.83 4.43 33.15
N GLY F 480 24.72 3.70 33.33
CA GLY F 480 24.67 2.75 34.43
C GLY F 480 25.78 1.72 34.34
N LEU F 481 26.36 1.42 35.50
CA LEU F 481 27.48 0.49 35.55
C LEU F 481 27.01 -0.89 35.09
N LEU F 482 27.89 -1.60 34.41
CA LEU F 482 27.61 -2.95 33.93
C LEU F 482 28.77 -3.81 34.44
N SER F 483 28.52 -5.10 34.64
CA SER F 483 29.57 -5.96 35.16
C SER F 483 30.76 -5.95 34.22
N ALA F 484 31.96 -5.89 34.82
CA ALA F 484 33.18 -5.90 34.03
C ALA F 484 33.30 -7.20 33.25
N GLU F 485 32.91 -8.31 33.87
CA GLU F 485 32.95 -9.57 33.15
C GLU F 485 32.06 -9.52 31.93
N ASP F 486 30.87 -8.93 32.06
CA ASP F 486 29.96 -8.82 30.91
C ASP F 486 30.78 -8.27 29.75
N LEU F 487 31.66 -7.32 30.05
CA LEU F 487 32.52 -6.75 29.00
C LEU F 487 33.49 -7.80 28.46
N GLU F 488 34.18 -8.55 29.34
CA GLU F 488 35.11 -9.56 28.83
C GLU F 488 34.40 -10.48 27.84
N LEU F 489 33.20 -10.91 28.22
CA LEU F 489 32.39 -11.79 27.40
C LEU F 489 32.04 -11.12 26.08
N ALA F 490 31.48 -9.90 26.16
CA ALA F 490 31.05 -9.19 24.97
C ALA F 490 32.18 -9.07 23.95
N VAL F 491 33.37 -8.68 24.42
CA VAL F 491 34.48 -8.54 23.48
C VAL F 491 34.79 -9.87 22.80
N GLY F 492 34.78 -10.97 23.58
CA GLY F 492 34.99 -12.26 22.94
C GLY F 492 33.96 -12.56 21.86
N HIS F 493 32.71 -12.18 22.13
CA HIS F 493 31.66 -12.42 21.16
C HIS F 493 31.88 -11.60 19.91
N LEU F 494 32.30 -10.35 20.08
CA LEU F 494 32.54 -9.47 18.94
C LEU F 494 33.67 -10.01 18.09
N TYR F 495 34.70 -10.61 18.70
CA TYR F 495 35.78 -11.17 17.90
C TYR F 495 35.27 -12.36 17.11
N ARG F 496 34.41 -13.17 17.75
CA ARG F 496 33.85 -14.33 17.06
C ARG F 496 33.02 -13.90 15.87
N LEU F 497 32.32 -12.77 15.98
CA LEU F 497 31.48 -12.31 14.88
C LEU F 497 32.28 -11.60 13.79
N THR F 498 33.42 -10.99 14.14
CA THR F 498 34.24 -10.35 13.13
C THR F 498 35.11 -11.34 12.37
N PHE F 499 35.37 -12.52 12.96
CA PHE F 499 36.19 -13.56 12.37
C PHE F 499 35.40 -14.50 11.44
N LEU F 500 34.22 -14.94 11.88
CA LEU F 500 33.40 -15.86 11.08
C LEU F 500 32.93 -15.20 9.78
N GLU F 501 33.14 -15.91 8.66
CA GLU F 501 32.76 -15.43 7.35
C GLU F 501 31.71 -16.31 6.67
N GLU F 502 31.32 -17.43 7.27
CA GLU F 502 30.27 -18.29 6.71
C GLU F 502 28.94 -17.55 6.63
N ASP F 503 28.78 -16.48 7.40
CA ASP F 503 27.64 -15.59 7.51
C ASP F 503 27.62 -14.60 6.34
N SER F 504 26.51 -13.88 6.22
CA SER F 504 26.45 -12.79 5.25
C SER F 504 27.28 -11.62 5.76
N GLN F 505 27.88 -10.88 4.82
CA GLN F 505 28.80 -9.78 5.14
C GLN F 505 28.25 -8.80 6.19
N SER F 506 26.93 -8.65 6.26
CA SER F 506 26.30 -7.66 7.13
C SER F 506 26.62 -7.86 8.61
N CYS F 507 26.58 -9.11 9.10
CA CYS F 507 26.81 -9.33 10.53
C CYS F 507 28.22 -8.92 10.90
N ARG F 508 29.17 -9.12 9.98
CA ARG F 508 30.55 -8.75 10.21
C ARG F 508 30.65 -7.25 10.38
N VAL F 509 30.19 -6.50 9.37
CA VAL F 509 30.29 -5.04 9.45
C VAL F 509 29.63 -4.50 10.72
N ALA F 510 28.47 -5.05 11.10
CA ALA F 510 27.81 -4.54 12.30
C ALA F 510 28.68 -4.75 13.53
N ALA F 511 29.32 -5.91 13.64
CA ALA F 511 30.17 -6.15 14.81
C ALA F 511 31.36 -5.21 14.80
N LEU F 512 31.96 -4.96 13.65
CA LEU F 512 33.12 -4.07 13.60
C LEU F 512 32.75 -2.64 14.01
N GLU F 513 31.61 -2.15 13.53
CA GLU F 513 31.18 -0.80 13.90
C GLU F 513 30.98 -0.73 15.41
N ALA F 514 30.29 -1.75 15.96
CA ALA F 514 30.09 -1.78 17.41
C ALA F 514 31.42 -1.91 18.15
N SER F 515 32.40 -2.58 17.55
CA SER F 515 33.70 -2.71 18.20
C SER F 515 34.32 -1.35 18.45
N GLY F 516 34.27 -0.47 17.44
CA GLY F 516 34.78 0.88 17.65
C GLY F 516 33.95 1.67 18.64
N THR F 517 32.62 1.54 18.53
CA THR F 517 31.70 2.27 19.40
C THR F 517 32.00 1.98 20.85
N LEU F 518 32.10 0.70 21.21
CA LEU F 518 32.38 0.35 22.60
C LEU F 518 33.84 0.63 22.95
N ALA F 519 34.75 0.59 21.97
CA ALA F 519 36.17 0.82 22.26
C ALA F 519 36.40 2.21 22.81
N THR F 520 35.69 3.22 22.28
CA THR F 520 35.90 4.56 22.81
C THR F 520 35.38 4.70 24.25
N LEU F 521 34.42 3.88 24.64
CA LEU F 521 33.89 3.90 26.00
C LEU F 521 34.81 3.17 26.96
N TYR F 522 35.04 1.88 26.70
CA TYR F 522 35.85 0.99 27.52
C TYR F 522 37.01 0.47 26.68
N PRO F 523 38.13 1.17 26.66
CA PRO F 523 39.26 0.73 25.82
C PRO F 523 40.04 -0.43 26.41
N GLY F 524 40.04 -0.51 27.74
CA GLY F 524 40.73 -1.60 28.40
C GLY F 524 40.18 -2.94 27.98
N ALA F 525 38.86 -3.04 27.89
CA ALA F 525 38.23 -4.29 27.49
C ALA F 525 38.75 -4.80 26.16
N PHE F 526 38.97 -3.90 25.20
CA PHE F 526 39.45 -4.37 23.91
C PHE F 526 40.95 -4.58 23.89
N SER F 527 41.69 -3.97 24.81
CA SER F 527 43.10 -4.30 24.90
C SER F 527 43.31 -5.59 25.67
N ARG F 528 42.34 -5.98 26.48
CA ARG F 528 42.35 -7.20 27.28
C ARG F 528 41.83 -8.42 26.53
N HIS F 529 40.83 -8.25 25.68
CA HIS F 529 40.22 -9.43 25.06
C HIS F 529 40.10 -9.33 23.54
N LEU F 530 40.84 -8.44 22.88
CA LEU F 530 40.77 -8.40 21.42
C LEU F 530 42.13 -8.16 20.80
N LEU F 531 42.87 -7.18 21.31
CA LEU F 531 44.20 -6.90 20.77
C LEU F 531 45.16 -8.08 20.88
N PRO F 532 45.20 -8.87 21.96
CA PRO F 532 46.13 -10.01 21.94
C PRO F 532 45.74 -11.06 20.93
N LYS F 533 44.44 -11.35 20.83
CA LYS F 533 43.96 -12.35 19.89
C LYS F 533 44.37 -12.00 18.46
N LEU F 534 44.30 -10.71 18.11
CA LEU F 534 44.63 -10.29 16.75
C LEU F 534 46.13 -10.24 16.55
N ALA F 535 46.87 -9.83 17.60
CA ALA F 535 48.32 -9.85 17.50
C ALA F 535 48.80 -11.26 17.22
N GLU F 536 48.17 -12.24 17.87
CA GLU F 536 48.50 -13.65 17.65
C GLU F 536 48.12 -14.09 16.25
N GLU F 537 46.93 -13.69 15.79
CA GLU F 537 46.47 -14.07 14.47
C GLU F 537 47.29 -13.42 13.35
N LEU F 538 48.01 -12.35 13.66
CA LEU F 538 48.81 -11.65 12.64
C LEU F 538 50.01 -12.47 12.20
N HIS F 539 50.76 -13.02 13.15
CA HIS F 539 51.96 -13.80 12.85
C HIS F 539 51.63 -15.25 12.55
N LYS F 540 50.39 -15.64 12.79
CA LYS F 540 49.88 -16.95 12.42
C LYS F 540 49.48 -16.97 10.95
N GLY F 541 49.44 -15.78 10.32
CA GLY F 541 49.12 -15.54 8.93
C GLY F 541 50.21 -14.70 8.28
N GLU F 542 51.43 -14.86 8.79
CA GLU F 542 52.65 -14.21 8.33
C GLU F 542 53.79 -15.19 8.10
N SER F 543 53.86 -16.25 8.92
CA SER F 543 54.86 -17.31 8.83
C SER F 543 54.19 -18.65 8.56
N THR F 552 42.44 -17.88 -0.27
CA THR F 552 42.25 -18.39 1.08
C THR F 552 43.06 -17.58 2.13
N LYS F 553 44.33 -17.32 1.85
CA LYS F 553 45.18 -16.60 2.80
C LYS F 553 44.80 -15.10 2.88
N CYS F 554 44.28 -14.54 1.78
CA CYS F 554 44.00 -13.11 1.73
C CYS F 554 42.72 -12.76 2.49
N SER F 555 41.65 -13.53 2.32
CA SER F 555 40.42 -13.24 3.06
C SER F 555 40.60 -13.45 4.56
N ARG F 556 41.56 -14.28 4.96
CA ARG F 556 41.91 -14.43 6.37
C ARG F 556 42.65 -13.20 6.86
N HIS F 557 43.51 -12.66 6.00
CA HIS F 557 44.24 -11.44 6.34
C HIS F 557 43.30 -10.25 6.47
N PHE F 558 42.33 -10.15 5.54
CA PHE F 558 41.35 -9.06 5.54
C PHE F 558 40.68 -8.91 6.89
N ARG F 559 40.16 -10.02 7.42
CA ARG F 559 39.42 -10.03 8.68
C ARG F 559 40.18 -9.29 9.79
N CYS F 560 41.39 -9.77 10.11
CA CYS F 560 42.13 -9.17 11.23
C CYS F 560 42.60 -7.76 10.92
N LEU F 561 43.04 -7.49 9.68
CA LEU F 561 43.47 -6.14 9.36
C LEU F 561 42.34 -5.14 9.59
N GLN F 562 41.15 -5.48 9.10
CA GLN F 562 39.99 -4.61 9.28
C GLN F 562 39.55 -4.58 10.74
N ALA F 563 39.78 -5.66 11.49
CA ALA F 563 39.38 -5.68 12.89
C ALA F 563 40.22 -4.71 13.70
N LEU F 564 41.51 -4.63 13.39
CA LEU F 564 42.38 -3.70 14.09
C LEU F 564 42.08 -2.27 13.64
N SER F 565 41.68 -2.12 12.38
CA SER F 565 41.28 -0.82 11.87
C SER F 565 40.03 -0.32 12.60
N ALA F 566 38.99 -1.15 12.63
CA ALA F 566 37.72 -0.77 13.25
C ALA F 566 37.85 -0.55 14.75
N VAL F 567 38.75 -1.27 15.43
CA VAL F 567 38.80 -1.04 16.88
C VAL F 567 39.65 0.17 17.21
N SER F 568 40.36 0.75 16.25
CA SER F 568 41.24 1.90 16.49
C SER F 568 40.46 3.21 16.64
N THR F 569 39.61 3.26 17.68
CA THR F 569 38.83 4.47 17.91
C THR F 569 39.29 5.27 19.13
N HIS F 570 39.83 4.63 20.14
CA HIS F 570 40.34 5.30 21.35
C HIS F 570 41.85 5.54 21.23
N PRO F 571 42.34 6.69 21.71
CA PRO F 571 43.78 6.96 21.59
C PRO F 571 44.69 5.89 22.18
N SER F 572 44.33 5.29 23.32
CA SER F 572 45.15 4.22 23.88
C SER F 572 45.28 3.05 22.91
N ILE F 573 44.15 2.63 22.36
CA ILE F 573 44.16 1.53 21.41
C ILE F 573 45.00 1.90 20.20
N VAL F 574 44.89 3.15 19.74
CA VAL F 574 45.69 3.61 18.61
C VAL F 574 47.18 3.50 18.91
N LYS F 575 47.57 3.87 20.14
CA LYS F 575 48.96 3.77 20.55
C LYS F 575 49.42 2.32 20.59
N GLU F 576 48.47 1.38 20.60
CA GLU F 576 48.85 -0.03 20.55
C GLU F 576 48.80 -0.62 19.15
N THR F 577 47.72 -0.36 18.42
CA THR F 577 47.55 -0.92 17.08
C THR F 577 48.55 -0.38 16.08
N LEU F 578 49.03 0.87 16.24
CA LEU F 578 49.98 1.38 15.25
C LEU F 578 51.29 0.60 15.23
N PRO F 579 52.00 0.41 16.35
CA PRO F 579 53.23 -0.38 16.28
C PRO F 579 53.01 -1.76 15.74
N LEU F 580 51.85 -2.37 16.04
CA LEU F 580 51.58 -3.71 15.52
C LEU F 580 51.49 -3.70 14.00
N LEU F 581 50.85 -2.68 13.42
CA LEU F 581 50.72 -2.62 11.98
C LEU F 581 52.03 -2.27 11.30
N LEU F 582 52.82 -1.39 11.92
CA LEU F 582 54.11 -1.07 11.33
C LEU F 582 55.06 -2.25 11.45
N GLN F 583 54.99 -2.99 12.57
CA GLN F 583 55.78 -4.20 12.77
C GLN F 583 55.40 -5.27 11.76
N HIS F 584 54.13 -5.35 11.42
CA HIS F 584 53.73 -6.29 10.39
C HIS F 584 54.23 -5.84 9.03
N LEU F 585 54.36 -4.52 8.85
CA LEU F 585 54.90 -4.01 7.59
C LEU F 585 56.40 -4.23 7.49
N CYS F 586 57.12 -4.16 8.58
CA CYS F 586 58.57 -4.36 8.58
C CYS F 586 58.95 -5.81 8.85
N GLN F 587 57.97 -6.69 8.87
CA GLN F 587 58.16 -8.12 8.91
C GLN F 587 57.77 -8.73 7.58
N ALA F 588 57.11 -7.93 6.74
CA ALA F 588 56.69 -8.32 5.40
C ALA F 588 57.83 -8.28 4.40
N ASN F 589 58.80 -7.40 4.59
CA ASN F 589 59.93 -7.33 3.67
C ASN F 589 61.01 -8.35 3.99
N LYS F 590 61.12 -8.76 5.24
CA LYS F 590 62.15 -9.73 5.64
C LYS F 590 61.81 -11.13 5.15
N GLY F 591 60.56 -11.54 5.30
CA GLY F 591 60.11 -12.87 4.91
C GLY F 591 59.72 -13.03 3.45
N ASN F 592 58.51 -13.55 3.22
CA ASN F 592 58.01 -13.79 1.87
C ASN F 592 56.73 -13.01 1.59
N MET F 593 56.48 -11.94 2.35
CA MET F 593 55.26 -11.16 2.17
C MET F 593 55.43 -9.98 1.22
N VAL F 594 56.66 -9.58 0.89
CA VAL F 594 56.84 -8.51 -0.08
C VAL F 594 56.37 -8.94 -1.46
N THR F 595 56.50 -10.23 -1.80
CA THR F 595 56.08 -10.70 -3.11
C THR F 595 54.60 -10.42 -3.37
N GLU F 596 53.75 -10.72 -2.39
CA GLU F 596 52.32 -10.45 -2.49
C GLU F 596 52.10 -8.96 -2.21
N SER F 597 52.23 -8.13 -3.24
CA SER F 597 52.00 -6.69 -3.04
C SER F 597 50.54 -6.41 -2.71
N SER F 598 49.63 -7.31 -3.10
CA SER F 598 48.22 -7.14 -2.77
C SER F 598 48.04 -7.08 -1.26
N GLU F 599 48.66 -8.01 -0.54
CA GLU F 599 48.52 -8.01 0.91
C GLU F 599 49.24 -6.81 1.55
N VAL F 600 50.30 -6.30 0.92
CA VAL F 600 50.96 -5.13 1.49
C VAL F 600 50.05 -3.93 1.34
N VAL F 601 49.44 -3.81 0.18
CA VAL F 601 48.45 -2.77 -0.04
C VAL F 601 47.38 -2.87 1.02
N ALA F 602 46.95 -4.08 1.36
CA ALA F 602 45.94 -4.20 2.40
C ALA F 602 46.42 -3.64 3.74
N VAL F 603 47.71 -3.79 4.03
CA VAL F 603 48.21 -3.25 5.29
C VAL F 603 48.17 -1.72 5.26
N CYS F 604 48.58 -1.15 4.15
CA CYS F 604 48.53 0.30 4.01
C CYS F 604 47.11 0.80 4.11
N GLN F 605 46.18 0.10 3.47
CA GLN F 605 44.76 0.45 3.53
C GLN F 605 44.29 0.56 4.98
N SER F 606 44.66 -0.41 5.80
CA SER F 606 44.24 -0.34 7.19
C SER F 606 44.91 0.83 7.92
N LEU F 607 46.16 1.13 7.57
CA LEU F 607 46.83 2.25 8.22
C LEU F 607 46.18 3.57 7.84
N GLN F 608 45.90 3.73 6.54
CA GLN F 608 45.20 4.90 6.05
C GLN F 608 43.87 5.05 6.77
N GLN F 609 43.21 3.92 7.08
CA GLN F 609 41.94 3.99 7.78
C GLN F 609 42.14 4.38 9.25
N VAL F 610 43.26 4.00 9.85
CA VAL F 610 43.46 4.40 11.23
C VAL F 610 43.76 5.88 11.29
N ALA F 611 44.61 6.36 10.38
CA ALA F 611 44.86 7.79 10.29
C ALA F 611 43.54 8.54 10.08
N GLU F 612 42.68 7.99 9.22
CA GLU F 612 41.35 8.54 8.98
C GLU F 612 40.54 8.63 10.26
N LYS F 613 40.84 7.77 11.22
CA LYS F 613 40.11 7.85 12.48
C LYS F 613 40.79 8.75 13.49
N CYS F 614 42.12 8.82 13.42
CA CYS F 614 42.93 9.63 14.32
C CYS F 614 42.76 11.13 14.10
N GLN F 615 42.28 11.55 12.93
CA GLN F 615 42.15 12.98 12.68
C GLN F 615 41.13 13.65 13.58
N GLN F 616 40.33 12.89 14.30
CA GLN F 616 39.36 13.44 15.25
C GLN F 616 40.07 13.96 16.50
N ASP F 617 40.62 13.04 17.30
CA ASP F 617 41.38 13.38 18.52
C ASP F 617 42.73 13.99 18.14
N PRO F 618 43.10 15.16 18.69
CA PRO F 618 44.39 15.78 18.26
C PRO F 618 45.62 14.96 18.61
N GLU F 619 45.69 14.40 19.81
CA GLU F 619 46.86 13.60 20.19
C GLU F 619 47.02 12.39 19.28
N SER F 620 45.88 11.79 18.90
CA SER F 620 45.91 10.57 18.10
C SER F 620 46.61 10.79 16.77
N TYR F 621 46.23 11.84 16.03
CA TYR F 621 46.91 12.05 14.77
C TYR F 621 48.33 12.53 15.01
N TRP F 622 48.62 13.11 16.17
CA TRP F 622 50.00 13.51 16.44
C TRP F 622 50.89 12.27 16.54
N TYR F 623 50.41 11.24 17.21
CA TYR F 623 51.18 10.01 17.33
C TYR F 623 51.33 9.32 15.97
N PHE F 624 50.24 9.28 15.21
CA PHE F 624 50.32 8.65 13.89
C PHE F 624 51.31 9.39 12.99
N HIS F 625 51.36 10.71 13.12
CA HIS F 625 52.31 11.45 12.29
C HIS F 625 53.72 11.21 12.76
N LYS F 626 53.89 10.93 14.05
CA LYS F 626 55.23 10.56 14.49
C LYS F 626 55.59 9.18 14.01
N THR F 627 54.65 8.44 13.44
CA THR F 627 55.03 7.17 12.85
C THR F 627 55.09 7.24 11.34
N ALA F 628 54.71 8.37 10.75
CA ALA F 628 54.83 8.50 9.31
C ALA F 628 56.29 8.60 8.93
N VAL F 629 57.10 9.12 9.84
CA VAL F 629 58.53 9.20 9.60
C VAL F 629 59.13 7.81 9.54
N PRO F 630 58.83 6.88 10.46
CA PRO F 630 59.34 5.50 10.29
C PRO F 630 58.88 4.84 9.01
N CYS F 631 57.70 5.18 8.49
CA CYS F 631 57.27 4.60 7.24
C CYS F 631 58.13 5.09 6.09
N LEU F 632 58.41 6.38 6.05
CA LEU F 632 59.26 6.92 4.99
C LEU F 632 60.68 6.37 5.10
N PHE F 633 61.15 6.15 6.34
CA PHE F 633 62.49 5.58 6.50
C PHE F 633 62.52 4.16 5.93
N ALA F 634 61.48 3.38 6.22
CA ALA F 634 61.42 2.03 5.68
C ALA F 634 61.39 2.05 4.17
N LEU F 635 60.85 3.12 3.60
CA LEU F 635 60.84 3.15 2.14
C LEU F 635 62.23 3.46 1.62
N ALA F 636 62.93 4.39 2.25
CA ALA F 636 64.28 4.73 1.83
C ALA F 636 65.15 3.48 1.76
N VAL F 637 64.95 2.58 2.72
CA VAL F 637 65.74 1.34 2.80
C VAL F 637 65.76 0.60 1.47
N GLN F 638 64.64 0.59 0.75
CA GLN F 638 64.56 -0.16 -0.49
C GLN F 638 65.42 0.45 -1.59
N ALA F 639 65.53 1.77 -1.62
CA ALA F 639 66.29 2.43 -2.67
C ALA F 639 67.78 2.42 -2.37
N SER F 640 68.12 2.48 -1.08
CA SER F 640 69.52 2.55 -0.68
C SER F 640 70.31 1.28 -1.01
N MET F 641 69.63 0.14 -1.28
CA MET F 641 70.36 -1.10 -1.51
C MET F 641 71.10 -1.15 -2.85
N PRO F 642 70.44 -1.11 -4.02
CA PRO F 642 71.24 -1.22 -5.24
C PRO F 642 71.80 0.11 -5.76
N LEU F 653 61.24 -5.68 -4.04
CA LEU F 653 60.40 -5.73 -2.85
C LEU F 653 59.18 -4.89 -3.20
N LEU F 654 59.18 -3.68 -2.70
CA LEU F 654 58.08 -2.78 -2.99
C LEU F 654 57.91 -2.57 -4.50
N GLU F 655 56.68 -2.73 -4.96
CA GLU F 655 56.25 -2.57 -6.35
C GLU F 655 55.97 -1.11 -6.68
N ASP F 656 55.76 -0.84 -7.97
CA ASP F 656 55.37 0.49 -8.43
C ASP F 656 54.03 0.93 -7.84
N GLU F 657 53.04 0.03 -7.78
CA GLU F 657 51.70 0.41 -7.36
C GLU F 657 51.55 0.53 -5.85
N VAL F 658 52.33 -0.24 -5.10
CA VAL F 658 52.27 -0.19 -3.63
C VAL F 658 52.60 1.22 -3.12
N LEU F 659 53.54 1.91 -3.79
CA LEU F 659 53.92 3.26 -3.35
C LEU F 659 52.72 4.17 -3.22
N ALA F 660 51.81 4.15 -4.19
CA ALA F 660 50.65 5.02 -4.12
C ALA F 660 49.85 4.75 -2.85
N ALA F 661 49.73 3.49 -2.48
CA ALA F 661 49.04 3.13 -1.24
C ALA F 661 49.82 3.59 -0.02
N LEU F 662 51.15 3.62 -0.10
CA LEU F 662 51.95 4.17 0.99
C LEU F 662 51.72 5.67 1.12
N ALA F 663 51.71 6.33 -0.03
CA ALA F 663 51.50 7.76 -0.10
C ALA F 663 50.10 8.11 0.36
N SER F 664 49.14 7.22 0.16
CA SER F 664 47.82 7.48 0.66
C SER F 664 47.82 7.57 2.17
N VAL F 665 48.64 6.76 2.83
CA VAL F 665 48.75 6.85 4.27
C VAL F 665 49.45 8.13 4.67
N ILE F 666 50.49 8.48 3.92
CA ILE F 666 51.21 9.72 4.22
C ILE F 666 50.26 10.90 4.11
N GLY F 667 49.44 10.90 3.05
CA GLY F 667 48.47 11.95 2.82
C GLY F 667 47.39 12.03 3.89
N THR F 668 46.78 10.90 4.22
CA THR F 668 45.74 10.95 5.24
C THR F 668 46.31 11.39 6.59
N ALA F 669 47.60 11.14 6.82
CA ALA F 669 48.19 11.61 8.08
C ALA F 669 48.38 13.12 8.08
N THR F 670 48.97 13.65 7.02
CA THR F 670 49.33 15.06 6.98
C THR F 670 48.14 16.02 7.14
N THR F 671 46.98 15.70 6.58
CA THR F 671 45.88 16.64 6.72
C THR F 671 45.37 16.63 8.16
N HIS F 672 44.68 17.72 8.52
CA HIS F 672 44.24 17.92 9.90
C HIS F 672 45.46 17.92 10.82
N LEU F 673 46.27 18.96 10.69
CA LEU F 673 47.52 19.05 11.41
C LEU F 673 47.72 20.40 12.07
N SER F 674 48.22 20.36 13.30
CA SER F 674 48.61 21.56 14.03
C SER F 674 49.63 22.35 13.22
N PRO F 675 49.44 23.66 13.03
CA PRO F 675 50.39 24.40 12.19
C PRO F 675 51.82 24.32 12.68
N GLU F 676 52.04 24.21 14.00
CA GLU F 676 53.41 24.07 14.48
C GLU F 676 53.94 22.67 14.23
N LEU F 677 53.10 21.65 14.41
CA LEU F 677 53.51 20.28 14.13
C LEU F 677 53.69 20.09 12.64
N ALA F 678 52.84 20.73 11.85
CA ALA F 678 53.01 20.69 10.41
C ALA F 678 54.39 21.21 10.07
N ALA F 679 54.71 22.42 10.54
CA ALA F 679 56.03 22.98 10.28
C ALA F 679 57.14 22.03 10.71
N GLN F 680 56.97 21.37 11.86
CA GLN F 680 58.00 20.47 12.36
C GLN F 680 58.26 19.34 11.39
N SER F 681 57.21 18.68 10.91
CA SER F 681 57.47 17.55 10.00
C SER F 681 57.91 18.01 8.61
N VAL F 682 57.57 19.24 8.18
CA VAL F 682 58.14 19.65 6.89
C VAL F 682 59.65 19.76 7.05
N THR F 683 60.08 20.32 8.19
CA THR F 683 61.51 20.55 8.36
C THR F 683 62.33 19.29 8.29
N CYS F 684 61.68 18.15 8.25
CA CYS F 684 62.40 16.89 8.17
C CYS F 684 62.29 16.33 6.78
N ILE F 685 61.07 16.39 6.24
CA ILE F 685 60.82 15.80 4.94
C ILE F 685 61.37 16.66 3.80
N VAL F 686 61.10 17.97 3.76
CA VAL F 686 61.61 18.80 2.66
C VAL F 686 63.15 18.65 2.60
N PRO F 687 63.88 18.79 3.73
CA PRO F 687 65.33 18.62 3.64
C PRO F 687 65.72 17.20 3.33
N LEU F 688 64.94 16.19 3.77
CA LEU F 688 65.36 14.83 3.47
C LEU F 688 65.49 14.64 1.96
N PHE F 689 64.49 15.08 1.21
CA PHE F 689 64.58 14.96 -0.24
C PHE F 689 65.59 15.95 -0.81
N LEU F 690 65.60 17.17 -0.31
CA LEU F 690 66.44 18.22 -0.90
C LEU F 690 67.93 17.99 -0.69
N ASP F 691 68.35 17.68 0.55
CA ASP F 691 69.77 17.58 0.89
C ASP F 691 70.18 16.20 1.38
N GLY F 692 69.26 15.27 1.52
CA GLY F 692 69.60 13.94 1.99
C GLY F 692 69.67 13.81 3.49
N ASN F 693 69.35 14.85 4.25
CA ASN F 693 69.40 14.78 5.70
C ASN F 693 68.40 13.73 6.18
N THR F 694 68.87 12.86 7.08
CA THR F 694 68.09 11.78 7.64
C THR F 694 68.20 11.79 9.17
N SER F 695 68.39 12.98 9.76
CA SER F 695 68.64 13.11 11.19
C SER F 695 67.49 12.57 12.02
N PHE F 696 66.26 12.96 11.65
CA PHE F 696 65.05 12.55 12.38
C PHE F 696 64.79 11.04 12.29
N LEU F 697 64.96 10.44 11.10
CA LEU F 697 64.67 9.01 10.96
C LEU F 697 65.76 8.17 11.62
N PRO F 698 65.44 6.93 12.03
CA PRO F 698 66.44 6.05 12.69
C PRO F 698 67.55 5.58 11.75
N GLU F 699 68.77 5.49 12.29
CA GLU F 699 69.99 5.09 11.56
C GLU F 699 69.84 3.92 10.58
N GLN F 705 74.19 9.54 1.52
CA GLN F 705 74.15 8.47 0.53
C GLN F 705 72.80 8.43 -0.17
N PHE F 706 71.83 9.25 0.28
CA PHE F 706 70.52 9.29 -0.37
C PHE F 706 70.18 10.74 -0.75
N GLN F 707 70.66 11.18 -1.92
CA GLN F 707 70.40 12.54 -2.44
C GLN F 707 69.83 12.38 -3.85
N PRO F 708 68.51 12.25 -3.98
CA PRO F 708 67.95 11.81 -5.28
C PRO F 708 67.82 12.87 -6.33
N PHE F 709 67.83 14.14 -6.00
CA PHE F 709 67.66 15.17 -7.01
C PHE F 709 68.94 15.44 -7.77
N GLN F 710 70.06 15.46 -7.07
CA GLN F 710 71.31 15.80 -7.71
C GLN F 710 72.14 14.58 -8.07
N ASP F 711 71.64 13.36 -7.80
CA ASP F 711 72.38 12.15 -8.18
C ASP F 711 71.86 11.51 -9.46
N GLY F 712 70.65 10.95 -9.43
CA GLY F 712 70.20 10.24 -10.60
C GLY F 712 69.99 8.73 -10.48
N SER F 713 69.80 8.23 -9.25
CA SER F 713 69.56 6.81 -8.98
C SER F 713 68.10 6.41 -9.22
N SER F 714 67.89 5.28 -9.93
CA SER F 714 66.55 4.81 -10.24
C SER F 714 65.68 4.68 -9.00
N GLY F 715 66.24 4.14 -7.93
CA GLY F 715 65.51 3.94 -6.70
C GLY F 715 65.01 5.22 -6.05
N GLN F 716 65.98 6.07 -5.73
CA GLN F 716 65.69 7.32 -5.05
C GLN F 716 64.68 8.16 -5.81
N ARG F 717 64.67 8.06 -7.14
CA ARG F 717 63.78 8.88 -7.95
C ARG F 717 62.33 8.46 -7.77
N ARG F 718 62.06 7.15 -7.62
CA ARG F 718 60.70 6.63 -7.50
C ARG F 718 59.94 7.28 -6.37
N LEU F 719 60.62 7.49 -5.25
CA LEU F 719 60.09 7.95 -3.96
C LEU F 719 59.59 9.39 -3.95
N VAL F 720 59.79 10.18 -5.00
CA VAL F 720 59.23 11.53 -5.01
C VAL F 720 57.70 11.50 -4.96
N ALA F 721 57.09 10.39 -5.41
CA ALA F 721 55.66 10.14 -5.32
C ALA F 721 55.17 10.01 -3.88
N LEU F 722 56.07 9.99 -2.91
CA LEU F 722 55.72 10.09 -1.50
C LEU F 722 55.85 11.50 -0.99
N LEU F 723 56.81 12.22 -1.57
CA LEU F 723 56.94 13.64 -1.32
C LEU F 723 55.62 14.29 -1.65
N THR F 724 55.11 13.98 -2.85
CA THR F 724 53.84 14.54 -3.30
C THR F 724 52.80 14.41 -2.20
N ALA F 725 52.70 13.19 -1.68
CA ALA F 725 51.73 12.87 -0.65
C ALA F 725 51.89 13.78 0.55
N PHE F 726 53.12 14.05 0.99
CA PHE F 726 53.27 14.94 2.15
C PHE F 726 53.00 16.39 1.76
N VAL F 727 53.88 16.97 0.96
CA VAL F 727 53.79 18.38 0.59
C VAL F 727 52.37 18.83 0.21
N CYS F 728 51.73 18.12 -0.72
CA CYS F 728 50.45 18.64 -1.20
C CYS F 728 49.34 18.42 -0.20
N SER F 729 49.57 17.58 0.78
CA SER F 729 48.49 17.31 1.73
C SER F 729 48.67 18.12 2.99
N LEU F 730 49.14 19.35 2.86
CA LEU F 730 49.39 20.25 3.98
C LEU F 730 48.32 21.32 4.13
N PRO F 731 48.15 21.90 5.32
CA PRO F 731 47.22 23.02 5.47
C PRO F 731 47.64 24.19 4.59
N ARG F 732 46.71 25.12 4.39
CA ARG F 732 46.96 26.22 3.45
C ARG F 732 48.15 27.08 3.87
N ASN F 733 48.25 27.41 5.16
CA ASN F 733 49.36 28.19 5.73
C ASN F 733 50.42 27.21 6.25
N VAL F 734 51.42 26.92 5.42
CA VAL F 734 52.46 25.96 5.78
C VAL F 734 53.80 26.56 6.14
N GLU F 735 54.12 27.79 5.73
CA GLU F 735 55.41 28.40 6.05
C GLU F 735 56.54 27.52 5.51
N ILE F 736 56.38 27.05 4.27
CA ILE F 736 57.31 26.10 3.67
C ILE F 736 58.71 26.70 3.55
N PRO F 737 59.74 25.92 3.86
CA PRO F 737 61.12 26.39 3.70
C PRO F 737 61.73 25.95 2.38
N GLN F 738 62.45 26.83 1.69
CA GLN F 738 63.17 26.47 0.48
C GLN F 738 62.23 25.89 -0.57
N LEU F 739 61.08 26.52 -0.71
CA LEU F 739 60.08 26.10 -1.69
C LEU F 739 60.60 26.28 -3.11
N ASN F 740 61.28 27.40 -3.34
CA ASN F 740 61.79 27.69 -4.67
C ASN F 740 62.74 26.60 -5.13
N ARG F 741 63.59 26.12 -4.21
CA ARG F 741 64.54 25.09 -4.61
C ARG F 741 63.82 23.81 -5.00
N LEU F 742 62.89 23.35 -4.17
CA LEU F 742 62.21 22.10 -4.44
C LEU F 742 61.51 22.15 -5.79
N MET F 743 60.76 23.21 -6.05
CA MET F 743 60.02 23.26 -7.30
C MET F 743 60.97 23.36 -8.51
N ARG F 744 62.04 24.16 -8.40
CA ARG F 744 62.98 24.28 -9.51
C ARG F 744 63.62 22.94 -9.82
N GLU F 745 64.04 22.23 -8.78
CA GLU F 745 64.67 20.92 -8.97
C GLU F 745 63.69 19.96 -9.63
N LEU F 746 62.42 20.02 -9.23
CA LEU F 746 61.43 19.13 -9.85
C LEU F 746 61.33 19.39 -11.33
N LEU F 747 61.34 20.66 -11.72
CA LEU F 747 61.24 20.96 -13.15
C LEU F 747 62.41 20.38 -13.91
N LYS F 748 63.62 20.52 -13.37
CA LYS F 748 64.78 19.95 -14.05
C LYS F 748 64.66 18.44 -14.12
N GLN F 749 64.20 17.82 -13.03
CA GLN F 749 64.06 16.37 -12.94
C GLN F 749 63.05 15.85 -13.95
N SER F 750 61.99 16.61 -14.19
CA SER F 750 60.93 16.13 -15.08
C SER F 750 61.45 15.87 -16.49
N CYS F 751 62.33 16.73 -17.00
CA CYS F 751 62.72 16.55 -18.39
C CYS F 751 64.09 15.90 -18.56
N GLY F 752 65.06 16.25 -17.73
CA GLY F 752 66.41 15.70 -17.92
C GLY F 752 66.49 14.20 -17.67
N HIS F 753 65.91 13.74 -16.56
CA HIS F 753 65.98 12.32 -16.21
C HIS F 753 65.24 11.44 -17.22
N SER F 754 64.12 11.93 -17.75
CA SER F 754 63.31 11.16 -18.71
C SER F 754 62.86 9.84 -18.09
N CYS F 755 62.51 9.87 -16.82
CA CYS F 755 62.09 8.64 -16.19
C CYS F 755 60.77 8.18 -16.78
N PRO F 756 60.48 6.88 -16.71
CA PRO F 756 59.15 6.40 -17.12
C PRO F 756 58.04 6.92 -16.20
N PHE F 757 58.24 6.95 -14.88
CA PHE F 757 57.19 7.39 -13.97
C PHE F 757 57.67 8.45 -12.95
N SER F 758 58.97 8.45 -12.60
CA SER F 758 59.49 9.45 -11.67
C SER F 758 59.33 10.85 -12.25
N SER F 759 59.55 10.99 -13.57
CA SER F 759 59.37 12.30 -14.19
C SER F 759 57.91 12.72 -14.12
N THR F 760 57.01 11.78 -14.40
CA THR F 760 55.59 12.08 -14.32
C THR F 760 55.24 12.39 -12.88
N ALA F 761 55.78 11.60 -11.95
CA ALA F 761 55.53 11.83 -10.53
C ALA F 761 56.04 13.20 -10.08
N ALA F 762 57.22 13.58 -10.56
CA ALA F 762 57.78 14.87 -10.21
C ALA F 762 56.88 16.00 -10.68
N THR F 763 56.35 15.88 -11.90
CA THR F 763 55.42 16.89 -12.39
C THR F 763 54.19 16.92 -11.51
N LYS F 764 53.71 15.74 -11.10
CA LYS F 764 52.58 15.67 -10.19
C LYS F 764 52.81 16.55 -8.98
N CYS F 765 53.99 16.42 -8.36
CA CYS F 765 54.26 17.23 -7.17
C CYS F 765 54.32 18.72 -7.51
N PHE F 766 55.02 19.07 -8.59
CA PHE F 766 55.14 20.46 -8.97
C PHE F 766 53.77 21.11 -9.18
N ALA F 767 52.91 20.47 -9.97
CA ALA F 767 51.59 21.04 -10.23
C ALA F 767 50.77 21.13 -8.96
N GLY F 768 50.82 20.11 -8.10
CA GLY F 768 50.08 20.21 -6.86
C GLY F 768 50.47 21.42 -6.06
N LEU F 769 51.78 21.59 -5.89
CA LEU F 769 52.24 22.70 -5.10
C LEU F 769 52.00 24.02 -5.81
N LEU F 770 51.98 24.02 -7.14
CA LEU F 770 51.73 25.24 -7.88
C LEU F 770 50.30 25.69 -7.66
N ASN F 771 49.37 24.72 -7.72
CA ASN F 771 47.96 24.97 -7.46
C ASN F 771 47.77 25.60 -6.08
N LYS F 772 48.32 24.96 -5.05
CA LYS F 772 48.10 25.42 -3.67
C LYS F 772 48.69 26.79 -3.35
N GLN F 773 49.76 27.18 -4.04
CA GLN F 773 50.49 28.41 -3.73
C GLN F 773 49.62 29.67 -3.87
N PRO F 774 49.76 30.65 -2.96
CA PRO F 774 48.96 31.90 -3.08
C PRO F 774 49.52 32.82 -4.15
N PRO F 775 48.80 33.91 -4.53
CA PRO F 775 49.23 34.75 -5.65
C PRO F 775 50.44 35.66 -5.41
N GLY F 776 51.37 35.25 -4.56
CA GLY F 776 52.56 36.05 -4.32
C GLY F 776 53.44 36.18 -5.55
N GLN F 777 54.27 37.22 -5.55
CA GLN F 777 55.21 37.49 -6.64
C GLN F 777 56.09 36.26 -6.93
N GLN F 778 56.06 35.25 -6.04
CA GLN F 778 56.79 34.03 -6.32
C GLN F 778 56.01 33.16 -7.31
N LEU F 779 54.70 32.99 -7.07
CA LEU F 779 53.85 32.18 -7.92
C LEU F 779 54.08 32.48 -9.40
N GLU F 780 54.17 33.76 -9.77
CA GLU F 780 54.42 34.08 -11.16
C GLU F 780 55.80 33.63 -11.60
N GLU F 781 56.77 33.61 -10.68
CA GLU F 781 58.09 33.09 -11.02
C GLU F 781 58.01 31.59 -11.26
N PHE F 782 57.23 30.90 -10.43
CA PHE F 782 57.04 29.46 -10.62
C PHE F 782 56.40 29.20 -11.95
N LEU F 783 55.50 30.08 -12.37
CA LEU F 783 54.86 29.91 -13.67
C LEU F 783 55.86 30.21 -14.78
N GLN F 784 56.70 31.21 -14.60
CA GLN F 784 57.73 31.50 -15.59
C GLN F 784 58.60 30.27 -15.81
N LEU F 785 59.00 29.62 -14.72
CA LEU F 785 59.85 28.46 -14.82
C LEU F 785 59.08 27.27 -15.38
N ALA F 786 57.78 27.21 -15.13
CA ALA F 786 56.96 26.12 -15.65
C ALA F 786 56.78 26.24 -17.16
N VAL F 787 56.24 27.36 -17.62
CA VAL F 787 56.08 27.56 -19.06
C VAL F 787 57.44 27.48 -19.74
N GLY F 788 58.50 27.87 -19.03
CA GLY F 788 59.83 27.74 -19.55
C GLY F 788 60.21 26.31 -19.82
N THR F 789 60.32 25.49 -18.77
CA THR F 789 60.72 24.11 -18.98
C THR F 789 59.77 23.37 -19.92
N VAL F 790 58.49 23.73 -19.91
CA VAL F 790 57.53 23.07 -20.80
C VAL F 790 57.87 23.37 -22.26
N GLU F 791 57.90 24.66 -22.64
CA GLU F 791 58.20 24.99 -24.02
C GLU F 791 59.60 24.52 -24.41
N ALA F 792 60.54 24.51 -23.47
CA ALA F 792 61.89 24.04 -23.78
C ALA F 792 61.87 22.55 -24.12
N GLY F 793 61.15 21.75 -23.34
CA GLY F 793 61.04 20.35 -23.69
C GLY F 793 60.28 20.14 -24.97
N LEU F 794 59.28 20.97 -25.24
CA LEU F 794 58.55 20.82 -26.49
C LEU F 794 59.44 21.17 -27.66
N ALA F 795 60.51 21.91 -27.42
CA ALA F 795 61.47 22.19 -28.49
C ALA F 795 62.38 21.00 -28.74
N SER F 796 62.86 20.36 -27.67
CA SER F 796 63.78 19.25 -27.81
C SER F 796 63.10 18.02 -28.38
N GLU F 797 63.76 17.41 -29.35
CA GLU F 797 63.33 16.15 -29.94
C GLU F 797 63.44 15.01 -28.94
N SER F 798 64.47 15.02 -28.08
CA SER F 798 64.71 13.92 -27.16
C SER F 798 63.59 13.77 -26.14
N SER F 799 63.10 14.88 -25.60
CA SER F 799 62.09 14.87 -24.54
C SER F 799 60.90 15.72 -24.94
N ARG F 800 59.76 15.07 -25.19
CA ARG F 800 58.53 15.79 -25.50
C ARG F 800 57.44 15.35 -24.53
N ASP F 801 57.34 14.04 -24.34
CA ASP F 801 56.32 13.47 -23.46
C ASP F 801 56.50 13.95 -22.03
N GLN F 802 57.74 13.97 -21.54
CA GLN F 802 57.96 14.47 -20.19
C GLN F 802 57.49 15.92 -20.07
N ALA F 803 57.77 16.70 -21.12
CA ALA F 803 57.33 18.09 -21.17
C ALA F 803 55.82 18.17 -21.33
N PHE F 804 55.24 17.23 -22.07
CA PHE F 804 53.80 17.23 -22.27
C PHE F 804 53.05 16.95 -20.97
N THR F 805 53.39 15.85 -20.29
CA THR F 805 52.75 15.51 -19.04
C THR F 805 52.87 16.68 -18.06
N LEU F 806 54.06 17.29 -17.96
CA LEU F 806 54.16 18.47 -17.12
C LEU F 806 53.19 19.56 -17.57
N LEU F 807 53.04 19.74 -18.89
CA LEU F 807 52.10 20.74 -19.40
C LEU F 807 50.69 20.43 -18.93
N LEU F 808 50.28 19.18 -19.09
CA LEU F 808 48.95 18.76 -18.68
C LEU F 808 48.70 19.06 -17.21
N TRP F 809 49.59 18.59 -16.35
CA TRP F 809 49.34 18.77 -14.92
C TRP F 809 49.34 20.24 -14.53
N VAL F 810 50.17 21.07 -15.15
CA VAL F 810 50.16 22.48 -14.79
C VAL F 810 48.89 23.14 -15.30
N THR F 811 48.50 22.86 -16.55
CA THR F 811 47.26 23.42 -17.06
C THR F 811 46.10 22.97 -16.20
N LYS F 812 46.13 21.74 -15.70
CA LYS F 812 45.06 21.33 -14.82
C LYS F 812 45.06 22.20 -13.58
N ALA F 813 46.19 22.21 -12.89
CA ALA F 813 46.31 22.94 -11.64
C ALA F 813 45.80 24.37 -11.78
N LEU F 814 46.10 25.00 -12.91
CA LEU F 814 45.64 26.36 -13.13
C LEU F 814 44.18 26.42 -13.58
N VAL F 815 43.63 25.31 -14.07
CA VAL F 815 42.23 25.30 -14.47
C VAL F 815 41.33 25.19 -13.26
N LEU F 816 41.66 24.28 -12.33
CA LEU F 816 40.81 24.17 -11.13
C LEU F 816 41.00 25.35 -10.20
N ARG F 817 42.06 26.13 -10.38
CA ARG F 817 42.36 27.31 -9.61
C ARG F 817 41.73 28.56 -10.20
N TYR F 818 41.12 28.42 -11.38
CA TYR F 818 40.62 29.55 -12.14
C TYR F 818 41.72 30.60 -12.36
N HIS F 819 42.88 30.14 -12.81
CA HIS F 819 43.97 31.08 -13.00
C HIS F 819 44.03 31.52 -14.46
N PRO F 820 44.17 32.82 -14.74
CA PRO F 820 44.20 33.29 -16.15
C PRO F 820 45.17 32.57 -17.08
N LEU F 821 46.40 32.28 -16.65
CA LEU F 821 47.37 31.66 -17.56
C LEU F 821 46.89 30.33 -18.14
N SER F 822 45.94 29.67 -17.47
CA SER F 822 45.38 28.44 -18.00
C SER F 822 44.71 28.66 -19.34
N ALA F 823 44.30 29.90 -19.61
CA ALA F 823 43.72 30.24 -20.89
C ALA F 823 44.68 29.96 -22.03
N CYS F 824 45.96 30.29 -21.85
CA CYS F 824 46.92 30.05 -22.92
C CYS F 824 47.28 28.59 -22.99
N LEU F 825 47.71 28.05 -21.85
CA LEU F 825 48.18 26.68 -21.79
C LEU F 825 47.13 25.68 -22.32
N THR F 826 45.84 25.90 -22.01
CA THR F 826 44.87 24.97 -22.57
C THR F 826 44.78 25.17 -24.08
N THR F 827 44.81 26.41 -24.55
CA THR F 827 44.82 26.60 -25.98
C THR F 827 46.18 26.27 -26.58
N ARG F 828 47.14 25.86 -25.75
CA ARG F 828 48.37 25.29 -26.27
C ARG F 828 48.13 23.81 -26.54
N LEU F 829 47.45 23.15 -25.60
CA LEU F 829 47.07 21.76 -25.77
C LEU F 829 46.03 21.62 -26.86
N MET F 830 45.45 22.73 -27.29
CA MET F 830 44.55 22.73 -28.43
C MET F 830 45.34 22.57 -29.71
N GLY F 831 46.48 23.27 -29.83
CA GLY F 831 47.31 23.12 -31.01
C GLY F 831 47.95 21.75 -31.10
N LEU F 832 48.42 21.21 -29.97
CA LEU F 832 49.11 19.92 -29.97
C LEU F 832 48.22 18.79 -30.48
N LEU F 833 46.91 19.00 -30.51
CA LEU F 833 46.03 17.96 -31.04
C LEU F 833 46.38 17.65 -32.48
N SER F 834 46.92 18.63 -33.22
CA SER F 834 47.33 18.41 -34.60
C SER F 834 48.76 17.89 -34.74
N ASP F 835 49.52 17.85 -33.66
CA ASP F 835 50.89 17.32 -33.71
C ASP F 835 50.84 15.79 -33.80
N PRO F 836 51.62 15.17 -34.70
CA PRO F 836 51.53 13.71 -34.82
C PRO F 836 52.09 12.94 -33.64
N GLU F 837 53.21 13.39 -33.05
CA GLU F 837 53.82 12.63 -31.95
C GLU F 837 52.94 12.62 -30.70
N LEU F 838 52.40 13.79 -30.35
CA LEU F 838 51.65 13.93 -29.10
C LEU F 838 50.14 13.94 -29.27
N GLY F 839 49.63 14.06 -30.50
CA GLY F 839 48.21 14.20 -30.75
C GLY F 839 47.22 13.32 -30.00
N CYS F 840 47.49 12.01 -29.94
CA CYS F 840 46.58 11.11 -29.23
C CYS F 840 46.70 11.27 -27.73
N ALA F 841 47.91 11.60 -27.24
CA ALA F 841 48.06 11.90 -25.83
C ALA F 841 47.42 13.24 -25.52
N ALA F 842 47.40 14.13 -26.51
CA ALA F 842 46.67 15.37 -26.36
C ALA F 842 45.18 15.09 -26.31
N ALA F 843 44.72 14.08 -27.04
CA ALA F 843 43.32 13.72 -26.98
C ALA F 843 42.95 13.22 -25.59
N ASP F 844 43.72 12.29 -25.05
CA ASP F 844 43.47 11.78 -23.69
C ASP F 844 43.64 12.86 -22.61
N GLY F 845 44.54 13.80 -22.82
CA GLY F 845 44.81 14.85 -21.86
C GLY F 845 43.56 15.50 -21.34
N PHE F 846 42.62 15.73 -22.24
CA PHE F 846 41.38 16.36 -21.83
C PHE F 846 40.69 15.53 -20.75
N SER F 847 40.70 14.20 -20.88
CA SER F 847 40.12 13.38 -19.83
C SER F 847 40.87 13.55 -18.52
N LEU F 848 42.20 13.67 -18.57
CA LEU F 848 42.91 13.90 -17.31
C LEU F 848 42.44 15.17 -16.65
N LEU F 849 42.32 16.24 -17.42
CA LEU F 849 41.86 17.49 -16.85
C LEU F 849 40.41 17.36 -16.40
N MET F 850 39.66 16.50 -17.08
CA MET F 850 38.23 16.43 -16.87
C MET F 850 37.83 15.60 -15.68
N SER F 851 38.67 14.66 -15.28
CA SER F 851 38.26 13.75 -14.22
C SER F 851 39.12 13.99 -13.01
N ASP F 852 38.46 14.11 -11.86
CA ASP F 852 39.17 14.34 -10.62
C ASP F 852 39.97 13.11 -10.25
N CYS F 853 41.12 13.34 -9.64
CA CYS F 853 42.07 12.30 -9.28
C CYS F 853 42.30 12.30 -7.78
N THR F 854 42.44 11.10 -7.23
CA THR F 854 42.57 10.92 -5.78
C THR F 854 43.91 11.42 -5.24
N ASP F 855 45.00 11.11 -5.93
CA ASP F 855 46.35 11.25 -5.36
C ASP F 855 46.83 12.70 -5.15
N VAL F 856 46.56 13.64 -6.09
CA VAL F 856 47.21 14.97 -6.00
C VAL F 856 46.48 16.02 -5.22
N LEU F 857 45.50 16.55 -5.93
CA LEU F 857 44.81 17.76 -5.58
C LEU F 857 43.39 17.37 -5.25
N THR F 858 43.04 17.51 -4.00
CA THR F 858 41.73 17.11 -3.56
C THR F 858 41.16 18.22 -2.70
N ARG F 859 39.85 18.22 -2.64
CA ARG F 859 39.14 19.18 -1.80
C ARG F 859 39.51 18.95 -0.35
N ALA F 860 39.61 17.69 0.06
CA ALA F 860 40.01 17.32 1.40
C ALA F 860 41.50 17.12 1.51
N GLY F 861 42.22 17.27 0.40
CA GLY F 861 43.66 17.16 0.38
C GLY F 861 44.28 18.53 0.54
N HIS F 862 43.48 19.52 0.92
CA HIS F 862 43.90 20.89 1.12
C HIS F 862 44.45 21.49 -0.17
N ALA F 863 43.91 21.04 -1.29
CA ALA F 863 44.28 21.59 -2.58
C ALA F 863 43.10 22.42 -3.00
N ASP F 864 43.37 23.66 -3.34
CA ASP F 864 42.28 24.58 -3.60
C ASP F 864 41.61 24.20 -4.91
N VAL F 865 40.30 24.08 -4.86
CA VAL F 865 39.52 23.76 -6.05
C VAL F 865 38.23 24.57 -6.03
N ARG F 866 37.73 24.91 -7.22
CA ARG F 866 36.47 25.60 -7.43
C ARG F 866 35.57 24.59 -8.12
N ILE F 867 34.35 24.42 -7.64
CA ILE F 867 33.51 23.36 -8.22
C ILE F 867 33.03 23.63 -9.64
N MET F 868 32.88 24.88 -10.01
CA MET F 868 32.19 25.12 -11.26
C MET F 868 33.11 25.03 -12.44
N PHE F 869 34.34 24.55 -12.21
CA PHE F 869 35.34 24.56 -13.26
C PHE F 869 34.89 23.84 -14.50
N ARG F 870 34.12 22.76 -14.36
CA ARG F 870 33.72 22.05 -15.56
C ARG F 870 32.98 23.00 -16.48
N GLN F 871 31.97 23.68 -15.96
CA GLN F 871 31.25 24.61 -16.81
C GLN F 871 32.20 25.69 -17.32
N ARG F 872 33.05 26.22 -16.44
CA ARG F 872 33.95 27.27 -16.92
C ARG F 872 34.86 26.72 -18.02
N PHE F 873 35.40 25.53 -17.81
CA PHE F 873 36.24 24.99 -18.86
C PHE F 873 35.39 24.67 -20.08
N PHE F 874 34.21 24.11 -19.84
CA PHE F 874 33.37 23.62 -20.93
C PHE F 874 33.10 24.68 -21.99
N THR F 875 32.75 25.91 -21.59
CA THR F 875 32.44 26.90 -22.62
C THR F 875 33.64 27.08 -23.52
N ASP F 876 34.82 27.28 -22.93
CA ASP F 876 36.01 27.48 -23.76
C ASP F 876 36.24 26.26 -24.62
N ASN F 877 36.06 25.09 -24.02
CA ASN F 877 36.30 23.86 -24.77
C ASN F 877 35.36 23.70 -25.97
N VAL F 878 34.05 24.02 -25.85
CA VAL F 878 33.15 23.79 -26.99
C VAL F 878 33.50 24.69 -28.19
N PRO F 879 33.61 26.01 -28.05
CA PRO F 879 34.14 26.77 -29.20
C PRO F 879 35.53 26.37 -29.66
N ALA F 880 36.47 26.10 -28.75
CA ALA F 880 37.80 25.75 -29.24
C ALA F 880 37.71 24.53 -30.13
N LEU F 881 36.95 23.55 -29.69
CA LEU F 881 36.84 22.32 -30.44
C LEU F 881 36.11 22.56 -31.75
N VAL F 882 35.08 23.44 -31.71
CA VAL F 882 34.35 23.76 -32.92
C VAL F 882 35.28 24.41 -33.93
N GLN F 883 36.13 25.32 -33.48
CA GLN F 883 37.07 25.91 -34.40
C GLN F 883 38.03 24.85 -34.93
N GLY F 884 38.53 24.00 -34.02
CA GLY F 884 39.55 23.02 -34.38
C GLY F 884 39.10 21.84 -35.24
N PHE F 885 37.92 21.31 -34.98
CA PHE F 885 37.54 20.06 -35.66
C PHE F 885 37.28 20.31 -37.14
N HIS F 886 36.46 21.30 -37.45
CA HIS F 886 36.12 21.56 -38.85
C HIS F 886 37.35 21.97 -39.64
N ALA F 887 38.18 22.83 -39.08
CA ALA F 887 39.37 23.30 -39.77
C ALA F 887 40.60 22.44 -39.50
N ALA F 888 40.41 21.12 -39.40
CA ALA F 888 41.49 20.17 -39.19
C ALA F 888 41.66 19.27 -40.40
N PRO F 889 42.89 18.92 -40.77
CA PRO F 889 43.10 18.07 -41.93
C PRO F 889 42.62 16.65 -41.69
N GLN F 890 42.27 15.99 -42.79
CA GLN F 890 41.78 14.61 -42.80
C GLN F 890 42.53 13.72 -41.83
N ASP F 891 43.86 13.82 -41.80
CA ASP F 891 44.65 12.90 -40.99
C ASP F 891 44.54 13.17 -39.50
N VAL F 892 44.84 14.38 -39.05
CA VAL F 892 44.80 14.63 -37.61
C VAL F 892 43.51 15.34 -37.22
N LYS F 893 42.39 14.93 -37.84
CA LYS F 893 41.05 15.42 -37.58
C LYS F 893 40.33 14.70 -36.43
N PRO F 894 40.50 13.39 -36.26
CA PRO F 894 39.77 12.72 -35.16
C PRO F 894 40.39 12.90 -33.80
N ASN F 895 41.59 13.48 -33.72
CA ASN F 895 42.15 13.75 -32.41
C ASN F 895 41.33 14.82 -31.69
N TYR F 896 40.80 15.77 -32.45
CA TYR F 896 39.96 16.81 -31.89
C TYR F 896 38.66 16.24 -31.34
N LEU F 897 38.09 15.23 -32.03
CA LEU F 897 36.87 14.64 -31.52
C LEU F 897 37.14 13.79 -30.29
N LYS F 898 38.26 13.05 -30.26
CA LYS F 898 38.59 12.30 -29.06
C LYS F 898 38.64 13.23 -27.85
N GLY F 899 39.21 14.42 -28.04
CA GLY F 899 39.20 15.40 -26.95
C GLY F 899 37.79 15.85 -26.59
N LEU F 900 37.02 16.23 -27.62
CA LEU F 900 35.66 16.70 -27.39
C LEU F 900 34.87 15.71 -26.56
N SER F 901 34.98 14.42 -26.89
CA SER F 901 34.26 13.39 -26.16
C SER F 901 34.73 13.28 -24.72
N HIS F 902 36.05 13.21 -24.53
CA HIS F 902 36.56 13.17 -23.16
C HIS F 902 36.09 14.36 -22.35
N VAL F 903 35.58 15.39 -23.01
CA VAL F 903 35.05 16.53 -22.29
C VAL F 903 33.55 16.37 -22.08
N LEU F 904 32.80 16.45 -23.19
CA LEU F 904 31.35 16.33 -23.19
C LEU F 904 30.82 15.22 -22.28
N ASN F 905 31.35 14.00 -22.40
CA ASN F 905 30.83 12.89 -21.60
C ASN F 905 31.18 13.01 -20.13
N ARG F 906 32.23 13.75 -19.79
CA ARG F 906 32.64 13.93 -18.42
C ARG F 906 31.97 15.14 -17.76
N LEU F 907 31.10 15.84 -18.50
CA LEU F 907 30.30 16.93 -17.96
C LEU F 907 28.81 16.62 -18.01
N PRO F 908 28.35 15.48 -17.50
CA PRO F 908 26.91 15.24 -17.52
C PRO F 908 26.27 16.22 -16.56
N LYS F 909 25.81 17.33 -17.13
CA LYS F 909 25.37 18.49 -16.37
C LYS F 909 24.11 19.07 -17.00
N PRO F 910 23.51 20.12 -16.42
CA PRO F 910 22.41 20.76 -17.14
C PRO F 910 22.90 21.41 -18.41
N VAL F 911 24.08 22.00 -18.37
CA VAL F 911 24.64 22.74 -19.49
C VAL F 911 24.77 21.93 -20.77
N LEU F 912 24.74 20.60 -20.68
CA LEU F 912 24.84 19.81 -21.91
C LEU F 912 23.56 19.95 -22.74
N LEU F 913 22.42 20.12 -22.09
CA LEU F 913 21.14 20.22 -22.80
C LEU F 913 21.02 21.44 -23.72
N PRO F 914 21.26 22.68 -23.27
CA PRO F 914 21.03 23.83 -24.18
C PRO F 914 22.01 23.91 -25.34
N GLU F 915 23.17 23.29 -25.24
CA GLU F 915 24.14 23.28 -26.33
C GLU F 915 24.03 22.02 -27.19
N LEU F 916 23.18 21.07 -26.79
CA LEU F 916 22.96 19.81 -27.50
C LEU F 916 22.65 19.97 -29.00
N PRO F 917 21.82 20.93 -29.46
CA PRO F 917 21.52 20.98 -30.90
C PRO F 917 22.73 21.12 -31.80
N THR F 918 23.72 21.86 -31.34
CA THR F 918 24.94 21.99 -32.11
C THR F 918 25.89 20.84 -31.83
N LEU F 919 25.99 20.43 -30.56
CA LEU F 919 26.97 19.45 -30.13
C LEU F 919 26.63 17.99 -30.47
N LEU F 920 25.34 17.61 -30.46
CA LEU F 920 24.92 16.21 -30.70
C LEU F 920 25.43 15.71 -32.04
N SER F 921 25.41 16.60 -33.06
CA SER F 921 25.92 16.26 -34.38
C SER F 921 27.33 15.69 -34.29
N LEU F 922 28.12 16.22 -33.38
CA LEU F 922 29.47 15.73 -33.17
C LEU F 922 29.47 14.48 -32.29
N LEU F 923 28.64 14.46 -31.24
CA LEU F 923 28.56 13.30 -30.35
C LEU F 923 28.14 12.05 -31.11
N LEU F 924 27.40 12.22 -32.19
CA LEU F 924 27.03 11.07 -33.01
C LEU F 924 28.23 10.58 -33.81
N GLU F 925 29.04 11.51 -34.30
CA GLU F 925 30.25 11.14 -35.01
C GLU F 925 31.35 10.69 -34.05
N ALA F 926 31.13 10.86 -32.74
CA ALA F 926 32.06 10.39 -31.72
C ALA F 926 31.94 8.89 -31.48
N LEU F 927 30.78 8.32 -31.80
CA LEU F 927 30.59 6.88 -31.66
C LEU F 927 31.37 6.13 -32.73
N SER F 928 31.53 6.74 -33.91
CA SER F 928 32.28 6.13 -35.00
C SER F 928 33.78 6.11 -34.77
N CYS F 929 34.24 6.62 -33.63
CA CYS F 929 35.66 6.58 -33.29
C CYS F 929 36.09 5.16 -32.91
N PRO F 930 37.26 4.71 -33.35
CA PRO F 930 37.69 3.33 -33.05
C PRO F 930 38.07 3.08 -31.58
N ASP F 931 38.35 4.11 -30.79
CA ASP F 931 38.76 3.89 -29.39
C ASP F 931 37.61 3.36 -28.55
N SER F 932 37.85 2.24 -27.85
CA SER F 932 36.82 1.62 -27.02
C SER F 932 36.43 2.50 -25.85
N VAL F 933 37.38 3.23 -25.27
CA VAL F 933 37.06 4.09 -24.14
C VAL F 933 36.12 5.21 -24.58
N VAL F 934 36.41 5.78 -25.75
CA VAL F 934 35.56 6.82 -26.30
C VAL F 934 34.16 6.26 -26.55
N GLN F 935 34.09 5.10 -27.21
CA GLN F 935 32.82 4.45 -27.50
C GLN F 935 32.00 4.26 -26.23
N LEU F 936 32.63 3.73 -25.18
CA LEU F 936 31.92 3.50 -23.92
C LEU F 936 31.45 4.81 -23.30
N SER F 937 32.33 5.82 -23.24
CA SER F 937 31.96 7.07 -22.61
C SER F 937 30.84 7.78 -23.36
N THR F 938 30.92 7.81 -24.69
CA THR F 938 29.92 8.51 -25.46
C THR F 938 28.59 7.77 -25.40
N LEU F 939 28.62 6.44 -25.34
CA LEU F 939 27.38 5.69 -25.20
C LEU F 939 26.76 5.95 -23.83
N SER F 940 27.59 5.87 -22.77
CA SER F 940 27.10 6.07 -21.41
C SER F 940 26.46 7.45 -21.26
N CYS F 941 27.02 8.45 -21.95
CA CYS F 941 26.44 9.78 -21.84
C CYS F 941 25.16 9.89 -22.64
N LEU F 942 25.09 9.26 -23.81
CA LEU F 942 23.89 9.38 -24.63
C LEU F 942 22.69 8.67 -24.01
N GLN F 943 22.91 7.58 -23.27
CA GLN F 943 21.80 6.79 -22.74
C GLN F 943 20.73 7.59 -21.98
N PRO F 944 21.06 8.41 -20.98
CA PRO F 944 19.98 9.13 -20.28
C PRO F 944 19.38 10.24 -21.09
N LEU F 945 20.17 10.91 -21.94
CA LEU F 945 19.66 11.99 -22.79
C LEU F 945 18.38 11.60 -23.50
N LEU F 946 18.29 10.34 -23.95
CA LEU F 946 17.09 9.86 -24.62
C LEU F 946 15.87 9.92 -23.71
N LEU F 947 16.07 9.73 -22.41
CA LEU F 947 15.01 9.71 -21.43
C LEU F 947 14.79 11.07 -20.78
N GLU F 948 15.68 12.03 -20.97
CA GLU F 948 15.52 13.37 -20.40
C GLU F 948 15.09 14.41 -21.42
N ALA F 949 15.77 14.51 -22.57
CA ALA F 949 15.41 15.47 -23.62
C ALA F 949 15.14 14.76 -24.93
N PRO F 950 14.02 14.04 -25.03
CA PRO F 950 13.77 13.22 -26.24
C PRO F 950 13.42 14.02 -27.48
N GLN F 951 12.87 15.22 -27.36
CA GLN F 951 12.47 15.96 -28.56
C GLN F 951 13.66 16.37 -29.38
N ILE F 952 14.79 16.66 -28.73
CA ILE F 952 16.00 17.00 -29.46
C ILE F 952 16.64 15.75 -30.05
N MET F 953 16.55 14.63 -29.33
CA MET F 953 17.12 13.38 -29.79
C MET F 953 16.36 12.83 -30.99
N SER F 954 15.03 12.86 -30.94
CA SER F 954 14.15 12.31 -31.97
C SER F 954 14.41 12.90 -33.35
N LEU F 955 15.20 13.95 -33.46
CA LEU F 955 15.52 14.53 -34.75
C LEU F 955 16.66 13.79 -35.45
N HIS F 956 17.44 13.01 -34.69
CA HIS F 956 18.59 12.27 -35.23
C HIS F 956 18.41 10.76 -35.17
N VAL F 957 17.16 10.29 -35.10
CA VAL F 957 16.89 8.86 -34.91
C VAL F 957 17.62 7.98 -35.92
N ASP F 958 17.55 8.33 -37.22
CA ASP F 958 18.16 7.46 -38.22
C ASP F 958 19.65 7.24 -37.91
N THR F 959 20.36 8.32 -37.63
CA THR F 959 21.77 8.16 -37.35
C THR F 959 21.98 7.61 -35.94
N LEU F 960 20.99 7.79 -35.05
CA LEU F 960 21.07 7.24 -33.72
C LEU F 960 21.02 5.72 -33.76
N VAL F 961 19.97 5.19 -34.38
CA VAL F 961 19.79 3.74 -34.48
C VAL F 961 20.93 3.11 -35.27
N THR F 962 21.34 3.75 -36.36
CA THR F 962 22.42 3.18 -37.14
C THR F 962 23.69 3.05 -36.31
N LYS F 963 24.09 4.12 -35.59
CA LYS F 963 25.32 4.04 -34.79
C LYS F 963 25.18 3.00 -33.68
N PHE F 964 24.01 2.93 -33.03
CA PHE F 964 23.84 1.99 -31.93
C PHE F 964 23.90 0.54 -32.42
N LEU F 965 23.21 0.24 -33.52
CA LEU F 965 23.24 -1.13 -34.04
C LEU F 965 24.61 -1.48 -34.59
N ASN F 966 25.37 -0.49 -35.06
CA ASN F 966 26.73 -0.77 -35.49
C ASN F 966 27.57 -1.20 -34.31
N LEU F 967 27.38 -0.54 -33.17
CA LEU F 967 28.20 -0.81 -31.99
C LEU F 967 27.73 -2.05 -31.23
N SER F 968 26.52 -2.53 -31.47
CA SER F 968 26.10 -3.75 -30.79
C SER F 968 26.72 -5.00 -31.39
N SER F 969 27.82 -4.85 -32.13
CA SER F 969 28.51 -5.97 -32.73
C SER F 969 30.01 -5.67 -32.82
N SER F 970 30.58 -5.11 -31.76
CA SER F 970 32.00 -4.82 -31.66
C SER F 970 32.73 -5.95 -30.94
N TYR F 971 34.06 -5.84 -30.88
CA TYR F 971 34.83 -6.87 -30.19
C TYR F 971 34.64 -6.76 -28.68
N SER F 972 34.60 -5.54 -28.15
CA SER F 972 34.43 -5.33 -26.72
C SER F 972 33.05 -5.73 -26.22
N MET F 973 33.02 -6.48 -25.11
CA MET F 973 31.76 -6.95 -24.53
C MET F 973 30.98 -5.80 -23.90
N ALA F 974 31.66 -5.01 -23.04
CA ALA F 974 30.98 -3.91 -22.36
C ALA F 974 30.37 -2.93 -23.33
N VAL F 975 31.05 -2.71 -24.45
CA VAL F 975 30.55 -1.78 -25.46
C VAL F 975 29.22 -2.29 -26.02
N ARG F 976 29.14 -3.58 -26.32
CA ARG F 976 27.91 -4.13 -26.87
C ARG F 976 26.78 -4.04 -25.85
N ILE F 977 27.09 -4.26 -24.58
CA ILE F 977 26.05 -4.17 -23.57
C ILE F 977 25.47 -2.77 -23.52
N ALA F 978 26.35 -1.77 -23.51
CA ALA F 978 25.88 -0.38 -23.50
C ALA F 978 25.06 -0.06 -24.75
N ALA F 979 25.57 -0.42 -25.93
CA ALA F 979 24.86 -0.14 -27.17
C ALA F 979 23.46 -0.73 -27.14
N LEU F 980 23.31 -1.89 -26.51
CA LEU F 980 21.98 -2.49 -26.45
C LEU F 980 21.10 -1.74 -25.46
N GLN F 981 21.69 -1.27 -24.36
CA GLN F 981 20.89 -0.52 -23.40
C GLN F 981 20.38 0.77 -24.02
N CYS F 982 21.15 1.36 -24.94
CA CYS F 982 20.67 2.55 -25.63
C CYS F 982 19.61 2.20 -26.66
N MET F 983 19.72 1.03 -27.27
CA MET F 983 18.66 0.61 -28.17
C MET F 983 17.38 0.35 -27.39
N HIS F 984 17.51 -0.08 -26.15
CA HIS F 984 16.39 -0.29 -25.24
C HIS F 984 15.82 1.02 -24.73
N ALA F 985 16.69 2.02 -24.57
CA ALA F 985 16.26 3.34 -24.14
C ALA F 985 15.55 4.10 -25.25
N LEU F 986 15.96 3.87 -26.50
CA LEU F 986 15.32 4.51 -27.65
C LEU F 986 13.81 4.30 -27.67
N THR F 987 13.32 3.23 -27.04
CA THR F 987 11.89 2.99 -27.01
C THR F 987 11.14 4.08 -26.26
N ARG F 988 11.81 4.79 -25.35
CA ARG F 988 11.15 5.83 -24.55
C ARG F 988 10.69 7.01 -25.40
N LEU F 989 11.32 7.28 -26.56
CA LEU F 989 10.92 8.36 -27.46
C LEU F 989 9.49 8.13 -27.98
N PRO F 990 8.84 9.13 -28.59
CA PRO F 990 7.46 8.91 -29.04
C PRO F 990 7.34 7.85 -30.12
N THR F 991 6.27 7.05 -30.02
CA THR F 991 5.99 5.98 -30.96
C THR F 991 6.09 6.44 -32.41
N SER F 992 5.57 7.64 -32.69
CA SER F 992 5.55 8.20 -34.04
C SER F 992 6.92 8.15 -34.73
N VAL F 993 7.98 8.54 -34.02
CA VAL F 993 9.28 8.59 -34.67
C VAL F 993 9.89 7.18 -34.80
N LEU F 994 9.55 6.25 -33.89
CA LEU F 994 10.14 4.91 -33.89
C LEU F 994 9.54 4.01 -34.97
N LEU F 995 8.23 4.09 -35.18
CA LEU F 995 7.52 3.14 -36.06
C LEU F 995 8.20 2.81 -37.38
N PRO F 996 8.74 3.76 -38.15
CA PRO F 996 9.38 3.39 -39.41
C PRO F 996 10.64 2.56 -39.24
N TYR F 997 11.13 2.38 -38.01
CA TYR F 997 12.33 1.62 -37.77
C TYR F 997 12.06 0.23 -37.21
N LYS F 998 10.94 0.04 -36.47
CA LYS F 998 10.54 -1.25 -35.89
C LYS F 998 10.92 -2.42 -36.75
N SER F 999 10.56 -2.34 -38.04
CA SER F 999 10.74 -3.46 -38.95
C SER F 999 12.22 -3.80 -39.12
N GLN F 1000 13.03 -2.83 -39.50
CA GLN F 1000 14.45 -3.07 -39.71
C GLN F 1000 15.17 -3.38 -38.40
N VAL F 1001 14.77 -2.71 -37.32
CA VAL F 1001 15.40 -2.88 -36.02
C VAL F 1001 15.29 -4.31 -35.54
N ILE F 1002 14.08 -4.88 -35.55
CA ILE F 1002 13.90 -6.23 -35.04
C ILE F 1002 14.78 -7.22 -35.81
N ARG F 1003 14.80 -7.10 -37.14
CA ARG F 1003 15.63 -7.97 -37.97
C ARG F 1003 17.09 -7.87 -37.55
N ALA F 1004 17.57 -6.66 -37.31
CA ALA F 1004 18.97 -6.53 -36.89
C ALA F 1004 19.18 -7.10 -35.49
N LEU F 1005 18.29 -6.80 -34.55
CA LEU F 1005 18.40 -7.27 -33.19
C LEU F 1005 18.38 -8.79 -33.09
N ALA F 1006 18.09 -9.50 -34.17
CA ALA F 1006 18.16 -10.95 -34.09
C ALA F 1006 19.59 -11.44 -33.90
N LYS F 1007 20.58 -10.76 -34.50
CA LYS F 1007 21.97 -11.20 -34.36
C LYS F 1007 22.48 -11.18 -32.92
N PRO F 1008 22.37 -10.09 -32.16
CA PRO F 1008 22.87 -10.10 -30.78
C PRO F 1008 22.16 -11.07 -29.86
N LEU F 1009 21.04 -11.66 -30.30
CA LEU F 1009 20.38 -12.66 -29.47
C LEU F 1009 21.20 -13.94 -29.41
N ASP F 1010 22.06 -14.16 -30.40
CA ASP F 1010 22.93 -15.32 -30.48
C ASP F 1010 24.39 -14.94 -30.26
N ASP F 1011 24.61 -13.98 -29.37
CA ASP F 1011 25.95 -13.50 -29.05
C ASP F 1011 26.64 -14.46 -28.08
N LYS F 1012 27.96 -14.53 -28.20
CA LYS F 1012 28.74 -15.49 -27.43
C LYS F 1012 28.58 -15.36 -25.91
N LYS F 1013 28.49 -14.15 -25.37
CA LYS F 1013 28.40 -13.99 -23.92
C LYS F 1013 26.95 -13.91 -23.41
N ARG F 1014 26.77 -14.31 -22.15
CA ARG F 1014 25.45 -14.36 -21.53
C ARG F 1014 24.81 -12.98 -21.36
N LEU F 1015 25.55 -11.98 -20.87
CA LEU F 1015 24.92 -10.71 -20.54
C LEU F 1015 24.52 -9.92 -21.79
N VAL F 1016 25.25 -10.10 -22.89
CA VAL F 1016 24.87 -9.37 -24.09
C VAL F 1016 23.57 -9.95 -24.63
N ARG F 1017 23.31 -11.23 -24.33
CA ARG F 1017 22.03 -11.82 -24.66
C ARG F 1017 20.93 -11.27 -23.77
N LYS F 1018 21.21 -11.12 -22.46
CA LYS F 1018 20.20 -10.53 -21.58
C LYS F 1018 19.79 -9.14 -22.06
N GLU F 1019 20.77 -8.32 -22.46
CA GLU F 1019 20.44 -6.97 -22.92
C GLU F 1019 19.69 -7.04 -24.25
N ALA F 1020 20.03 -8.00 -25.11
CA ALA F 1020 19.30 -8.09 -26.37
C ALA F 1020 17.87 -8.56 -26.14
N VAL F 1021 17.66 -9.38 -25.11
CA VAL F 1021 16.34 -9.86 -24.77
C VAL F 1021 15.46 -8.68 -24.37
N SER F 1022 15.99 -7.84 -23.47
CA SER F 1022 15.22 -6.69 -23.01
C SER F 1022 14.94 -5.72 -24.15
N ALA F 1023 15.96 -5.42 -24.96
CA ALA F 1023 15.82 -4.45 -26.03
C ALA F 1023 14.79 -4.89 -27.06
N ARG F 1024 14.97 -6.09 -27.62
CA ARG F 1024 14.03 -6.57 -28.63
C ARG F 1024 12.62 -6.66 -28.05
N GLY F 1025 12.48 -7.21 -26.83
CA GLY F 1025 11.18 -7.30 -26.19
C GLY F 1025 10.44 -5.98 -26.17
N GLU F 1026 11.14 -4.91 -25.77
CA GLU F 1026 10.47 -3.63 -25.78
C GLU F 1026 10.15 -3.20 -27.19
N TRP F 1027 11.05 -3.51 -28.12
CA TRP F 1027 10.81 -3.18 -29.54
C TRP F 1027 9.73 -4.05 -30.18
N PHE F 1028 9.10 -4.95 -29.40
CA PHE F 1028 7.97 -5.67 -29.99
C PHE F 1028 6.66 -5.02 -29.61
N LEU F 1029 6.64 -4.33 -28.48
CA LEU F 1029 5.43 -3.72 -27.92
C LEU F 1029 5.16 -2.30 -28.42
N LEU F 1030 5.84 -1.88 -29.49
CA LEU F 1030 5.62 -0.53 -30.01
C LEU F 1030 4.22 -0.34 -30.56
N GLY F 1031 3.71 -1.35 -31.21
CA GLY F 1031 2.40 -1.16 -31.75
C GLY F 1031 1.50 -2.28 -31.32
N SER F 1032 0.31 -1.89 -30.88
CA SER F 1032 -0.72 -2.82 -30.48
C SER F 1032 -2.10 -2.17 -30.58
#